data_8QTI
#
_entry.id   8QTI
#
_cell.length_a   1.00
_cell.length_b   1.00
_cell.length_c   1.00
_cell.angle_alpha   90.00
_cell.angle_beta   90.00
_cell.angle_gamma   90.00
#
_symmetry.space_group_name_H-M   'P 1'
#
loop_
_entity.id
_entity.type
_entity.pdbx_description
1 polymer 'DNA-directed RNA polymerase subunit alpha'
2 polymer 'DNA-directed RNA polymerase subunit beta'
3 polymer 'RNA polymerase sigma factor SigA'
4 polymer 'DNA 50-mer non-template strand'
5 polymer "DNA-directed RNA polymerase subunit beta'"
6 polymer 'DNA-directed RNA polymerase subunit omega'
7 polymer 'RNA polymerase-binding protein RbpA'
8 polymer 'DNA 50-mer template strand'
9 non-polymer 'ZINC ION'
10 non-polymer 'MAGNESIUM ION'
#
loop_
_entity_poly.entity_id
_entity_poly.type
_entity_poly.pdbx_seq_one_letter_code
_entity_poly.pdbx_strand_id
1 'polypeptide(L)'
;MLISQRPTLSEETVAENRSRFVIEPLEPGFGYTLGNSLRRTLLSSIPGAAVTSIRIDGVLHEFTTVPGVKEDVTDIILNL
KGLVVSSDDDEPVTMYLRKQGPGVVTAGDIVPPAGVTVHNPDMHIATLNDKGKLEVELVVERGRGYVPAVQNKASGAEIG
RIPVDSIYSPVLKVTYKVEATRVEQRTDFDKLIIDVETKNSISPRDALASAGGTLVELFGLARELNADSEHIEIGPSPAE
ADHIASFALPIDDLDLTVRSYNCLKREGVHTVGELVARTESDLLDIRNFGQKSIDEVKIKLHQLGLSLKDSPATFDPSEV
AGYDAATGTWTSDAGYDLDDNQDYAETEQL
;
A,B
2 'polypeptide(L)'
;MLEGCILAVSSQSKSNAITNNSVPGAPNRVSFAKLREPLEVPGLLDVQTDSFEWLVGSDRWRQAAIDRGEENPVGGLEEV
LAELSPIEDFSGSMSLSFSDPRFDEVKASVDECKDKDMTYAAPLFVTAEFINNNTGEIKSQTVFMGDFPMMTEKGTFIIN
GTERVVVSQLVRSPGVYFDETIDKSTEKTLHSVKVIPGRGAWLEFDVDKRDTVGVRIDRKRRQPVTVLLKALGWTNEQIV
ERFGFSEIMMGTLEKDTTSGTDEALLDIYRKLRPGEPPTKESAQTLLENLFFKEKRYDLARVGRYKVNKKLGLNAGKPIT
SSTLTEEDVVATIEYLVRLHEGQTSMTVPGGVEVPVEVDDIDHFGNRRLRTVGELIQNQIRVGLSRMERVVRERMTTQDV
EAITPQTLINIRPVVAAIKEFFGTSQLSQFMDQNNPLSGLTHKRRLSALGPGGLSRERAGLEVRDVHPSHYGRMCPIETP
EGPNIGLIGSLSVYARVNPFGFIETPYRKVENGVVTDQIDYLTADEEDRHVVAQANSPTDENGRFTEDRVMVRKKGGEVE
FVSADQVDYMDVSPRQMVSVATAMIPFLEHDDANRALMGANMQRQAVPLVRSEAPLVGTGMELRAAIDAGDVVVADKTGV
IEEVSADYITVMADDGTRQSYRLRKFARSNHGTCANQRPIVDAGQRVEAGQVIADGPCTQNGEMALGKNLLVAIMPWEGH
NYEDAIILSNRLVEEDVLTSIHIEEHEIDARDTKLGAEEITRDIPNVSDEVLADLDERGIVRIGAEVRDGDILVGKVTPK
GETELTPEERLLRAIFGEKAREVRDTSLKVPHGESGKVIGIRVFSREDDDELPAGVNELVRVYVAQKRKISDGDKLAGRH
GNKGVIGKILPVEDMPFLPDGTPVDIILNTHGVPRRMNIGQILETHLGWVAKAGWNIDVAAGVPDWASKLPEELYSAPAD
STVATPVFDGAQEGELAGLLGSTLPNRDGEVMVDADGKSTLFDGRSGEPFPYPVTVGYMYILKLHHLVDDKIHARSTGPY
SMITQQPLGGKAQFGGQRFGEMECWAMQAYGAAYTLQELLTIKSDDTVGRVKVYEAIVKGENIPEPGIPESFKVLLKELQ
SLCLNVEVLSSDGAAIEMRDGDDEDLERAAANLGINLSRNESASVEDLA
;
C
3 'polypeptide(L)'
;MAATKASPATEEPVKRTATKTPAKKAPAKRAAKSAAAKAGGKAPAKKAPAKRAAKGTAAKPEDGVTDDLEVTDDLEAEPG
EDLDVEDTDLELDDLDSDDDTAVEDEEEEADAATPAVATAKAADDDIDEPSEKDKASGDFVWDEEESEALRQARKDAELT
ASADSVRAYLKQIGKVALLNAEEEVELAKRIEAGLYATQKLAELAEKGEKLPVQQRRDMQWICRDGDRAKNHLLEANLRL
VVSLAKRYTGRGMAFLDLIQEGNLGLIRAVEKFDYTKGYKFSTYATWWIRQAITRAMADQARTIRIPVHMVEVINKLGRI
QRELLQDLGREPTPEELAKEMDITPEKVLEIQQYAREPISLDQTIGDEGDSQLGDFIEDSEAVVAVDAVSFTLLQDQLQS
VLETLSEREAGVVRLRFGLTDGQPRTLDEIGQVYGVTRERIRQIESKTMSKLRHPSRSQVLRDYLD
;
F
4 'polydeoxyribonucleotide'
;(DG)(DC)(DT)(DT)(DG)(DA)(DC)(DA)(DA)(DA)(DA)(DG)(DT)(DG)(DT)(DT)(DA)(DA)(DA)(DT)
(DT)(DG)(DT)(DG)(DC)(DT)(DA)(DT)(DA)(DC)(DT)(DG)(DG)(DG)(DA)(DG)(DC)(DC)(DG)(DT)
(DC)(DA)(DC)(DG)(DG)(DA)(DT)(DG)(DC)(DG)
;
O
5 'polypeptide(L)'
;MLDVNFFDELRIGLATADDIRNWSYGEVKKPETINYRTLKPEKDGLFCEKIFGPTRDWECYCGKYKRVRFKGIICERCGV
EVTRAKVRRERMGHIELAAPVTHIWYFKGVPSRLGYLLDLAPKDLEKIIYFAAYVITSVDDEMRHNELSTLEAEMAVEKK
AVEDQRDADLEARAQKLEADLAELEAEGAKSDVRRKVRDSGEREMRQLRDRAQRELDRLDEIWNTFTKLAPKQLIVDEVL
YRELQDRYGEYFTGAMGAESIKKLIENFDIDAEAESLREVIRSGKGQKKLRALKRLKVVAAFQQSGNSPMGMVLDAVPVI
PPELRPMVQLDGGRFATSDLNDLYRRVINRNNRLKRLIDLGAPEIIVNNEKRMLQESVDALFDNGRRGRPVTGPGNRPLK
SLSDLLKGKQGRFRQNLLGKRVDYSGRSVIVVGPQLKLHQCGLPKLMALELFKPFVMKRLVDLNHAQNIKSAKRMVERQR
PQVWDVLEEVIAEHPVLLNRAPTLHRLGIQAFEPQLVEGKAIQLHPLVCEAFNADFDGDQMAVHLPLSAEAQAEARILML
SSNNILSPASGKPLAMPRLDMVTGLYYLTTLVEGATGEYQAATKDAPEQGVYSSPAEAIMAMDRGALSVRAKIKVRLTEL
RPPTDLEAQLFENGWKPGDAWTAETTLGRVMFNELLPKSYPFVNEQMHKKVQARIINDLAERFPMIVVAQTVDKLKDAGF
YWATRSGVTVSMADVLVPPQKQEILERHEAEADAIERKYQRGALNHTERNESLVKIWQDATEEVGKALEEFYPADNPIIT
IVKSGATGNLTQTRTLAGMKGLVTNPKGEFIPRPIKSSFREGLTVLEYFINTHGARKGLADTALRTADSGYLTRRLVDVS
QDVIVREHDCETERGINVTLAERGPDGTLIRDAHVETSAFARTLATDAVDANGNVIIERGHDLGDPAIDALLAAGITTVK
VRSVLTCTSATGVCAMCYGRSMATGKLVDIGEAVGIVAAQSIGEPGTQLTMRTFHQGGVTGGADIVGGLPRVQELFEARV
PRNKAPIADVAGRVRLEESDKFFKITIVPDDGGEEVVYDKLSKRQRLRVITHEDGTEGVLSDGDHVEVGDQLMEGAADPH
EVLRVQGPREVQIHLVKEVQEVYRAQGVSIHDKHIEVIVRQMLRRVTIIDSGSTEFLPGSLTERAEFEAENRRVVAEGGE
PAAGRPVLMGITKASLATDSWLSAASFQETTRVLTDAAINCRSDKLNGLKENVIIGKLIPAGTGISRYRNIQVQPTEEAR
AAAYTIPSYEDQYYSPDFGQATGAAVPLDDYGYSDYR
;
D
6 'polypeptide(L)'
;MSTPHADAQLNAADDLGIDSSAASAYDTPLGITNPPIDELLSRASSKYALVIYAAKRARQINDYYNQLGDGILEYVGPLV
EPGLQEKPLSIALREIHGDLLEHTEGE
;
E
7 'polypeptide(L)'
;MADRVLRGSRLGAVSYETDRNHDLAPRQVARYRTDNGEEFDVPFADDAEIPGTWLCRNGLEGTLIEGDVPEPKKVKPPRT
HWDMLLERRSVEELEELLKERLDLIKAKRRGTGS
;
J
8 'polydeoxyribonucleotide'
;(DC)(DG)(DC)(DA)(DT)(DC)(DC)(DG)(DT)(DG)(DA)(DG)(DT)(DC)(DG)(DA)(DG)(DG)(DG)(DT)
(DA)(DA)(DT)(DA)(DA)(DG)(DC)(DA)(DC)(DA)(DA)(DT)(DT)(DT)(DA)(DA)(DC)(DA)(DC)(DT)
(DT)(DT)(DT)(DG)(DT)(DC)(DA)(DA)(DG)(DC)
;
P
#
# COMPACT_ATOMS: atom_id res chain seq x y z
N LEU A 2 0.13 6.03 -72.89
CA LEU A 2 0.51 7.07 -71.88
C LEU A 2 0.36 8.47 -72.47
N ILE A 3 0.51 9.48 -71.61
CA ILE A 3 0.40 10.87 -72.02
C ILE A 3 1.74 11.55 -71.80
N SER A 4 1.95 12.64 -72.54
CA SER A 4 3.15 13.47 -72.43
C SER A 4 2.69 14.89 -72.12
N GLN A 5 2.50 15.17 -70.84
CA GLN A 5 2.05 16.50 -70.40
C GLN A 5 2.54 16.70 -68.97
N ARG A 6 3.56 17.54 -68.81
CA ARG A 6 4.11 17.78 -67.50
C ARG A 6 3.12 18.59 -66.64
N PRO A 7 3.11 18.38 -65.33
CA PRO A 7 2.18 19.12 -64.47
C PRO A 7 2.54 20.59 -64.40
N THR A 8 1.53 21.41 -64.12
CA THR A 8 1.67 22.85 -63.99
C THR A 8 1.01 23.32 -62.70
N LEU A 9 1.55 24.41 -62.16
CA LEU A 9 1.10 24.98 -60.90
C LEU A 9 0.58 26.40 -61.14
N SER A 10 -0.60 26.70 -60.60
CA SER A 10 -1.21 28.01 -60.72
C SER A 10 -1.77 28.46 -59.38
N GLU A 11 -1.61 29.74 -59.07
CA GLU A 11 -1.99 30.28 -57.77
C GLU A 11 -3.21 31.19 -57.88
N GLU A 12 -4.05 31.16 -56.84
CA GLU A 12 -5.08 32.15 -56.63
C GLU A 12 -5.03 32.62 -55.18
N THR A 13 -5.45 33.85 -54.95
CA THR A 13 -5.37 34.46 -53.63
C THR A 13 -6.76 34.54 -53.00
N VAL A 14 -6.89 33.97 -51.81
CA VAL A 14 -8.15 34.04 -51.06
C VAL A 14 -8.18 35.27 -50.17
N ALA A 15 -7.06 35.61 -49.55
CA ALA A 15 -6.96 36.76 -48.68
C ALA A 15 -5.53 37.26 -48.70
N GLU A 16 -5.28 38.31 -47.92
CA GLU A 16 -3.94 38.91 -47.89
C GLU A 16 -2.89 37.89 -47.46
N ASN A 17 -3.22 37.02 -46.51
CA ASN A 17 -2.29 36.05 -45.97
C ASN A 17 -2.73 34.61 -46.22
N ARG A 18 -3.61 34.39 -47.19
CA ARG A 18 -4.09 33.05 -47.52
C ARG A 18 -4.11 32.87 -49.03
N SER A 19 -3.72 31.69 -49.50
CA SER A 19 -3.65 31.43 -50.93
C SER A 19 -3.95 29.96 -51.20
N ARG A 20 -4.32 29.67 -52.45
CA ARG A 20 -4.53 28.31 -52.93
C ARG A 20 -3.67 28.08 -54.17
N PHE A 21 -3.12 26.87 -54.28
CA PHE A 21 -2.28 26.49 -55.40
C PHE A 21 -2.81 25.20 -56.00
N VAL A 22 -3.02 25.20 -57.32
CA VAL A 22 -3.54 24.05 -58.05
C VAL A 22 -2.40 23.49 -58.88
N ILE A 23 -2.08 22.22 -58.66
CA ILE A 23 -1.08 21.49 -59.43
C ILE A 23 -1.82 20.40 -60.20
N GLU A 24 -1.69 20.42 -61.52
CA GLU A 24 -2.40 19.45 -62.35
C GLU A 24 -1.75 19.43 -63.72
N PRO A 25 -1.85 18.30 -64.46
CA PRO A 25 -2.46 17.02 -64.05
C PRO A 25 -1.46 16.05 -63.42
N LEU A 26 -1.92 15.24 -62.47
CA LEU A 26 -1.08 14.27 -61.78
C LEU A 26 -1.61 12.86 -62.00
N GLU A 27 -0.73 11.89 -61.80
CA GLU A 27 -1.11 10.49 -61.94
C GLU A 27 -2.15 10.12 -60.87
N PRO A 28 -3.01 9.16 -61.15
CA PRO A 28 -4.02 8.77 -60.15
C PRO A 28 -3.37 8.27 -58.87
N GLY A 29 -3.97 8.61 -57.74
CA GLY A 29 -3.41 8.24 -56.45
C GLY A 29 -2.04 8.83 -56.21
N PHE A 30 -1.86 10.10 -56.57
CA PHE A 30 -0.56 10.76 -56.44
C PHE A 30 -0.71 12.10 -55.71
N GLY A 31 -1.91 12.69 -55.78
CA GLY A 31 -2.10 13.99 -55.17
C GLY A 31 -1.98 13.98 -53.65
N TYR A 32 -2.52 12.93 -53.02
CA TYR A 32 -2.54 12.90 -51.56
C TYR A 32 -1.13 12.92 -50.97
N THR A 33 -0.26 12.04 -51.47
CA THR A 33 1.08 11.96 -50.91
C THR A 33 1.87 13.25 -51.16
N LEU A 34 1.73 13.82 -52.36
CA LEU A 34 2.41 15.07 -52.67
C LEU A 34 1.94 16.19 -51.75
N GLY A 35 0.63 16.31 -51.57
CA GLY A 35 0.11 17.34 -50.69
C GLY A 35 0.54 17.14 -49.26
N ASN A 36 0.57 15.89 -48.79
CA ASN A 36 0.99 15.61 -47.43
C ASN A 36 2.46 15.97 -47.22
N SER A 37 3.31 15.63 -48.19
CA SER A 37 4.71 15.99 -48.08
C SER A 37 4.89 17.50 -48.04
N LEU A 38 4.16 18.21 -48.91
CA LEU A 38 4.23 19.66 -48.91
C LEU A 38 3.78 20.23 -47.57
N ARG A 39 2.69 19.69 -47.02
CA ARG A 39 2.17 20.17 -45.75
C ARG A 39 3.16 19.93 -44.62
N ARG A 40 3.76 18.73 -44.58
CA ARG A 40 4.72 18.43 -43.54
C ARG A 40 5.91 19.37 -43.60
N THR A 41 6.48 19.57 -44.79
CA THR A 41 7.61 20.47 -44.92
C THR A 41 7.21 21.89 -44.54
N LEU A 42 6.04 22.33 -44.99
CA LEU A 42 5.59 23.70 -44.75
C LEU A 42 5.37 23.94 -43.26
N LEU A 43 4.94 22.92 -42.52
CA LEU A 43 4.65 23.08 -41.11
C LEU A 43 5.86 22.83 -40.22
N SER A 44 6.89 22.15 -40.70
CA SER A 44 8.01 21.78 -39.84
C SER A 44 9.38 22.25 -40.33
N SER A 45 9.45 23.05 -41.40
CA SER A 45 10.76 23.45 -41.92
C SER A 45 10.88 24.90 -42.36
N ILE A 46 9.81 25.70 -42.28
CA ILE A 46 9.87 27.07 -42.77
C ILE A 46 10.55 27.94 -41.72
N PRO A 47 11.68 28.60 -42.03
CA PRO A 47 12.33 29.45 -41.04
C PRO A 47 11.60 30.76 -40.82
N GLY A 48 11.81 31.33 -39.64
CA GLY A 48 11.20 32.59 -39.27
C GLY A 48 11.99 33.32 -38.21
N ALA A 49 11.34 34.25 -37.51
CA ALA A 49 11.95 35.01 -36.43
C ALA A 49 11.01 35.03 -35.24
N ALA A 50 11.58 35.04 -34.04
CA ALA A 50 10.79 35.07 -32.81
C ALA A 50 11.65 35.62 -31.68
N VAL A 51 10.98 36.05 -30.62
CA VAL A 51 11.67 36.59 -29.46
C VAL A 51 12.31 35.45 -28.68
N THR A 52 13.60 35.60 -28.35
CA THR A 52 14.34 34.58 -27.63
C THR A 52 14.38 34.81 -26.12
N SER A 53 14.44 36.06 -25.68
CA SER A 53 14.46 36.37 -24.26
C SER A 53 14.00 37.79 -24.05
N ILE A 54 13.64 38.10 -22.80
CA ILE A 54 13.21 39.44 -22.41
C ILE A 54 13.84 39.79 -21.07
N ARG A 55 13.93 41.09 -20.82
CA ARG A 55 14.39 41.60 -19.53
C ARG A 55 13.60 42.84 -19.19
N ILE A 56 12.94 42.82 -18.03
CA ILE A 56 12.18 43.96 -17.53
C ILE A 56 13.02 44.67 -16.47
N ASP A 57 12.82 45.98 -16.37
CA ASP A 57 13.71 46.79 -15.54
C ASP A 57 13.66 46.39 -14.07
N GLY A 58 12.45 46.17 -13.55
CA GLY A 58 12.29 45.99 -12.11
C GLY A 58 11.90 44.61 -11.66
N VAL A 59 12.41 43.57 -12.33
CA VAL A 59 12.16 42.19 -11.92
C VAL A 59 13.46 41.39 -12.06
N LEU A 60 13.50 40.27 -11.35
CA LEU A 60 14.61 39.32 -11.43
C LEU A 60 14.23 37.98 -12.01
N HIS A 61 12.98 37.54 -11.82
CA HIS A 61 12.49 36.28 -12.37
C HIS A 61 11.10 36.52 -12.93
N GLU A 62 10.52 35.47 -13.51
CA GLU A 62 9.21 35.56 -14.14
C GLU A 62 8.06 35.24 -13.19
N PHE A 63 8.35 34.99 -11.92
CA PHE A 63 7.34 34.64 -10.92
C PHE A 63 7.04 35.80 -9.98
N THR A 64 7.03 37.03 -10.50
CA THR A 64 6.77 38.22 -9.70
C THR A 64 5.82 39.13 -10.46
N THR A 65 5.62 40.34 -9.93
CA THR A 65 4.75 41.34 -10.51
C THR A 65 5.52 42.64 -10.68
N VAL A 66 4.88 43.59 -11.35
CA VAL A 66 5.44 44.93 -11.57
C VAL A 66 4.46 45.95 -11.01
N PRO A 67 4.91 46.95 -10.25
CA PRO A 67 3.96 47.91 -9.67
C PRO A 67 3.16 48.63 -10.74
N GLY A 68 1.87 48.83 -10.46
CA GLY A 68 1.00 49.57 -11.36
C GLY A 68 0.67 48.85 -12.65
N VAL A 69 0.95 47.56 -12.76
CA VAL A 69 0.69 46.78 -13.96
C VAL A 69 -0.38 45.76 -13.64
N LYS A 70 -1.46 45.76 -14.42
CA LYS A 70 -2.56 44.84 -14.16
C LYS A 70 -2.12 43.39 -14.33
N GLU A 71 -1.32 43.11 -15.36
CA GLU A 71 -0.83 41.77 -15.62
C GLU A 71 0.50 41.54 -14.92
N ASP A 72 0.71 40.30 -14.48
CA ASP A 72 1.99 39.93 -13.88
C ASP A 72 2.98 39.54 -14.98
N VAL A 73 4.21 39.21 -14.57
CA VAL A 73 5.26 38.94 -15.55
C VAL A 73 4.92 37.72 -16.39
N THR A 74 4.39 36.66 -15.76
CA THR A 74 4.06 35.46 -16.51
C THR A 74 3.01 35.74 -17.57
N ASP A 75 1.97 36.51 -17.21
CA ASP A 75 0.95 36.85 -18.18
C ASP A 75 1.52 37.75 -19.28
N ILE A 76 2.44 38.64 -18.94
CA ILE A 76 3.08 39.48 -19.95
C ILE A 76 3.85 38.63 -20.94
N ILE A 77 4.58 37.63 -20.44
CA ILE A 77 5.33 36.73 -21.32
C ILE A 77 4.36 35.95 -22.21
N LEU A 78 3.26 35.46 -21.64
CA LEU A 78 2.28 34.73 -22.44
C LEU A 78 1.71 35.62 -23.53
N ASN A 79 1.42 36.88 -23.21
CA ASN A 79 0.91 37.80 -24.23
C ASN A 79 1.95 38.05 -25.31
N LEU A 80 3.22 38.25 -24.91
CA LEU A 80 4.27 38.48 -25.90
C LEU A 80 4.48 37.26 -26.78
N LYS A 81 4.11 36.08 -26.28
CA LYS A 81 4.22 34.87 -27.11
C LYS A 81 3.51 35.04 -28.44
N GLY A 82 2.41 35.79 -28.45
CA GLY A 82 1.66 35.99 -29.68
C GLY A 82 2.23 37.03 -30.62
N LEU A 83 3.32 37.69 -30.23
CA LEU A 83 3.94 38.68 -31.11
C LEU A 83 4.54 38.01 -32.34
N VAL A 84 4.34 38.63 -33.50
CA VAL A 84 4.90 38.15 -34.76
C VAL A 84 5.89 39.19 -35.25
N VAL A 85 7.13 38.77 -35.50
CA VAL A 85 8.20 39.66 -35.91
C VAL A 85 8.90 39.09 -37.13
N SER A 86 9.50 39.98 -37.91
CA SER A 86 10.27 39.61 -39.09
C SER A 86 11.65 40.24 -38.99
N SER A 87 12.69 39.42 -39.12
CA SER A 87 14.07 39.86 -39.02
C SER A 87 14.80 39.58 -40.33
N ASP A 88 15.90 40.31 -40.52
CA ASP A 88 16.73 40.18 -41.72
C ASP A 88 18.06 39.52 -41.44
N ASP A 89 18.83 40.05 -40.48
CA ASP A 89 20.13 39.50 -40.17
C ASP A 89 19.98 38.22 -39.34
N ASP A 90 21.03 37.39 -39.37
CA ASP A 90 21.04 36.11 -38.68
C ASP A 90 21.77 36.19 -37.34
N GLU A 91 21.70 37.33 -36.66
CA GLU A 91 22.28 37.51 -35.34
C GLU A 91 21.25 38.14 -34.42
N PRO A 92 21.37 37.93 -33.11
CA PRO A 92 20.38 38.49 -32.18
C PRO A 92 20.33 40.01 -32.28
N VAL A 93 19.11 40.55 -32.18
CA VAL A 93 18.87 41.97 -32.22
C VAL A 93 18.03 42.35 -31.00
N THR A 94 18.14 43.60 -30.57
CA THR A 94 17.48 44.06 -29.36
C THR A 94 16.44 45.12 -29.71
N MET A 95 15.24 44.95 -29.16
CA MET A 95 14.17 45.93 -29.26
C MET A 95 13.84 46.45 -27.87
N TYR A 96 13.40 47.71 -27.81
CA TYR A 96 13.13 48.39 -26.55
C TYR A 96 11.67 48.81 -26.49
N LEU A 97 11.05 48.65 -25.32
CA LEU A 97 9.67 49.01 -25.09
C LEU A 97 9.60 49.83 -23.80
N ARG A 98 9.14 51.08 -23.92
CA ARG A 98 9.06 52.00 -22.78
C ARG A 98 7.65 52.56 -22.70
N LYS A 99 7.11 52.61 -21.49
CA LYS A 99 5.80 53.21 -21.28
C LYS A 99 5.70 53.70 -19.83
N GLN A 100 4.95 54.79 -19.65
CA GLN A 100 4.76 55.39 -18.34
C GLN A 100 3.37 56.00 -18.27
N GLY A 101 2.82 56.01 -17.06
CA GLY A 101 1.53 56.63 -16.81
C GLY A 101 0.37 55.80 -17.28
N PRO A 102 -0.83 56.37 -17.24
CA PRO A 102 -2.02 55.62 -17.67
C PRO A 102 -1.94 55.23 -19.15
N GLY A 103 -2.52 54.09 -19.47
CA GLY A 103 -2.62 53.66 -20.84
C GLY A 103 -2.55 52.15 -20.94
N VAL A 104 -2.50 51.68 -22.18
CA VAL A 104 -2.37 50.25 -22.49
C VAL A 104 -1.15 50.08 -23.38
N VAL A 105 -0.26 49.17 -23.00
CA VAL A 105 0.93 48.87 -23.78
C VAL A 105 0.58 47.77 -24.77
N THR A 106 0.74 48.06 -26.06
CA THR A 106 0.44 47.14 -27.14
C THR A 106 1.72 46.84 -27.93
N ALA A 107 1.58 46.01 -28.95
CA ALA A 107 2.73 45.64 -29.77
C ALA A 107 3.22 46.81 -30.63
N GLY A 108 2.39 47.83 -30.83
CA GLY A 108 2.80 48.99 -31.60
C GLY A 108 3.69 49.96 -30.87
N ASP A 109 3.90 49.75 -29.56
CA ASP A 109 4.73 50.64 -28.76
C ASP A 109 6.21 50.26 -28.78
N ILE A 110 6.56 49.12 -29.37
CA ILE A 110 7.95 48.72 -29.45
C ILE A 110 8.66 49.56 -30.51
N VAL A 111 9.93 49.87 -30.25
CA VAL A 111 10.76 50.63 -31.19
C VAL A 111 11.77 49.68 -31.82
N PRO A 112 11.43 49.00 -32.91
CA PRO A 112 12.35 48.04 -33.49
C PRO A 112 13.47 48.72 -34.24
N PRO A 113 14.68 48.16 -34.23
CA PRO A 113 15.77 48.74 -35.02
C PRO A 113 15.62 48.44 -36.51
N ALA A 114 16.60 48.85 -37.30
CA ALA A 114 16.53 48.60 -38.74
C ALA A 114 16.58 47.10 -39.02
N GLY A 115 15.74 46.66 -39.95
CA GLY A 115 15.66 45.27 -40.34
C GLY A 115 14.69 44.43 -39.55
N VAL A 116 14.12 44.97 -38.48
CA VAL A 116 13.15 44.27 -37.64
C VAL A 116 11.79 44.91 -37.85
N THR A 117 10.77 44.10 -38.10
CA THR A 117 9.42 44.57 -38.38
C THR A 117 8.42 43.84 -37.50
N VAL A 118 7.38 44.56 -37.07
CA VAL A 118 6.28 43.99 -36.30
C VAL A 118 5.01 44.15 -37.13
N HIS A 119 4.34 43.03 -37.40
CA HIS A 119 3.20 43.02 -38.31
C HIS A 119 1.86 43.05 -37.60
N ASN A 120 1.83 43.02 -36.27
CA ASN A 120 0.59 43.08 -35.50
C ASN A 120 0.70 44.14 -34.42
N PRO A 121 0.80 45.42 -34.81
CA PRO A 121 0.99 46.48 -33.82
C PRO A 121 -0.14 46.62 -32.82
N ASP A 122 -1.34 46.12 -33.14
CA ASP A 122 -2.50 46.29 -32.29
C ASP A 122 -2.60 45.24 -31.19
N MET A 123 -1.69 44.27 -31.15
CA MET A 123 -1.74 43.22 -30.14
C MET A 123 -1.61 43.84 -28.75
N HIS A 124 -2.46 43.38 -27.83
CA HIS A 124 -2.43 43.86 -26.45
C HIS A 124 -1.34 43.15 -25.66
N ILE A 125 -0.64 43.92 -24.82
CA ILE A 125 0.43 43.35 -24.00
C ILE A 125 0.12 43.55 -22.51
N ALA A 126 -0.13 44.79 -22.10
CA ALA A 126 -0.33 45.08 -20.69
C ALA A 126 -1.12 46.37 -20.55
N THR A 127 -1.42 46.73 -19.30
CA THR A 127 -2.14 47.97 -18.99
C THR A 127 -1.53 48.60 -17.74
N LEU A 128 -1.29 49.92 -17.80
CA LEU A 128 -0.74 50.67 -16.69
C LEU A 128 -1.77 51.71 -16.26
N ASN A 129 -2.01 51.80 -14.95
CA ASN A 129 -3.14 52.62 -14.46
C ASN A 129 -2.72 54.05 -14.15
N ASP A 130 -1.87 54.24 -13.15
CA ASP A 130 -1.41 55.57 -12.77
C ASP A 130 0.09 55.65 -12.56
N LYS A 131 0.69 54.62 -11.99
CA LYS A 131 2.11 54.63 -11.62
C LYS A 131 2.88 53.52 -12.29
N GLY A 132 2.30 52.84 -13.28
CA GLY A 132 3.00 51.78 -13.97
C GLY A 132 4.05 52.31 -14.91
N LYS A 133 5.31 51.97 -14.64
CA LYS A 133 6.43 52.32 -15.50
C LYS A 133 7.03 51.03 -16.03
N LEU A 134 6.79 50.76 -17.31
CA LEU A 134 7.20 49.50 -17.94
C LEU A 134 8.39 49.77 -18.85
N GLU A 135 9.49 49.06 -18.59
CA GLU A 135 10.70 49.15 -19.40
C GLU A 135 11.16 47.73 -19.70
N VAL A 136 11.09 47.33 -20.97
CA VAL A 136 11.40 45.97 -21.38
C VAL A 136 12.38 46.02 -22.55
N GLU A 137 13.29 45.06 -22.57
CA GLU A 137 14.16 44.84 -23.73
C GLU A 137 14.00 43.39 -24.18
N LEU A 138 13.74 43.21 -25.47
CA LEU A 138 13.47 41.91 -26.06
C LEU A 138 14.57 41.56 -27.05
N VAL A 139 14.87 40.27 -27.17
CA VAL A 139 15.88 39.77 -28.07
C VAL A 139 15.20 38.96 -29.16
N VAL A 140 15.49 39.29 -30.42
CA VAL A 140 14.90 38.66 -31.59
C VAL A 140 16.00 37.93 -32.35
N GLU A 141 15.70 36.69 -32.75
CA GLU A 141 16.62 35.88 -33.52
C GLU A 141 15.86 35.19 -34.64
N ARG A 142 16.60 34.51 -35.52
CA ARG A 142 16.03 33.76 -36.62
C ARG A 142 16.27 32.28 -36.41
N GLY A 143 15.29 31.46 -36.79
CA GLY A 143 15.41 30.04 -36.60
C GLY A 143 14.31 29.29 -37.29
N ARG A 144 14.15 28.02 -36.91
CA ARG A 144 13.15 27.15 -37.48
C ARG A 144 12.61 26.21 -36.41
N GLY A 145 11.32 25.89 -36.50
CA GLY A 145 10.72 24.99 -35.54
C GLY A 145 10.52 25.64 -34.18
N TYR A 146 10.30 24.78 -33.19
CA TYR A 146 10.07 25.18 -31.81
C TYR A 146 11.29 24.84 -30.97
N VAL A 147 11.79 25.82 -30.22
CA VAL A 147 12.98 25.67 -29.40
C VAL A 147 12.60 25.99 -27.96
N PRO A 148 12.82 25.09 -27.00
CA PRO A 148 12.54 25.42 -25.60
C PRO A 148 13.51 26.45 -25.07
N ALA A 149 13.05 27.17 -24.03
CA ALA A 149 13.86 28.22 -23.45
C ALA A 149 15.20 27.68 -22.98
N VAL A 150 16.27 28.42 -23.26
CA VAL A 150 17.62 28.03 -22.89
C VAL A 150 17.92 28.57 -21.50
N GLN A 151 18.48 27.72 -20.64
CA GLN A 151 18.78 28.12 -19.28
C GLN A 151 19.87 29.19 -19.26
N ASN A 152 19.81 30.06 -18.25
CA ASN A 152 20.78 31.13 -18.14
C ASN A 152 22.19 30.58 -17.91
N LYS A 153 22.32 29.56 -17.06
CA LYS A 153 23.64 29.04 -16.76
C LYS A 153 24.33 28.49 -18.00
N ALA A 154 23.60 27.77 -18.84
CA ALA A 154 24.18 27.26 -20.08
C ALA A 154 24.59 28.41 -21.00
N SER A 155 23.77 29.44 -21.09
CA SER A 155 24.05 30.59 -21.95
C SER A 155 24.98 31.60 -21.29
N GLY A 156 25.36 31.39 -20.04
CA GLY A 156 26.26 32.32 -19.37
C GLY A 156 25.68 33.72 -19.21
N ALA A 157 24.40 33.81 -18.90
CA ALA A 157 23.72 35.08 -18.73
C ALA A 157 23.60 35.42 -17.25
N GLU A 158 23.55 36.73 -16.96
CA GLU A 158 23.42 37.20 -15.59
C GLU A 158 21.96 37.17 -15.16
N ILE A 159 21.76 37.29 -13.84
CA ILE A 159 20.40 37.33 -13.30
C ILE A 159 19.66 38.53 -13.86
N GLY A 160 18.38 38.34 -14.16
CA GLY A 160 17.56 39.38 -14.74
C GLY A 160 17.01 39.00 -16.10
N ARG A 161 17.84 38.35 -16.91
CA ARG A 161 17.40 37.87 -18.21
C ARG A 161 16.39 36.73 -18.01
N ILE A 162 15.32 36.76 -18.79
CA ILE A 162 14.24 35.79 -18.69
C ILE A 162 14.13 35.06 -20.04
N PRO A 163 14.78 33.92 -20.19
CA PRO A 163 14.63 33.16 -21.43
C PRO A 163 13.19 32.72 -21.63
N VAL A 164 12.76 32.71 -22.89
CA VAL A 164 11.40 32.33 -23.26
C VAL A 164 11.45 31.35 -24.41
N ASP A 165 10.36 30.60 -24.56
CA ASP A 165 10.25 29.65 -25.66
C ASP A 165 10.09 30.40 -26.97
N SER A 166 10.82 29.96 -28.00
CA SER A 166 10.80 30.59 -29.31
C SER A 166 10.09 29.69 -30.30
N ILE A 167 9.17 30.26 -31.07
CA ILE A 167 8.41 29.52 -32.08
C ILE A 167 8.72 30.18 -33.42
N TYR A 168 9.66 29.60 -34.16
CA TYR A 168 10.05 30.11 -35.48
C TYR A 168 9.20 29.41 -36.55
N SER A 169 7.97 29.88 -36.68
CA SER A 169 7.06 29.31 -37.67
C SER A 169 6.03 30.35 -38.09
N PRO A 170 6.05 30.81 -39.34
CA PRO A 170 5.05 31.79 -39.78
C PRO A 170 3.77 31.20 -40.35
N VAL A 171 3.71 29.88 -40.56
CA VAL A 171 2.56 29.25 -41.18
C VAL A 171 1.56 28.86 -40.11
N LEU A 172 0.30 29.21 -40.31
CA LEU A 172 -0.79 28.80 -39.42
C LEU A 172 -1.44 27.50 -39.85
N LYS A 173 -2.02 27.46 -41.05
CA LYS A 173 -2.88 26.36 -41.42
C LYS A 173 -2.64 25.94 -42.86
N VAL A 174 -2.34 24.66 -43.06
CA VAL A 174 -2.11 24.10 -44.39
C VAL A 174 -3.06 22.91 -44.56
N THR A 175 -3.79 22.91 -45.67
CA THR A 175 -4.66 21.79 -45.99
C THR A 175 -4.57 21.52 -47.49
N TYR A 176 -5.14 20.38 -47.92
CA TYR A 176 -5.13 20.03 -49.32
C TYR A 176 -6.34 19.16 -49.65
N LYS A 177 -6.67 19.13 -50.94
CA LYS A 177 -7.72 18.27 -51.46
C LYS A 177 -7.35 17.84 -52.87
N VAL A 178 -7.97 16.75 -53.32
CA VAL A 178 -7.67 16.14 -54.61
C VAL A 178 -8.98 15.94 -55.36
N GLU A 179 -8.99 16.32 -56.63
CA GLU A 179 -10.17 16.16 -57.48
C GLU A 179 -9.78 15.47 -58.77
N ALA A 180 -10.76 14.90 -59.47
CA ALA A 180 -10.49 14.27 -60.76
C ALA A 180 -10.41 15.33 -61.86
N THR A 181 -9.51 15.09 -62.81
CA THR A 181 -9.33 15.97 -63.97
C THR A 181 -9.24 15.10 -65.21
N ARG A 182 -9.84 15.58 -66.31
CA ARG A 182 -9.93 14.79 -67.53
C ARG A 182 -8.70 14.98 -68.40
N VAL A 183 -8.29 13.90 -69.06
CA VAL A 183 -7.20 13.91 -70.03
C VAL A 183 -7.60 13.01 -71.19
N GLU A 184 -6.83 13.08 -72.28
CA GLU A 184 -7.12 12.26 -73.45
C GLU A 184 -7.16 10.78 -73.08
N GLN A 185 -6.35 10.36 -72.10
CA GLN A 185 -6.35 8.96 -71.69
C GLN A 185 -7.67 8.59 -71.04
N ARG A 186 -8.00 9.24 -69.92
CA ARG A 186 -9.25 9.00 -69.21
C ARG A 186 -9.36 10.05 -68.11
N THR A 187 -10.39 9.92 -67.28
CA THR A 187 -10.60 10.77 -66.13
C THR A 187 -9.80 10.33 -64.91
N ASP A 188 -8.86 9.40 -65.08
CA ASP A 188 -8.11 8.87 -63.94
C ASP A 188 -7.27 9.95 -63.27
N PHE A 189 -6.61 10.79 -64.05
CA PHE A 189 -5.67 11.75 -63.50
C PHE A 189 -6.39 12.71 -62.53
N ASP A 190 -5.61 13.28 -61.61
CA ASP A 190 -6.16 14.10 -60.55
C ASP A 190 -5.36 15.40 -60.41
N LYS A 191 -6.05 16.42 -59.91
CA LYS A 191 -5.49 17.73 -59.64
C LYS A 191 -5.51 17.98 -58.15
N LEU A 192 -4.45 18.59 -57.64
CA LEU A 192 -4.26 18.83 -56.21
C LEU A 192 -4.40 20.32 -55.92
N ILE A 193 -5.31 20.67 -55.01
CA ILE A 193 -5.50 22.04 -54.58
C ILE A 193 -5.05 22.12 -53.14
N ILE A 194 -4.00 22.91 -52.87
CA ILE A 194 -3.42 23.04 -51.55
C ILE A 194 -3.60 24.48 -51.08
N ASP A 195 -4.16 24.64 -49.88
CA ASP A 195 -4.50 25.95 -49.32
C ASP A 195 -3.58 26.23 -48.13
N VAL A 196 -2.97 27.41 -48.14
CA VAL A 196 -1.98 27.82 -47.15
C VAL A 196 -2.41 29.14 -46.53
N GLU A 197 -2.38 29.21 -45.20
CA GLU A 197 -2.64 30.43 -44.45
C GLU A 197 -1.48 30.68 -43.50
N THR A 198 -0.94 31.90 -43.56
CA THR A 198 0.33 32.26 -42.94
C THR A 198 0.11 33.43 -41.99
N LYS A 199 1.10 33.66 -41.12
CA LYS A 199 1.01 34.68 -40.07
C LYS A 199 1.03 36.11 -40.60
N ASN A 200 1.13 36.32 -41.91
CA ASN A 200 1.29 37.64 -42.51
C ASN A 200 2.72 38.15 -42.42
N SER A 201 3.61 37.45 -41.73
CA SER A 201 5.01 37.82 -41.72
C SER A 201 5.70 37.44 -43.02
N ILE A 202 5.29 36.34 -43.63
CA ILE A 202 5.82 35.87 -44.91
C ILE A 202 4.65 35.49 -45.80
N SER A 203 4.78 35.80 -47.08
CA SER A 203 3.72 35.50 -48.03
C SER A 203 3.61 34.00 -48.24
N PRO A 204 2.40 33.48 -48.51
CA PRO A 204 2.26 32.03 -48.73
C PRO A 204 3.14 31.50 -49.85
N ARG A 205 3.30 32.27 -50.93
CA ARG A 205 4.12 31.81 -52.04
C ARG A 205 5.58 31.63 -51.63
N ASP A 206 6.11 32.53 -50.81
CA ASP A 206 7.49 32.39 -50.36
C ASP A 206 7.67 31.13 -49.51
N ALA A 207 6.70 30.85 -48.62
CA ALA A 207 6.77 29.64 -47.81
C ALA A 207 6.70 28.40 -48.69
N LEU A 208 5.81 28.41 -49.68
CA LEU A 208 5.72 27.28 -50.59
C LEU A 208 7.03 27.07 -51.35
N ALA A 209 7.64 28.17 -51.79
CA ALA A 209 8.91 28.07 -52.50
C ALA A 209 10.00 27.49 -51.59
N SER A 210 10.03 27.92 -50.33
CA SER A 210 11.02 27.40 -49.38
C SER A 210 10.83 25.91 -49.17
N ALA A 211 9.57 25.48 -48.98
CA ALA A 211 9.31 24.06 -48.80
C ALA A 211 9.71 23.27 -50.04
N GLY A 212 9.39 23.79 -51.22
CA GLY A 212 9.78 23.12 -52.44
C GLY A 212 11.29 23.00 -52.58
N GLY A 213 12.02 24.05 -52.22
CA GLY A 213 13.47 23.98 -52.27
C GLY A 213 14.03 22.95 -51.31
N THR A 214 13.49 22.91 -50.09
CA THR A 214 13.94 21.91 -49.13
C THR A 214 13.71 20.50 -49.68
N LEU A 215 12.52 20.24 -50.22
CA LEU A 215 12.22 18.92 -50.75
C LEU A 215 13.09 18.58 -51.95
N VAL A 216 13.33 19.56 -52.83
CA VAL A 216 14.18 19.33 -53.99
C VAL A 216 15.58 18.95 -53.53
N GLU A 217 16.13 19.68 -52.58
CA GLU A 217 17.50 19.40 -52.15
C GLU A 217 17.57 18.05 -51.45
N LEU A 218 16.51 17.70 -50.72
CA LEU A 218 16.48 16.37 -50.07
C LEU A 218 16.45 15.25 -51.10
N PHE A 219 15.60 15.37 -52.13
CA PHE A 219 15.52 14.33 -53.14
C PHE A 219 16.71 14.34 -54.10
N GLY A 220 17.54 15.39 -54.04
CA GLY A 220 18.80 15.33 -54.77
C GLY A 220 19.64 14.13 -54.39
N LEU A 221 19.57 13.71 -53.13
CA LEU A 221 20.31 12.51 -52.70
C LEU A 221 19.84 11.29 -53.49
N ALA A 222 18.53 11.11 -53.62
CA ALA A 222 18.01 9.99 -54.39
C ALA A 222 18.39 10.12 -55.86
N ARG A 223 18.37 11.35 -56.39
CA ARG A 223 18.74 11.54 -57.79
C ARG A 223 20.23 11.33 -58.04
N GLU A 224 21.06 11.41 -57.00
CA GLU A 224 22.51 11.30 -57.14
C GLU A 224 22.99 9.90 -57.53
N LEU A 225 22.13 8.93 -57.84
CA LEU A 225 22.57 7.59 -58.22
C LEU A 225 22.89 7.48 -59.71
N ASN A 226 22.74 8.56 -60.47
CA ASN A 226 23.03 8.54 -61.89
C ASN A 226 22.11 7.56 -62.61
N LEU B 2 21.43 25.98 -43.18
CA LEU B 2 22.29 24.76 -43.25
C LEU B 2 21.76 23.69 -42.30
N ILE B 3 21.81 22.44 -42.74
CA ILE B 3 21.29 21.33 -41.94
C ILE B 3 22.28 21.00 -40.82
N SER B 4 21.79 20.27 -39.83
CA SER B 4 22.67 19.78 -38.76
C SER B 4 23.71 18.81 -39.33
N GLN B 5 23.25 17.69 -39.87
CA GLN B 5 24.12 16.68 -40.45
C GLN B 5 23.52 16.19 -41.76
N ARG B 6 24.32 16.23 -42.83
CA ARG B 6 23.82 15.80 -44.13
C ARG B 6 23.56 14.30 -44.12
N PRO B 7 22.43 13.83 -44.63
CA PRO B 7 22.19 12.38 -44.71
C PRO B 7 22.91 11.77 -45.89
N THR B 8 23.00 10.43 -45.85
CA THR B 8 23.64 9.66 -46.91
C THR B 8 22.77 8.46 -47.25
N LEU B 9 22.93 8.00 -48.49
CA LEU B 9 22.18 6.87 -49.03
C LEU B 9 23.13 5.70 -49.25
N SER B 10 22.75 4.52 -48.75
CA SER B 10 23.55 3.31 -48.89
C SER B 10 22.68 2.19 -49.43
N GLU B 11 23.25 1.37 -50.31
CA GLU B 11 22.52 0.28 -50.96
C GLU B 11 23.07 -1.06 -50.52
N GLU B 12 22.18 -2.03 -50.35
CA GLU B 12 22.57 -3.42 -50.07
C GLU B 12 21.68 -4.33 -50.92
N THR B 13 22.31 -5.22 -51.67
CA THR B 13 21.59 -6.09 -52.58
C THR B 13 21.06 -7.31 -51.82
N VAL B 14 19.75 -7.57 -51.97
CA VAL B 14 19.14 -8.73 -51.34
C VAL B 14 19.10 -9.91 -52.30
N ALA B 15 18.76 -9.68 -53.56
CA ALA B 15 18.71 -10.73 -54.57
C ALA B 15 19.10 -10.10 -55.91
N GLU B 16 18.92 -10.88 -56.98
CA GLU B 16 19.29 -10.40 -58.31
C GLU B 16 18.47 -9.16 -58.69
N ASN B 17 17.17 -9.19 -58.42
CA ASN B 17 16.26 -8.09 -58.76
C ASN B 17 15.58 -7.52 -57.53
N ARG B 18 16.28 -7.51 -56.40
CA ARG B 18 15.74 -6.96 -55.16
C ARG B 18 16.87 -6.32 -54.38
N SER B 19 16.60 -5.15 -53.79
CA SER B 19 17.62 -4.39 -53.09
C SER B 19 16.96 -3.61 -51.96
N ARG B 20 17.80 -3.06 -51.09
CA ARG B 20 17.36 -2.23 -49.97
C ARG B 20 18.24 -0.99 -49.90
N PHE B 21 17.62 0.15 -49.61
CA PHE B 21 18.32 1.42 -49.51
C PHE B 21 18.05 2.04 -48.14
N VAL B 22 19.11 2.56 -47.54
CA VAL B 22 19.06 3.17 -46.22
C VAL B 22 19.51 4.62 -46.36
N ILE B 23 18.63 5.54 -45.96
CA ILE B 23 18.94 6.97 -45.93
C ILE B 23 19.03 7.37 -44.47
N GLU B 24 20.20 7.85 -44.06
CA GLU B 24 20.43 8.20 -42.66
C GLU B 24 21.62 9.14 -42.59
N PRO B 25 21.64 10.07 -41.61
CA PRO B 25 20.58 10.43 -40.67
C PRO B 25 19.83 11.70 -41.11
N LEU B 26 18.52 11.61 -41.24
CA LEU B 26 17.70 12.75 -41.60
C LEU B 26 16.91 13.25 -40.40
N GLU B 27 16.55 14.53 -40.43
CA GLU B 27 15.99 15.19 -39.25
C GLU B 27 14.62 14.60 -38.92
N PRO B 28 14.20 14.71 -37.66
CA PRO B 28 12.92 14.10 -37.26
C PRO B 28 11.75 14.61 -38.08
N GLY B 29 10.84 13.70 -38.40
CA GLY B 29 9.63 14.03 -39.14
C GLY B 29 9.78 13.92 -40.64
N PHE B 30 11.01 13.92 -41.16
CA PHE B 30 11.22 13.84 -42.59
C PHE B 30 11.28 12.40 -43.11
N GLY B 31 11.35 11.41 -42.22
CA GLY B 31 11.42 10.03 -42.65
C GLY B 31 10.20 9.62 -43.46
N TYR B 32 9.01 9.83 -42.90
CA TYR B 32 7.79 9.52 -43.64
C TYR B 32 7.63 10.43 -44.84
N THR B 33 7.93 11.72 -44.67
CA THR B 33 7.83 12.68 -45.77
C THR B 33 8.58 12.17 -46.99
N LEU B 34 9.81 11.72 -46.80
CA LEU B 34 10.55 11.07 -47.89
C LEU B 34 9.83 9.79 -48.31
N GLY B 35 9.74 8.82 -47.40
CA GLY B 35 9.43 7.46 -47.80
C GLY B 35 8.13 7.32 -48.56
N ASN B 36 7.06 7.95 -48.09
CA ASN B 36 5.76 7.74 -48.72
C ASN B 36 5.76 8.24 -50.16
N SER B 37 6.19 9.48 -50.37
CA SER B 37 6.24 10.03 -51.72
C SER B 37 7.21 9.26 -52.59
N LEU B 38 8.35 8.85 -52.02
CA LEU B 38 9.34 8.09 -52.79
C LEU B 38 8.73 6.78 -53.28
N ARG B 39 8.03 6.07 -52.40
CA ARG B 39 7.40 4.82 -52.79
C ARG B 39 6.34 5.05 -53.86
N ARG B 40 5.50 6.06 -53.68
CA ARG B 40 4.44 6.32 -54.66
C ARG B 40 5.03 6.62 -56.03
N THR B 41 6.03 7.50 -56.08
CA THR B 41 6.66 7.82 -57.36
C THR B 41 7.33 6.59 -57.95
N LEU B 42 8.05 5.82 -57.13
CA LEU B 42 8.78 4.66 -57.62
C LEU B 42 7.84 3.66 -58.26
N LEU B 43 6.67 3.44 -57.65
CA LEU B 43 5.76 2.40 -58.11
C LEU B 43 4.65 2.92 -59.02
N SER B 44 4.61 4.22 -59.32
CA SER B 44 3.54 4.73 -60.18
C SER B 44 3.99 5.78 -61.20
N SER B 45 5.29 6.06 -61.33
CA SER B 45 5.75 7.10 -62.26
C SER B 45 6.73 6.62 -63.31
N ILE B 46 7.37 5.47 -63.13
CA ILE B 46 8.35 4.97 -64.10
C ILE B 46 7.59 4.34 -65.26
N PRO B 47 7.82 4.76 -66.50
CA PRO B 47 7.08 4.19 -67.62
C PRO B 47 7.64 2.84 -68.06
N GLY B 48 6.74 2.03 -68.62
CA GLY B 48 7.12 0.71 -69.10
C GLY B 48 6.14 0.20 -70.14
N ALA B 49 6.15 -1.11 -70.39
CA ALA B 49 5.26 -1.72 -71.37
C ALA B 49 4.82 -3.10 -70.86
N ALA B 50 3.66 -3.53 -71.31
CA ALA B 50 3.11 -4.82 -70.92
C ALA B 50 1.97 -5.19 -71.84
N VAL B 51 1.61 -6.47 -71.82
CA VAL B 51 0.49 -6.96 -72.63
C VAL B 51 -0.81 -6.41 -72.06
N THR B 52 -1.64 -5.86 -72.95
CA THR B 52 -2.90 -5.25 -72.56
C THR B 52 -4.13 -6.01 -73.04
N SER B 53 -4.03 -6.74 -74.14
CA SER B 53 -5.15 -7.55 -74.64
C SER B 53 -4.58 -8.74 -75.40
N ILE B 54 -5.36 -9.82 -75.43
CA ILE B 54 -4.97 -11.05 -76.09
C ILE B 54 -6.13 -11.58 -76.91
N ARG B 55 -5.81 -12.40 -77.90
CA ARG B 55 -6.84 -13.10 -78.68
C ARG B 55 -6.30 -14.45 -79.07
N ILE B 56 -7.00 -15.51 -78.65
CA ILE B 56 -6.62 -16.89 -78.95
C ILE B 56 -7.57 -17.41 -80.02
N ASP B 57 -7.01 -17.85 -81.14
CA ASP B 57 -7.82 -18.29 -82.27
C ASP B 57 -8.65 -19.52 -81.96
N GLY B 58 -8.26 -20.30 -80.94
CA GLY B 58 -9.00 -21.51 -80.63
C GLY B 58 -10.28 -21.29 -79.86
N VAL B 59 -10.53 -20.08 -79.37
CA VAL B 59 -11.70 -19.79 -78.55
C VAL B 59 -12.36 -18.52 -79.07
N LEU B 60 -13.69 -18.57 -79.19
CA LEU B 60 -14.49 -17.39 -79.53
C LEU B 60 -15.61 -17.12 -78.53
N HIS B 61 -16.05 -18.13 -77.78
CA HIS B 61 -17.07 -17.96 -76.75
C HIS B 61 -16.81 -18.99 -75.67
N GLU B 62 -17.42 -18.78 -74.50
CA GLU B 62 -17.27 -19.70 -73.38
C GLU B 62 -15.79 -19.85 -73.00
N PHE B 63 -15.23 -18.74 -72.52
CA PHE B 63 -13.80 -18.63 -72.27
C PHE B 63 -13.39 -19.45 -71.04
N THR B 64 -13.60 -20.77 -71.15
CA THR B 64 -13.25 -21.69 -70.08
C THR B 64 -11.95 -22.43 -70.38
N THR B 65 -11.91 -23.13 -71.51
CA THR B 65 -10.78 -23.97 -71.88
C THR B 65 -10.40 -23.74 -73.34
N VAL B 66 -9.14 -24.00 -73.65
CA VAL B 66 -8.62 -23.90 -75.01
C VAL B 66 -8.35 -25.33 -75.50
N PRO B 67 -8.83 -25.73 -76.67
CA PRO B 67 -8.60 -27.09 -77.14
C PRO B 67 -7.11 -27.35 -77.37
N GLY B 68 -6.69 -28.59 -77.07
CA GLY B 68 -5.33 -29.01 -77.34
C GLY B 68 -4.31 -28.64 -76.28
N VAL B 69 -4.72 -27.97 -75.21
CA VAL B 69 -3.82 -27.58 -74.13
C VAL B 69 -4.46 -27.93 -72.80
N LYS B 70 -3.65 -28.39 -71.85
CA LYS B 70 -4.17 -28.74 -70.53
C LYS B 70 -4.49 -27.51 -69.70
N GLU B 71 -3.70 -26.45 -69.84
CA GLU B 71 -3.95 -25.24 -69.06
C GLU B 71 -5.22 -24.54 -69.53
N ASP B 72 -5.96 -24.01 -68.57
CA ASP B 72 -7.17 -23.26 -68.90
C ASP B 72 -6.82 -21.86 -69.37
N VAL B 73 -7.86 -21.11 -69.77
CA VAL B 73 -7.65 -19.76 -70.29
C VAL B 73 -7.06 -18.86 -69.22
N THR B 74 -7.55 -18.97 -67.98
CA THR B 74 -7.08 -18.11 -66.91
C THR B 74 -5.59 -18.30 -66.65
N ASP B 75 -5.13 -19.55 -66.66
CA ASP B 75 -3.71 -19.81 -66.42
C ASP B 75 -2.85 -19.21 -67.52
N ILE B 76 -3.30 -19.32 -68.77
CA ILE B 76 -2.57 -18.72 -69.89
C ILE B 76 -2.51 -17.21 -69.72
N ILE B 77 -3.64 -16.60 -69.32
CA ILE B 77 -3.68 -15.16 -69.12
C ILE B 77 -2.69 -14.75 -68.04
N LEU B 78 -2.64 -15.50 -66.93
CA LEU B 78 -1.71 -15.17 -65.86
C LEU B 78 -0.26 -15.31 -66.31
N ASN B 79 0.04 -16.39 -67.03
CA ASN B 79 1.40 -16.59 -67.52
C ASN B 79 1.82 -15.44 -68.43
N LEU B 80 0.91 -15.01 -69.32
CA LEU B 80 1.22 -13.88 -70.18
C LEU B 80 1.39 -12.59 -69.37
N LYS B 81 0.57 -12.41 -68.34
CA LYS B 81 0.76 -11.27 -67.44
C LYS B 81 2.14 -11.30 -66.82
N GLY B 82 2.70 -12.50 -66.62
CA GLY B 82 4.05 -12.62 -66.11
C GLY B 82 5.14 -12.26 -67.11
N LEU B 83 4.78 -12.04 -68.38
CA LEU B 83 5.76 -11.73 -69.40
C LEU B 83 6.39 -10.36 -69.14
N VAL B 84 7.64 -10.22 -69.57
CA VAL B 84 8.38 -8.96 -69.47
C VAL B 84 8.71 -8.49 -70.87
N VAL B 85 8.28 -7.27 -71.20
CA VAL B 85 8.44 -6.72 -72.55
C VAL B 85 9.04 -5.32 -72.44
N SER B 86 9.67 -4.88 -73.53
CA SER B 86 10.26 -3.54 -73.58
C SER B 86 10.15 -3.05 -75.03
N SER B 87 9.22 -2.13 -75.27
CA SER B 87 9.00 -1.57 -76.59
C SER B 87 9.63 -0.18 -76.68
N ASP B 88 9.70 0.34 -77.92
CA ASP B 88 10.31 1.64 -78.17
C ASP B 88 9.52 2.45 -79.20
N ASP B 89 8.20 2.30 -79.21
CA ASP B 89 7.36 3.04 -80.15
C ASP B 89 6.08 3.58 -79.54
N ASP B 90 5.87 3.43 -78.23
CA ASP B 90 4.74 4.02 -77.49
C ASP B 90 3.46 4.05 -78.33
N GLU B 91 3.16 2.92 -78.95
CA GLU B 91 1.93 2.73 -79.71
C GLU B 91 1.60 1.24 -79.72
N PRO B 92 0.33 0.88 -79.88
CA PRO B 92 -0.02 -0.55 -79.87
C PRO B 92 0.67 -1.30 -81.00
N VAL B 93 1.18 -2.49 -80.68
CA VAL B 93 1.78 -3.38 -81.65
C VAL B 93 1.25 -4.79 -81.39
N THR B 94 1.31 -5.63 -82.42
CA THR B 94 0.77 -6.98 -82.36
C THR B 94 1.90 -8.00 -82.40
N MET B 95 1.90 -8.90 -81.43
CA MET B 95 2.83 -10.01 -81.37
C MET B 95 2.07 -11.30 -81.63
N TYR B 96 2.73 -12.28 -82.25
CA TYR B 96 2.10 -13.53 -82.61
C TYR B 96 2.90 -14.69 -82.02
N LEU B 97 2.20 -15.65 -81.42
CA LEU B 97 2.79 -16.87 -80.89
C LEU B 97 2.11 -18.05 -81.54
N ARG B 98 2.91 -18.91 -82.20
CA ARG B 98 2.42 -20.09 -82.88
C ARG B 98 3.25 -21.30 -82.46
N LYS B 99 2.58 -22.40 -82.15
CA LYS B 99 3.26 -23.63 -81.79
C LYS B 99 2.39 -24.81 -82.22
N GLN B 100 3.06 -25.94 -82.52
CA GLN B 100 2.38 -27.13 -82.97
C GLN B 100 3.05 -28.36 -82.37
N GLY B 101 2.26 -29.41 -82.19
CA GLY B 101 2.76 -30.67 -81.69
C GLY B 101 2.92 -30.67 -80.20
N PRO B 102 3.22 -31.84 -79.62
CA PRO B 102 3.42 -31.93 -78.17
C PRO B 102 4.66 -31.17 -77.74
N GLY B 103 4.60 -30.62 -76.54
CA GLY B 103 5.74 -29.93 -75.96
C GLY B 103 5.28 -28.82 -75.03
N VAL B 104 6.19 -27.89 -74.77
CA VAL B 104 5.93 -26.76 -73.89
C VAL B 104 6.23 -25.48 -74.66
N VAL B 105 5.30 -24.53 -74.62
CA VAL B 105 5.46 -23.23 -75.27
C VAL B 105 5.80 -22.20 -74.20
N THR B 106 6.89 -21.47 -74.43
CA THR B 106 7.40 -20.48 -73.49
C THR B 106 7.51 -19.12 -74.19
N ALA B 107 8.03 -18.14 -73.45
CA ALA B 107 8.13 -16.79 -74.00
C ALA B 107 9.10 -16.72 -75.17
N GLY B 108 10.13 -17.57 -75.18
CA GLY B 108 11.10 -17.54 -76.25
C GLY B 108 10.57 -17.91 -77.61
N ASP B 109 9.36 -18.48 -77.68
CA ASP B 109 8.77 -18.88 -78.94
C ASP B 109 8.05 -17.75 -79.65
N ILE B 110 7.88 -16.60 -79.00
CA ILE B 110 7.24 -15.46 -79.63
C ILE B 110 8.22 -14.78 -80.58
N VAL B 111 7.73 -14.35 -81.74
CA VAL B 111 8.55 -13.65 -82.71
C VAL B 111 8.28 -12.16 -82.55
N PRO B 112 9.23 -11.38 -82.04
CA PRO B 112 8.98 -9.95 -81.82
C PRO B 112 9.36 -9.13 -83.05
N PRO B 113 8.65 -8.04 -83.32
CA PRO B 113 9.03 -7.14 -84.40
C PRO B 113 10.16 -6.22 -83.95
N ALA B 114 10.52 -5.29 -84.84
CA ALA B 114 11.59 -4.36 -84.53
C ALA B 114 11.22 -3.51 -83.31
N GLY B 115 12.18 -3.33 -82.42
CA GLY B 115 11.99 -2.54 -81.21
C GLY B 115 11.55 -3.33 -80.00
N VAL B 116 10.52 -4.16 -80.15
CA VAL B 116 10.03 -4.96 -79.03
C VAL B 116 11.10 -5.94 -78.59
N THR B 117 11.20 -6.15 -77.28
CA THR B 117 12.19 -7.05 -76.71
C THR B 117 11.55 -7.87 -75.61
N VAL B 118 12.09 -9.07 -75.39
CA VAL B 118 11.65 -9.97 -74.33
C VAL B 118 12.85 -10.30 -73.46
N HIS B 119 12.72 -10.09 -72.15
CA HIS B 119 13.82 -10.28 -71.23
C HIS B 119 13.76 -11.59 -70.46
N ASN B 120 12.65 -12.33 -70.55
CA ASN B 120 12.49 -13.60 -69.85
C ASN B 120 11.98 -14.65 -70.84
N PRO B 121 12.83 -15.06 -71.80
CA PRO B 121 12.39 -16.08 -72.76
C PRO B 121 12.09 -17.41 -72.12
N ASP B 122 12.60 -17.69 -70.92
CA ASP B 122 12.38 -18.96 -70.25
C ASP B 122 11.04 -19.04 -69.54
N MET B 123 10.28 -17.95 -69.49
CA MET B 123 8.99 -17.97 -68.83
C MET B 123 8.06 -18.96 -69.52
N HIS B 124 7.62 -19.97 -68.77
CA HIS B 124 6.73 -20.98 -69.33
C HIS B 124 5.34 -20.38 -69.52
N ILE B 125 4.78 -20.53 -70.73
CA ILE B 125 3.46 -20.01 -71.03
C ILE B 125 2.43 -21.12 -70.88
N ALA B 126 2.61 -22.22 -71.62
CA ALA B 126 1.63 -23.29 -71.61
C ALA B 126 2.29 -24.59 -72.03
N THR B 127 1.51 -25.67 -71.95
CA THR B 127 1.94 -27.00 -72.37
C THR B 127 1.02 -27.44 -73.50
N LEU B 128 1.57 -27.55 -74.71
CA LEU B 128 0.78 -27.92 -75.87
C LEU B 128 0.72 -29.44 -75.97
N ASN B 129 -0.50 -29.98 -75.97
CA ASN B 129 -0.71 -31.42 -76.02
C ASN B 129 -0.37 -31.96 -77.41
N ASP B 130 -0.18 -33.28 -77.48
CA ASP B 130 0.10 -33.93 -78.75
C ASP B 130 -1.03 -33.68 -79.73
N LYS B 131 -0.66 -33.43 -80.99
CA LYS B 131 -1.62 -33.11 -82.04
C LYS B 131 -2.43 -31.87 -81.70
N GLY B 132 -1.82 -30.93 -80.98
CA GLY B 132 -2.46 -29.67 -80.66
C GLY B 132 -1.69 -28.49 -81.24
N LYS B 133 -2.44 -27.44 -81.57
CA LYS B 133 -1.86 -26.22 -82.13
C LYS B 133 -2.30 -25.04 -81.29
N LEU B 134 -1.36 -24.15 -80.97
CA LEU B 134 -1.64 -22.91 -80.26
C LEU B 134 -1.30 -21.75 -81.19
N GLU B 135 -2.25 -20.83 -81.36
CA GLU B 135 -2.07 -19.64 -82.19
C GLU B 135 -2.74 -18.48 -81.47
N VAL B 136 -1.94 -17.61 -80.86
CA VAL B 136 -2.46 -16.50 -80.07
C VAL B 136 -1.78 -15.21 -80.52
N GLU B 137 -2.45 -14.09 -80.31
CA GLU B 137 -1.89 -12.78 -80.60
C GLU B 137 -2.04 -11.88 -79.38
N LEU B 138 -1.08 -10.98 -79.22
CA LEU B 138 -0.93 -10.12 -78.05
C LEU B 138 -0.83 -8.68 -78.51
N VAL B 139 -1.36 -7.75 -77.71
CA VAL B 139 -1.26 -6.32 -77.98
C VAL B 139 -0.37 -5.71 -76.92
N VAL B 140 0.65 -4.96 -77.37
CA VAL B 140 1.67 -4.41 -76.48
C VAL B 140 1.80 -2.91 -76.73
N GLU B 141 1.79 -2.12 -75.66
CA GLU B 141 2.07 -0.70 -75.73
C GLU B 141 2.60 -0.24 -74.39
N ARG B 142 3.07 1.00 -74.35
CA ARG B 142 3.71 1.56 -73.16
C ARG B 142 2.69 2.31 -72.30
N GLY B 143 2.99 2.38 -71.01
CA GLY B 143 2.11 3.04 -70.08
C GLY B 143 2.81 3.32 -68.77
N ARG B 144 2.03 3.78 -67.79
CA ARG B 144 2.54 4.11 -66.47
C ARG B 144 1.66 3.47 -65.41
N GLY B 145 2.30 2.83 -64.42
CA GLY B 145 1.57 2.28 -63.30
C GLY B 145 0.75 1.05 -63.66
N TYR B 146 -0.20 0.75 -62.78
CA TYR B 146 -1.09 -0.39 -62.94
C TYR B 146 -2.45 0.10 -63.41
N VAL B 147 -2.92 -0.45 -64.53
CA VAL B 147 -4.19 -0.06 -65.14
C VAL B 147 -5.08 -1.29 -65.21
N PRO B 148 -6.31 -1.25 -64.68
CA PRO B 148 -7.18 -2.42 -64.80
C PRO B 148 -7.61 -2.66 -66.24
N ALA B 149 -8.00 -3.89 -66.53
CA ALA B 149 -8.37 -4.28 -67.88
C ALA B 149 -9.41 -3.32 -68.46
N VAL B 150 -9.09 -2.74 -69.61
CA VAL B 150 -10.02 -1.84 -70.28
C VAL B 150 -11.08 -2.66 -70.99
N GLN B 151 -12.34 -2.29 -70.80
CA GLN B 151 -13.45 -3.08 -71.34
C GLN B 151 -13.52 -2.94 -72.86
N ASN B 152 -14.09 -3.97 -73.49
CA ASN B 152 -14.34 -3.99 -74.94
C ASN B 152 -15.82 -4.23 -75.23
N LYS B 153 -16.69 -3.67 -74.40
CA LYS B 153 -18.13 -3.87 -74.59
C LYS B 153 -18.62 -3.28 -75.90
N ALA B 154 -17.88 -2.30 -76.45
CA ALA B 154 -18.24 -1.70 -77.73
C ALA B 154 -17.68 -2.46 -78.91
N SER B 155 -17.06 -3.61 -78.69
CA SER B 155 -16.42 -4.38 -79.76
C SER B 155 -17.35 -5.44 -80.31
N GLY B 156 -18.66 -5.17 -80.31
CA GLY B 156 -19.62 -6.14 -80.83
C GLY B 156 -19.33 -6.60 -82.24
N ALA B 157 -18.69 -5.74 -83.05
CA ALA B 157 -18.28 -6.14 -84.39
C ALA B 157 -17.08 -7.07 -84.38
N GLU B 158 -16.36 -7.16 -83.27
CA GLU B 158 -15.20 -8.06 -83.15
C GLU B 158 -15.17 -8.56 -81.71
N ILE B 159 -15.75 -9.74 -81.50
CA ILE B 159 -15.83 -10.36 -80.18
C ILE B 159 -14.96 -11.60 -80.17
N GLY B 160 -14.16 -11.75 -79.12
CA GLY B 160 -13.20 -12.83 -79.02
C GLY B 160 -11.90 -12.36 -78.40
N ARG B 161 -11.63 -11.06 -78.51
CA ARG B 161 -10.45 -10.50 -77.87
C ARG B 161 -10.68 -10.37 -76.36
N ILE B 162 -9.65 -10.66 -75.59
CA ILE B 162 -9.72 -10.68 -74.13
C ILE B 162 -8.85 -9.53 -73.62
N PRO B 163 -9.44 -8.47 -73.07
CA PRO B 163 -8.61 -7.45 -72.40
C PRO B 163 -8.18 -7.92 -71.02
N VAL B 164 -6.94 -7.56 -70.67
CA VAL B 164 -6.31 -8.04 -69.45
C VAL B 164 -5.72 -6.86 -68.68
N ASP B 165 -5.54 -7.06 -67.38
CA ASP B 165 -4.96 -6.02 -66.54
C ASP B 165 -3.53 -5.75 -66.98
N SER B 166 -3.16 -4.47 -67.01
CA SER B 166 -1.88 -4.02 -67.53
C SER B 166 -0.95 -3.63 -66.40
N ILE B 167 0.27 -4.16 -66.42
CA ILE B 167 1.30 -3.79 -65.45
C ILE B 167 2.43 -3.09 -66.20
N TYR B 168 2.36 -1.77 -66.30
CA TYR B 168 3.39 -1.03 -67.02
C TYR B 168 4.61 -0.76 -66.14
N SER B 169 4.38 -0.48 -64.86
CA SER B 169 5.47 -0.07 -63.99
C SER B 169 6.51 -1.18 -63.89
N PRO B 170 7.78 -0.92 -64.18
CA PRO B 170 8.80 -1.96 -63.98
C PRO B 170 8.91 -2.41 -62.53
N VAL B 171 8.65 -1.52 -61.58
CA VAL B 171 8.75 -1.86 -60.17
C VAL B 171 7.52 -2.68 -59.78
N LEU B 172 7.76 -3.78 -59.07
CA LEU B 172 6.70 -4.72 -58.70
C LEU B 172 6.23 -4.55 -57.26
N LYS B 173 7.14 -4.33 -56.32
CA LYS B 173 6.76 -4.22 -54.91
C LYS B 173 7.74 -3.31 -54.20
N VAL B 174 7.21 -2.34 -53.44
CA VAL B 174 8.01 -1.40 -52.68
C VAL B 174 7.47 -1.35 -51.26
N THR B 175 8.39 -1.39 -50.28
CA THR B 175 8.03 -1.25 -48.88
C THR B 175 8.98 -0.25 -48.25
N TYR B 176 8.51 0.44 -47.19
CA TYR B 176 9.35 1.42 -46.53
C TYR B 176 9.04 1.43 -45.03
N LYS B 177 10.04 1.81 -44.25
CA LYS B 177 9.90 1.93 -42.81
C LYS B 177 10.84 3.00 -42.30
N VAL B 178 10.52 3.52 -41.12
CA VAL B 178 11.29 4.58 -40.47
C VAL B 178 11.65 4.12 -39.06
N GLU B 179 12.92 4.26 -38.70
CA GLU B 179 13.41 3.86 -37.39
C GLU B 179 14.09 5.03 -36.71
N ALA B 180 14.17 4.96 -35.39
CA ALA B 180 14.91 5.97 -34.64
C ALA B 180 16.41 5.69 -34.72
N THR B 181 17.20 6.77 -34.77
CA THR B 181 18.64 6.65 -34.81
C THR B 181 19.26 7.80 -34.04
N ARG B 182 20.51 7.61 -33.64
CA ARG B 182 21.24 8.59 -32.83
C ARG B 182 22.37 9.21 -33.62
N VAL B 183 22.56 10.51 -33.42
CA VAL B 183 23.76 11.22 -33.85
C VAL B 183 24.27 12.01 -32.65
N GLU B 184 25.56 11.87 -32.35
CA GLU B 184 26.12 12.48 -31.15
C GLU B 184 25.29 12.09 -29.94
N GLN B 185 24.60 13.04 -29.31
CA GLN B 185 23.85 12.79 -28.10
C GLN B 185 22.34 12.80 -28.30
N ARG B 186 21.86 13.13 -29.51
CA ARG B 186 20.44 13.30 -29.77
C ARG B 186 19.92 12.11 -30.57
N THR B 187 18.79 11.56 -30.14
CA THR B 187 18.22 10.34 -30.70
C THR B 187 16.94 10.61 -31.49
N ASP B 188 16.66 11.87 -31.80
CA ASP B 188 15.42 12.21 -32.50
C ASP B 188 15.48 11.91 -33.99
N PHE B 189 16.66 11.64 -34.54
CA PHE B 189 16.82 11.51 -35.98
C PHE B 189 16.16 10.24 -36.50
N ASP B 190 15.74 10.29 -37.76
CA ASP B 190 15.04 9.20 -38.42
C ASP B 190 15.93 8.55 -39.47
N LYS B 191 15.85 7.23 -39.56
CA LYS B 191 16.54 6.44 -40.58
C LYS B 191 15.47 5.79 -41.45
N LEU B 192 15.57 5.99 -42.76
CA LEU B 192 14.56 5.50 -43.69
C LEU B 192 15.11 4.28 -44.42
N ILE B 193 14.40 3.16 -44.32
CA ILE B 193 14.80 1.91 -44.98
C ILE B 193 13.72 1.56 -45.98
N ILE B 194 14.10 1.46 -47.26
CA ILE B 194 13.16 1.19 -48.35
C ILE B 194 13.63 -0.05 -49.10
N ASP B 195 12.75 -1.04 -49.20
CA ASP B 195 13.02 -2.27 -49.92
C ASP B 195 12.29 -2.25 -51.26
N VAL B 196 13.02 -2.51 -52.34
CA VAL B 196 12.50 -2.45 -53.69
C VAL B 196 12.84 -3.73 -54.42
N GLU B 197 12.01 -4.08 -55.40
CA GLU B 197 12.27 -5.24 -56.24
C GLU B 197 11.52 -5.05 -57.55
N THR B 198 12.25 -5.07 -58.67
CA THR B 198 11.72 -4.72 -59.97
C THR B 198 11.76 -5.94 -60.90
N LYS B 199 11.34 -5.72 -62.14
CA LYS B 199 11.35 -6.76 -63.15
C LYS B 199 12.78 -7.01 -63.64
N ASN B 200 12.92 -7.88 -64.63
CA ASN B 200 14.23 -8.22 -65.18
C ASN B 200 14.78 -7.15 -66.12
N SER B 201 13.97 -6.16 -66.49
CA SER B 201 14.36 -5.16 -67.48
C SER B 201 15.00 -3.92 -66.85
N ILE B 202 15.18 -3.89 -65.52
CA ILE B 202 15.73 -2.72 -64.86
C ILE B 202 16.20 -3.14 -63.47
N SER B 203 17.18 -2.42 -62.94
CA SER B 203 17.69 -2.64 -61.60
C SER B 203 17.07 -1.64 -60.63
N PRO B 204 17.02 -1.97 -59.34
CA PRO B 204 16.43 -1.03 -58.37
C PRO B 204 17.10 0.33 -58.35
N ARG B 205 18.42 0.39 -58.58
CA ARG B 205 19.11 1.67 -58.55
C ARG B 205 18.59 2.61 -59.62
N ASP B 206 18.38 2.11 -60.83
CA ASP B 206 17.88 2.96 -61.92
C ASP B 206 16.48 3.46 -61.61
N ALA B 207 15.62 2.59 -61.07
CA ALA B 207 14.28 3.02 -60.71
C ALA B 207 14.31 4.09 -59.63
N LEU B 208 15.18 3.92 -58.63
CA LEU B 208 15.30 4.92 -57.59
C LEU B 208 15.77 6.24 -58.15
N ALA B 209 16.75 6.21 -59.05
CA ALA B 209 17.23 7.45 -59.67
C ALA B 209 16.13 8.13 -60.47
N SER B 210 15.35 7.35 -61.23
CA SER B 210 14.27 7.93 -62.01
C SER B 210 13.21 8.56 -61.12
N ALA B 211 12.85 7.88 -60.03
CA ALA B 211 11.88 8.44 -59.10
C ALA B 211 12.41 9.71 -58.45
N GLY B 212 13.67 9.71 -58.07
CA GLY B 212 14.27 10.91 -57.50
C GLY B 212 14.23 12.08 -58.48
N GLY B 213 14.57 11.82 -59.74
CA GLY B 213 14.50 12.87 -60.74
C GLY B 213 13.09 13.40 -60.94
N THR B 214 12.11 12.49 -60.99
CA THR B 214 10.73 12.91 -61.16
C THR B 214 10.27 13.79 -59.99
N LEU B 215 10.60 13.37 -58.77
CA LEU B 215 10.22 14.16 -57.60
C LEU B 215 10.94 15.50 -57.58
N VAL B 216 12.21 15.53 -57.99
CA VAL B 216 12.95 16.78 -58.04
C VAL B 216 12.29 17.74 -59.01
N GLU B 217 11.89 17.24 -60.19
CA GLU B 217 11.19 18.10 -61.14
C GLU B 217 9.86 18.59 -60.57
N LEU B 218 9.11 17.69 -59.94
CA LEU B 218 7.80 18.07 -59.42
C LEU B 218 7.91 19.16 -58.36
N PHE B 219 8.90 19.04 -57.47
CA PHE B 219 9.04 20.03 -56.41
C PHE B 219 9.76 21.29 -56.88
N GLY B 220 10.57 21.20 -57.92
CA GLY B 220 11.06 22.41 -58.57
C GLY B 220 9.93 23.20 -59.21
N LEU B 221 8.89 22.49 -59.67
CA LEU B 221 7.70 23.17 -60.14
C LEU B 221 7.16 24.14 -59.10
N ALA B 222 7.29 23.79 -57.82
CA ALA B 222 6.84 24.68 -56.76
C ALA B 222 7.92 25.68 -56.37
N ARG B 223 9.19 25.25 -56.35
CA ARG B 223 10.28 26.14 -55.98
C ARG B 223 10.47 27.29 -56.95
N GLU B 224 10.07 27.13 -58.22
CA GLU B 224 10.29 28.18 -59.20
C GLU B 224 9.54 29.46 -58.88
N LEU B 225 8.56 29.40 -57.98
CA LEU B 225 7.80 30.60 -57.64
C LEU B 225 8.71 31.69 -57.08
N ASN B 226 9.60 31.31 -56.17
CA ASN B 226 10.55 32.25 -55.55
C ASN B 226 11.90 31.55 -55.46
N ALA B 227 12.78 31.85 -56.42
CA ALA B 227 14.10 31.22 -56.44
C ALA B 227 14.96 31.68 -55.25
N ASP B 228 14.88 32.94 -54.86
CA ASP B 228 15.71 33.47 -53.79
C ASP B 228 14.99 33.37 -52.45
N SER B 229 14.63 32.15 -52.05
CA SER B 229 13.97 31.89 -50.78
C SER B 229 14.92 31.16 -49.83
N GLU B 230 14.57 31.20 -48.55
CA GLU B 230 15.41 30.60 -47.50
C GLU B 230 15.02 29.13 -47.31
N HIS B 231 15.42 28.32 -48.29
CA HIS B 231 15.24 26.88 -48.20
C HIS B 231 16.39 26.25 -47.43
N ILE B 232 16.09 25.20 -46.68
CA ILE B 232 17.09 24.51 -45.89
C ILE B 232 18.12 23.87 -46.82
N GLU B 233 19.34 24.39 -46.81
CA GLU B 233 20.39 23.87 -47.66
C GLU B 233 21.04 22.65 -47.00
N ILE B 234 21.78 21.89 -47.80
CA ILE B 234 22.39 20.65 -47.34
C ILE B 234 23.90 20.76 -47.46
N GLY B 235 24.36 21.60 -48.40
CA GLY B 235 25.76 21.69 -48.70
C GLY B 235 26.17 20.71 -49.78
N PRO B 236 27.46 20.32 -49.81
CA PRO B 236 27.92 19.35 -50.81
C PRO B 236 27.54 17.91 -50.47
N ASN C 21 -28.30 33.86 -11.09
CA ASN C 21 -29.02 35.08 -10.71
C ASN C 21 -28.53 35.60 -9.36
N SER C 22 -28.13 34.67 -8.49
CA SER C 22 -27.66 35.06 -7.16
C SER C 22 -26.41 35.92 -7.27
N VAL C 23 -25.49 35.55 -8.16
CA VAL C 23 -24.23 36.28 -8.32
C VAL C 23 -24.45 37.47 -9.25
N PRO C 24 -24.08 38.69 -8.84
CA PRO C 24 -24.20 39.82 -9.77
C PRO C 24 -23.46 39.63 -11.07
N GLY C 25 -22.28 39.02 -11.04
CA GLY C 25 -21.53 38.77 -12.26
C GLY C 25 -22.28 37.89 -13.22
N ALA C 26 -22.47 36.62 -12.85
CA ALA C 26 -23.26 35.68 -13.63
C ALA C 26 -22.79 35.62 -15.09
N PRO C 27 -21.63 35.02 -15.36
CA PRO C 27 -21.23 34.82 -16.76
C PRO C 27 -22.28 34.01 -17.50
N ASN C 28 -22.54 34.42 -18.74
CA ASN C 28 -23.60 33.79 -19.52
C ASN C 28 -23.30 32.32 -19.76
N ARG C 29 -24.29 31.46 -19.48
CA ARG C 29 -24.16 30.03 -19.74
C ARG C 29 -25.57 29.47 -19.88
N VAL C 30 -25.99 29.25 -21.13
CA VAL C 30 -27.34 28.74 -21.37
C VAL C 30 -27.45 27.33 -20.77
N SER C 31 -28.64 27.02 -20.26
CA SER C 31 -28.88 25.78 -19.54
C SER C 31 -30.00 24.99 -20.19
N PHE C 32 -29.81 23.67 -20.25
CA PHE C 32 -30.83 22.76 -20.74
C PHE C 32 -31.86 22.39 -19.69
N ALA C 33 -31.71 22.90 -18.47
CA ALA C 33 -32.64 22.55 -17.40
C ALA C 33 -34.08 22.91 -17.80
N LYS C 34 -34.99 21.98 -17.53
CA LYS C 34 -36.41 22.20 -17.78
C LYS C 34 -37.23 22.35 -16.51
N LEU C 35 -36.63 22.15 -15.34
CA LEU C 35 -37.31 22.28 -14.06
C LEU C 35 -36.81 23.52 -13.34
N ARG C 36 -37.73 24.33 -12.83
CA ARG C 36 -37.37 25.48 -12.03
C ARG C 36 -37.01 25.04 -10.62
N GLU C 37 -35.94 25.61 -10.08
CA GLU C 37 -35.48 25.24 -8.75
C GLU C 37 -36.31 25.97 -7.69
N PRO C 38 -37.06 25.25 -6.85
CA PRO C 38 -37.85 25.95 -5.83
C PRO C 38 -37.05 26.42 -4.64
N LEU C 39 -35.87 25.86 -4.39
CA LEU C 39 -35.03 26.21 -3.25
C LEU C 39 -33.61 26.48 -3.73
N GLU C 40 -33.03 27.56 -3.26
CA GLU C 40 -31.66 27.91 -3.61
C GLU C 40 -30.67 27.06 -2.82
N VAL C 41 -29.54 26.75 -3.46
CA VAL C 41 -28.54 25.93 -2.80
C VAL C 41 -28.02 26.66 -1.56
N PRO C 42 -27.97 26.04 -0.39
CA PRO C 42 -27.52 26.73 0.81
C PRO C 42 -26.00 26.85 0.84
N GLY C 43 -25.51 27.56 1.85
CA GLY C 43 -24.07 27.70 2.03
C GLY C 43 -23.39 26.36 2.20
N LEU C 44 -22.34 26.13 1.41
CA LEU C 44 -21.67 24.83 1.42
C LEU C 44 -20.66 24.70 2.56
N LEU C 45 -20.33 25.79 3.24
CA LEU C 45 -19.43 25.75 4.38
C LEU C 45 -20.16 25.89 5.71
N ASP C 46 -21.49 25.81 5.70
CA ASP C 46 -22.26 26.00 6.92
C ASP C 46 -21.97 24.92 7.96
N VAL C 47 -21.63 23.71 7.50
CA VAL C 47 -21.46 22.60 8.43
C VAL C 47 -20.36 22.92 9.44
N GLN C 48 -19.29 23.59 8.99
CA GLN C 48 -18.19 23.93 9.89
C GLN C 48 -18.50 25.19 10.68
N THR C 49 -18.90 26.26 9.98
CA THR C 49 -19.03 27.57 10.62
C THR C 49 -20.16 27.57 11.65
N ASP C 50 -21.31 26.99 11.32
CA ASP C 50 -22.42 26.97 12.26
C ASP C 50 -22.06 26.17 13.50
N SER C 51 -21.40 25.03 13.33
CA SER C 51 -21.00 24.22 14.47
C SER C 51 -20.02 24.98 15.36
N PHE C 52 -19.03 25.64 14.75
CA PHE C 52 -18.07 26.39 15.56
C PHE C 52 -18.74 27.55 16.27
N GLU C 53 -19.66 28.24 15.61
CA GLU C 53 -20.39 29.33 16.25
C GLU C 53 -21.19 28.82 17.44
N TRP C 54 -21.82 27.65 17.29
CA TRP C 54 -22.50 27.05 18.43
C TRP C 54 -21.53 26.77 19.57
N LEU C 55 -20.35 26.25 19.23
CA LEU C 55 -19.38 25.91 20.26
C LEU C 55 -19.04 27.13 21.12
N VAL C 56 -18.45 28.15 20.49
CA VAL C 56 -18.05 29.34 21.23
C VAL C 56 -19.28 30.13 21.70
N GLY C 57 -20.31 30.21 20.87
CA GLY C 57 -21.49 30.99 21.19
C GLY C 57 -21.40 32.39 20.63
N SER C 58 -22.26 32.73 19.69
CA SER C 58 -22.22 34.01 19.00
C SER C 58 -23.63 34.60 18.96
N ASP C 59 -23.67 35.94 18.83
CA ASP C 59 -24.95 36.63 18.86
C ASP C 59 -25.88 36.16 17.74
N ARG C 60 -25.33 35.98 16.53
CA ARG C 60 -26.15 35.50 15.43
C ARG C 60 -26.66 34.09 15.71
N TRP C 61 -25.83 33.25 16.33
CA TRP C 61 -26.29 31.92 16.72
C TRP C 61 -27.43 32.01 17.73
N ARG C 62 -27.32 32.92 18.71
CA ARG C 62 -28.39 33.10 19.67
C ARG C 62 -29.69 33.52 18.97
N GLN C 63 -29.58 34.47 18.04
CA GLN C 63 -30.77 34.93 17.32
C GLN C 63 -31.40 33.80 16.51
N ALA C 64 -30.56 33.01 15.82
CA ALA C 64 -31.09 31.90 15.04
C ALA C 64 -31.77 30.87 15.93
N ALA C 65 -31.15 30.56 17.07
CA ALA C 65 -31.76 29.60 17.99
C ALA C 65 -33.09 30.12 18.52
N ILE C 66 -33.15 31.41 18.86
CA ILE C 66 -34.38 31.99 19.36
C ILE C 66 -35.47 31.90 18.29
N ASP C 67 -35.13 32.25 17.05
CA ASP C 67 -36.10 32.21 15.97
C ASP C 67 -36.53 30.78 15.66
N ARG C 68 -35.61 29.82 15.78
CA ARG C 68 -35.94 28.43 15.45
C ARG C 68 -36.99 27.83 16.38
N GLY C 69 -37.24 28.46 17.53
CA GLY C 69 -38.25 27.98 18.44
C GLY C 69 -37.69 27.42 19.73
N GLU C 70 -36.60 28.03 20.22
CA GLU C 70 -35.98 27.63 21.48
C GLU C 70 -35.74 28.87 22.33
N GLU C 71 -35.83 28.69 23.65
CA GLU C 71 -35.61 29.76 24.61
C GLU C 71 -34.42 29.42 25.50
N ASN C 72 -33.65 30.44 25.85
CA ASN C 72 -32.48 30.28 26.70
C ASN C 72 -31.52 29.26 26.12
N PRO C 73 -31.05 29.44 24.89
CA PRO C 73 -30.06 28.52 24.34
C PRO C 73 -28.73 28.61 25.08
N VAL C 74 -28.01 27.48 25.12
CA VAL C 74 -26.75 27.38 25.83
C VAL C 74 -25.69 26.87 24.85
N GLY C 75 -24.53 27.54 24.85
CA GLY C 75 -23.44 27.16 23.99
C GLY C 75 -22.64 25.98 24.53
N GLY C 76 -21.71 25.49 23.71
CA GLY C 76 -20.90 24.35 24.11
C GLY C 76 -20.01 24.65 25.29
N LEU C 77 -19.30 25.78 25.26
CA LEU C 77 -18.43 26.14 26.38
C LEU C 77 -19.25 26.35 27.65
N GLU C 78 -20.37 27.06 27.54
CA GLU C 78 -21.24 27.25 28.70
C GLU C 78 -21.75 25.92 29.23
N GLU C 79 -22.12 25.02 28.32
CA GLU C 79 -22.60 23.71 28.75
C GLU C 79 -21.53 22.95 29.52
N VAL C 80 -20.30 22.93 29.00
CA VAL C 80 -19.22 22.21 29.67
C VAL C 80 -18.92 22.83 31.03
N LEU C 81 -18.86 24.17 31.08
CA LEU C 81 -18.58 24.83 32.35
C LEU C 81 -19.67 24.56 33.37
N ALA C 82 -20.93 24.59 32.95
CA ALA C 82 -22.02 24.27 33.87
C ALA C 82 -21.93 22.83 34.35
N GLU C 83 -21.54 21.91 33.46
CA GLU C 83 -21.36 20.54 33.87
C GLU C 83 -20.27 20.42 34.94
N LEU C 84 -19.17 21.14 34.76
CA LEU C 84 -18.06 21.06 35.71
C LEU C 84 -18.47 21.60 37.08
N SER C 85 -19.01 22.82 37.10
CA SER C 85 -19.34 23.49 38.35
C SER C 85 -20.75 23.16 38.80
N PRO C 86 -21.04 23.29 40.11
CA PRO C 86 -20.13 23.67 41.19
C PRO C 86 -19.31 22.49 41.70
N ILE C 87 -18.25 22.76 42.46
CA ILE C 87 -17.42 21.71 43.04
C ILE C 87 -17.24 21.97 44.52
N GLU C 88 -17.31 20.89 45.31
CA GLU C 88 -17.01 20.92 46.74
C GLU C 88 -16.03 19.81 47.05
N ASP C 89 -15.13 20.08 48.00
CA ASP C 89 -14.11 19.10 48.36
C ASP C 89 -14.72 17.98 49.19
N PHE C 90 -13.99 16.86 49.25
CA PHE C 90 -14.38 15.75 50.11
C PHE C 90 -14.50 16.23 51.55
N SER C 91 -15.58 15.81 52.22
CA SER C 91 -15.95 16.38 53.50
C SER C 91 -16.19 17.89 53.35
N GLY C 92 -17.20 18.21 52.55
CA GLY C 92 -17.41 19.56 52.05
C GLY C 92 -17.34 20.66 53.10
N SER C 93 -16.50 21.66 52.83
CA SER C 93 -16.43 22.87 53.66
C SER C 93 -16.32 24.15 52.85
N MET C 94 -16.06 24.07 51.54
CA MET C 94 -15.89 25.25 50.70
C MET C 94 -15.99 24.81 49.24
N SER C 95 -16.41 25.73 48.39
CA SER C 95 -16.82 25.39 47.03
C SER C 95 -16.19 26.34 46.02
N LEU C 96 -16.18 25.89 44.77
CA LEU C 96 -15.67 26.67 43.65
C LEU C 96 -16.59 26.51 42.45
N SER C 97 -16.59 27.50 41.57
CA SER C 97 -17.43 27.44 40.38
C SER C 97 -16.86 28.34 39.29
N PHE C 98 -17.24 28.04 38.05
CA PHE C 98 -16.84 28.81 36.88
C PHE C 98 -18.08 29.24 36.12
N SER C 99 -17.96 30.33 35.36
CA SER C 99 -19.08 30.78 34.56
C SER C 99 -18.61 31.85 33.57
N ASP C 100 -19.53 32.25 32.69
CA ASP C 100 -19.38 33.38 31.79
C ASP C 100 -18.08 33.35 31.00
N PRO C 101 -17.94 32.45 30.03
CA PRO C 101 -16.80 32.53 29.12
C PRO C 101 -16.91 33.74 28.21
N ARG C 102 -15.75 34.27 27.82
CA ARG C 102 -15.71 35.47 27.00
C ARG C 102 -14.48 35.45 26.11
N PHE C 103 -14.67 35.88 24.86
CA PHE C 103 -13.59 36.07 23.90
C PHE C 103 -13.49 37.55 23.56
N ASP C 104 -12.27 38.09 23.61
CA ASP C 104 -12.06 39.52 23.42
C ASP C 104 -11.66 39.87 22.00
N GLU C 105 -10.55 39.31 21.51
CA GLU C 105 -10.07 39.64 20.17
C GLU C 105 -8.91 38.73 19.82
N VAL C 106 -8.78 38.43 18.53
CA VAL C 106 -7.68 37.60 18.05
C VAL C 106 -6.38 38.37 18.18
N LYS C 107 -5.33 37.67 18.64
CA LYS C 107 -4.04 38.31 18.84
C LYS C 107 -3.47 38.83 17.52
N ALA C 108 -3.50 38.00 16.49
CA ALA C 108 -2.97 38.34 15.17
C ALA C 108 -4.01 38.02 14.11
N SER C 109 -3.65 38.30 12.86
CA SER C 109 -4.54 38.08 11.73
C SER C 109 -4.14 36.79 10.99
N VAL C 110 -4.83 36.53 9.89
CA VAL C 110 -4.69 35.24 9.20
C VAL C 110 -3.29 35.11 8.59
N ASP C 111 -2.95 36.00 7.66
CA ASP C 111 -1.70 35.83 6.93
C ASP C 111 -0.48 36.12 7.79
N GLU C 112 -0.59 36.96 8.81
CA GLU C 112 0.51 37.10 9.76
C GLU C 112 0.81 35.77 10.43
N CYS C 113 -0.22 35.07 10.90
CA CYS C 113 -0.02 33.76 11.50
C CYS C 113 0.53 32.77 10.49
N LYS C 114 0.02 32.80 9.26
CA LYS C 114 0.51 31.87 8.25
C LYS C 114 1.99 32.08 7.96
N ASP C 115 2.42 33.34 7.87
CA ASP C 115 3.81 33.62 7.56
C ASP C 115 4.73 33.37 8.74
N LYS C 116 4.33 33.78 9.94
CA LYS C 116 5.20 33.73 11.11
C LYS C 116 5.20 32.38 11.81
N ASP C 117 4.40 31.42 11.35
CA ASP C 117 4.38 30.07 11.91
C ASP C 117 3.91 30.09 13.37
N MET C 118 2.73 30.66 13.59
CA MET C 118 2.11 30.67 14.91
C MET C 118 0.62 30.37 14.77
N THR C 119 0.04 29.82 15.83
CA THR C 119 -1.36 29.46 15.83
C THR C 119 -2.23 30.71 15.81
N TYR C 120 -3.39 30.60 15.16
CA TYR C 120 -4.35 31.69 15.04
C TYR C 120 -5.44 31.47 16.10
N ALA C 121 -5.22 32.04 17.27
CA ALA C 121 -6.08 31.83 18.42
C ALA C 121 -6.40 33.16 19.09
N ALA C 122 -7.38 33.13 19.99
CA ALA C 122 -7.77 34.28 20.78
C ALA C 122 -7.80 33.91 22.25
N PRO C 123 -7.51 34.85 23.15
CA PRO C 123 -7.53 34.52 24.58
C PRO C 123 -8.94 34.32 25.10
N LEU C 124 -9.06 33.48 26.12
CA LEU C 124 -10.34 33.12 26.72
C LEU C 124 -10.33 33.47 28.20
N PHE C 125 -11.41 34.09 28.66
CA PHE C 125 -11.56 34.50 30.04
C PHE C 125 -12.86 33.95 30.60
N VAL C 126 -12.79 33.42 31.83
CA VAL C 126 -13.95 32.88 32.53
C VAL C 126 -13.94 33.42 33.94
N THR C 127 -15.12 33.79 34.44
CA THR C 127 -15.24 34.33 35.80
C THR C 127 -15.38 33.16 36.77
N ALA C 128 -14.46 33.06 37.71
CA ALA C 128 -14.44 32.01 38.71
C ALA C 128 -14.82 32.60 40.06
N GLU C 129 -15.67 31.87 40.78
CA GLU C 129 -16.17 32.28 42.10
C GLU C 129 -15.81 31.22 43.11
N PHE C 130 -15.15 31.64 44.19
CA PHE C 130 -14.76 30.76 45.28
C PHE C 130 -15.53 31.16 46.53
N ILE C 131 -16.17 30.18 47.17
CA ILE C 131 -17.08 30.44 48.28
C ILE C 131 -16.62 29.64 49.50
N ASN C 132 -16.58 30.30 50.66
CA ASN C 132 -16.28 29.65 51.92
C ASN C 132 -17.58 29.46 52.68
N ASN C 133 -17.98 28.19 52.86
CA ASN C 133 -19.26 27.91 53.51
C ASN C 133 -19.27 28.36 54.97
N ASN C 134 -18.11 28.33 55.63
CA ASN C 134 -18.07 28.71 57.04
C ASN C 134 -18.46 30.16 57.24
N THR C 135 -17.95 31.06 56.40
CA THR C 135 -18.20 32.49 56.54
C THR C 135 -19.06 33.08 55.44
N GLY C 136 -19.08 32.46 54.26
CA GLY C 136 -19.88 32.99 53.17
C GLY C 136 -19.16 34.05 52.37
N GLU C 137 -17.87 33.84 52.11
CA GLU C 137 -17.07 34.75 51.31
C GLU C 137 -17.28 34.48 49.82
N ILE C 138 -16.86 35.44 49.00
CA ILE C 138 -16.93 35.31 47.54
C ILE C 138 -15.68 35.93 46.95
N LYS C 139 -14.75 35.10 46.49
CA LYS C 139 -13.56 35.57 45.79
C LYS C 139 -13.76 35.42 44.28
N SER C 140 -14.69 36.23 43.77
CA SER C 140 -15.09 36.18 42.37
C SER C 140 -14.22 37.09 41.53
N GLN C 141 -13.64 36.56 40.46
CA GLN C 141 -12.91 37.39 39.51
C GLN C 141 -12.62 36.58 38.25
N THR C 142 -12.13 37.28 37.23
CA THR C 142 -11.86 36.65 35.94
C THR C 142 -10.52 35.92 35.95
N VAL C 143 -10.47 34.82 35.22
CA VAL C 143 -9.25 34.02 35.09
C VAL C 143 -8.99 33.76 33.62
N PHE C 144 -7.71 33.75 33.24
CA PHE C 144 -7.29 33.56 31.86
C PHE C 144 -7.16 32.06 31.58
N MET C 145 -8.06 31.54 30.75
CA MET C 145 -8.14 30.11 30.48
C MET C 145 -7.15 29.63 29.43
N GLY C 146 -6.57 30.53 28.65
CA GLY C 146 -5.62 30.17 27.60
C GLY C 146 -6.07 30.66 26.24
N ASP C 147 -5.27 30.29 25.23
CA ASP C 147 -5.52 30.67 23.86
C ASP C 147 -6.36 29.60 23.18
N PHE C 148 -7.60 29.96 22.83
CA PHE C 148 -8.50 29.08 22.11
C PHE C 148 -8.32 29.28 20.61
N PRO C 149 -7.97 28.25 19.84
CA PRO C 149 -7.91 28.42 18.38
C PRO C 149 -9.28 28.81 17.83
N MET C 150 -9.26 29.66 16.82
CA MET C 150 -10.48 30.21 16.23
C MET C 150 -10.60 29.77 14.77
N MET C 151 -11.85 29.75 14.29
CA MET C 151 -12.15 29.34 12.92
C MET C 151 -12.11 30.57 12.01
N THR C 152 -11.45 30.40 10.85
CA THR C 152 -11.39 31.47 9.87
C THR C 152 -12.70 31.54 9.08
N GLU C 153 -12.81 32.55 8.21
CA GLU C 153 -14.00 32.68 7.40
C GLU C 153 -14.18 31.49 6.46
N LYS C 154 -13.09 30.82 6.10
CA LYS C 154 -13.16 29.67 5.20
C LYS C 154 -13.53 28.37 5.91
N GLY C 155 -13.49 28.34 7.24
CA GLY C 155 -13.80 27.12 7.97
C GLY C 155 -12.58 26.23 8.16
N THR C 156 -11.44 26.85 8.51
CA THR C 156 -10.20 26.13 8.70
C THR C 156 -9.50 26.66 9.95
N PHE C 157 -8.60 25.85 10.49
CA PHE C 157 -7.83 26.21 11.68
C PHE C 157 -6.37 26.35 11.31
N ILE C 158 -5.77 27.48 11.66
CA ILE C 158 -4.37 27.74 11.36
C ILE C 158 -3.57 27.37 12.62
N ILE C 159 -2.96 26.19 12.59
CA ILE C 159 -2.17 25.67 13.70
C ILE C 159 -0.72 25.65 13.26
N ASN C 160 0.13 26.37 14.00
CA ASN C 160 1.56 26.43 13.69
C ASN C 160 1.79 26.84 12.24
N GLY C 161 0.96 27.77 11.75
CA GLY C 161 1.09 28.28 10.41
C GLY C 161 0.58 27.37 9.31
N THR C 162 0.00 26.22 9.66
CA THR C 162 -0.51 25.27 8.69
C THR C 162 -2.04 25.23 8.78
N GLU C 163 -2.68 25.18 7.63
CA GLU C 163 -4.14 25.18 7.57
C GLU C 163 -4.65 23.75 7.68
N ARG C 164 -5.59 23.52 8.60
CA ARG C 164 -6.10 22.21 8.92
C ARG C 164 -7.62 22.22 8.93
N VAL C 165 -8.21 21.06 8.70
CA VAL C 165 -9.66 20.90 8.66
C VAL C 165 -10.06 19.78 9.62
N VAL C 166 -11.15 19.98 10.34
CA VAL C 166 -11.69 18.98 11.25
C VAL C 166 -12.89 18.34 10.55
N VAL C 167 -12.79 17.05 10.26
CA VAL C 167 -13.83 16.35 9.51
C VAL C 167 -14.85 15.77 10.48
N SER C 168 -16.13 15.91 10.15
CA SER C 168 -17.18 15.36 10.99
C SER C 168 -17.10 13.84 11.01
N GLN C 169 -17.48 13.25 12.15
CA GLN C 169 -17.33 11.82 12.38
C GLN C 169 -18.70 11.17 12.51
N LEU C 170 -18.92 10.07 11.78
CA LEU C 170 -20.14 9.30 11.90
C LEU C 170 -20.00 8.31 13.04
N VAL C 171 -20.92 8.36 14.00
CA VAL C 171 -20.86 7.49 15.18
C VAL C 171 -22.26 7.04 15.53
N ARG C 172 -22.38 5.80 16.01
CA ARG C 172 -23.67 5.30 16.46
C ARG C 172 -24.14 6.12 17.66
N SER C 173 -25.34 6.69 17.55
CA SER C 173 -25.85 7.55 18.60
C SER C 173 -26.18 6.74 19.84
N PRO C 174 -26.05 7.31 21.05
CA PRO C 174 -26.47 6.58 22.25
C PRO C 174 -27.95 6.30 22.24
N GLY C 175 -28.33 5.17 22.84
CA GLY C 175 -29.73 4.79 22.91
C GLY C 175 -29.86 3.32 23.27
N VAL C 176 -31.08 2.82 23.12
CA VAL C 176 -31.41 1.43 23.40
C VAL C 176 -31.72 0.75 22.07
N TYR C 177 -31.03 -0.36 21.80
CA TYR C 177 -31.10 -1.04 20.51
C TYR C 177 -31.51 -2.49 20.73
N PHE C 178 -32.56 -2.93 20.03
CA PHE C 178 -33.03 -4.29 20.09
C PHE C 178 -32.71 -5.01 18.78
N ASP C 179 -32.44 -6.32 18.87
CA ASP C 179 -32.20 -7.13 17.69
C ASP C 179 -32.54 -8.58 18.00
N GLU C 180 -32.60 -9.39 16.95
CA GLU C 180 -32.92 -10.81 17.08
C GLU C 180 -31.98 -11.62 16.19
N THR C 181 -31.70 -12.85 16.62
CA THR C 181 -30.85 -13.76 15.88
C THR C 181 -31.39 -15.18 15.99
N ILE C 182 -31.21 -15.97 14.94
CA ILE C 182 -31.63 -17.36 14.95
C ILE C 182 -30.52 -18.21 15.54
N ASP C 183 -30.86 -19.01 16.54
CA ASP C 183 -29.86 -19.85 17.20
C ASP C 183 -29.41 -20.96 16.26
N LYS C 184 -28.25 -21.54 16.56
CA LYS C 184 -27.72 -22.64 15.78
C LYS C 184 -28.19 -24.00 16.31
N SER C 185 -28.10 -24.19 17.64
CA SER C 185 -28.52 -25.44 18.25
C SER C 185 -30.02 -25.66 18.12
N THR C 186 -30.81 -24.75 18.71
CA THR C 186 -32.26 -24.91 18.75
C THR C 186 -32.97 -24.23 17.59
N GLU C 187 -32.33 -23.28 16.92
CA GLU C 187 -32.93 -22.52 15.82
C GLU C 187 -34.11 -21.67 16.28
N LYS C 188 -34.20 -21.42 17.58
CA LYS C 188 -35.18 -20.47 18.10
C LYS C 188 -34.71 -19.04 17.81
N THR C 189 -35.68 -18.12 17.77
CA THR C 189 -35.37 -16.71 17.64
C THR C 189 -35.06 -16.14 19.03
N LEU C 190 -33.85 -15.60 19.19
CA LEU C 190 -33.39 -15.08 20.47
C LEU C 190 -33.20 -13.58 20.32
N HIS C 191 -33.81 -12.81 21.23
CA HIS C 191 -33.82 -11.36 21.15
C HIS C 191 -32.95 -10.77 22.24
N SER C 192 -32.22 -9.71 21.89
CA SER C 192 -31.30 -9.04 22.80
C SER C 192 -31.48 -7.53 22.69
N VAL C 193 -31.15 -6.84 23.77
CA VAL C 193 -31.19 -5.38 23.82
C VAL C 193 -29.95 -4.89 24.53
N LYS C 194 -29.40 -3.77 24.06
CA LYS C 194 -28.24 -3.15 24.67
C LYS C 194 -28.50 -1.66 24.85
N VAL C 195 -28.14 -1.14 26.03
CA VAL C 195 -28.22 0.29 26.31
C VAL C 195 -26.81 0.85 26.19
N ILE C 196 -26.62 1.76 25.24
CA ILE C 196 -25.32 2.33 24.93
C ILE C 196 -25.32 3.78 25.41
N PRO C 197 -24.64 4.11 26.52
CA PRO C 197 -24.60 5.50 26.97
C PRO C 197 -23.40 6.26 26.44
N GLY C 198 -23.38 7.59 26.64
CA GLY C 198 -22.17 8.33 26.37
C GLY C 198 -21.03 7.91 27.28
N ARG C 199 -21.31 7.77 28.57
CA ARG C 199 -20.37 7.23 29.53
C ARG C 199 -21.14 6.45 30.58
N GLY C 200 -20.61 5.31 30.98
CA GLY C 200 -21.25 4.51 32.02
C GLY C 200 -21.17 3.04 31.70
N ALA C 201 -21.49 2.24 32.70
CA ALA C 201 -21.43 0.78 32.55
C ALA C 201 -22.45 0.32 31.51
N TRP C 202 -22.11 -0.75 30.80
CA TRP C 202 -22.97 -1.27 29.75
C TRP C 202 -24.03 -2.19 30.35
N LEU C 203 -25.28 -1.95 29.98
CA LEU C 203 -26.42 -2.75 30.44
C LEU C 203 -27.09 -3.38 29.23
N GLU C 204 -27.31 -4.69 29.29
CA GLU C 204 -27.91 -5.41 28.17
C GLU C 204 -28.69 -6.60 28.69
N PHE C 205 -29.93 -6.74 28.22
CA PHE C 205 -30.80 -7.84 28.57
C PHE C 205 -30.77 -8.88 27.45
N ASP C 206 -31.28 -10.07 27.75
CA ASP C 206 -31.25 -11.15 26.75
C ASP C 206 -32.33 -12.17 27.08
N VAL C 207 -32.64 -12.98 26.07
CA VAL C 207 -33.55 -14.12 26.20
C VAL C 207 -32.78 -15.36 25.75
N ASP C 208 -32.76 -16.39 26.60
CA ASP C 208 -31.99 -17.59 26.32
C ASP C 208 -32.83 -18.61 25.56
N LYS C 209 -32.14 -19.60 25.00
CA LYS C 209 -32.82 -20.70 24.33
C LYS C 209 -33.59 -21.57 25.31
N ARG C 210 -33.34 -21.44 26.61
CA ARG C 210 -34.13 -22.10 27.64
C ARG C 210 -35.38 -21.32 28.01
N ASP C 211 -35.69 -20.23 27.29
CA ASP C 211 -36.86 -19.41 27.55
C ASP C 211 -36.75 -18.73 28.92
N THR C 212 -35.62 -18.06 29.14
CA THR C 212 -35.38 -17.30 30.36
C THR C 212 -34.87 -15.92 29.99
N VAL C 213 -35.29 -14.91 30.76
CA VAL C 213 -34.88 -13.53 30.54
C VAL C 213 -33.80 -13.19 31.55
N GLY C 214 -32.61 -12.87 31.06
CA GLY C 214 -31.48 -12.53 31.90
C GLY C 214 -30.93 -11.14 31.59
N VAL C 215 -29.89 -10.79 32.32
CA VAL C 215 -29.26 -9.48 32.21
C VAL C 215 -27.77 -9.59 32.49
N ARG C 216 -26.95 -8.89 31.71
CA ARG C 216 -25.53 -8.77 32.00
C ARG C 216 -25.24 -7.33 32.41
N ILE C 217 -24.81 -7.15 33.66
CA ILE C 217 -24.57 -5.83 34.23
C ILE C 217 -23.07 -5.60 34.26
N ASP C 218 -22.63 -4.52 33.61
CA ASP C 218 -21.21 -4.15 33.58
C ASP C 218 -20.35 -5.31 33.09
N ARG C 219 -20.85 -6.01 32.06
CA ARG C 219 -20.13 -7.11 31.43
C ARG C 219 -19.85 -8.24 32.40
N LYS C 220 -20.74 -8.45 33.36
CA LYS C 220 -20.63 -9.56 34.29
C LYS C 220 -21.44 -10.76 33.80
N ARG C 221 -21.39 -11.84 34.56
CA ARG C 221 -22.05 -13.08 34.16
C ARG C 221 -23.56 -12.92 34.13
N ARG C 222 -24.20 -13.66 33.22
CA ARG C 222 -25.65 -13.58 33.04
C ARG C 222 -26.38 -14.11 34.26
N GLN C 223 -27.55 -13.55 34.53
CA GLN C 223 -28.45 -14.03 35.57
C GLN C 223 -29.86 -13.58 35.23
N PRO C 224 -30.88 -14.21 35.81
CA PRO C 224 -32.26 -13.80 35.52
C PRO C 224 -32.50 -12.35 35.94
N VAL C 225 -33.34 -11.66 35.16
CA VAL C 225 -33.64 -10.26 35.43
C VAL C 225 -34.50 -10.08 36.68
N THR C 226 -35.13 -11.15 37.17
CA THR C 226 -35.98 -11.04 38.34
C THR C 226 -35.19 -10.62 39.57
N VAL C 227 -33.94 -11.07 39.70
CA VAL C 227 -33.13 -10.64 40.83
C VAL C 227 -32.84 -9.16 40.74
N LEU C 228 -32.59 -8.65 39.52
CA LEU C 228 -32.39 -7.23 39.34
C LEU C 228 -33.64 -6.44 39.71
N LEU C 229 -34.81 -6.93 39.30
CA LEU C 229 -36.05 -6.26 39.67
C LEU C 229 -36.25 -6.25 41.18
N LYS C 230 -35.97 -7.38 41.84
CA LYS C 230 -36.13 -7.45 43.28
C LYS C 230 -35.18 -6.48 43.99
N ALA C 231 -33.92 -6.45 43.56
CA ALA C 231 -32.95 -5.55 44.17
C ALA C 231 -33.36 -4.10 44.00
N LEU C 232 -34.02 -3.77 42.89
CA LEU C 232 -34.45 -2.40 42.64
C LEU C 232 -35.56 -1.96 43.58
N GLY C 233 -36.18 -2.87 44.32
CA GLY C 233 -37.22 -2.51 45.27
C GLY C 233 -38.59 -2.99 44.88
N TRP C 234 -38.68 -4.14 44.20
CA TRP C 234 -39.94 -4.71 43.75
C TRP C 234 -40.19 -6.01 44.51
N THR C 235 -41.34 -6.09 45.18
CA THR C 235 -41.75 -7.32 45.83
C THR C 235 -42.29 -8.31 44.78
N ASN C 236 -42.52 -9.54 45.20
CA ASN C 236 -42.97 -10.57 44.28
C ASN C 236 -44.48 -10.54 44.11
N GLU C 237 -45.04 -9.36 43.92
CA GLU C 237 -46.42 -9.16 43.49
C GLU C 237 -46.54 -8.17 42.34
N GLN C 238 -45.73 -7.11 42.35
CA GLN C 238 -45.77 -6.14 41.27
C GLN C 238 -45.23 -6.73 39.97
N ILE C 239 -44.24 -7.63 40.07
CA ILE C 239 -43.74 -8.31 38.88
C ILE C 239 -44.87 -9.09 38.21
N VAL C 240 -45.64 -9.83 39.01
CA VAL C 240 -46.76 -10.59 38.46
C VAL C 240 -47.83 -9.64 37.92
N GLU C 241 -48.08 -8.53 38.62
CA GLU C 241 -49.10 -7.60 38.18
C GLU C 241 -48.76 -7.00 36.82
N ARG C 242 -47.49 -6.63 36.61
CA ARG C 242 -47.11 -5.94 35.39
C ARG C 242 -46.79 -6.90 34.25
N PHE C 243 -45.92 -7.88 34.49
CA PHE C 243 -45.45 -8.79 33.45
C PHE C 243 -46.31 -10.03 33.32
N GLY C 244 -47.60 -9.93 33.64
CA GLY C 244 -48.50 -11.06 33.52
C GLY C 244 -48.82 -11.45 32.10
N PHE C 245 -48.42 -10.66 31.11
CA PHE C 245 -48.76 -10.96 29.72
C PHE C 245 -47.94 -12.14 29.20
N SER C 246 -46.66 -12.19 29.52
CA SER C 246 -45.74 -13.17 28.95
C SER C 246 -45.58 -14.36 29.88
N GLU C 247 -45.09 -15.46 29.31
CA GLU C 247 -44.87 -16.70 30.05
C GLU C 247 -43.41 -16.93 30.42
N ILE C 248 -42.47 -16.43 29.62
CA ILE C 248 -41.05 -16.56 29.98
C ILE C 248 -40.76 -15.75 31.24
N MET C 249 -41.46 -14.63 31.42
CA MET C 249 -41.31 -13.87 32.66
C MET C 249 -41.68 -14.72 33.87
N MET C 250 -42.80 -15.43 33.78
CA MET C 250 -43.23 -16.29 34.88
C MET C 250 -42.27 -17.47 35.06
N GLY C 251 -41.76 -18.03 33.96
CA GLY C 251 -40.77 -19.08 34.09
C GLY C 251 -39.55 -18.61 34.84
N THR C 252 -39.04 -17.42 34.49
CA THR C 252 -37.89 -16.86 35.19
C THR C 252 -38.21 -16.59 36.66
N LEU C 253 -39.39 -16.04 36.93
CA LEU C 253 -39.76 -15.71 38.31
C LEU C 253 -39.86 -16.96 39.17
N GLU C 254 -40.53 -17.99 38.66
CA GLU C 254 -40.66 -19.24 39.41
C GLU C 254 -39.31 -19.91 39.60
N LYS C 255 -38.48 -19.94 38.55
CA LYS C 255 -37.17 -20.56 38.65
C LYS C 255 -36.23 -19.79 39.56
N ASP C 256 -36.52 -18.51 39.82
CA ASP C 256 -35.64 -17.69 40.65
C ASP C 256 -35.61 -18.23 42.08
N THR C 257 -34.41 -18.61 42.54
CA THR C 257 -34.27 -19.10 43.91
C THR C 257 -34.29 -17.97 44.93
N THR C 258 -33.77 -16.81 44.57
CA THR C 258 -33.70 -15.70 45.52
C THR C 258 -35.10 -15.26 45.94
N SER C 259 -35.23 -14.85 47.20
CA SER C 259 -36.49 -14.39 47.76
C SER C 259 -36.25 -13.12 48.55
N GLY C 260 -37.01 -12.07 48.23
CA GLY C 260 -36.86 -10.81 48.92
C GLY C 260 -35.83 -9.91 48.28
N THR C 261 -36.01 -8.60 48.48
CA THR C 261 -35.08 -7.63 47.92
C THR C 261 -33.69 -7.77 48.53
N ASP C 262 -33.63 -8.03 49.83
CA ASP C 262 -32.33 -8.15 50.50
C ASP C 262 -31.53 -9.32 49.94
N GLU C 263 -32.19 -10.45 49.68
CA GLU C 263 -31.49 -11.60 49.15
C GLU C 263 -30.87 -11.30 47.79
N ALA C 264 -31.63 -10.64 46.91
CA ALA C 264 -31.11 -10.31 45.59
C ALA C 264 -29.96 -9.32 45.67
N LEU C 265 -30.06 -8.35 46.59
CA LEU C 265 -29.02 -7.35 46.71
C LEU C 265 -27.68 -7.98 47.07
N LEU C 266 -27.69 -8.95 47.98
CA LEU C 266 -26.44 -9.60 48.39
C LEU C 266 -25.80 -10.33 47.22
N ASP C 267 -26.60 -11.06 46.45
CA ASP C 267 -26.06 -11.78 45.30
C ASP C 267 -25.50 -10.82 44.26
N ILE C 268 -26.24 -9.73 44.00
CA ILE C 268 -25.80 -8.76 43.00
C ILE C 268 -24.48 -8.13 43.44
N TYR C 269 -24.37 -7.76 44.72
CA TYR C 269 -23.14 -7.17 45.21
C TYR C 269 -21.98 -8.15 45.13
N ARG C 270 -22.23 -9.41 45.53
CA ARG C 270 -21.17 -10.41 45.48
C ARG C 270 -20.66 -10.59 44.06
N LYS C 271 -21.58 -10.70 43.10
CA LYS C 271 -21.20 -10.93 41.71
C LYS C 271 -20.47 -9.72 41.12
N LEU C 272 -21.06 -8.52 41.27
CA LEU C 272 -20.47 -7.34 40.65
C LEU C 272 -19.14 -6.97 41.30
N ARG C 273 -19.06 -7.07 42.63
CA ARG C 273 -17.87 -6.69 43.38
C ARG C 273 -17.48 -7.82 44.32
N PRO C 274 -17.03 -8.95 43.77
CA PRO C 274 -16.66 -10.09 44.63
C PRO C 274 -15.47 -9.82 45.53
N GLY C 275 -14.64 -8.84 45.18
CA GLY C 275 -13.43 -8.61 45.97
C GLY C 275 -13.73 -8.22 47.41
N GLU C 276 -14.30 -7.01 47.60
CA GLU C 276 -14.54 -6.55 48.95
C GLU C 276 -15.75 -7.25 49.59
N PRO C 277 -15.77 -7.37 50.92
CA PRO C 277 -16.90 -8.07 51.56
C PRO C 277 -18.18 -7.29 51.39
N PRO C 278 -19.33 -7.97 51.28
CA PRO C 278 -20.61 -7.25 51.18
C PRO C 278 -20.91 -6.47 52.45
N THR C 279 -21.65 -5.38 52.27
CA THR C 279 -22.17 -4.59 53.38
C THR C 279 -23.58 -4.14 53.01
N LYS C 280 -24.26 -3.51 53.98
CA LYS C 280 -25.65 -3.12 53.79
C LYS C 280 -25.76 -1.82 53.02
N GLU C 281 -25.14 -0.75 53.53
CA GLU C 281 -25.25 0.55 52.87
C GLU C 281 -24.67 0.50 51.46
N SER C 282 -23.51 -0.14 51.31
CA SER C 282 -22.89 -0.23 49.98
C SER C 282 -23.77 -1.00 49.02
N ALA C 283 -24.37 -2.10 49.48
CA ALA C 283 -25.26 -2.88 48.63
C ALA C 283 -26.47 -2.05 48.23
N GLN C 284 -27.04 -1.30 49.18
CA GLN C 284 -28.22 -0.49 48.88
C GLN C 284 -27.90 0.61 47.88
N THR C 285 -26.72 1.23 48.00
CA THR C 285 -26.33 2.33 47.12
C THR C 285 -25.60 1.86 45.87
N LEU C 286 -25.43 0.55 45.68
CA LEU C 286 -24.69 0.03 44.54
C LEU C 286 -25.32 0.43 43.22
N LEU C 287 -26.56 -0.02 42.98
CA LEU C 287 -27.20 0.24 41.69
C LEU C 287 -27.53 1.71 41.52
N GLU C 288 -27.70 2.45 42.63
CA GLU C 288 -28.08 3.85 42.53
C GLU C 288 -27.00 4.65 41.80
N ASN C 289 -25.75 4.53 42.24
CA ASN C 289 -24.66 5.27 41.62
C ASN C 289 -24.25 4.65 40.29
N LEU C 290 -24.54 3.36 40.09
CA LEU C 290 -24.10 2.67 38.88
C LEU C 290 -24.75 3.28 37.63
N PHE C 291 -26.04 3.58 37.70
CA PHE C 291 -26.79 4.05 36.55
C PHE C 291 -27.51 5.36 36.77
N PHE C 292 -28.00 5.62 37.98
CA PHE C 292 -28.94 6.71 38.22
C PHE C 292 -28.29 7.99 38.73
N LYS C 293 -26.95 8.07 38.76
CA LYS C 293 -26.25 9.28 39.15
C LYS C 293 -25.48 9.81 37.95
N GLU C 294 -25.71 11.08 37.62
CA GLU C 294 -25.14 11.65 36.40
C GLU C 294 -23.62 11.72 36.45
N LYS C 295 -23.04 11.80 37.65
CA LYS C 295 -21.59 11.94 37.76
C LYS C 295 -20.85 10.69 37.29
N ARG C 296 -21.52 9.55 37.21
CA ARG C 296 -20.89 8.30 36.79
C ARG C 296 -21.59 7.60 35.64
N TYR C 297 -22.87 7.88 35.38
CA TYR C 297 -23.57 7.36 34.22
C TYR C 297 -24.34 8.51 33.59
N ASP C 298 -24.08 8.76 32.31
CA ASP C 298 -24.69 9.90 31.62
C ASP C 298 -24.95 9.54 30.17
N LEU C 299 -26.22 9.41 29.80
CA LEU C 299 -26.59 9.49 28.41
C LEU C 299 -26.42 10.92 27.93
N ALA C 300 -25.91 11.08 26.73
CA ALA C 300 -25.77 12.42 26.17
C ALA C 300 -27.17 13.05 26.01
N ARG C 301 -27.17 14.35 25.70
CA ARG C 301 -28.44 15.01 25.42
C ARG C 301 -29.20 14.28 24.33
N VAL C 302 -28.48 13.80 23.32
CA VAL C 302 -29.12 13.02 22.25
C VAL C 302 -29.59 11.67 22.79
N GLY C 303 -28.83 11.08 23.71
CA GLY C 303 -29.19 9.77 24.22
C GLY C 303 -30.53 9.77 24.94
N ARG C 304 -30.75 10.77 25.79
CA ARG C 304 -32.03 10.86 26.49
C ARG C 304 -33.17 11.01 25.52
N TYR C 305 -33.00 11.86 24.50
CA TYR C 305 -34.05 12.05 23.51
C TYR C 305 -34.35 10.76 22.74
N LYS C 306 -33.30 10.04 22.36
CA LYS C 306 -33.50 8.79 21.64
C LYS C 306 -34.20 7.76 22.50
N VAL C 307 -33.81 7.66 23.78
CA VAL C 307 -34.45 6.72 24.69
C VAL C 307 -35.92 7.07 24.87
N ASN C 308 -36.22 8.36 25.04
CA ASN C 308 -37.61 8.78 25.19
C ASN C 308 -38.41 8.45 23.94
N LYS C 309 -37.86 8.72 22.76
CA LYS C 309 -38.59 8.46 21.52
C LYS C 309 -38.83 6.96 21.34
N LYS C 310 -37.82 6.13 21.61
CA LYS C 310 -37.95 4.69 21.41
C LYS C 310 -39.02 4.11 22.32
N LEU C 311 -39.00 4.48 23.60
CA LEU C 311 -39.88 3.91 24.60
C LEU C 311 -41.11 4.77 24.90
N GLY C 312 -41.25 5.91 24.23
CA GLY C 312 -42.42 6.75 24.43
C GLY C 312 -42.56 7.29 25.83
N LEU C 313 -41.47 7.82 26.39
CA LEU C 313 -41.46 8.39 27.73
C LEU C 313 -41.25 9.89 27.66
N ASN C 314 -41.76 10.59 28.66
CA ASN C 314 -41.59 12.04 28.79
C ASN C 314 -41.96 12.75 27.48
N ALA C 315 -43.18 12.47 27.01
CA ALA C 315 -43.65 13.00 25.74
C ALA C 315 -44.12 14.44 25.94
N GLY C 316 -43.39 15.39 25.37
CA GLY C 316 -43.80 16.78 25.39
C GLY C 316 -43.33 17.56 26.60
N LYS C 317 -42.03 17.54 26.86
CA LYS C 317 -41.45 18.33 27.94
C LYS C 317 -39.96 18.51 27.67
N PRO C 318 -39.36 19.60 28.14
CA PRO C 318 -37.93 19.81 27.89
C PRO C 318 -37.07 18.75 28.56
N ILE C 319 -35.92 18.48 27.97
CA ILE C 319 -34.99 17.47 28.46
C ILE C 319 -33.84 18.21 29.15
N THR C 320 -33.74 18.03 30.47
CA THR C 320 -32.66 18.60 31.26
C THR C 320 -31.82 17.55 31.99
N SER C 321 -32.46 16.52 32.53
CA SER C 321 -31.75 15.41 33.14
C SER C 321 -31.58 14.30 32.12
N SER C 322 -30.33 13.87 31.91
CA SER C 322 -30.02 12.87 30.90
C SER C 322 -29.62 11.52 31.48
N THR C 323 -29.42 11.42 32.79
CA THR C 323 -29.04 10.15 33.39
C THR C 323 -30.20 9.17 33.35
N LEU C 324 -29.86 7.88 33.44
CA LEU C 324 -30.87 6.84 33.39
C LEU C 324 -31.80 6.93 34.59
N THR C 325 -32.99 6.35 34.45
CA THR C 325 -33.99 6.33 35.49
C THR C 325 -34.54 4.92 35.65
N GLU C 326 -35.07 4.64 36.85
CA GLU C 326 -35.60 3.31 37.13
C GLU C 326 -36.78 2.95 36.24
N GLU C 327 -37.55 3.94 35.80
CA GLU C 327 -38.70 3.65 34.95
C GLU C 327 -38.28 3.06 33.61
N ASP C 328 -37.22 3.59 33.02
CA ASP C 328 -36.82 3.16 31.68
C ASP C 328 -36.24 1.75 31.66
N VAL C 329 -35.68 1.27 32.78
CA VAL C 329 -35.19 -0.11 32.81
C VAL C 329 -36.34 -1.09 32.69
N VAL C 330 -37.39 -0.90 33.49
CA VAL C 330 -38.56 -1.77 33.39
C VAL C 330 -39.26 -1.56 32.05
N ALA C 331 -39.25 -0.33 31.53
CA ALA C 331 -39.81 -0.10 30.20
C ALA C 331 -39.06 -0.92 29.15
N THR C 332 -37.74 -0.96 29.23
CA THR C 332 -36.94 -1.74 28.28
C THR C 332 -37.22 -3.22 28.44
N ILE C 333 -37.36 -3.69 29.68
CA ILE C 333 -37.67 -5.10 29.90
C ILE C 333 -39.01 -5.45 29.28
N GLU C 334 -40.03 -4.61 29.50
CA GLU C 334 -41.34 -4.84 28.90
C GLU C 334 -41.26 -4.82 27.38
N TYR C 335 -40.50 -3.88 26.83
CA TYR C 335 -40.36 -3.79 25.38
C TYR C 335 -39.74 -5.06 24.81
N LEU C 336 -38.67 -5.55 25.44
CA LEU C 336 -38.03 -6.77 24.98
C LEU C 336 -38.98 -7.95 25.06
N VAL C 337 -39.70 -8.08 26.18
CA VAL C 337 -40.60 -9.21 26.37
C VAL C 337 -41.70 -9.18 25.31
N ARG C 338 -42.30 -8.00 25.10
CA ARG C 338 -43.37 -7.89 24.11
C ARG C 338 -42.84 -8.17 22.70
N LEU C 339 -41.65 -7.66 22.38
CA LEU C 339 -41.09 -7.89 21.05
C LEU C 339 -40.84 -9.38 20.81
N HIS C 340 -40.32 -10.08 21.82
CA HIS C 340 -40.11 -11.52 21.66
C HIS C 340 -41.43 -12.24 21.46
N GLU C 341 -42.47 -11.85 22.20
CA GLU C 341 -43.76 -12.50 22.07
C GLU C 341 -44.31 -12.34 20.66
N GLY C 342 -44.22 -11.13 20.10
CA GLY C 342 -44.67 -10.88 18.75
C GLY C 342 -45.64 -9.73 18.62
N GLN C 343 -45.79 -8.95 19.69
CA GLN C 343 -46.69 -7.80 19.66
C GLN C 343 -46.11 -6.71 18.77
N THR C 344 -47.01 -6.01 18.07
CA THR C 344 -46.60 -4.93 17.17
C THR C 344 -46.49 -3.60 17.88
N SER C 345 -47.51 -3.22 18.64
CA SER C 345 -47.53 -1.98 19.39
C SER C 345 -47.32 -2.25 20.87
N MET C 346 -47.08 -1.17 21.62
CA MET C 346 -46.85 -1.27 23.06
C MET C 346 -46.92 0.12 23.66
N THR C 347 -47.49 0.22 24.85
CA THR C 347 -47.56 1.48 25.59
C THR C 347 -47.34 1.19 27.07
N VAL C 348 -46.31 1.81 27.64
CA VAL C 348 -46.03 1.67 29.07
C VAL C 348 -46.95 2.61 29.83
N PRO C 349 -47.26 2.34 31.10
CA PRO C 349 -48.11 3.26 31.85
C PRO C 349 -47.50 4.66 31.93
N GLY C 350 -48.35 5.67 31.78
CA GLY C 350 -47.88 7.04 31.79
C GLY C 350 -47.14 7.45 30.53
N GLY C 351 -47.21 6.65 29.46
CA GLY C 351 -46.50 6.97 28.24
C GLY C 351 -47.40 6.79 27.04
N VAL C 352 -46.96 7.38 25.92
CA VAL C 352 -47.71 7.34 24.67
C VAL C 352 -47.46 6.01 23.96
N GLU C 353 -48.30 5.70 22.97
CA GLU C 353 -48.19 4.45 22.23
C GLU C 353 -47.02 4.53 21.25
N VAL C 354 -46.20 3.49 21.23
CA VAL C 354 -45.06 3.41 20.32
C VAL C 354 -45.03 2.02 19.69
N PRO C 355 -44.48 1.86 18.49
CA PRO C 355 -44.41 0.54 17.87
C PRO C 355 -43.29 -0.31 18.45
N VAL C 356 -43.37 -1.61 18.18
CA VAL C 356 -42.38 -2.59 18.64
C VAL C 356 -41.68 -3.16 17.41
N GLU C 357 -40.38 -2.94 17.30
CA GLU C 357 -39.61 -3.39 16.15
C GLU C 357 -38.13 -3.40 16.51
N VAL C 358 -37.36 -4.17 15.73
CA VAL C 358 -35.92 -4.19 15.92
C VAL C 358 -35.29 -2.97 15.26
N ASP C 359 -34.01 -2.74 15.57
CA ASP C 359 -33.29 -1.56 15.12
C ASP C 359 -32.12 -1.99 14.24
N ASP C 360 -32.03 -1.41 13.04
CA ASP C 360 -30.85 -1.55 12.20
C ASP C 360 -29.94 -0.35 12.46
N ILE C 361 -28.73 -0.60 12.95
CA ILE C 361 -27.86 0.46 13.43
C ILE C 361 -27.22 1.26 12.30
N ASP C 362 -27.31 0.81 11.06
CA ASP C 362 -26.78 1.58 9.94
C ASP C 362 -27.72 2.69 9.49
N HIS C 363 -28.97 2.67 9.94
CA HIS C 363 -29.92 3.72 9.60
C HIS C 363 -29.46 5.04 10.19
N PHE C 364 -29.49 6.11 9.38
CA PHE C 364 -29.07 7.42 9.88
C PHE C 364 -29.97 7.97 10.97
N GLY C 365 -31.15 7.39 11.17
CA GLY C 365 -31.89 7.69 12.39
C GLY C 365 -31.20 7.23 13.64
N ASN C 366 -30.24 6.33 13.51
CA ASN C 366 -29.41 5.85 14.61
C ASN C 366 -28.01 6.42 14.57
N ARG C 367 -27.39 6.48 13.38
CA ARG C 367 -26.07 7.06 13.22
C ARG C 367 -26.18 8.58 13.25
N ARG C 368 -25.39 9.21 14.12
CA ARG C 368 -25.34 10.66 14.23
C ARG C 368 -23.96 11.15 13.84
N LEU C 369 -23.84 12.48 13.77
CA LEU C 369 -22.65 13.14 13.24
C LEU C 369 -22.06 14.05 14.30
N ARG C 370 -20.81 13.77 14.69
CA ARG C 370 -20.04 14.67 15.54
C ARG C 370 -19.39 15.73 14.65
N THR C 371 -19.82 16.97 14.80
CA THR C 371 -19.20 18.06 14.06
C THR C 371 -17.93 18.53 14.79
N VAL C 372 -17.25 19.50 14.19
CA VAL C 372 -16.01 20.02 14.78
C VAL C 372 -16.27 20.56 16.18
N GLY C 373 -17.42 21.22 16.37
CA GLY C 373 -17.73 21.77 17.68
C GLY C 373 -17.78 20.72 18.76
N GLU C 374 -18.47 19.60 18.49
CA GLU C 374 -18.57 18.54 19.48
C GLU C 374 -17.22 17.88 19.73
N LEU C 375 -16.44 17.70 18.67
CA LEU C 375 -15.11 17.11 18.85
C LEU C 375 -14.23 17.97 19.74
N ILE C 376 -14.29 19.29 19.55
CA ILE C 376 -13.53 20.18 20.42
C ILE C 376 -14.11 20.19 21.84
N GLN C 377 -15.43 20.08 21.94
CA GLN C 377 -16.09 20.08 23.25
C GLN C 377 -15.65 18.88 24.08
N ASN C 378 -15.51 17.72 23.45
CA ASN C 378 -15.08 16.53 24.19
C ASN C 378 -13.70 16.74 24.80
N GLN C 379 -12.77 17.30 24.01
CA GLN C 379 -11.43 17.54 24.53
C GLN C 379 -11.43 18.62 25.61
N ILE C 380 -12.28 19.65 25.46
CA ILE C 380 -12.41 20.64 26.51
C ILE C 380 -12.90 19.98 27.79
N ARG C 381 -13.86 19.06 27.66
CA ARG C 381 -14.38 18.36 28.82
C ARG C 381 -13.28 17.55 29.51
N VAL C 382 -12.46 16.85 28.73
CA VAL C 382 -11.37 16.05 29.32
C VAL C 382 -10.38 16.97 30.03
N GLY C 383 -10.01 18.06 29.39
CA GLY C 383 -9.08 19.00 30.01
C GLY C 383 -9.63 19.59 31.29
N LEU C 384 -10.92 19.94 31.29
CA LEU C 384 -11.52 20.50 32.50
C LEU C 384 -11.64 19.45 33.59
N SER C 385 -11.83 18.17 33.21
CA SER C 385 -11.83 17.11 34.21
C SER C 385 -10.47 17.00 34.89
N ARG C 386 -9.39 17.04 34.10
CA ARG C 386 -8.06 17.00 34.69
C ARG C 386 -7.81 18.23 35.57
N MET C 387 -8.24 19.40 35.09
CA MET C 387 -8.11 20.62 35.89
C MET C 387 -8.87 20.50 37.20
N GLU C 388 -10.07 19.93 37.16
CA GLU C 388 -10.87 19.76 38.37
C GLU C 388 -10.20 18.80 39.33
N ARG C 389 -9.59 17.74 38.82
CA ARG C 389 -8.83 16.84 39.68
C ARG C 389 -7.69 17.58 40.37
N VAL C 390 -6.96 18.42 39.62
CA VAL C 390 -5.88 19.18 40.24
C VAL C 390 -6.44 20.15 41.28
N VAL C 391 -7.58 20.76 41.00
CA VAL C 391 -8.20 21.67 41.95
C VAL C 391 -8.57 20.94 43.22
N ARG C 392 -9.13 19.73 43.08
CA ARG C 392 -9.46 18.93 44.25
C ARG C 392 -8.21 18.61 45.06
N GLU C 393 -7.13 18.25 44.38
CA GLU C 393 -5.89 17.94 45.08
C GLU C 393 -5.39 19.15 45.86
N ARG C 394 -5.44 20.33 45.25
CA ARG C 394 -4.91 21.53 45.89
C ARG C 394 -5.87 22.17 46.90
N MET C 395 -7.15 21.79 46.88
CA MET C 395 -8.15 22.50 47.68
C MET C 395 -7.89 22.32 49.17
N THR C 396 -7.47 21.13 49.58
CA THR C 396 -7.32 20.78 50.99
C THR C 396 -5.85 20.70 51.39
N THR C 397 -5.04 21.64 50.91
CA THR C 397 -3.61 21.66 51.21
C THR C 397 -3.12 23.01 51.72
N GLN C 398 -3.92 24.06 51.64
CA GLN C 398 -3.52 25.39 52.08
C GLN C 398 -4.60 25.98 52.96
N ASP C 399 -4.36 27.20 53.43
CA ASP C 399 -5.30 27.85 54.33
C ASP C 399 -6.61 28.14 53.62
N VAL C 400 -7.70 28.21 54.41
CA VAL C 400 -9.03 28.42 53.85
C VAL C 400 -9.42 29.89 53.80
N GLU C 401 -8.60 30.79 54.34
CA GLU C 401 -8.90 32.21 54.35
C GLU C 401 -8.24 32.96 53.19
N ALA C 402 -6.92 32.86 53.07
CA ALA C 402 -6.18 33.52 51.99
C ALA C 402 -6.00 32.58 50.81
N ILE C 403 -7.11 32.05 50.29
CA ILE C 403 -7.12 31.15 49.14
C ILE C 403 -7.98 31.80 48.06
N THR C 404 -7.43 31.87 46.85
CA THR C 404 -8.07 32.53 45.72
C THR C 404 -8.08 31.58 44.53
N PRO C 405 -9.02 31.76 43.59
CA PRO C 405 -9.05 30.86 42.43
C PRO C 405 -7.73 30.73 41.70
N GLN C 406 -6.97 31.81 41.59
CA GLN C 406 -5.72 31.76 40.83
C GLN C 406 -4.76 30.73 41.41
N THR C 407 -4.68 30.63 42.73
CA THR C 407 -3.70 29.76 43.36
C THR C 407 -3.96 28.29 43.00
N LEU C 408 -5.23 27.87 43.06
CA LEU C 408 -5.58 26.46 42.90
C LEU C 408 -6.17 26.13 41.53
N ILE C 409 -6.08 27.05 40.57
CA ILE C 409 -6.56 26.82 39.21
C ILE C 409 -5.35 26.75 38.29
N ASN C 410 -5.13 25.58 37.70
CA ASN C 410 -4.03 25.35 36.76
C ASN C 410 -4.62 25.16 35.37
N ILE C 411 -4.34 26.10 34.46
CA ILE C 411 -4.93 26.07 33.13
C ILE C 411 -4.12 25.21 32.16
N ARG C 412 -3.00 24.65 32.59
CA ARG C 412 -2.16 23.85 31.69
C ARG C 412 -2.90 22.66 31.09
N PRO C 413 -3.62 21.84 31.86
CA PRO C 413 -4.24 20.65 31.26
C PRO C 413 -5.18 20.93 30.10
N VAL C 414 -6.00 21.98 30.19
CA VAL C 414 -6.98 22.23 29.14
C VAL C 414 -6.29 22.67 27.85
N VAL C 415 -5.32 23.58 27.96
CA VAL C 415 -4.59 24.02 26.77
C VAL C 415 -3.80 22.86 26.19
N ALA C 416 -3.24 22.00 27.06
CA ALA C 416 -2.50 20.85 26.58
C ALA C 416 -3.41 19.90 25.80
N ALA C 417 -4.62 19.66 26.30
CA ALA C 417 -5.56 18.80 25.59
C ALA C 417 -5.96 19.42 24.25
N ILE C 418 -6.22 20.73 24.23
CA ILE C 418 -6.59 21.39 22.99
C ILE C 418 -5.47 21.26 21.97
N LYS C 419 -4.23 21.51 22.39
CA LYS C 419 -3.10 21.40 21.48
C LYS C 419 -2.90 19.98 21.00
N GLU C 420 -3.08 19.00 21.89
CA GLU C 420 -2.91 17.60 21.51
C GLU C 420 -3.92 17.20 20.46
N PHE C 421 -5.18 17.59 20.64
CA PHE C 421 -6.23 17.18 19.70
C PHE C 421 -5.93 17.70 18.30
N PHE C 422 -5.61 19.00 18.19
CA PHE C 422 -5.40 19.58 16.87
C PHE C 422 -4.18 18.99 16.19
N GLY C 423 -3.11 18.73 16.94
CA GLY C 423 -1.88 18.26 16.37
C GLY C 423 -1.73 16.75 16.27
N THR C 424 -2.58 16.02 16.97
CA THR C 424 -2.47 14.56 17.04
C THR C 424 -3.72 13.81 16.60
N SER C 425 -4.91 14.38 16.76
CA SER C 425 -6.13 13.68 16.42
C SER C 425 -6.15 13.31 14.94
N GLN C 426 -6.64 12.10 14.64
CA GLN C 426 -6.77 11.69 13.25
C GLN C 426 -7.84 12.49 12.53
N LEU C 427 -8.83 13.02 13.26
CA LEU C 427 -9.89 13.80 12.63
C LEU C 427 -9.37 15.14 12.14
N SER C 428 -8.52 15.80 12.93
CA SER C 428 -7.87 17.04 12.50
C SER C 428 -6.84 16.67 11.43
N GLN C 429 -7.08 17.11 10.20
CA GLN C 429 -6.32 16.64 9.06
C GLN C 429 -5.70 17.81 8.31
N PHE C 430 -4.58 17.51 7.66
CA PHE C 430 -3.85 18.48 6.85
C PHE C 430 -4.67 18.80 5.59
N MET C 431 -5.02 20.07 5.40
CA MET C 431 -5.94 20.45 4.36
C MET C 431 -5.40 20.08 2.98
N ASP C 432 -6.30 19.64 2.10
CA ASP C 432 -5.97 19.33 0.72
C ASP C 432 -6.16 20.58 -0.12
N GLN C 433 -5.05 21.16 -0.59
CA GLN C 433 -5.07 22.42 -1.33
C GLN C 433 -4.58 22.26 -2.76
N ASN C 434 -4.87 21.12 -3.39
CA ASN C 434 -4.57 20.98 -4.81
C ASN C 434 -5.33 22.01 -5.63
N ASN C 435 -6.60 22.21 -5.31
CA ASN C 435 -7.43 23.17 -6.03
C ASN C 435 -8.63 23.50 -5.14
N PRO C 436 -9.39 24.55 -5.47
CA PRO C 436 -10.51 24.92 -4.60
C PRO C 436 -11.50 23.80 -4.37
N LEU C 437 -11.77 22.98 -5.39
CA LEU C 437 -12.72 21.88 -5.21
C LEU C 437 -12.23 20.90 -4.17
N SER C 438 -10.92 20.61 -4.16
CA SER C 438 -10.38 19.67 -3.19
C SER C 438 -10.60 20.16 -1.76
N GLY C 439 -10.30 21.43 -1.51
CA GLY C 439 -10.52 21.98 -0.19
C GLY C 439 -12.00 22.01 0.19
N LEU C 440 -12.85 22.38 -0.78
CA LEU C 440 -14.28 22.40 -0.49
C LEU C 440 -14.81 21.03 -0.13
N THR C 441 -14.40 20.01 -0.87
CA THR C 441 -14.85 18.64 -0.59
C THR C 441 -14.26 18.12 0.72
N HIS C 442 -13.05 18.55 1.08
CA HIS C 442 -12.46 18.12 2.34
C HIS C 442 -13.31 18.58 3.53
N LYS C 443 -13.80 19.82 3.48
CA LYS C 443 -14.56 20.37 4.59
C LYS C 443 -15.94 19.73 4.73
N ARG C 444 -16.44 19.08 3.68
CA ARG C 444 -17.73 18.41 3.72
C ARG C 444 -17.58 16.89 3.80
N ARG C 445 -16.51 16.41 4.41
CA ARG C 445 -16.20 14.99 4.48
C ARG C 445 -16.77 14.39 5.76
N LEU C 446 -17.46 13.26 5.62
CA LEU C 446 -17.99 12.50 6.74
C LEU C 446 -17.18 11.21 6.88
N SER C 447 -16.54 11.03 8.03
CA SER C 447 -15.63 9.91 8.26
C SER C 447 -16.21 9.01 9.34
N ALA C 448 -16.10 7.70 9.13
CA ALA C 448 -16.51 6.72 10.13
C ALA C 448 -15.37 6.27 11.03
N LEU C 449 -14.14 6.70 10.75
CA LEU C 449 -12.99 6.31 11.54
C LEU C 449 -12.73 7.34 12.64
N GLY C 450 -11.58 7.23 13.29
CA GLY C 450 -11.22 8.11 14.38
C GLY C 450 -11.66 7.55 15.72
N PRO C 451 -11.28 8.22 16.81
CA PRO C 451 -11.65 7.73 18.13
C PRO C 451 -13.16 7.60 18.28
N GLY C 452 -13.60 6.49 18.86
CA GLY C 452 -15.01 6.20 19.00
C GLY C 452 -15.67 5.71 17.74
N GLY C 453 -14.92 5.51 16.65
CA GLY C 453 -15.46 5.06 15.39
C GLY C 453 -15.03 3.65 15.05
N LEU C 454 -15.06 3.35 13.75
CA LEU C 454 -14.71 2.03 13.27
C LEU C 454 -13.21 1.91 13.08
N SER C 455 -12.76 0.67 12.87
CA SER C 455 -11.37 0.36 12.53
C SER C 455 -11.34 -0.26 11.15
N ARG C 456 -10.35 0.13 10.34
CA ARG C 456 -10.28 -0.36 8.96
C ARG C 456 -10.14 -1.88 8.91
N GLU C 457 -9.54 -2.48 9.93
CA GLU C 457 -9.38 -3.93 9.97
C GLU C 457 -10.60 -4.64 10.56
N ARG C 458 -11.56 -3.91 11.10
CA ARG C 458 -12.72 -4.49 11.77
C ARG C 458 -14.02 -3.91 11.22
N ALA C 459 -14.10 -3.77 9.89
CA ALA C 459 -15.28 -3.22 9.22
C ALA C 459 -15.69 -4.20 8.12
N GLY C 460 -16.86 -4.79 8.27
CA GLY C 460 -17.35 -5.75 7.30
C GLY C 460 -18.07 -5.09 6.13
N LEU C 461 -18.70 -5.93 5.32
CA LEU C 461 -19.41 -5.45 4.15
C LEU C 461 -20.63 -4.60 4.54
N GLU C 462 -21.33 -4.97 5.62
CA GLU C 462 -22.60 -4.34 5.93
C GLU C 462 -22.44 -2.84 6.18
N VAL C 463 -21.42 -2.45 6.93
CA VAL C 463 -21.28 -1.04 7.31
C VAL C 463 -20.96 -0.18 6.09
N ARG C 464 -20.18 -0.68 5.16
CA ARG C 464 -19.73 0.12 4.02
C ARG C 464 -20.68 0.10 2.84
N ASP C 465 -21.79 -0.62 2.92
CA ASP C 465 -22.74 -0.67 1.81
C ASP C 465 -23.72 0.50 1.91
N VAL C 466 -24.31 0.84 0.76
CA VAL C 466 -25.22 1.99 0.68
C VAL C 466 -26.55 1.60 1.31
N HIS C 467 -27.09 2.50 2.15
CA HIS C 467 -28.35 2.30 2.84
C HIS C 467 -29.40 3.27 2.30
N PRO C 468 -30.67 2.84 2.20
CA PRO C 468 -31.69 3.75 1.62
C PRO C 468 -31.79 5.09 2.31
N SER C 469 -31.56 5.15 3.62
CA SER C 469 -31.66 6.42 4.33
C SER C 469 -30.63 7.44 3.87
N HIS C 470 -29.58 7.00 3.18
CA HIS C 470 -28.55 7.94 2.73
C HIS C 470 -29.12 8.97 1.77
N TYR C 471 -30.21 8.65 1.09
CA TYR C 471 -30.75 9.53 0.04
C TYR C 471 -30.91 10.95 0.55
N GLY C 472 -30.18 11.88 -0.07
CA GLY C 472 -30.24 13.28 0.28
C GLY C 472 -29.36 13.70 1.44
N ARG C 473 -28.68 12.76 2.08
CA ARG C 473 -27.82 13.05 3.23
C ARG C 473 -26.36 12.69 2.95
N MET C 474 -26.11 11.47 2.49
CA MET C 474 -24.76 11.00 2.17
C MET C 474 -24.74 10.59 0.71
N CYS C 475 -23.79 11.14 -0.04
CA CYS C 475 -23.73 10.85 -1.48
C CYS C 475 -23.28 9.41 -1.69
N PRO C 476 -24.00 8.63 -2.52
CA PRO C 476 -23.60 7.24 -2.75
C PRO C 476 -22.42 7.07 -3.69
N ILE C 477 -22.04 8.11 -4.43
CA ILE C 477 -20.99 8.00 -5.44
C ILE C 477 -19.64 8.37 -4.83
N GLU C 478 -19.54 9.58 -4.31
CA GLU C 478 -18.26 10.09 -3.80
C GLU C 478 -17.82 9.26 -2.60
N THR C 479 -16.73 8.51 -2.75
CA THR C 479 -16.17 7.71 -1.66
C THR C 479 -14.84 7.13 -2.10
N PRO C 480 -13.91 6.85 -1.18
CA PRO C 480 -12.59 6.36 -1.59
C PRO C 480 -12.70 5.03 -2.33
N GLU C 481 -11.75 4.81 -3.24
CA GLU C 481 -11.73 3.60 -4.05
C GLU C 481 -10.99 2.46 -3.35
N GLY C 482 -10.02 2.78 -2.50
CA GLY C 482 -9.17 1.77 -1.90
C GLY C 482 -9.85 1.06 -0.73
N PRO C 483 -9.06 0.66 0.27
CA PRO C 483 -9.65 -0.07 1.40
C PRO C 483 -10.64 0.74 2.20
N ASN C 484 -10.62 2.07 2.09
CA ASN C 484 -11.58 2.92 2.79
C ASN C 484 -12.92 3.01 2.07
N ILE C 485 -13.18 2.14 1.10
CA ILE C 485 -14.42 2.17 0.34
C ILE C 485 -15.60 2.08 1.30
N GLY C 486 -16.47 3.08 1.27
CA GLY C 486 -17.68 3.09 2.06
C GLY C 486 -17.55 3.61 3.47
N LEU C 487 -16.32 3.77 3.98
CA LEU C 487 -16.13 4.32 5.32
C LEU C 487 -16.03 5.84 5.33
N ILE C 488 -15.68 6.45 4.20
CA ILE C 488 -15.56 7.90 4.09
C ILE C 488 -16.47 8.36 2.96
N GLY C 489 -17.31 9.36 3.25
CA GLY C 489 -18.22 9.90 2.26
C GLY C 489 -18.24 11.41 2.26
N SER C 490 -19.21 12.00 1.56
CA SER C 490 -19.34 13.44 1.46
C SER C 490 -20.78 13.85 1.72
N LEU C 491 -20.95 15.02 2.33
CA LEU C 491 -22.28 15.55 2.57
C LEU C 491 -22.94 15.97 1.27
N SER C 492 -24.26 15.76 1.18
CA SER C 492 -25.00 16.13 -0.02
C SER C 492 -25.15 17.64 -0.09
N VAL C 493 -25.65 18.11 -1.24
CA VAL C 493 -25.72 19.55 -1.51
C VAL C 493 -26.67 20.23 -0.53
N TYR C 494 -27.87 19.67 -0.34
CA TYR C 494 -28.91 20.30 0.46
C TYR C 494 -28.94 19.80 1.89
N ALA C 495 -28.09 18.85 2.26
CA ALA C 495 -28.17 18.25 3.58
C ALA C 495 -27.80 19.27 4.66
N ARG C 496 -28.48 19.16 5.82
CA ARG C 496 -28.25 20.01 6.96
C ARG C 496 -28.16 19.14 8.21
N VAL C 497 -27.44 19.64 9.22
CA VAL C 497 -27.16 18.87 10.43
C VAL C 497 -28.05 19.36 11.56
N ASN C 498 -28.80 18.43 12.13
CA ASN C 498 -29.64 18.72 13.28
C ASN C 498 -28.75 18.96 14.50
N PRO C 499 -29.14 19.82 15.45
CA PRO C 499 -28.26 20.02 16.62
C PRO C 499 -27.97 18.75 17.39
N PHE C 500 -28.87 17.76 17.37
CA PHE C 500 -28.55 16.47 17.95
C PHE C 500 -27.49 15.71 17.15
N GLY C 501 -27.16 16.17 15.95
CA GLY C 501 -26.18 15.53 15.11
C GLY C 501 -26.72 14.71 13.98
N PHE C 502 -28.04 14.63 13.82
CA PHE C 502 -28.65 13.90 12.72
C PHE C 502 -28.76 14.80 11.49
N ILE C 503 -28.65 14.19 10.32
CA ILE C 503 -28.63 14.93 9.07
C ILE C 503 -30.06 15.03 8.54
N GLU C 504 -30.52 16.27 8.32
CA GLU C 504 -31.84 16.53 7.77
C GLU C 504 -31.73 16.96 6.32
N THR C 505 -32.77 16.67 5.56
CA THR C 505 -32.83 17.06 4.16
C THR C 505 -34.17 17.73 3.87
N PRO C 506 -34.21 18.69 2.96
CA PRO C 506 -35.47 19.41 2.71
C PRO C 506 -36.37 18.67 1.73
N TYR C 507 -37.68 18.86 1.94
CA TYR C 507 -38.70 18.33 1.06
C TYR C 507 -39.82 19.34 0.92
N ARG C 508 -40.54 19.24 -0.19
CA ARG C 508 -41.66 20.13 -0.47
C ARG C 508 -42.95 19.47 0.02
N LYS C 509 -43.69 20.18 0.87
CA LYS C 509 -44.97 19.69 1.34
C LYS C 509 -45.97 19.68 0.19
N VAL C 510 -46.62 18.53 -0.02
CA VAL C 510 -47.64 18.37 -1.05
C VAL C 510 -48.88 17.80 -0.39
N GLU C 511 -50.03 18.44 -0.62
CA GLU C 511 -51.30 18.03 -0.05
C GLU C 511 -52.36 18.01 -1.14
N ASN C 512 -53.21 16.99 -1.12
CA ASN C 512 -54.27 16.83 -2.10
C ASN C 512 -53.71 16.82 -3.52
N GLY C 513 -52.53 16.22 -3.70
CA GLY C 513 -51.91 16.12 -5.00
C GLY C 513 -51.57 17.46 -5.63
N VAL C 514 -51.22 18.46 -4.81
CA VAL C 514 -50.82 19.78 -5.29
C VAL C 514 -49.55 20.17 -4.55
N VAL C 515 -48.47 20.43 -5.30
CA VAL C 515 -47.20 20.80 -4.69
C VAL C 515 -47.30 22.22 -4.13
N THR C 516 -46.94 22.37 -2.87
CA THR C 516 -47.05 23.64 -2.16
C THR C 516 -45.66 24.22 -1.91
N ASP C 517 -45.61 25.54 -1.74
CA ASP C 517 -44.35 26.25 -1.57
C ASP C 517 -43.68 25.99 -0.23
N GLN C 518 -44.38 25.37 0.72
CA GLN C 518 -43.81 25.12 2.03
C GLN C 518 -42.73 24.04 1.93
N ILE C 519 -41.63 24.26 2.65
CA ILE C 519 -40.49 23.35 2.64
C ILE C 519 -40.19 22.96 4.08
N ASP C 520 -40.01 21.66 4.32
CA ASP C 520 -39.73 21.13 5.65
C ASP C 520 -38.48 20.26 5.61
N TYR C 521 -37.63 20.41 6.62
CA TYR C 521 -36.44 19.59 6.75
C TYR C 521 -36.77 18.37 7.59
N LEU C 522 -36.57 17.18 7.02
CA LEU C 522 -36.92 15.93 7.66
C LEU C 522 -35.69 15.08 7.91
N THR C 523 -35.76 14.26 8.95
CA THR C 523 -34.74 13.27 9.27
C THR C 523 -35.14 11.91 8.71
N ALA C 524 -34.17 11.00 8.66
CA ALA C 524 -34.41 9.69 8.05
C ALA C 524 -35.59 8.98 8.71
N ASP C 525 -35.56 8.87 10.04
CA ASP C 525 -36.67 8.23 10.74
C ASP C 525 -37.96 9.02 10.56
N GLU C 526 -37.87 10.33 10.40
CA GLU C 526 -39.07 11.13 10.19
C GLU C 526 -39.65 10.91 8.80
N GLU C 527 -38.79 10.82 7.78
CA GLU C 527 -39.29 10.60 6.43
C GLU C 527 -39.75 9.16 6.22
N ASP C 528 -39.29 8.24 7.06
CA ASP C 528 -39.72 6.84 6.93
C ASP C 528 -41.22 6.70 7.10
N ARG C 529 -41.88 7.68 7.70
CA ARG C 529 -43.32 7.64 7.93
C ARG C 529 -44.11 8.38 6.86
N HIS C 530 -43.46 8.78 5.77
CA HIS C 530 -44.09 9.56 4.71
C HIS C 530 -43.80 8.93 3.36
N VAL C 531 -44.54 9.37 2.34
CA VAL C 531 -44.37 8.93 0.97
C VAL C 531 -43.83 10.11 0.18
N VAL C 532 -42.62 9.95 -0.38
CA VAL C 532 -41.89 11.03 -1.03
C VAL C 532 -41.85 10.75 -2.52
N ALA C 533 -42.21 11.74 -3.32
CA ALA C 533 -42.20 11.64 -4.77
C ALA C 533 -40.97 12.33 -5.34
N GLN C 534 -40.46 11.78 -6.44
CA GLN C 534 -39.26 12.33 -7.07
C GLN C 534 -39.57 13.70 -7.68
N ALA C 535 -38.54 14.55 -7.72
CA ALA C 535 -38.71 15.91 -8.23
C ALA C 535 -39.09 15.90 -9.70
N ASN C 536 -38.48 15.02 -10.49
CA ASN C 536 -38.71 14.98 -11.94
C ASN C 536 -40.02 14.23 -12.20
N SER C 537 -41.13 14.87 -11.85
CA SER C 537 -42.46 14.37 -12.13
C SER C 537 -43.29 15.48 -12.73
N PRO C 538 -44.06 15.20 -13.79
CA PRO C 538 -44.77 16.27 -14.49
C PRO C 538 -45.76 16.98 -13.57
N THR C 539 -45.82 18.31 -13.69
CA THR C 539 -46.70 19.12 -12.87
C THR C 539 -47.23 20.28 -13.71
N ASP C 540 -48.49 20.64 -13.48
CA ASP C 540 -49.10 21.75 -14.19
C ASP C 540 -48.69 23.08 -13.56
N GLU C 541 -49.01 24.17 -14.25
CA GLU C 541 -48.70 25.50 -13.73
C GLU C 541 -49.33 25.71 -12.36
N ASN C 542 -50.54 25.19 -12.15
CA ASN C 542 -51.18 25.32 -10.85
C ASN C 542 -50.40 24.59 -9.77
N GLY C 543 -49.89 23.40 -10.08
CA GLY C 543 -49.16 22.61 -9.11
C GLY C 543 -49.68 21.18 -9.03
N ARG C 544 -50.89 20.96 -9.53
CA ARG C 544 -51.48 19.63 -9.50
C ARG C 544 -50.71 18.68 -10.43
N PHE C 545 -50.52 17.45 -9.98
CA PHE C 545 -49.82 16.46 -10.79
C PHE C 545 -50.56 16.21 -12.10
N THR C 546 -49.82 16.23 -13.20
CA THR C 546 -50.43 15.96 -14.50
C THR C 546 -50.73 14.48 -14.68
N GLU C 547 -49.81 13.60 -14.27
CA GLU C 547 -49.99 12.17 -14.44
C GLU C 547 -50.96 11.62 -13.40
N ASP C 548 -51.45 10.41 -13.66
CA ASP C 548 -52.34 9.74 -12.72
C ASP C 548 -51.58 8.96 -11.65
N ARG C 549 -50.38 8.50 -11.96
CA ARG C 549 -49.55 7.77 -11.01
C ARG C 549 -48.17 8.39 -10.95
N VAL C 550 -47.57 8.39 -9.76
CA VAL C 550 -46.29 9.03 -9.51
C VAL C 550 -45.34 8.01 -8.90
N MET C 551 -44.05 8.21 -9.17
CA MET C 551 -43.00 7.37 -8.63
C MET C 551 -42.60 7.88 -7.24
N VAL C 552 -42.56 6.99 -6.25
CA VAL C 552 -42.29 7.38 -4.88
C VAL C 552 -41.43 6.34 -4.17
N ARG C 553 -40.87 6.75 -3.03
CA ARG C 553 -40.12 5.89 -2.13
C ARG C 553 -40.95 5.65 -0.87
N LYS C 554 -40.99 4.40 -0.42
CA LYS C 554 -41.78 4.02 0.75
C LYS C 554 -40.87 3.87 1.98
N LYS C 555 -41.45 3.35 3.06
CA LYS C 555 -40.72 3.25 4.33
C LYS C 555 -39.40 2.53 4.17
N GLY C 556 -39.42 1.38 3.51
CA GLY C 556 -38.23 0.56 3.40
C GLY C 556 -37.28 1.03 2.32
N GLY C 557 -37.52 2.22 1.79
CA GLY C 557 -36.72 2.71 0.69
C GLY C 557 -37.06 2.04 -0.63
N GLU C 558 -38.21 1.36 -0.70
CA GLU C 558 -38.60 0.65 -1.90
C GLU C 558 -39.34 1.60 -2.85
N VAL C 559 -39.09 1.43 -4.13
CA VAL C 559 -39.59 2.32 -5.17
C VAL C 559 -40.90 1.76 -5.71
N GLU C 560 -41.91 2.63 -5.87
CA GLU C 560 -43.24 2.16 -6.24
C GLU C 560 -44.02 3.23 -6.98
N PHE C 561 -44.96 2.77 -7.81
CA PHE C 561 -45.98 3.63 -8.39
C PHE C 561 -47.15 3.77 -7.41
N VAL C 562 -47.58 5.01 -7.16
CA VAL C 562 -48.73 5.26 -6.30
C VAL C 562 -49.62 6.32 -6.91
N SER C 563 -50.87 6.36 -6.47
CA SER C 563 -51.79 7.40 -6.91
C SER C 563 -51.32 8.77 -6.45
N ALA C 564 -51.62 9.79 -7.25
CA ALA C 564 -51.15 11.13 -6.96
C ALA C 564 -51.64 11.66 -5.62
N ASP C 565 -52.74 11.10 -5.09
CA ASP C 565 -53.26 11.57 -3.81
C ASP C 565 -52.53 10.97 -2.62
N GLN C 566 -51.75 9.91 -2.81
CA GLN C 566 -51.06 9.26 -1.71
C GLN C 566 -49.76 9.95 -1.32
N VAL C 567 -49.23 10.82 -2.17
CA VAL C 567 -47.94 11.45 -1.91
C VAL C 567 -48.15 12.62 -0.96
N ASP C 568 -47.28 12.71 0.05
CA ASP C 568 -47.32 13.80 1.02
C ASP C 568 -46.03 14.61 1.07
N TYR C 569 -45.03 14.25 0.28
CA TYR C 569 -43.80 15.04 0.21
C TYR C 569 -43.16 14.84 -1.16
N MET C 570 -42.30 15.78 -1.54
CA MET C 570 -41.66 15.77 -2.84
C MET C 570 -40.21 16.23 -2.70
N ASP C 571 -39.35 15.71 -3.57
CA ASP C 571 -37.95 16.11 -3.59
C ASP C 571 -37.82 17.57 -3.96
N VAL C 572 -36.84 18.25 -3.36
CA VAL C 572 -36.63 19.66 -3.65
C VAL C 572 -36.08 19.85 -5.05
N SER C 573 -35.10 19.04 -5.45
CA SER C 573 -34.47 19.16 -6.76
C SER C 573 -34.06 17.79 -7.23
N PRO C 574 -33.87 17.60 -8.54
CA PRO C 574 -33.41 16.29 -9.03
C PRO C 574 -32.05 15.87 -8.51
N ARG C 575 -31.19 16.82 -8.16
CA ARG C 575 -29.83 16.53 -7.71
C ARG C 575 -29.71 16.53 -6.19
N GLN C 576 -30.79 16.18 -5.49
CA GLN C 576 -30.75 16.16 -4.03
C GLN C 576 -29.80 15.10 -3.50
N MET C 577 -29.58 14.03 -4.27
CA MET C 577 -28.81 12.90 -3.77
C MET C 577 -27.31 13.04 -3.99
N VAL C 578 -26.87 13.95 -4.86
CA VAL C 578 -25.46 14.02 -5.24
C VAL C 578 -24.75 15.05 -4.36
N SER C 579 -23.43 14.92 -4.28
CA SER C 579 -22.58 15.85 -3.54
C SER C 579 -22.13 16.98 -4.47
N VAL C 580 -21.22 17.82 -3.98
CA VAL C 580 -20.76 18.95 -4.77
C VAL C 580 -19.94 18.48 -5.97
N ALA C 581 -19.00 17.57 -5.74
CA ALA C 581 -18.15 17.09 -6.83
C ALA C 581 -18.97 16.28 -7.83
N THR C 582 -19.79 15.35 -7.33
CA THR C 582 -20.60 14.52 -8.23
C THR C 582 -21.55 15.38 -9.05
N ALA C 583 -21.93 16.55 -8.52
CA ALA C 583 -22.82 17.44 -9.24
C ALA C 583 -22.16 18.10 -10.44
N MET C 584 -20.84 17.99 -10.58
CA MET C 584 -20.11 18.61 -11.69
C MET C 584 -19.67 17.60 -12.74
N ILE C 585 -20.36 16.46 -12.84
CA ILE C 585 -20.11 15.50 -13.91
C ILE C 585 -21.28 15.61 -14.90
N PRO C 586 -21.10 16.22 -16.07
CA PRO C 586 -22.21 16.30 -17.02
C PRO C 586 -22.59 14.92 -17.53
N PHE C 587 -23.87 14.74 -17.82
CA PHE C 587 -24.40 13.45 -18.26
C PHE C 587 -24.09 12.36 -17.24
N LEU C 588 -24.23 12.67 -15.95
CA LEU C 588 -23.95 11.68 -14.91
C LEU C 588 -24.87 10.47 -15.05
N GLU C 589 -26.14 10.71 -15.37
CA GLU C 589 -27.10 9.60 -15.47
C GLU C 589 -26.73 8.60 -16.54
N HIS C 590 -25.88 8.97 -17.49
CA HIS C 590 -25.43 8.06 -18.54
C HIS C 590 -24.15 7.32 -18.19
N ASP C 591 -23.61 7.52 -16.99
CA ASP C 591 -22.36 6.91 -16.57
C ASP C 591 -22.61 5.90 -15.46
N ASP C 592 -21.87 4.80 -15.50
CA ASP C 592 -21.99 3.77 -14.47
C ASP C 592 -21.47 4.29 -13.13
N ALA C 593 -21.90 3.65 -12.05
CA ALA C 593 -21.56 4.12 -10.72
C ALA C 593 -20.05 4.11 -10.47
N ASN C 594 -19.37 3.04 -10.92
CA ASN C 594 -17.95 2.94 -10.68
C ASN C 594 -17.18 4.07 -11.37
N ARG C 595 -17.49 4.30 -12.65
CA ARG C 595 -16.79 5.34 -13.39
C ARG C 595 -17.14 6.73 -12.86
N ALA C 596 -18.39 6.93 -12.44
CA ALA C 596 -18.76 8.21 -11.84
C ALA C 596 -17.98 8.46 -10.56
N LEU C 597 -17.84 7.41 -9.74
CA LEU C 597 -17.04 7.53 -8.52
C LEU C 597 -15.59 7.88 -8.85
N MET C 598 -15.02 7.19 -9.85
CA MET C 598 -13.64 7.46 -10.23
C MET C 598 -13.47 8.89 -10.71
N GLY C 599 -14.41 9.38 -11.52
CA GLY C 599 -14.32 10.74 -12.00
C GLY C 599 -14.46 11.77 -10.90
N ALA C 600 -15.39 11.53 -9.97
CA ALA C 600 -15.56 12.44 -8.84
C ALA C 600 -14.29 12.50 -8.00
N ASN C 601 -13.68 11.34 -7.76
CA ASN C 601 -12.42 11.32 -7.01
C ASN C 601 -11.31 12.04 -7.77
N MET C 602 -11.26 11.86 -9.09
CA MET C 602 -10.20 12.47 -9.89
C MET C 602 -10.34 13.99 -9.93
N GLN C 603 -11.57 14.50 -9.89
CA GLN C 603 -11.76 15.94 -9.96
C GLN C 603 -10.99 16.67 -8.86
N ARG C 604 -10.78 16.01 -7.72
CA ARG C 604 -10.11 16.63 -6.58
C ARG C 604 -8.58 16.58 -6.68
N GLN C 605 -8.04 15.95 -7.71
CA GLN C 605 -6.60 15.86 -7.88
C GLN C 605 -6.06 16.78 -8.97
N ALA C 606 -6.93 17.51 -9.67
CA ALA C 606 -6.48 18.40 -10.73
C ALA C 606 -5.55 19.47 -10.17
N VAL C 607 -4.43 19.68 -10.85
CA VAL C 607 -3.46 20.71 -10.45
C VAL C 607 -3.78 21.99 -11.20
N PRO C 608 -3.58 23.17 -10.61
CA PRO C 608 -3.84 24.42 -11.34
C PRO C 608 -2.86 24.60 -12.49
N LEU C 609 -3.35 25.20 -13.57
CA LEU C 609 -2.55 25.48 -14.75
C LEU C 609 -2.15 26.96 -14.77
N VAL C 610 -1.21 27.28 -15.65
CA VAL C 610 -0.75 28.67 -15.78
C VAL C 610 -1.91 29.57 -16.18
N ARG C 611 -2.71 29.12 -17.14
CA ARG C 611 -3.92 29.83 -17.56
C ARG C 611 -5.08 28.85 -17.55
N SER C 612 -6.24 29.33 -17.09
CA SER C 612 -7.42 28.49 -16.94
C SER C 612 -8.54 28.97 -17.85
N GLU C 613 -9.39 28.03 -18.26
CA GLU C 613 -10.57 28.34 -19.04
C GLU C 613 -11.70 27.41 -18.64
N ALA C 614 -12.91 27.95 -18.57
CA ALA C 614 -14.07 27.16 -18.16
C ALA C 614 -14.48 26.19 -19.27
N PRO C 615 -15.11 25.07 -18.91
CA PRO C 615 -15.51 24.09 -19.92
C PRO C 615 -16.61 24.62 -20.83
N LEU C 616 -16.61 24.13 -22.08
CA LEU C 616 -17.71 24.43 -22.98
C LEU C 616 -19.02 23.85 -22.45
N VAL C 617 -18.98 22.62 -21.96
CA VAL C 617 -20.16 21.93 -21.43
C VAL C 617 -19.89 21.59 -19.97
N GLY C 618 -20.82 21.96 -19.11
CA GLY C 618 -20.69 21.66 -17.69
C GLY C 618 -22.03 21.71 -16.99
N THR C 619 -21.99 21.65 -15.66
CA THR C 619 -23.19 21.80 -14.84
C THR C 619 -23.32 23.27 -14.46
N GLY C 620 -24.38 23.62 -13.73
CA GLY C 620 -24.50 24.94 -13.16
C GLY C 620 -23.81 25.10 -11.83
N MET C 621 -23.17 24.05 -11.33
CA MET C 621 -22.55 24.10 -10.01
C MET C 621 -21.21 24.85 -10.03
N GLU C 622 -20.43 24.70 -11.09
CA GLU C 622 -19.08 25.26 -11.16
C GLU C 622 -19.03 26.68 -10.61
N LEU C 623 -20.04 27.49 -10.92
CA LEU C 623 -20.07 28.85 -10.42
C LEU C 623 -20.14 28.87 -8.89
N ARG C 624 -21.25 28.37 -8.34
CA ARG C 624 -21.47 28.48 -6.90
C ARG C 624 -20.31 27.89 -6.12
N ALA C 625 -19.89 26.68 -6.49
CA ALA C 625 -18.77 26.04 -5.80
C ALA C 625 -17.57 26.97 -5.74
N ALA C 626 -17.23 27.59 -6.87
CA ALA C 626 -16.05 28.47 -6.90
C ALA C 626 -16.16 29.56 -5.85
N ILE C 627 -17.36 30.13 -5.68
CA ILE C 627 -17.54 31.16 -4.66
C ILE C 627 -17.48 30.56 -3.28
N ASP C 628 -18.06 29.37 -3.08
CA ASP C 628 -18.12 28.79 -1.75
C ASP C 628 -16.74 28.34 -1.27
N ALA C 629 -15.89 27.86 -2.17
CA ALA C 629 -14.54 27.46 -1.77
C ALA C 629 -13.80 28.62 -1.13
N GLY C 630 -14.12 29.85 -1.51
CA GLY C 630 -13.52 31.01 -0.89
C GLY C 630 -12.16 31.41 -1.43
N ASP C 631 -11.76 30.87 -2.58
CA ASP C 631 -10.50 31.25 -3.19
C ASP C 631 -10.61 32.47 -4.09
N VAL C 632 -11.82 32.78 -4.58
CA VAL C 632 -12.02 33.99 -5.34
C VAL C 632 -12.34 35.15 -4.39
N VAL C 633 -12.10 36.37 -4.86
CA VAL C 633 -12.33 37.57 -4.08
C VAL C 633 -13.65 38.19 -4.54
N VAL C 634 -14.54 38.44 -3.59
CA VAL C 634 -15.86 39.01 -3.87
C VAL C 634 -15.96 40.36 -3.18
N ALA C 635 -16.48 41.35 -3.90
CA ALA C 635 -16.65 42.67 -3.32
C ALA C 635 -17.59 42.61 -2.13
N ASP C 636 -17.18 43.24 -1.02
CA ASP C 636 -18.00 43.23 0.19
C ASP C 636 -19.20 44.15 0.07
N LYS C 637 -19.02 45.33 -0.53
CA LYS C 637 -20.09 46.31 -0.66
C LYS C 637 -20.14 46.84 -2.08
N THR C 638 -21.34 47.21 -2.50
CA THR C 638 -21.52 47.78 -3.83
C THR C 638 -20.74 49.09 -3.96
N GLY C 639 -20.14 49.30 -5.12
CA GLY C 639 -19.37 50.50 -5.35
C GLY C 639 -18.77 50.57 -6.74
N VAL C 640 -17.71 51.36 -6.90
CA VAL C 640 -17.01 51.52 -8.17
C VAL C 640 -15.53 51.26 -7.95
N ILE C 641 -14.93 50.46 -8.81
CA ILE C 641 -13.51 50.14 -8.69
C ILE C 641 -12.69 51.41 -8.86
N GLU C 642 -11.73 51.62 -7.97
CA GLU C 642 -10.90 52.82 -7.97
C GLU C 642 -9.52 52.57 -8.57
N GLU C 643 -8.80 51.57 -8.08
CA GLU C 643 -7.48 51.24 -8.58
C GLU C 643 -7.34 49.74 -8.71
N VAL C 644 -6.77 49.29 -9.83
CA VAL C 644 -6.61 47.88 -10.13
C VAL C 644 -5.15 47.65 -10.48
N SER C 645 -4.43 46.94 -9.62
CA SER C 645 -3.09 46.48 -9.89
C SER C 645 -3.03 44.96 -9.76
N ALA C 646 -1.89 44.40 -10.14
CA ALA C 646 -1.70 42.96 -10.01
C ALA C 646 -1.54 42.51 -8.56
N ASP C 647 -1.38 43.45 -7.62
CA ASP C 647 -1.16 43.13 -6.22
C ASP C 647 -2.35 43.46 -5.33
N TYR C 648 -3.13 44.48 -5.65
CA TYR C 648 -4.23 44.89 -4.80
C TYR C 648 -5.35 45.48 -5.64
N ILE C 649 -6.55 45.48 -5.08
CA ILE C 649 -7.72 46.09 -5.72
C ILE C 649 -8.37 47.02 -4.70
N THR C 650 -8.52 48.29 -5.07
CA THR C 650 -9.14 49.29 -4.22
C THR C 650 -10.50 49.66 -4.80
N VAL C 651 -11.54 49.57 -3.97
CA VAL C 651 -12.91 49.85 -4.40
C VAL C 651 -13.51 50.90 -3.48
N MET C 652 -14.05 51.96 -4.06
CA MET C 652 -14.78 52.99 -3.32
C MET C 652 -16.25 52.58 -3.26
N ALA C 653 -16.72 52.26 -2.06
CA ALA C 653 -18.08 51.79 -1.90
C ALA C 653 -19.07 52.87 -2.35
N ASP C 654 -20.35 52.47 -2.42
CA ASP C 654 -21.38 53.43 -2.83
C ASP C 654 -21.43 54.60 -1.85
N ASP C 655 -21.32 54.33 -0.56
CA ASP C 655 -21.16 55.38 0.43
C ASP C 655 -19.70 55.82 0.44
N GLY C 656 -19.30 56.57 1.47
CA GLY C 656 -17.94 57.07 1.53
C GLY C 656 -16.89 56.04 1.88
N THR C 657 -17.30 54.84 2.28
CA THR C 657 -16.34 53.82 2.67
C THR C 657 -15.56 53.31 1.46
N ARG C 658 -14.29 52.97 1.68
CA ARG C 658 -13.43 52.40 0.65
C ARG C 658 -12.67 51.22 1.24
N GLN C 659 -12.50 50.16 0.44
CA GLN C 659 -11.89 48.93 0.90
C GLN C 659 -10.80 48.49 -0.07
N SER C 660 -9.72 47.95 0.48
CA SER C 660 -8.60 47.45 -0.29
C SER C 660 -8.45 45.95 -0.05
N TYR C 661 -8.33 45.19 -1.14
CA TYR C 661 -8.16 43.75 -1.09
C TYR C 661 -6.76 43.40 -1.57
N ARG C 662 -6.08 42.55 -0.80
CA ARG C 662 -4.74 42.07 -1.13
C ARG C 662 -4.85 40.74 -1.86
N LEU C 663 -4.19 40.63 -3.00
CA LEU C 663 -4.24 39.43 -3.83
C LEU C 663 -3.00 38.58 -3.56
N ARG C 664 -3.22 37.28 -3.30
CA ARG C 664 -2.11 36.36 -3.13
C ARG C 664 -1.46 36.09 -4.47
N LYS C 665 -0.13 36.19 -4.53
CA LYS C 665 0.64 36.02 -5.75
C LYS C 665 1.70 34.95 -5.53
N PHE C 666 1.64 33.89 -6.34
CA PHE C 666 2.65 32.84 -6.32
C PHE C 666 2.91 32.32 -4.91
N ALA C 667 1.82 32.02 -4.20
CA ALA C 667 1.90 31.49 -2.85
C ALA C 667 1.82 29.97 -2.90
N ARG C 668 2.79 29.31 -2.27
CA ARG C 668 2.82 27.86 -2.25
C ARG C 668 1.63 27.33 -1.44
N SER C 669 0.99 26.29 -1.97
CA SER C 669 -0.12 25.64 -1.29
C SER C 669 0.39 24.49 -0.44
N ASN C 670 -0.53 23.79 0.23
CA ASN C 670 -0.15 22.68 1.09
C ASN C 670 0.55 21.56 0.33
N HIS C 671 0.27 21.40 -0.96
CA HIS C 671 0.85 20.34 -1.76
C HIS C 671 1.80 20.88 -2.84
N GLY C 672 2.38 22.05 -2.60
CA GLY C 672 3.35 22.60 -3.54
C GLY C 672 2.76 22.99 -4.88
N THR C 673 1.53 23.49 -4.89
CA THR C 673 0.88 23.98 -6.10
C THR C 673 0.69 25.49 -6.00
N CYS C 674 0.96 26.19 -7.10
CA CYS C 674 0.88 27.65 -7.09
C CYS C 674 -0.55 28.11 -6.87
N ALA C 675 -0.73 29.04 -5.95
CA ALA C 675 -2.01 29.69 -5.71
C ALA C 675 -1.86 31.16 -6.09
N ASN C 676 -2.49 31.56 -7.19
CA ASN C 676 -2.27 32.87 -7.78
C ASN C 676 -3.62 33.52 -8.06
N GLN C 677 -3.88 34.67 -7.45
CA GLN C 677 -5.09 35.43 -7.68
C GLN C 677 -4.79 36.64 -8.54
N ARG C 678 -5.64 36.89 -9.53
CA ARG C 678 -5.47 38.01 -10.45
C ARG C 678 -6.80 38.73 -10.63
N PRO C 679 -6.77 40.04 -10.85
CA PRO C 679 -8.02 40.78 -11.01
C PRO C 679 -8.67 40.50 -12.36
N ILE C 680 -9.98 40.74 -12.40
CA ILE C 680 -10.75 40.59 -13.64
C ILE C 680 -11.55 41.86 -13.90
N VAL C 681 -11.68 42.71 -12.88
CA VAL C 681 -12.39 43.98 -13.02
C VAL C 681 -11.46 45.02 -13.63
N ASP C 682 -12.03 46.14 -14.06
CA ASP C 682 -11.28 47.24 -14.65
C ASP C 682 -11.57 48.52 -13.88
N ALA C 683 -10.65 49.48 -14.00
CA ALA C 683 -10.82 50.75 -13.30
C ALA C 683 -12.08 51.46 -13.78
N GLY C 684 -12.76 52.12 -12.86
CA GLY C 684 -14.00 52.79 -13.19
C GLY C 684 -15.12 51.85 -13.57
N GLN C 685 -15.21 50.70 -12.90
CA GLN C 685 -16.26 49.71 -13.16
C GLN C 685 -17.09 49.54 -11.90
N ARG C 686 -18.40 49.58 -12.04
CA ARG C 686 -19.29 49.40 -10.91
C ARG C 686 -19.41 47.92 -10.57
N VAL C 687 -19.27 47.60 -9.28
CA VAL C 687 -19.36 46.23 -8.79
C VAL C 687 -20.36 46.19 -7.65
N GLU C 688 -20.93 45.01 -7.43
CA GLU C 688 -21.96 44.81 -6.42
C GLU C 688 -21.48 43.82 -5.38
N ALA C 689 -22.06 43.91 -4.19
CA ALA C 689 -21.70 43.02 -3.11
C ALA C 689 -21.91 41.57 -3.53
N GLY C 690 -20.91 40.73 -3.26
CA GLY C 690 -20.96 39.35 -3.69
C GLY C 690 -20.55 39.10 -5.12
N GLN C 691 -19.98 40.10 -5.79
CA GLN C 691 -19.53 39.96 -7.17
C GLN C 691 -18.04 39.66 -7.17
N VAL C 692 -17.63 38.68 -7.98
CA VAL C 692 -16.24 38.29 -8.05
C VAL C 692 -15.42 39.42 -8.71
N ILE C 693 -14.34 39.81 -8.05
CA ILE C 693 -13.45 40.82 -8.60
C ILE C 693 -12.05 40.28 -8.90
N ALA C 694 -11.69 39.10 -8.40
CA ALA C 694 -10.42 38.47 -8.72
C ALA C 694 -10.62 36.96 -8.81
N ASP C 695 -9.93 36.35 -9.76
CA ASP C 695 -10.04 34.91 -9.98
C ASP C 695 -9.06 34.17 -9.08
N GLY C 696 -9.41 32.93 -8.76
CA GLY C 696 -8.57 32.08 -7.93
C GLY C 696 -7.63 31.24 -8.76
N PRO C 697 -6.99 30.26 -8.13
CA PRO C 697 -6.06 29.38 -8.86
C PRO C 697 -6.71 28.66 -10.03
N CYS C 698 -7.78 27.92 -9.78
CA CYS C 698 -8.44 27.11 -10.80
C CYS C 698 -9.82 27.68 -11.17
N THR C 699 -9.91 29.00 -11.28
CA THR C 699 -11.17 29.65 -11.62
C THR C 699 -10.95 30.58 -12.81
N GLN C 700 -12.02 30.79 -13.57
CA GLN C 700 -11.99 31.66 -14.74
C GLN C 700 -13.31 32.43 -14.80
N ASN C 701 -13.25 33.73 -14.57
CA ASN C 701 -14.43 34.59 -14.61
C ASN C 701 -15.48 34.14 -13.59
N GLY C 702 -15.02 33.72 -12.42
CA GLY C 702 -15.89 33.35 -11.33
C GLY C 702 -16.39 31.92 -11.34
N GLU C 703 -16.03 31.13 -12.35
CA GLU C 703 -16.43 29.73 -12.44
C GLU C 703 -15.22 28.85 -12.13
N MET C 704 -15.51 27.57 -11.89
CA MET C 704 -14.48 26.59 -11.56
C MET C 704 -13.94 25.97 -12.84
N ALA C 705 -12.65 26.18 -13.10
CA ALA C 705 -11.98 25.69 -14.30
C ALA C 705 -10.81 24.80 -13.86
N LEU C 706 -11.03 23.48 -13.86
CA LEU C 706 -10.01 22.55 -13.39
C LEU C 706 -9.11 22.06 -14.51
N GLY C 707 -9.60 21.98 -15.74
CA GLY C 707 -8.81 21.48 -16.85
C GLY C 707 -8.88 22.36 -18.08
N LYS C 708 -8.63 21.77 -19.24
CA LYS C 708 -8.64 22.49 -20.51
C LYS C 708 -9.54 21.76 -21.50
N ASN C 709 -10.26 22.52 -22.30
CA ASN C 709 -11.15 21.97 -23.31
C ASN C 709 -10.42 21.92 -24.65
N LEU C 710 -10.36 20.72 -25.26
CA LEU C 710 -9.48 20.50 -26.39
C LEU C 710 -10.08 19.47 -27.33
N LEU C 711 -9.62 19.51 -28.59
CA LEU C 711 -10.17 18.70 -29.65
C LEU C 711 -9.70 17.25 -29.53
N VAL C 712 -10.65 16.32 -29.63
CA VAL C 712 -10.40 14.90 -29.41
C VAL C 712 -10.97 14.10 -30.57
N ALA C 713 -10.25 13.06 -30.97
CA ALA C 713 -10.71 12.09 -31.96
C ALA C 713 -10.69 10.72 -31.32
N ILE C 714 -11.79 9.98 -31.46
CA ILE C 714 -11.94 8.67 -30.83
C ILE C 714 -11.59 7.63 -31.89
N MET C 715 -10.39 7.06 -31.77
CA MET C 715 -9.93 6.04 -32.70
C MET C 715 -8.63 5.45 -32.16
N PRO C 716 -8.33 4.20 -32.51
CA PRO C 716 -6.99 3.67 -32.20
C PRO C 716 -5.97 4.17 -33.21
N TRP C 717 -4.76 4.43 -32.73
CA TRP C 717 -3.71 5.01 -33.58
C TRP C 717 -2.42 4.23 -33.35
N GLU C 718 -2.12 3.30 -34.27
CA GLU C 718 -0.81 2.65 -34.33
C GLU C 718 -0.40 2.00 -33.02
N GLY C 719 -1.34 1.79 -32.10
CA GLY C 719 -1.04 1.12 -30.85
C GLY C 719 -0.35 1.97 -29.80
N HIS C 720 -0.31 3.29 -29.96
CA HIS C 720 0.28 4.15 -28.96
C HIS C 720 -0.69 4.48 -27.83
N ASN C 721 -2.00 4.41 -28.08
CA ASN C 721 -3.01 4.54 -27.05
C ASN C 721 -3.52 3.17 -26.59
N TYR C 722 -2.66 2.17 -26.65
CA TYR C 722 -3.04 0.82 -26.24
C TYR C 722 -3.10 0.72 -24.71
N GLU C 723 -4.18 0.12 -24.22
CA GLU C 723 -4.40 -0.07 -22.79
C GLU C 723 -4.37 1.25 -22.03
N ASP C 724 -5.26 2.16 -22.41
CA ASP C 724 -5.54 3.41 -21.73
C ASP C 724 -4.47 4.48 -21.93
N ALA C 725 -3.45 4.23 -22.73
CA ALA C 725 -2.46 5.26 -23.02
C ALA C 725 -3.07 6.35 -23.89
N ILE C 726 -2.45 7.52 -23.87
CA ILE C 726 -2.97 8.71 -24.54
C ILE C 726 -1.86 9.32 -25.40
N ILE C 727 -2.26 9.87 -26.55
CA ILE C 727 -1.37 10.62 -27.43
C ILE C 727 -1.77 12.08 -27.40
N LEU C 728 -0.79 12.96 -27.25
CA LEU C 728 -1.00 14.40 -27.24
C LEU C 728 -0.26 15.04 -28.40
N SER C 729 -0.80 16.14 -28.91
CA SER C 729 -0.11 16.94 -29.92
C SER C 729 0.93 17.83 -29.27
N ASN C 730 1.99 18.12 -30.01
CA ASN C 730 3.05 18.96 -29.47
C ASN C 730 2.58 20.39 -29.23
N ARG C 731 1.46 20.79 -29.83
CA ARG C 731 0.95 22.14 -29.60
C ARG C 731 0.75 22.40 -28.12
N LEU C 732 0.17 21.44 -27.40
CA LEU C 732 -0.07 21.63 -25.97
C LEU C 732 1.21 21.95 -25.22
N VAL C 733 2.36 21.52 -25.74
CA VAL C 733 3.63 21.88 -25.14
C VAL C 733 4.09 23.26 -25.61
N GLU C 734 3.94 23.55 -26.91
CA GLU C 734 4.41 24.82 -27.44
C GLU C 734 3.62 25.99 -26.86
N GLU C 735 2.30 25.84 -26.73
CA GLU C 735 1.45 26.90 -26.26
C GLU C 735 1.21 26.85 -24.75
N ASP C 736 1.88 25.95 -24.04
CA ASP C 736 1.77 25.85 -22.58
C ASP C 736 0.31 25.64 -22.16
N VAL C 737 -0.42 24.84 -22.92
CA VAL C 737 -1.82 24.57 -22.60
C VAL C 737 -1.93 23.82 -21.28
N LEU C 738 -1.09 22.81 -21.08
CA LEU C 738 -1.11 21.98 -19.88
C LEU C 738 0.12 22.19 -19.01
N THR C 739 0.58 23.43 -18.90
CA THR C 739 1.74 23.75 -18.09
C THR C 739 1.29 24.22 -16.71
N SER C 740 2.07 23.88 -15.68
CA SER C 740 1.73 24.22 -14.31
C SER C 740 2.97 24.63 -13.54
N ILE C 741 2.79 25.52 -12.57
CA ILE C 741 3.89 26.02 -11.75
C ILE C 741 3.86 25.29 -10.42
N HIS C 742 5.02 24.78 -10.00
CA HIS C 742 5.15 24.04 -8.75
C HIS C 742 6.25 24.67 -7.90
N ILE C 743 5.93 24.93 -6.63
CA ILE C 743 6.82 25.62 -5.71
C ILE C 743 7.13 24.69 -4.55
N GLU C 744 8.39 24.67 -4.12
CA GLU C 744 8.83 23.87 -2.99
C GLU C 744 9.65 24.74 -2.05
N GLU C 745 9.57 24.44 -0.76
CA GLU C 745 10.27 25.20 0.27
C GLU C 745 11.33 24.34 0.93
N HIS C 746 12.51 24.93 1.13
CA HIS C 746 13.63 24.29 1.82
C HIS C 746 13.95 25.08 3.06
N GLU C 747 14.07 24.40 4.20
CA GLU C 747 14.32 25.04 5.48
C GLU C 747 15.65 24.58 6.05
N ILE C 748 16.42 25.52 6.59
CA ILE C 748 17.65 25.22 7.30
C ILE C 748 17.67 26.04 8.58
N ASP C 749 18.34 25.51 9.59
CA ASP C 749 18.40 26.17 10.89
C ASP C 749 19.82 26.07 11.46
N ALA C 750 20.29 27.18 12.00
CA ALA C 750 21.57 27.25 12.70
C ALA C 750 21.27 27.39 14.19
N ARG C 751 21.84 26.47 14.98
CA ARG C 751 21.52 26.37 16.40
C ARG C 751 22.78 26.26 17.25
N ASP C 752 22.63 25.98 18.54
CA ASP C 752 23.75 25.84 19.45
C ASP C 752 24.17 24.38 19.58
N THR C 753 25.45 24.18 19.90
CA THR C 753 25.99 22.86 20.12
C THR C 753 26.98 22.92 21.28
N LYS C 754 27.25 21.76 21.88
CA LYS C 754 28.18 21.72 23.01
C LYS C 754 29.61 22.09 22.59
N LEU C 755 29.92 22.00 21.29
CA LEU C 755 31.22 22.40 20.77
C LEU C 755 31.25 23.84 20.27
N GLY C 756 30.14 24.55 20.39
CA GLY C 756 30.05 25.91 19.88
C GLY C 756 28.93 26.08 18.88
N ALA C 757 28.42 27.29 18.75
CA ALA C 757 27.30 27.56 17.85
C ALA C 757 27.73 27.41 16.39
N GLU C 758 26.81 26.93 15.57
CA GLU C 758 27.02 26.81 14.14
C GLU C 758 26.53 28.08 13.44
N GLU C 759 27.33 28.57 12.50
CA GLU C 759 27.15 29.88 11.91
C GLU C 759 26.81 29.76 10.43
N ILE C 760 25.97 30.68 9.96
CA ILE C 760 25.62 30.78 8.55
C ILE C 760 26.68 31.64 7.88
N THR C 761 27.54 31.01 7.08
CA THR C 761 28.72 31.68 6.52
C THR C 761 28.74 31.53 5.01
N ARG C 762 29.44 32.45 4.36
CA ARG C 762 29.62 32.45 2.91
C ARG C 762 30.86 31.70 2.47
N ASP C 763 31.70 31.25 3.40
CA ASP C 763 32.93 30.52 3.08
C ASP C 763 32.79 29.10 3.61
N ILE C 764 33.03 28.13 2.75
CA ILE C 764 32.86 26.71 3.11
C ILE C 764 34.17 25.98 2.84
N PRO C 765 34.63 25.11 3.73
CA PRO C 765 35.90 24.41 3.47
C PRO C 765 35.82 23.52 2.23
N ASN C 766 36.91 23.48 1.49
CA ASN C 766 37.07 22.59 0.34
C ASN C 766 35.91 22.75 -0.65
N VAL C 767 35.77 23.97 -1.15
CA VAL C 767 34.76 24.29 -2.16
C VAL C 767 35.39 25.17 -3.23
N SER C 768 35.11 24.84 -4.49
CA SER C 768 35.60 25.66 -5.59
C SER C 768 34.98 27.05 -5.53
N ASP C 769 35.77 28.05 -5.93
CA ASP C 769 35.28 29.42 -5.90
C ASP C 769 34.07 29.61 -6.82
N GLU C 770 33.97 28.81 -7.89
CA GLU C 770 32.84 28.93 -8.79
C GLU C 770 31.55 28.42 -8.15
N VAL C 771 31.64 27.42 -7.27
CA VAL C 771 30.45 26.84 -6.68
C VAL C 771 29.66 27.89 -5.92
N LEU C 772 30.34 28.68 -5.09
CA LEU C 772 29.70 29.73 -4.30
C LEU C 772 29.70 31.07 -5.05
N ALA C 773 29.23 31.05 -6.30
CA ALA C 773 29.20 32.26 -7.12
C ALA C 773 27.88 33.02 -6.97
N ASP C 774 26.78 32.33 -6.73
CA ASP C 774 25.47 32.95 -6.61
C ASP C 774 25.05 33.14 -5.15
N LEU C 775 25.94 32.91 -4.20
CA LEU C 775 25.61 33.05 -2.80
C LEU C 775 25.69 34.52 -2.37
N ASP C 776 24.66 34.97 -1.67
CA ASP C 776 24.64 36.31 -1.12
C ASP C 776 25.81 36.49 -0.14
N GLU C 777 26.05 37.74 0.26
CA GLU C 777 27.13 38.01 1.20
C GLU C 777 26.92 37.26 2.51
N ARG C 778 25.67 37.11 2.95
CA ARG C 778 25.39 36.38 4.19
C ARG C 778 25.58 34.88 4.04
N GLY C 779 25.75 34.37 2.82
CA GLY C 779 25.82 32.96 2.57
C GLY C 779 24.55 32.34 2.01
N ILE C 780 23.46 33.10 1.97
CA ILE C 780 22.21 32.61 1.41
C ILE C 780 22.21 32.81 -0.10
N VAL C 781 21.50 31.93 -0.80
CA VAL C 781 21.45 32.05 -2.26
C VAL C 781 20.73 33.35 -2.64
N ARG C 782 21.06 33.85 -3.83
CA ARG C 782 20.50 35.09 -4.33
C ARG C 782 19.17 34.84 -5.03
N ILE C 783 18.22 35.75 -4.83
CA ILE C 783 16.93 35.63 -5.50
C ILE C 783 17.12 35.78 -7.00
N GLY C 784 16.36 35.00 -7.77
CA GLY C 784 16.47 35.01 -9.20
C GLY C 784 17.51 34.04 -9.76
N ALA C 785 18.25 33.36 -8.91
CA ALA C 785 19.23 32.40 -9.38
C ALA C 785 18.53 31.13 -9.88
N GLU C 786 19.28 30.32 -10.62
CA GLU C 786 18.79 29.07 -11.19
C GLU C 786 19.59 27.93 -10.57
N VAL C 787 19.05 27.36 -9.51
CA VAL C 787 19.70 26.27 -8.78
C VAL C 787 19.35 24.95 -9.44
N ARG C 788 20.31 24.03 -9.46
CA ARG C 788 20.13 22.69 -9.97
C ARG C 788 20.47 21.68 -8.87
N ASP C 789 20.47 20.40 -9.23
CA ASP C 789 20.74 19.36 -8.26
C ASP C 789 22.12 19.54 -7.65
N GLY C 790 22.19 19.45 -6.32
CA GLY C 790 23.45 19.55 -5.61
C GLY C 790 23.97 20.95 -5.41
N ASP C 791 23.23 21.98 -5.82
CA ASP C 791 23.68 23.35 -5.65
C ASP C 791 23.46 23.81 -4.22
N ILE C 792 24.30 24.75 -3.78
CA ILE C 792 24.23 25.29 -2.43
C ILE C 792 23.10 26.32 -2.38
N LEU C 793 22.26 26.21 -1.35
CA LEU C 793 21.21 27.19 -1.09
C LEU C 793 21.55 28.10 0.07
N VAL C 794 21.98 27.52 1.20
CA VAL C 794 22.38 28.29 2.37
C VAL C 794 23.69 27.71 2.89
N GLY C 795 24.65 28.57 3.17
CA GLY C 795 25.95 28.14 3.66
C GLY C 795 26.00 28.00 5.17
N LYS C 796 26.37 26.83 5.67
CA LYS C 796 26.43 26.57 7.10
C LYS C 796 27.65 25.72 7.41
N VAL C 797 28.16 25.86 8.63
CA VAL C 797 29.35 25.13 9.07
C VAL C 797 29.19 24.82 10.55
N THR C 798 29.75 23.68 10.96
CA THR C 798 29.64 23.23 12.34
C THR C 798 31.01 22.87 12.91
N PRO C 799 31.28 23.19 14.18
CA PRO C 799 32.58 22.82 14.76
C PRO C 799 32.81 21.31 14.74
N LYS C 800 34.07 20.93 14.54
CA LYS C 800 34.45 19.52 14.50
C LYS C 800 34.82 19.00 15.89
N GLY C 801 35.84 19.60 16.51
CA GLY C 801 36.37 19.10 17.76
C GLY C 801 37.60 18.25 17.56
N GLU C 802 37.51 16.96 17.88
CA GLU C 802 38.61 16.05 17.61
C GLU C 802 38.78 15.87 16.10
N THR C 803 40.03 15.70 15.68
CA THR C 803 40.34 15.49 14.27
C THR C 803 40.90 14.09 14.01
N GLU C 804 41.98 13.71 14.67
CA GLU C 804 42.62 12.41 14.49
C GLU C 804 42.69 12.04 13.01
N LEU C 805 43.28 12.95 12.24
CA LEU C 805 43.39 12.74 10.80
C LEU C 805 44.26 11.54 10.50
N THR C 806 43.93 10.83 9.42
CA THR C 806 44.68 9.65 9.04
C THR C 806 46.07 10.05 8.55
N PRO C 807 47.04 9.14 8.65
CA PRO C 807 48.40 9.49 8.19
C PRO C 807 48.45 9.94 6.74
N GLU C 808 47.70 9.27 5.86
CA GLU C 808 47.68 9.67 4.46
C GLU C 808 47.12 11.07 4.28
N GLU C 809 46.03 11.38 4.98
CA GLU C 809 45.48 12.74 4.90
C GLU C 809 46.46 13.76 5.47
N ARG C 810 47.15 13.41 6.55
CA ARG C 810 48.14 14.32 7.12
C ARG C 810 49.25 14.62 6.12
N LEU C 811 49.76 13.58 5.45
CA LEU C 811 50.80 13.79 4.44
C LEU C 811 50.27 14.63 3.29
N LEU C 812 49.05 14.34 2.83
CA LEU C 812 48.48 15.11 1.72
C LEU C 812 48.34 16.57 2.09
N ARG C 813 47.87 16.87 3.30
CA ARG C 813 47.77 18.25 3.74
C ARG C 813 49.14 18.90 3.86
N ALA C 814 50.13 18.14 4.34
CA ALA C 814 51.47 18.70 4.48
C ALA C 814 52.06 19.08 3.13
N ILE C 815 51.90 18.22 2.12
CA ILE C 815 52.46 18.53 0.80
C ILE C 815 51.75 19.70 0.15
N PHE C 816 50.55 20.05 0.62
CA PHE C 816 49.78 21.15 0.06
C PHE C 816 49.62 22.33 1.01
N GLY C 817 50.07 22.21 2.26
CA GLY C 817 50.02 23.31 3.19
C GLY C 817 48.61 23.81 3.45
N GLU C 818 47.69 22.90 3.70
CA GLU C 818 46.29 23.23 3.96
C GLU C 818 45.99 23.08 5.45
N LYS C 819 45.36 24.09 6.02
CA LYS C 819 45.04 24.08 7.43
C LYS C 819 43.99 23.01 7.74
N ALA C 820 44.15 22.37 8.91
CA ALA C 820 43.15 21.44 9.42
C ALA C 820 42.02 22.28 10.02
N ARG C 821 41.11 22.70 9.16
CA ARG C 821 40.11 23.69 9.55
C ARG C 821 39.21 23.15 10.66
N GLU C 822 38.80 24.06 11.55
CA GLU C 822 38.02 23.66 12.71
C GLU C 822 36.61 23.22 12.33
N VAL C 823 36.08 23.71 11.23
CA VAL C 823 34.65 23.57 10.91
C VAL C 823 34.47 22.60 9.76
N ARG C 824 33.36 21.88 9.80
CA ARG C 824 32.91 20.99 8.75
C ARG C 824 31.69 21.58 8.05
N ASP C 825 31.57 21.29 6.75
CA ASP C 825 30.49 21.85 5.95
C ASP C 825 29.18 21.13 6.22
N THR C 826 28.11 21.91 6.43
CA THR C 826 26.77 21.36 6.60
C THR C 826 25.75 22.20 5.84
N SER C 827 26.15 22.77 4.71
CA SER C 827 25.28 23.67 3.97
C SER C 827 24.06 22.95 3.43
N LEU C 828 22.97 23.70 3.28
CA LEU C 828 21.75 23.16 2.70
C LEU C 828 21.90 23.07 1.19
N LYS C 829 21.79 21.86 0.65
CA LYS C 829 21.98 21.60 -0.77
C LYS C 829 20.67 21.14 -1.39
N VAL C 830 20.51 21.48 -2.67
CA VAL C 830 19.25 21.15 -3.36
C VAL C 830 19.08 19.63 -3.39
N PRO C 831 17.89 19.11 -3.08
CA PRO C 831 17.72 17.65 -3.12
C PRO C 831 17.95 17.10 -4.53
N HIS C 832 18.01 15.77 -4.60
CA HIS C 832 18.28 15.10 -5.86
C HIS C 832 17.11 15.25 -6.81
N GLY C 833 17.39 15.65 -8.06
CA GLY C 833 16.38 15.73 -9.08
C GLY C 833 15.54 16.97 -9.09
N GLU C 834 15.88 17.99 -8.31
CA GLU C 834 15.12 19.23 -8.24
C GLU C 834 15.75 20.29 -9.12
N SER C 835 14.97 21.34 -9.38
CA SER C 835 15.41 22.45 -10.22
C SER C 835 14.38 23.56 -10.14
N GLY C 836 14.75 24.72 -10.66
CA GLY C 836 13.86 25.86 -10.72
C GLY C 836 14.52 27.13 -10.22
N LYS C 837 13.83 28.24 -10.49
CA LYS C 837 14.28 29.55 -10.05
C LYS C 837 13.99 29.75 -8.57
N VAL C 838 14.79 30.62 -7.94
CA VAL C 838 14.58 31.01 -6.55
C VAL C 838 13.73 32.27 -6.56
N ILE C 839 12.58 32.21 -5.90
CA ILE C 839 11.62 33.31 -5.91
C ILE C 839 11.56 34.06 -4.59
N GLY C 840 11.72 33.39 -3.46
CA GLY C 840 11.58 34.04 -2.17
C GLY C 840 12.53 33.48 -1.14
N ILE C 841 12.93 34.34 -0.21
CA ILE C 841 13.79 33.96 0.91
C ILE C 841 13.26 34.62 2.17
N ARG C 842 13.21 33.85 3.26
CA ARG C 842 12.78 34.35 4.56
C ARG C 842 13.85 34.02 5.59
N VAL C 843 14.17 35.01 6.43
CA VAL C 843 15.22 34.88 7.42
C VAL C 843 14.66 35.29 8.78
N PHE C 844 14.91 34.47 9.80
CA PHE C 844 14.55 34.78 11.18
C PHE C 844 15.80 34.65 12.03
N SER C 845 16.14 35.70 12.77
CA SER C 845 17.33 35.74 13.60
C SER C 845 16.93 36.09 15.03
N ARG C 846 17.34 35.24 15.98
CA ARG C 846 16.96 35.45 17.38
C ARG C 846 17.29 36.85 17.85
N GLU C 847 18.28 37.50 17.24
CA GLU C 847 18.66 38.84 17.66
C GLU C 847 17.51 39.82 17.50
N ASP C 848 16.81 39.77 16.37
CA ASP C 848 15.70 40.68 16.09
C ASP C 848 14.39 39.96 16.40
N ASP C 849 14.08 39.88 17.69
CA ASP C 849 12.92 39.12 18.16
C ASP C 849 13.00 37.69 17.62
N ASP C 850 12.14 37.35 16.66
CA ASP C 850 12.21 36.04 16.00
C ASP C 850 12.21 34.91 17.04
N GLU C 851 11.07 34.77 17.70
CA GLU C 851 10.94 33.82 18.82
C GLU C 851 10.99 32.41 18.25
N LEU C 852 12.20 31.94 18.01
CA LEU C 852 12.48 30.61 17.49
C LEU C 852 12.54 29.60 18.63
N PRO C 853 12.49 28.31 18.31
CA PRO C 853 12.61 27.29 19.36
C PRO C 853 13.94 27.39 20.08
N ALA C 854 13.93 27.00 21.35
CA ALA C 854 15.12 27.12 22.18
C ALA C 854 16.31 26.41 21.53
N GLY C 855 17.44 27.11 21.49
CA GLY C 855 18.65 26.59 20.88
C GLY C 855 18.86 27.00 19.45
N VAL C 856 17.81 27.42 18.76
CA VAL C 856 17.90 27.84 17.36
C VAL C 856 18.19 29.33 17.30
N ASN C 857 19.27 29.70 16.60
CA ASN C 857 19.64 31.09 16.46
C ASN C 857 19.30 31.68 15.11
N GLU C 858 19.21 30.87 14.06
CA GLU C 858 18.90 31.37 12.72
C GLU C 858 18.01 30.36 12.01
N LEU C 859 17.05 30.86 11.24
CA LEU C 859 16.16 30.02 10.45
C LEU C 859 16.01 30.64 9.07
N VAL C 860 16.31 29.86 8.03
CA VAL C 860 16.29 30.34 6.65
C VAL C 860 15.37 29.44 5.83
N ARG C 861 14.43 30.06 5.13
CA ARG C 861 13.53 29.37 4.21
C ARG C 861 13.79 29.89 2.80
N VAL C 862 13.91 28.97 1.85
CA VAL C 862 14.14 29.31 0.44
C VAL C 862 13.05 28.65 -0.39
N TYR C 863 12.42 29.43 -1.27
CA TYR C 863 11.34 28.94 -2.12
C TYR C 863 11.86 28.82 -3.54
N VAL C 864 11.72 27.63 -4.13
CA VAL C 864 12.15 27.35 -5.49
C VAL C 864 10.92 26.98 -6.30
N ALA C 865 10.69 27.71 -7.39
CA ALA C 865 9.54 27.50 -8.26
C ALA C 865 10.01 27.04 -9.63
N GLN C 866 9.32 26.05 -10.19
CA GLN C 866 9.65 25.53 -11.51
C GLN C 866 8.38 25.36 -12.33
N LYS C 867 8.50 25.58 -13.63
CA LYS C 867 7.40 25.48 -14.57
C LYS C 867 7.48 24.14 -15.28
N ARG C 868 6.47 23.30 -15.09
CA ARG C 868 6.46 21.95 -15.63
C ARG C 868 5.49 21.89 -16.80
N LYS C 869 5.97 21.38 -17.94
CA LYS C 869 5.16 21.15 -19.11
C LYS C 869 4.73 19.70 -19.17
N ILE C 870 3.59 19.46 -19.83
CA ILE C 870 3.11 18.09 -19.97
C ILE C 870 4.13 17.27 -20.75
N SER C 871 4.39 16.06 -20.27
CA SER C 871 5.39 15.20 -20.86
C SER C 871 4.94 13.74 -20.74
N ASP C 872 5.70 12.85 -21.36
CA ASP C 872 5.39 11.43 -21.32
C ASP C 872 5.39 10.93 -19.89
N GLY C 873 4.34 10.17 -19.54
CA GLY C 873 4.19 9.62 -18.21
C GLY C 873 3.25 10.39 -17.31
N ASP C 874 2.97 11.65 -17.63
CA ASP C 874 2.02 12.42 -16.83
C ASP C 874 0.62 11.84 -17.00
N LYS C 875 -0.18 11.95 -15.94
CA LYS C 875 -1.50 11.33 -15.89
C LYS C 875 -2.56 12.38 -16.16
N LEU C 876 -3.39 12.16 -17.18
CA LEU C 876 -4.54 12.98 -17.48
C LEU C 876 -5.81 12.18 -17.25
N ALA C 877 -6.94 12.89 -17.16
CA ALA C 877 -8.22 12.22 -16.96
C ALA C 877 -9.34 13.17 -17.34
N GLY C 878 -10.50 12.59 -17.61
CA GLY C 878 -11.73 13.34 -17.81
C GLY C 878 -12.57 13.38 -16.55
N ARG C 879 -13.81 13.80 -16.73
CA ARG C 879 -14.76 13.86 -15.62
C ARG C 879 -15.62 12.60 -15.51
N HIS C 880 -15.32 11.57 -16.30
CA HIS C 880 -16.08 10.32 -16.28
C HIS C 880 -15.20 9.13 -15.90
N GLY C 881 -14.08 9.37 -15.24
CA GLY C 881 -13.21 8.29 -14.82
C GLY C 881 -12.40 7.66 -15.93
N ASN C 882 -12.15 8.38 -17.02
CA ASN C 882 -11.33 7.87 -18.11
C ASN C 882 -9.89 8.37 -17.99
N LYS C 883 -9.20 7.86 -16.97
CA LYS C 883 -7.83 8.25 -16.70
C LYS C 883 -6.86 7.54 -17.66
N GLY C 884 -5.68 8.12 -17.80
CA GLY C 884 -4.64 7.53 -18.61
C GLY C 884 -3.35 8.31 -18.60
N VAL C 885 -2.22 7.64 -18.83
CA VAL C 885 -0.91 8.29 -18.88
C VAL C 885 -0.57 8.58 -20.34
N ILE C 886 0.22 9.62 -20.55
CA ILE C 886 0.63 10.02 -21.89
C ILE C 886 1.78 9.16 -22.35
N GLY C 887 1.59 8.42 -23.45
CA GLY C 887 2.62 7.54 -23.96
C GLY C 887 3.43 8.15 -25.08
N LYS C 888 2.82 9.05 -25.85
CA LYS C 888 3.48 9.64 -27.00
C LYS C 888 3.00 11.07 -27.20
N ILE C 889 3.93 11.97 -27.53
CA ILE C 889 3.61 13.34 -27.90
C ILE C 889 4.12 13.54 -29.32
N LEU C 890 3.19 13.81 -30.27
CA LEU C 890 3.55 13.89 -31.68
C LEU C 890 3.68 15.34 -32.12
N PRO C 891 4.48 15.61 -33.15
CA PRO C 891 4.44 16.92 -33.78
C PRO C 891 3.11 17.17 -34.46
N VAL C 892 2.83 18.43 -34.74
CA VAL C 892 1.52 18.81 -35.26
C VAL C 892 1.26 18.13 -36.59
N GLU C 893 2.30 18.00 -37.43
CA GLU C 893 2.11 17.44 -38.76
C GLU C 893 1.73 15.96 -38.73
N ASP C 894 1.95 15.27 -37.61
CA ASP C 894 1.64 13.85 -37.52
C ASP C 894 0.22 13.58 -37.06
N MET C 895 -0.38 14.50 -36.31
CA MET C 895 -1.73 14.27 -35.81
C MET C 895 -2.73 14.26 -36.95
N PRO C 896 -3.76 13.41 -36.90
CA PRO C 896 -4.83 13.51 -37.91
C PRO C 896 -5.48 14.88 -37.87
N PHE C 897 -5.86 15.38 -39.04
CA PHE C 897 -6.41 16.73 -39.15
C PHE C 897 -7.72 16.72 -39.93
N LEU C 898 -8.58 17.68 -39.59
CA LEU C 898 -9.85 17.83 -40.26
C LEU C 898 -9.65 18.26 -41.71
N PRO C 899 -10.64 18.04 -42.57
CA PRO C 899 -10.45 18.38 -44.00
C PRO C 899 -10.15 19.85 -44.25
N ASP C 900 -10.36 20.73 -43.27
CA ASP C 900 -9.98 22.12 -43.41
C ASP C 900 -8.56 22.41 -42.93
N GLY C 901 -7.84 21.40 -42.45
CA GLY C 901 -6.47 21.55 -42.02
C GLY C 901 -6.28 21.61 -40.52
N THR C 902 -7.35 21.63 -39.74
CA THR C 902 -7.23 21.71 -38.29
C THR C 902 -6.76 20.38 -37.72
N PRO C 903 -5.64 20.34 -36.99
CA PRO C 903 -5.21 19.09 -36.38
C PRO C 903 -5.88 18.85 -35.02
N VAL C 904 -6.05 17.58 -34.68
CA VAL C 904 -6.62 17.23 -33.39
C VAL C 904 -5.56 17.36 -32.30
N ASP C 905 -6.02 17.45 -31.06
CA ASP C 905 -5.14 17.65 -29.91
C ASP C 905 -4.92 16.38 -29.10
N ILE C 906 -5.87 15.46 -29.08
CA ILE C 906 -5.76 14.24 -28.28
C ILE C 906 -6.43 13.11 -29.04
N ILE C 907 -5.88 11.90 -28.89
CA ILE C 907 -6.43 10.69 -29.48
C ILE C 907 -6.71 9.72 -28.35
N LEU C 908 -7.97 9.31 -28.21
CA LEU C 908 -8.39 8.36 -27.18
C LEU C 908 -8.83 7.07 -27.85
N ASN C 909 -8.44 5.95 -27.24
CA ASN C 909 -8.75 4.64 -27.83
C ASN C 909 -10.25 4.35 -27.77
N THR C 910 -10.73 3.65 -28.79
CA THR C 910 -12.15 3.33 -28.91
C THR C 910 -12.55 2.11 -28.11
N HIS C 911 -11.60 1.31 -27.63
CA HIS C 911 -11.90 0.06 -26.96
C HIS C 911 -12.20 0.23 -25.47
N GLY C 912 -12.12 1.45 -24.95
CA GLY C 912 -12.37 1.67 -23.53
C GLY C 912 -13.83 1.85 -23.19
N VAL C 913 -14.50 2.76 -23.90
CA VAL C 913 -15.83 3.22 -23.53
C VAL C 913 -16.81 2.05 -23.35
N PRO C 914 -17.07 1.24 -24.37
CA PRO C 914 -18.19 0.29 -24.27
C PRO C 914 -18.08 -0.68 -23.11
N ARG C 915 -16.88 -1.16 -22.77
CA ARG C 915 -16.74 -2.13 -21.69
C ARG C 915 -16.70 -1.46 -20.32
N ARG C 916 -16.33 -0.18 -20.25
CA ARG C 916 -16.29 0.54 -18.99
C ARG C 916 -17.61 1.22 -18.66
N MET C 917 -18.53 1.30 -19.62
CA MET C 917 -19.88 1.84 -19.39
C MET C 917 -19.82 3.29 -18.93
N ASN C 918 -19.01 4.10 -19.60
CA ASN C 918 -18.97 5.53 -19.35
C ASN C 918 -19.29 6.29 -20.64
N ILE C 919 -20.36 5.85 -21.33
CA ILE C 919 -20.73 6.44 -22.60
C ILE C 919 -21.05 7.93 -22.47
N GLY C 920 -21.20 8.43 -21.24
CA GLY C 920 -21.48 9.85 -21.07
C GLY C 920 -20.42 10.75 -21.68
N GLN C 921 -19.18 10.25 -21.77
CA GLN C 921 -18.11 11.04 -22.37
C GLN C 921 -18.33 11.27 -23.86
N ILE C 922 -18.96 10.33 -24.57
CA ILE C 922 -19.26 10.54 -25.98
C ILE C 922 -20.29 11.66 -26.13
N LEU C 923 -21.31 11.67 -25.29
CA LEU C 923 -22.28 12.76 -25.31
C LEU C 923 -21.61 14.08 -24.95
N GLU C 924 -20.68 14.06 -24.00
CA GLU C 924 -19.92 15.26 -23.67
C GLU C 924 -19.16 15.77 -24.89
N THR C 925 -18.52 14.86 -25.62
CA THR C 925 -17.78 15.24 -26.82
C THR C 925 -18.70 15.86 -27.87
N HIS C 926 -19.85 15.22 -28.11
CA HIS C 926 -20.79 15.74 -29.09
C HIS C 926 -21.27 17.14 -28.71
N LEU C 927 -21.69 17.31 -27.45
CA LEU C 927 -22.21 18.60 -27.03
C LEU C 927 -21.11 19.65 -26.97
N GLY C 928 -19.87 19.25 -26.68
CA GLY C 928 -18.77 20.20 -26.73
C GLY C 928 -18.49 20.69 -28.13
N TRP C 929 -18.51 19.78 -29.11
CA TRP C 929 -18.38 20.22 -30.50
C TRP C 929 -19.52 21.15 -30.88
N VAL C 930 -20.74 20.82 -30.46
CA VAL C 930 -21.88 21.69 -30.76
C VAL C 930 -21.67 23.06 -30.15
N ALA C 931 -21.17 23.12 -28.92
CA ALA C 931 -20.99 24.39 -28.24
C ALA C 931 -19.91 25.22 -28.91
N LYS C 932 -18.78 24.61 -29.25
CA LYS C 932 -17.67 25.37 -29.83
C LYS C 932 -18.09 26.00 -31.15
N ALA C 933 -18.66 25.21 -32.05
CA ALA C 933 -19.17 25.71 -33.33
C ALA C 933 -20.64 26.03 -33.16
N GLY C 934 -20.99 27.31 -33.27
CA GLY C 934 -22.35 27.75 -33.01
C GLY C 934 -23.39 26.95 -33.75
N TRP C 935 -24.65 27.06 -33.34
CA TRP C 935 -25.73 26.30 -33.93
C TRP C 935 -26.93 27.21 -34.11
N ASN C 936 -27.82 26.81 -35.03
CA ASN C 936 -29.03 27.56 -35.31
C ASN C 936 -30.09 26.60 -35.82
N ILE C 937 -31.20 26.49 -35.09
CA ILE C 937 -32.29 25.60 -35.46
C ILE C 937 -33.27 26.38 -36.33
N ASP C 938 -33.40 25.97 -37.58
CA ASP C 938 -34.33 26.62 -38.49
C ASP C 938 -35.76 26.48 -37.98
N VAL C 939 -36.49 27.59 -37.98
CA VAL C 939 -37.86 27.61 -37.47
C VAL C 939 -38.80 28.12 -38.55
N ALA C 940 -38.43 27.93 -39.81
CA ALA C 940 -39.31 28.36 -40.90
C ALA C 940 -40.61 27.55 -40.92
N ALA C 941 -40.48 26.23 -40.87
CA ALA C 941 -41.66 25.34 -40.86
C ALA C 941 -42.01 24.97 -39.42
N GLY C 942 -42.39 25.99 -38.65
CA GLY C 942 -42.65 25.78 -37.24
C GLY C 942 -41.37 25.40 -36.51
N VAL C 943 -41.54 24.72 -35.39
CA VAL C 943 -40.42 24.22 -34.60
C VAL C 943 -40.27 22.73 -34.86
N PRO C 944 -39.05 22.19 -34.92
CA PRO C 944 -38.91 20.75 -35.11
C PRO C 944 -39.45 19.98 -33.91
N ASP C 945 -39.89 18.75 -34.18
CA ASP C 945 -40.48 17.94 -33.11
C ASP C 945 -39.47 17.67 -31.99
N TRP C 946 -38.22 17.36 -32.36
CA TRP C 946 -37.22 17.04 -31.35
C TRP C 946 -36.95 18.24 -30.44
N ALA C 947 -36.95 19.45 -31.01
CA ALA C 947 -36.69 20.67 -30.27
C ALA C 947 -37.94 21.25 -29.63
N SER C 948 -39.00 20.46 -29.46
CA SER C 948 -40.25 20.98 -28.94
C SER C 948 -40.08 21.50 -27.52
N LYS C 949 -39.36 20.76 -26.68
CA LYS C 949 -39.23 21.09 -25.26
C LYS C 949 -38.00 21.94 -24.95
N LEU C 950 -37.20 22.29 -25.95
CA LEU C 950 -36.05 23.15 -25.69
C LEU C 950 -36.52 24.56 -25.35
N PRO C 951 -35.87 25.23 -24.39
CA PRO C 951 -36.19 26.65 -24.16
C PRO C 951 -35.76 27.51 -25.32
N GLU C 952 -36.42 28.66 -25.45
CA GLU C 952 -36.17 29.54 -26.59
C GLU C 952 -34.71 29.93 -26.69
N GLU C 953 -34.05 30.15 -25.55
CA GLU C 953 -32.66 30.59 -25.56
C GLU C 953 -31.74 29.61 -26.26
N LEU C 954 -32.12 28.35 -26.36
CA LEU C 954 -31.30 27.32 -27.00
C LEU C 954 -31.60 27.16 -28.48
N TYR C 955 -32.53 27.96 -29.04
CA TYR C 955 -32.85 27.83 -30.45
C TYR C 955 -31.64 28.15 -31.32
N SER C 956 -30.88 29.19 -30.96
CA SER C 956 -29.68 29.55 -31.69
C SER C 956 -28.67 30.12 -30.72
N ALA C 957 -27.39 29.81 -30.95
CA ALA C 957 -26.32 30.34 -30.12
C ALA C 957 -25.10 30.58 -31.01
N PRO C 958 -24.25 31.53 -30.67
CA PRO C 958 -23.07 31.82 -31.48
C PRO C 958 -21.93 30.84 -31.17
N ALA C 959 -20.84 31.00 -31.90
CA ALA C 959 -19.68 30.14 -31.71
C ALA C 959 -19.03 30.39 -30.36
N ASP C 960 -18.39 29.35 -29.84
CA ASP C 960 -17.69 29.38 -28.55
C ASP C 960 -18.63 29.70 -27.39
N SER C 961 -19.91 29.37 -27.54
CA SER C 961 -20.88 29.62 -26.48
C SER C 961 -20.91 28.43 -25.53
N THR C 962 -20.75 28.71 -24.23
CA THR C 962 -20.79 27.66 -23.23
C THR C 962 -22.24 27.27 -22.92
N VAL C 963 -22.41 26.02 -22.50
CA VAL C 963 -23.73 25.47 -22.21
C VAL C 963 -23.68 24.78 -20.85
N ALA C 964 -24.87 24.54 -20.29
CA ALA C 964 -25.02 23.87 -19.00
C ALA C 964 -25.99 22.73 -19.14
N THR C 965 -25.61 21.54 -18.65
CA THR C 965 -26.42 20.33 -18.68
C THR C 965 -26.47 19.75 -17.27
N PRO C 966 -27.36 20.24 -16.41
CA PRO C 966 -27.42 19.73 -15.04
C PRO C 966 -27.73 18.25 -14.98
N VAL C 967 -27.17 17.58 -13.96
CA VAL C 967 -27.34 16.13 -13.82
C VAL C 967 -28.80 15.82 -13.56
N PHE C 968 -29.32 14.83 -14.29
CA PHE C 968 -30.70 14.35 -14.14
C PHE C 968 -31.71 15.36 -14.66
N ASP C 969 -31.24 16.53 -15.11
CA ASP C 969 -32.07 17.52 -15.78
C ASP C 969 -31.18 18.29 -16.74
N GLY C 970 -31.12 17.84 -17.98
CA GLY C 970 -30.22 18.44 -18.95
C GLY C 970 -30.54 18.10 -20.39
N ALA C 971 -29.54 18.20 -21.26
CA ALA C 971 -29.74 17.93 -22.68
C ALA C 971 -30.15 16.48 -22.88
N GLN C 972 -31.20 16.28 -23.67
CA GLN C 972 -31.72 14.95 -23.92
C GLN C 972 -31.14 14.36 -25.21
N GLU C 973 -31.33 13.04 -25.36
CA GLU C 973 -30.83 12.32 -26.53
C GLU C 973 -31.20 13.01 -27.84
N GLY C 974 -32.50 13.13 -28.12
CA GLY C 974 -32.93 13.71 -29.38
C GLY C 974 -32.52 15.15 -29.55
N GLU C 975 -32.53 15.92 -28.45
CA GLU C 975 -32.06 17.30 -28.53
C GLU C 975 -30.60 17.35 -28.96
N LEU C 976 -29.76 16.48 -28.39
CA LEU C 976 -28.35 16.44 -28.77
C LEU C 976 -28.21 16.04 -30.24
N ALA C 977 -28.98 15.05 -30.68
CA ALA C 977 -28.90 14.63 -32.08
C ALA C 977 -29.27 15.78 -33.02
N GLY C 978 -30.37 16.48 -32.71
CA GLY C 978 -30.77 17.59 -33.54
C GLY C 978 -29.75 18.71 -33.55
N LEU C 979 -29.18 19.03 -32.38
CA LEU C 979 -28.18 20.08 -32.32
C LEU C 979 -26.93 19.70 -33.11
N LEU C 980 -26.54 18.43 -33.08
CA LEU C 980 -25.47 17.97 -33.95
C LEU C 980 -25.84 18.18 -35.41
N GLY C 981 -27.09 17.88 -35.76
CA GLY C 981 -27.53 18.04 -37.14
C GLY C 981 -27.78 19.47 -37.58
N SER C 982 -27.74 20.42 -36.66
CA SER C 982 -28.06 21.83 -36.97
C SER C 982 -26.95 22.75 -36.48
N THR C 983 -25.70 22.42 -36.79
CA THR C 983 -24.57 23.28 -36.44
C THR C 983 -24.28 24.26 -37.56
N LEU C 984 -23.54 25.32 -37.21
CA LEU C 984 -23.15 26.32 -38.21
C LEU C 984 -21.90 25.87 -38.97
N PRO C 985 -21.71 26.35 -40.19
CA PRO C 985 -20.51 26.00 -40.95
C PRO C 985 -19.29 26.77 -40.48
N ASN C 986 -18.13 26.38 -41.00
CA ASN C 986 -16.88 27.02 -40.65
C ASN C 986 -16.65 28.25 -41.53
N ARG C 987 -15.43 28.77 -41.49
CA ARG C 987 -15.11 29.99 -42.25
C ARG C 987 -15.35 29.81 -43.74
N ASP C 988 -15.19 28.58 -44.25
CA ASP C 988 -15.36 28.30 -45.67
C ASP C 988 -16.78 27.87 -46.01
N GLY C 989 -17.72 28.05 -45.11
CA GLY C 989 -19.10 27.70 -45.39
C GLY C 989 -19.32 26.21 -45.60
N GLU C 990 -18.70 25.38 -44.76
CA GLU C 990 -18.87 23.94 -44.85
C GLU C 990 -18.79 23.35 -43.45
N VAL C 991 -19.34 22.15 -43.31
CA VAL C 991 -19.43 21.48 -42.01
C VAL C 991 -18.39 20.36 -41.97
N MET C 992 -17.52 20.40 -40.96
CA MET C 992 -16.52 19.34 -40.80
C MET C 992 -17.15 18.07 -40.25
N VAL C 993 -18.04 18.21 -39.27
CA VAL C 993 -18.67 17.07 -38.61
C VAL C 993 -20.09 16.90 -39.14
N ASP C 994 -20.43 15.68 -39.51
CA ASP C 994 -21.74 15.38 -40.07
C ASP C 994 -22.78 15.30 -38.96
N ALA C 995 -24.01 14.90 -39.31
CA ALA C 995 -25.09 14.86 -38.34
C ALA C 995 -24.93 13.74 -37.33
N ASP C 996 -24.12 12.73 -37.64
CA ASP C 996 -23.86 11.63 -36.71
C ASP C 996 -22.73 11.93 -35.74
N GLY C 997 -22.08 13.09 -35.86
CA GLY C 997 -20.98 13.44 -34.99
C GLY C 997 -19.62 12.98 -35.45
N LYS C 998 -19.52 12.33 -36.60
CA LYS C 998 -18.26 11.82 -37.12
C LYS C 998 -17.77 12.71 -38.26
N SER C 999 -16.45 12.70 -38.47
CA SER C 999 -15.82 13.48 -39.52
C SER C 999 -14.76 12.65 -40.21
N THR C 1000 -14.45 13.02 -41.45
CA THR C 1000 -13.44 12.34 -42.24
C THR C 1000 -12.07 12.98 -41.97
N LEU C 1001 -11.16 12.20 -41.41
CA LEU C 1001 -9.83 12.68 -41.06
C LEU C 1001 -8.81 12.25 -42.11
N PHE C 1002 -7.65 12.90 -42.06
CA PHE C 1002 -6.53 12.61 -42.94
C PHE C 1002 -5.36 12.11 -42.10
N ASP C 1003 -4.66 11.10 -42.61
CA ASP C 1003 -3.49 10.56 -41.91
C ASP C 1003 -2.34 11.53 -42.04
N GLY C 1004 -1.84 12.03 -40.91
CA GLY C 1004 -0.77 12.99 -40.94
C GLY C 1004 0.52 12.43 -41.53
N ARG C 1005 0.79 11.15 -41.25
CA ARG C 1005 2.04 10.55 -41.70
C ARG C 1005 1.99 10.15 -43.17
N SER C 1006 1.06 9.25 -43.51
CA SER C 1006 0.98 8.79 -44.90
C SER C 1006 0.35 9.85 -45.80
N GLY C 1007 -0.69 10.53 -45.31
CA GLY C 1007 -1.36 11.57 -46.06
C GLY C 1007 -2.68 11.16 -46.66
N GLU C 1008 -2.95 9.86 -46.78
CA GLU C 1008 -4.22 9.41 -47.32
C GLU C 1008 -5.33 9.54 -46.29
N PRO C 1009 -6.56 9.79 -46.73
CA PRO C 1009 -7.67 9.87 -45.78
C PRO C 1009 -7.95 8.51 -45.13
N PHE C 1010 -8.40 8.55 -43.89
CA PHE C 1010 -8.74 7.31 -43.20
C PHE C 1010 -9.96 6.69 -43.86
N PRO C 1011 -10.04 5.36 -43.97
CA PRO C 1011 -11.11 4.74 -44.77
C PRO C 1011 -12.50 5.05 -44.25
N TYR C 1012 -12.68 5.23 -42.94
CA TYR C 1012 -13.99 5.44 -42.36
C TYR C 1012 -14.01 6.71 -41.53
N PRO C 1013 -15.18 7.34 -41.38
CA PRO C 1013 -15.26 8.54 -40.55
C PRO C 1013 -15.00 8.23 -39.08
N VAL C 1014 -14.47 9.22 -38.38
CA VAL C 1014 -14.05 9.09 -36.99
C VAL C 1014 -14.82 10.09 -36.14
N THR C 1015 -15.21 9.67 -34.94
CA THR C 1015 -15.87 10.58 -34.01
C THR C 1015 -14.88 11.65 -33.54
N VAL C 1016 -15.30 12.91 -33.64
CA VAL C 1016 -14.45 14.05 -33.32
C VAL C 1016 -15.28 15.07 -32.56
N GLY C 1017 -14.68 15.67 -31.53
CA GLY C 1017 -15.35 16.72 -30.79
C GLY C 1017 -14.44 17.42 -29.80
N TYR C 1018 -15.00 17.99 -28.74
CA TYR C 1018 -14.23 18.71 -27.73
C TYR C 1018 -14.47 18.08 -26.37
N MET C 1019 -13.38 17.78 -25.66
CA MET C 1019 -13.45 17.15 -24.35
C MET C 1019 -12.67 17.99 -23.33
N TYR C 1020 -13.13 17.94 -22.09
CA TYR C 1020 -12.51 18.66 -20.98
C TYR C 1020 -11.53 17.70 -20.29
N ILE C 1021 -10.24 17.90 -20.55
CA ILE C 1021 -9.18 17.03 -20.02
C ILE C 1021 -8.45 17.82 -18.94
N LEU C 1022 -8.33 17.22 -17.76
CA LEU C 1022 -7.69 17.84 -16.61
C LEU C 1022 -6.45 17.05 -16.20
N LYS C 1023 -5.45 17.77 -15.69
CA LYS C 1023 -4.14 17.20 -15.39
C LYS C 1023 -4.08 16.82 -13.92
N LEU C 1024 -4.02 15.52 -13.64
CA LEU C 1024 -3.95 15.04 -12.28
C LEU C 1024 -2.55 15.25 -11.70
N HIS C 1025 -2.48 15.25 -10.37
CA HIS C 1025 -1.21 15.46 -9.67
C HIS C 1025 -0.43 14.15 -9.54
N HIS C 1026 -0.21 13.47 -10.67
CA HIS C 1026 0.59 12.25 -10.73
C HIS C 1026 1.57 12.41 -11.88
N LEU C 1027 2.73 13.01 -11.59
CA LEU C 1027 3.72 13.35 -12.60
C LEU C 1027 4.97 12.52 -12.39
N VAL C 1028 5.50 11.96 -13.49
CA VAL C 1028 6.72 11.16 -13.43
C VAL C 1028 7.90 11.97 -12.92
N ASP C 1029 7.81 13.30 -12.97
CA ASP C 1029 8.94 14.13 -12.54
C ASP C 1029 9.28 13.87 -11.08
N ASP C 1030 8.26 13.72 -10.23
CA ASP C 1030 8.47 13.58 -8.80
C ASP C 1030 8.39 12.12 -8.34
N LYS C 1031 8.21 11.16 -9.27
CA LYS C 1031 8.34 9.75 -8.92
C LYS C 1031 9.16 9.06 -10.02
N ILE C 1032 10.48 9.13 -9.90
CA ILE C 1032 11.38 8.42 -10.79
C ILE C 1032 12.57 7.81 -10.08
N HIS C 1033 12.81 8.12 -8.81
CA HIS C 1033 14.12 7.93 -8.20
C HIS C 1033 14.63 6.49 -8.39
N ALA C 1034 15.93 6.38 -8.63
CA ALA C 1034 16.65 5.12 -8.62
C ALA C 1034 17.74 5.18 -7.57
N ARG C 1035 18.39 4.05 -7.32
CA ARG C 1035 19.43 3.98 -6.31
C ARG C 1035 20.49 2.97 -6.71
N SER C 1036 21.73 3.27 -6.37
CA SER C 1036 22.85 2.34 -6.43
C SER C 1036 23.46 2.07 -5.06
N THR C 1037 23.62 3.11 -4.25
CA THR C 1037 24.07 2.96 -2.87
C THR C 1037 23.64 4.20 -2.11
N GLY C 1038 23.25 4.03 -0.85
CA GLY C 1038 22.74 5.11 -0.06
C GLY C 1038 22.74 4.82 1.43
N PRO C 1039 21.92 5.55 2.19
CA PRO C 1039 21.87 5.32 3.64
C PRO C 1039 21.29 3.96 3.98
N TYR C 1040 21.70 3.44 5.13
CA TYR C 1040 21.27 2.14 5.62
C TYR C 1040 20.60 2.30 6.98
N SER C 1041 19.96 1.24 7.43
CA SER C 1041 19.24 1.25 8.71
C SER C 1041 20.22 1.08 9.86
N MET C 1042 19.79 1.57 11.04
CA MET C 1042 20.64 1.52 12.22
C MET C 1042 20.89 0.08 12.67
N ILE C 1043 19.81 -0.70 12.81
CA ILE C 1043 19.89 -2.02 13.43
C ILE C 1043 20.04 -3.09 12.36
N THR C 1044 19.05 -3.19 11.48
CA THR C 1044 19.07 -4.21 10.45
C THR C 1044 20.12 -3.96 9.38
N GLN C 1045 20.63 -2.74 9.26
CA GLN C 1045 21.64 -2.36 8.29
C GLN C 1045 21.17 -2.48 6.85
N GLN C 1046 19.86 -2.57 6.63
CA GLN C 1046 19.33 -2.65 5.29
C GLN C 1046 19.06 -1.25 4.73
N PRO C 1047 18.95 -1.13 3.40
CA PRO C 1047 18.67 0.18 2.81
C PRO C 1047 17.37 0.76 3.32
N LEU C 1048 17.33 2.09 3.45
CA LEU C 1048 16.10 2.77 3.79
C LEU C 1048 15.17 2.82 2.58
N GLY C 1049 13.91 3.15 2.84
CA GLY C 1049 12.90 3.24 1.80
C GLY C 1049 12.32 4.63 1.71
N GLY C 1050 11.83 4.97 0.52
CA GLY C 1050 11.21 6.26 0.30
C GLY C 1050 12.03 7.15 -0.62
N LYS C 1051 11.35 7.93 -1.46
CA LYS C 1051 12.06 8.84 -2.36
C LYS C 1051 12.70 9.99 -1.58
N ALA C 1052 12.21 10.29 -0.39
CA ALA C 1052 12.81 11.35 0.42
C ALA C 1052 14.29 11.06 0.67
N GLN C 1053 14.60 9.84 1.07
CA GLN C 1053 15.97 9.36 1.11
C GLN C 1053 16.27 8.68 -0.22
N PHE C 1054 17.46 8.08 -0.34
CA PHE C 1054 17.76 7.22 -1.48
C PHE C 1054 17.13 5.85 -1.23
N GLY C 1055 15.81 5.84 -1.25
CA GLY C 1055 15.05 4.64 -0.95
C GLY C 1055 15.33 3.47 -1.87
N GLY C 1056 15.51 2.30 -1.30
CA GLY C 1056 15.62 1.09 -2.08
C GLY C 1056 14.28 0.39 -2.21
N GLN C 1057 14.09 -0.26 -3.36
CA GLN C 1057 12.86 -1.00 -3.59
C GLN C 1057 12.83 -2.27 -2.76
N ARG C 1058 11.67 -2.58 -2.22
CA ARG C 1058 11.51 -3.77 -1.38
C ARG C 1058 11.34 -5.01 -2.24
N PHE C 1059 12.20 -6.00 -2.02
CA PHE C 1059 12.07 -7.32 -2.65
C PHE C 1059 11.26 -8.20 -1.70
N GLY C 1060 9.94 -8.14 -1.86
CA GLY C 1060 9.04 -8.79 -0.93
C GLY C 1060 9.04 -10.29 -0.99
N GLU C 1061 8.21 -10.91 -0.14
CA GLU C 1061 8.16 -12.37 -0.06
C GLU C 1061 7.67 -12.97 -1.37
N MET C 1062 6.68 -12.34 -2.01
CA MET C 1062 6.14 -12.87 -3.26
C MET C 1062 7.21 -12.87 -4.35
N GLU C 1063 8.07 -11.85 -4.37
CA GLU C 1063 9.17 -11.86 -5.32
C GLU C 1063 10.11 -13.03 -5.06
N CYS C 1064 10.37 -13.34 -3.80
CA CYS C 1064 11.19 -14.50 -3.47
C CYS C 1064 10.53 -15.79 -3.96
N TRP C 1065 9.21 -15.89 -3.80
CA TRP C 1065 8.50 -17.06 -4.32
C TRP C 1065 8.67 -17.17 -5.83
N ALA C 1066 8.57 -16.04 -6.54
CA ALA C 1066 8.73 -16.05 -7.98
C ALA C 1066 10.14 -16.50 -8.37
N MET C 1067 11.16 -15.99 -7.66
CA MET C 1067 12.53 -16.37 -7.96
C MET C 1067 12.75 -17.85 -7.71
N GLN C 1068 12.18 -18.38 -6.63
CA GLN C 1068 12.27 -19.82 -6.36
C GLN C 1068 11.58 -20.62 -7.47
N ALA C 1069 10.44 -20.13 -7.94
CA ALA C 1069 9.73 -20.82 -9.02
C ALA C 1069 10.57 -20.86 -10.29
N TYR C 1070 11.23 -19.75 -10.62
CA TYR C 1070 12.16 -19.76 -11.74
C TYR C 1070 13.34 -20.69 -11.50
N GLY C 1071 13.71 -20.91 -10.25
CA GLY C 1071 14.92 -21.63 -9.93
C GLY C 1071 16.17 -20.78 -9.98
N ALA C 1072 16.01 -19.46 -9.86
CA ALA C 1072 17.15 -18.53 -9.89
C ALA C 1072 17.77 -18.42 -8.49
N ALA C 1073 18.51 -19.47 -8.12
CA ALA C 1073 19.10 -19.53 -6.80
C ALA C 1073 20.13 -18.41 -6.59
N TYR C 1074 20.95 -18.12 -7.59
CA TYR C 1074 22.04 -17.17 -7.42
C TYR C 1074 21.53 -15.73 -7.36
N THR C 1075 20.58 -15.38 -8.23
CA THR C 1075 20.04 -14.03 -8.22
C THR C 1075 19.38 -13.73 -6.87
N LEU C 1076 18.60 -14.68 -6.36
CA LEU C 1076 17.95 -14.51 -5.06
C LEU C 1076 18.98 -14.33 -3.96
N GLN C 1077 20.03 -15.16 -3.98
CA GLN C 1077 21.06 -15.07 -2.94
C GLN C 1077 21.74 -13.71 -2.95
N GLU C 1078 22.10 -13.22 -4.14
CA GLU C 1078 22.75 -11.91 -4.20
C GLU C 1078 21.79 -10.79 -3.81
N LEU C 1079 20.50 -10.93 -4.15
CA LEU C 1079 19.53 -9.91 -3.76
C LEU C 1079 19.39 -9.84 -2.25
N LEU C 1080 19.31 -10.99 -1.59
CA LEU C 1080 19.03 -11.01 -0.16
C LEU C 1080 20.26 -10.80 0.71
N THR C 1081 21.48 -10.98 0.18
CA THR C 1081 22.67 -10.81 1.01
C THR C 1081 23.54 -9.65 0.52
N ILE C 1082 23.99 -9.70 -0.74
CA ILE C 1082 24.96 -8.73 -1.21
C ILE C 1082 24.34 -7.34 -1.28
N LYS C 1083 23.14 -7.24 -1.80
CA LYS C 1083 22.54 -5.95 -2.12
C LYS C 1083 21.69 -5.39 -0.99
N SER C 1084 21.54 -6.11 0.12
CA SER C 1084 20.72 -5.59 1.21
C SER C 1084 21.51 -5.31 2.49
N ASP C 1085 22.16 -6.34 3.06
CA ASP C 1085 22.75 -6.15 4.38
C ASP C 1085 24.03 -6.95 4.62
N ASP C 1086 24.65 -7.51 3.59
CA ASP C 1086 25.96 -8.15 3.76
C ASP C 1086 26.99 -7.03 3.83
N THR C 1087 27.19 -6.51 5.05
CA THR C 1087 27.97 -5.29 5.23
C THR C 1087 29.32 -5.36 4.55
N VAL C 1088 30.06 -6.44 4.80
CA VAL C 1088 31.36 -6.61 4.15
C VAL C 1088 31.18 -6.85 2.65
N GLY C 1089 30.19 -7.66 2.29
CA GLY C 1089 29.95 -7.95 0.89
C GLY C 1089 29.62 -6.72 0.07
N ARG C 1090 28.89 -5.77 0.65
CA ARG C 1090 28.53 -4.56 -0.08
C ARG C 1090 29.76 -3.81 -0.55
N VAL C 1091 30.68 -3.51 0.38
CA VAL C 1091 31.87 -2.73 0.02
C VAL C 1091 32.78 -3.55 -0.87
N LYS C 1092 32.92 -4.86 -0.61
CA LYS C 1092 33.77 -5.66 -1.47
C LYS C 1092 33.22 -5.74 -2.90
N VAL C 1093 31.90 -5.80 -3.04
CA VAL C 1093 31.31 -5.86 -4.38
C VAL C 1093 31.46 -4.52 -5.10
N TYR C 1094 31.29 -3.41 -4.37
CA TYR C 1094 31.56 -2.11 -4.98
C TYR C 1094 32.99 -2.01 -5.46
N GLU C 1095 33.95 -2.45 -4.64
CA GLU C 1095 35.35 -2.42 -5.02
C GLU C 1095 35.60 -3.30 -6.23
N ALA C 1096 35.00 -4.49 -6.26
CA ALA C 1096 35.19 -5.39 -7.40
C ALA C 1096 34.64 -4.79 -8.67
N ILE C 1097 33.45 -4.19 -8.61
CA ILE C 1097 32.85 -3.59 -9.79
C ILE C 1097 33.71 -2.44 -10.31
N VAL C 1098 34.17 -1.58 -9.39
CA VAL C 1098 34.99 -0.45 -9.80
C VAL C 1098 36.30 -0.93 -10.41
N LYS C 1099 36.92 -1.95 -9.81
CA LYS C 1099 38.19 -2.47 -10.30
C LYS C 1099 38.04 -3.41 -11.47
N GLY C 1100 36.82 -3.86 -11.77
CA GLY C 1100 36.60 -4.76 -12.89
C GLY C 1100 37.04 -6.18 -12.57
N GLU C 1101 36.47 -6.78 -11.54
CA GLU C 1101 36.83 -8.11 -11.08
C GLU C 1101 35.57 -8.93 -10.84
N ASN C 1102 35.77 -10.21 -10.57
CA ASN C 1102 34.65 -11.10 -10.29
C ASN C 1102 33.99 -10.75 -8.96
N ILE C 1103 32.68 -10.93 -8.89
CA ILE C 1103 31.90 -10.62 -7.70
C ILE C 1103 32.26 -11.60 -6.59
N PRO C 1104 32.55 -11.14 -5.37
CA PRO C 1104 32.93 -12.07 -4.31
C PRO C 1104 31.73 -12.85 -3.77
N GLU C 1105 32.05 -13.89 -3.02
CA GLU C 1105 31.01 -14.77 -2.48
C GLU C 1105 30.27 -14.09 -1.32
N PRO C 1106 28.95 -14.21 -1.25
CA PRO C 1106 28.23 -13.62 -0.12
C PRO C 1106 28.35 -14.46 1.14
N GLY C 1107 27.88 -13.88 2.25
CA GLY C 1107 27.83 -14.63 3.49
C GLY C 1107 27.09 -13.96 4.64
N ILE C 1108 26.20 -14.71 5.27
CA ILE C 1108 25.67 -14.39 6.60
C ILE C 1108 25.13 -12.97 6.68
N PRO C 1109 23.94 -12.70 6.15
CA PRO C 1109 23.37 -11.36 6.28
C PRO C 1109 23.18 -10.96 7.73
N GLU C 1110 23.31 -9.64 7.98
CA GLU C 1110 23.30 -9.13 9.34
C GLU C 1110 21.98 -9.41 10.05
N SER C 1111 20.87 -9.43 9.29
CA SER C 1111 19.57 -9.64 9.92
C SER C 1111 19.50 -10.97 10.65
N PHE C 1112 20.11 -12.02 10.08
CA PHE C 1112 20.10 -13.32 10.75
C PHE C 1112 20.88 -13.26 12.05
N LYS C 1113 22.02 -12.56 12.06
CA LYS C 1113 22.78 -12.41 13.30
C LYS C 1113 21.99 -11.66 14.36
N VAL C 1114 21.28 -10.61 13.94
CA VAL C 1114 20.43 -9.86 14.87
C VAL C 1114 19.34 -10.78 15.43
N LEU C 1115 18.73 -11.60 14.57
CA LEU C 1115 17.72 -12.54 15.03
C LEU C 1115 18.31 -13.52 16.04
N LEU C 1116 19.50 -14.03 15.76
CA LEU C 1116 20.13 -14.99 16.66
C LEU C 1116 20.38 -14.37 18.02
N LYS C 1117 20.94 -13.16 18.04
CA LYS C 1117 21.25 -12.52 19.31
C LYS C 1117 20.02 -11.93 19.99
N GLU C 1118 18.90 -11.85 19.27
CA GLU C 1118 17.61 -11.51 19.88
C GLU C 1118 16.95 -12.72 20.52
N LEU C 1119 17.05 -13.88 19.86
CA LEU C 1119 16.57 -15.11 20.47
C LEU C 1119 17.43 -15.51 21.65
N GLN C 1120 18.72 -15.20 21.63
CA GLN C 1120 19.56 -15.42 22.79
C GLN C 1120 18.98 -14.74 24.02
N SER C 1121 18.41 -13.55 23.83
CA SER C 1121 17.62 -12.92 24.89
C SER C 1121 16.36 -13.75 25.15
N LEU C 1122 15.60 -13.33 26.14
CA LEU C 1122 14.42 -14.09 26.60
C LEU C 1122 14.73 -15.59 26.75
N CYS C 1123 15.98 -15.90 27.07
CA CYS C 1123 16.38 -17.22 27.55
C CYS C 1123 16.01 -18.33 26.54
N LEU C 1124 16.65 -18.28 25.38
CA LEU C 1124 16.63 -19.38 24.42
C LEU C 1124 18.06 -19.66 23.98
N ASN C 1125 18.49 -20.90 24.13
CA ASN C 1125 19.87 -21.28 23.82
C ASN C 1125 19.98 -21.71 22.36
N VAL C 1126 19.99 -20.70 21.49
CA VAL C 1126 20.13 -20.92 20.05
C VAL C 1126 21.61 -20.88 19.70
N GLU C 1127 22.07 -21.88 18.96
CA GLU C 1127 23.47 -21.98 18.59
C GLU C 1127 23.61 -22.73 17.29
N VAL C 1128 24.74 -22.51 16.62
CA VAL C 1128 25.02 -23.07 15.30
C VAL C 1128 26.11 -24.12 15.44
N LEU C 1129 25.88 -25.28 14.85
CA LEU C 1129 26.81 -26.41 14.91
C LEU C 1129 27.41 -26.65 13.52
N SER C 1130 28.40 -27.53 13.47
CA SER C 1130 29.06 -27.86 12.22
C SER C 1130 29.40 -29.35 12.17
N ASP D 143 -32.12 -9.58 58.30
CA ASP D 143 -31.58 -10.90 57.86
C ASP D 143 -30.25 -10.73 57.13
N GLU D 144 -29.58 -9.59 57.37
CA GLU D 144 -28.29 -9.28 56.76
C GLU D 144 -27.24 -9.04 57.83
N GLU D 145 -27.29 -9.83 58.90
CA GLU D 145 -26.31 -9.75 59.98
C GLU D 145 -26.20 -11.11 60.65
N GLU D 146 -24.96 -11.53 60.92
CA GLU D 146 -24.66 -12.80 61.57
C GLU D 146 -25.50 -13.94 61.00
N SER D 147 -25.86 -13.84 59.72
CA SER D 147 -26.62 -14.87 59.03
C SER D 147 -25.70 -15.77 58.23
N GLU D 148 -26.04 -17.06 58.19
CA GLU D 148 -25.20 -18.03 57.50
C GLU D 148 -24.99 -17.65 56.04
N ALA D 149 -25.97 -16.99 55.42
CA ALA D 149 -25.80 -16.53 54.05
C ALA D 149 -24.77 -15.42 53.96
N LEU D 150 -24.89 -14.41 54.84
CA LEU D 150 -23.93 -13.31 54.82
C LEU D 150 -22.53 -13.80 55.19
N ARG D 151 -22.44 -14.69 56.18
CA ARG D 151 -21.14 -15.19 56.60
C ARG D 151 -20.42 -15.88 55.43
N GLN D 152 -21.15 -16.69 54.67
CA GLN D 152 -20.55 -17.37 53.52
C GLN D 152 -20.02 -16.36 52.51
N ALA D 153 -20.80 -15.32 52.22
CA ALA D 153 -20.39 -14.30 51.27
C ALA D 153 -19.12 -13.60 51.75
N ARG D 154 -19.09 -13.21 53.02
CA ARG D 154 -17.93 -12.51 53.57
C ARG D 154 -16.70 -13.40 53.53
N LYS D 155 -16.85 -14.68 53.87
CA LYS D 155 -15.73 -15.61 53.83
C LYS D 155 -15.22 -15.77 52.41
N ASP D 156 -16.13 -15.94 51.45
CA ASP D 156 -15.72 -16.14 50.06
C ASP D 156 -15.02 -14.90 49.52
N ALA D 157 -15.50 -13.71 49.89
CA ALA D 157 -14.92 -12.48 49.36
C ALA D 157 -13.46 -12.30 49.75
N GLU D 158 -13.03 -12.92 50.86
CA GLU D 158 -11.65 -12.80 51.30
C GLU D 158 -10.70 -13.66 50.47
N LEU D 159 -11.13 -14.84 50.06
CA LEU D 159 -10.31 -15.75 49.26
C LEU D 159 -10.52 -15.53 47.77
N THR D 160 -10.31 -14.30 47.31
CA THR D 160 -10.44 -13.94 45.90
C THR D 160 -9.07 -13.66 45.32
N ALA D 161 -8.89 -14.03 44.05
CA ALA D 161 -7.58 -13.90 43.40
C ALA D 161 -7.14 -12.44 43.37
N SER D 162 -8.02 -11.54 42.95
CA SER D 162 -7.68 -10.13 42.79
C SER D 162 -6.47 -9.97 41.87
N ALA D 163 -6.68 -10.33 40.60
CA ALA D 163 -5.59 -10.35 39.63
C ALA D 163 -4.87 -9.01 39.58
N ASP D 164 -5.61 -7.91 39.74
CA ASP D 164 -5.00 -6.58 39.72
C ASP D 164 -4.02 -6.45 40.89
N SER D 165 -2.79 -6.04 40.59
CA SER D 165 -1.77 -5.93 41.62
C SER D 165 -2.10 -4.85 42.63
N VAL D 166 -2.60 -3.70 42.16
CA VAL D 166 -2.93 -2.62 43.06
C VAL D 166 -4.05 -3.05 44.02
N ARG D 167 -5.07 -3.72 43.50
CA ARG D 167 -6.14 -4.20 44.37
C ARG D 167 -5.61 -5.24 45.35
N ALA D 168 -4.69 -6.10 44.91
CA ALA D 168 -4.15 -7.12 45.79
C ALA D 168 -3.44 -6.49 46.98
N TYR D 169 -2.67 -5.44 46.76
CA TYR D 169 -1.95 -4.79 47.84
C TYR D 169 -2.90 -4.03 48.77
N LEU D 170 -3.83 -3.26 48.20
CA LEU D 170 -4.74 -2.48 49.04
C LEU D 170 -5.63 -3.39 49.88
N LYS D 171 -6.12 -4.48 49.29
CA LYS D 171 -6.96 -5.42 50.02
C LYS D 171 -6.17 -6.09 51.15
N GLN D 172 -4.85 -6.14 51.04
CA GLN D 172 -4.04 -6.85 52.03
C GLN D 172 -3.66 -5.94 53.20
N ILE D 173 -3.40 -4.66 52.94
CA ILE D 173 -3.01 -3.75 54.01
C ILE D 173 -4.17 -3.35 54.91
N GLY D 174 -5.39 -3.74 54.57
CA GLY D 174 -6.54 -3.42 55.41
C GLY D 174 -6.73 -4.33 56.60
N LYS D 175 -5.88 -5.35 56.76
CA LYS D 175 -6.04 -6.29 57.88
C LYS D 175 -5.77 -5.58 59.21
N VAL D 176 -4.66 -4.85 59.31
CA VAL D 176 -4.24 -4.25 60.57
C VAL D 176 -5.02 -2.97 60.79
N ALA D 177 -5.60 -2.82 61.98
CA ALA D 177 -6.38 -1.65 62.30
C ALA D 177 -5.48 -0.47 62.67
N LEU D 178 -6.03 0.74 62.56
CA LEU D 178 -5.26 1.95 62.84
C LEU D 178 -5.00 2.08 64.32
N LEU D 179 -3.82 2.63 64.65
CA LEU D 179 -3.43 2.81 66.04
C LEU D 179 -3.89 4.16 66.57
N ASN D 180 -4.21 4.21 67.86
CA ASN D 180 -4.46 5.45 68.56
C ASN D 180 -3.14 6.03 69.05
N ALA D 181 -3.23 7.15 69.78
CA ALA D 181 -2.03 7.86 70.20
C ALA D 181 -1.18 7.03 71.16
N GLU D 182 -1.83 6.37 72.14
CA GLU D 182 -1.07 5.75 73.23
C GLU D 182 -0.32 4.50 72.77
N GLU D 183 -0.94 3.69 71.92
CA GLU D 183 -0.26 2.48 71.46
C GLU D 183 0.95 2.81 70.60
N GLU D 184 0.92 3.96 69.90
CA GLU D 184 2.11 4.39 69.17
C GLU D 184 3.28 4.61 70.13
N VAL D 185 3.04 5.31 71.24
CA VAL D 185 4.08 5.55 72.22
C VAL D 185 4.55 4.23 72.83
N GLU D 186 3.60 3.33 73.11
CA GLU D 186 3.98 2.03 73.67
C GLU D 186 4.87 1.26 72.71
N LEU D 187 4.52 1.25 71.41
CA LEU D 187 5.34 0.55 70.43
C LEU D 187 6.72 1.17 70.32
N ALA D 188 6.79 2.51 70.35
CA ALA D 188 8.09 3.17 70.29
C ALA D 188 8.95 2.79 71.48
N LYS D 189 8.35 2.78 72.67
CA LYS D 189 9.09 2.41 73.87
C LYS D 189 9.59 0.97 73.79
N ARG D 190 8.74 0.08 73.29
CA ARG D 190 9.14 -1.32 73.13
C ARG D 190 10.30 -1.44 72.16
N ILE D 191 10.26 -0.70 71.06
CA ILE D 191 11.34 -0.74 70.07
C ILE D 191 12.64 -0.26 70.70
N GLU D 192 12.58 0.85 71.44
CA GLU D 192 13.78 1.37 72.09
C GLU D 192 14.33 0.37 73.09
N ALA D 193 13.44 -0.25 73.88
CA ALA D 193 13.88 -1.23 74.86
C ALA D 193 14.56 -2.41 74.20
N GLY D 194 13.99 -2.91 73.11
CA GLY D 194 14.61 -4.02 72.40
C GLY D 194 15.97 -3.64 71.83
N LEU D 195 16.08 -2.44 71.26
CA LEU D 195 17.35 -1.98 70.72
C LEU D 195 18.42 -1.94 71.81
N TYR D 196 18.08 -1.35 72.96
CA TYR D 196 19.06 -1.29 74.03
C TYR D 196 19.38 -2.67 74.58
N ALA D 197 18.40 -3.57 74.61
CA ALA D 197 18.66 -4.91 75.10
C ALA D 197 19.67 -5.63 74.21
N THR D 198 19.46 -5.56 72.90
CA THR D 198 20.41 -6.21 71.99
C THR D 198 21.79 -5.54 72.07
N GLN D 199 21.83 -4.22 72.19
CA GLN D 199 23.11 -3.53 72.30
C GLN D 199 23.84 -3.95 73.57
N LYS D 200 23.12 -4.05 74.69
CA LYS D 200 23.73 -4.49 75.94
C LYS D 200 24.24 -5.92 75.83
N LEU D 201 23.46 -6.80 75.19
CA LEU D 201 23.93 -8.17 75.01
C LEU D 201 25.21 -8.21 74.20
N ALA D 202 25.27 -7.43 73.11
CA ALA D 202 26.48 -7.39 72.30
C ALA D 202 27.66 -6.84 73.10
N GLU D 203 27.43 -5.80 73.88
CA GLU D 203 28.51 -5.20 74.67
C GLU D 203 29.04 -6.18 75.70
N LEU D 204 28.15 -6.90 76.39
CA LEU D 204 28.57 -7.85 77.41
C LEU D 204 29.14 -9.14 76.82
N ALA D 205 28.85 -9.44 75.55
CA ALA D 205 29.42 -10.64 74.95
C ALA D 205 30.93 -10.58 74.90
N GLU D 206 31.50 -9.41 74.58
CA GLU D 206 32.96 -9.30 74.49
C GLU D 206 33.62 -9.58 75.83
N LYS D 207 33.06 -9.04 76.91
CA LYS D 207 33.63 -9.19 78.25
C LYS D 207 33.08 -10.39 79.00
N GLY D 208 32.62 -11.42 78.28
CA GLY D 208 32.09 -12.60 78.92
C GLY D 208 31.01 -12.28 79.93
N GLU D 209 31.28 -12.58 81.20
CA GLU D 209 30.35 -12.27 82.29
C GLU D 209 28.97 -12.88 82.03
N LYS D 210 28.95 -14.21 82.00
CA LYS D 210 27.70 -14.92 81.78
C LYS D 210 26.66 -14.51 82.81
N LEU D 211 25.46 -14.24 82.35
CA LEU D 211 24.37 -13.74 83.18
C LEU D 211 23.43 -14.86 83.55
N PRO D 212 22.56 -14.65 84.54
CA PRO D 212 21.58 -15.68 84.88
C PRO D 212 20.67 -16.00 83.69
N VAL D 213 20.26 -17.26 83.62
CA VAL D 213 19.47 -17.72 82.48
C VAL D 213 18.18 -16.91 82.35
N GLN D 214 17.55 -16.61 83.49
CA GLN D 214 16.29 -15.87 83.45
C GLN D 214 16.47 -14.49 82.83
N GLN D 215 17.53 -13.78 83.24
CA GLN D 215 17.77 -12.46 82.70
C GLN D 215 18.05 -12.50 81.20
N ARG D 216 18.84 -13.47 80.76
CA ARG D 216 19.12 -13.61 79.34
C ARG D 216 17.84 -13.89 78.55
N ARG D 217 17.03 -14.82 79.05
CA ARG D 217 15.78 -15.14 78.37
C ARG D 217 14.89 -13.91 78.29
N ASP D 218 14.81 -13.14 79.38
CA ASP D 218 14.01 -11.91 79.36
C ASP D 218 14.57 -10.91 78.37
N MET D 219 15.90 -10.79 78.27
CA MET D 219 16.49 -9.85 77.33
C MET D 219 16.13 -10.20 75.89
N GLN D 220 16.27 -11.47 75.53
CA GLN D 220 15.84 -11.90 74.21
C GLN D 220 14.35 -11.69 74.00
N TRP D 221 13.53 -11.88 75.03
CA TRP D 221 12.10 -11.64 74.87
C TRP D 221 11.81 -10.17 74.59
N ILE D 222 12.52 -9.27 75.29
CA ILE D 222 12.39 -7.84 75.01
C ILE D 222 12.79 -7.54 73.58
N CYS D 223 13.90 -8.14 73.11
CA CYS D 223 14.33 -7.88 71.74
C CYS D 223 13.27 -8.32 70.73
N ARG D 224 12.72 -9.52 70.92
CA ARG D 224 11.70 -10.01 70.00
C ARG D 224 10.46 -9.13 70.05
N ASP D 225 10.05 -8.72 71.24
CA ASP D 225 8.89 -7.84 71.36
C ASP D 225 9.13 -6.51 70.66
N GLY D 226 10.33 -5.96 70.78
CA GLY D 226 10.65 -4.71 70.09
C GLY D 226 10.58 -4.86 68.58
N ASP D 227 11.13 -5.96 68.05
CA ASP D 227 11.03 -6.21 66.61
C ASP D 227 9.58 -6.31 66.18
N ARG D 228 8.77 -7.03 66.95
CA ARG D 228 7.36 -7.19 66.61
C ARG D 228 6.64 -5.84 66.63
N ALA D 229 6.96 -4.99 67.62
CA ALA D 229 6.35 -3.67 67.69
C ALA D 229 6.73 -2.83 66.47
N LYS D 230 8.00 -2.88 66.07
CA LYS D 230 8.43 -2.15 64.88
C LYS D 230 7.62 -2.59 63.66
N ASN D 231 7.52 -3.90 63.45
CA ASN D 231 6.73 -4.38 62.33
C ASN D 231 5.29 -3.88 62.44
N HIS D 232 4.66 -4.08 63.60
CA HIS D 232 3.26 -3.72 63.77
C HIS D 232 3.03 -2.27 63.41
N LEU D 233 3.94 -1.38 63.83
CA LEU D 233 3.81 0.03 63.46
C LEU D 233 3.89 0.20 61.95
N LEU D 234 4.78 -0.56 61.29
CA LEU D 234 4.89 -0.45 59.84
C LEU D 234 3.59 -0.85 59.13
N GLU D 235 3.04 -2.03 59.45
CA GLU D 235 1.76 -2.39 58.85
C GLU D 235 0.67 -1.39 59.23
N ALA D 236 0.73 -0.81 60.42
CA ALA D 236 -0.28 0.15 60.81
C ALA D 236 -0.26 1.39 59.92
N ASN D 237 0.92 1.88 59.55
CA ASN D 237 1.03 3.11 58.79
C ASN D 237 1.20 2.90 57.28
N LEU D 238 1.17 1.66 56.81
CA LEU D 238 1.14 1.44 55.36
C LEU D 238 -0.01 2.21 54.70
N ARG D 239 -1.14 2.35 55.39
CA ARG D 239 -2.26 3.07 54.79
C ARG D 239 -1.94 4.54 54.59
N LEU D 240 -1.28 5.16 55.57
CA LEU D 240 -0.82 6.53 55.39
C LEU D 240 0.18 6.62 54.25
N VAL D 241 1.05 5.62 54.13
CA VAL D 241 2.01 5.59 53.02
C VAL D 241 1.27 5.65 51.70
N VAL D 242 0.25 4.80 51.55
CA VAL D 242 -0.51 4.77 50.30
C VAL D 242 -1.21 6.10 50.06
N SER D 243 -1.79 6.67 51.12
CA SER D 243 -2.52 7.92 50.99
C SER D 243 -1.61 9.03 50.48
N LEU D 244 -0.39 9.10 51.00
CA LEU D 244 0.55 10.12 50.53
C LEU D 244 1.08 9.79 49.13
N ALA D 245 1.25 8.50 48.83
CA ALA D 245 1.83 8.12 47.54
C ALA D 245 0.88 8.40 46.38
N LYS D 246 -0.43 8.26 46.61
CA LYS D 246 -1.37 8.39 45.49
C LYS D 246 -1.41 9.78 44.90
N ARG D 247 -0.69 10.76 45.47
CA ARG D 247 -0.74 12.13 44.97
C ARG D 247 0.20 12.38 43.80
N TYR D 248 1.16 11.48 43.55
CA TYR D 248 2.23 11.73 42.59
C TYR D 248 2.13 10.85 41.35
N THR D 249 0.91 10.44 40.97
CA THR D 249 0.74 9.62 39.78
C THR D 249 0.88 10.45 38.52
N GLY D 250 1.14 9.77 37.41
CA GLY D 250 1.24 10.43 36.11
C GLY D 250 2.44 11.34 35.96
N ARG D 251 3.59 10.93 36.48
CA ARG D 251 4.84 11.68 36.33
C ARG D 251 5.98 10.73 35.97
N GLY D 252 5.72 9.79 35.07
CA GLY D 252 6.75 8.86 34.65
C GLY D 252 7.20 7.91 35.74
N MET D 253 6.28 7.47 36.58
CA MET D 253 6.60 6.50 37.63
C MET D 253 5.36 5.70 37.97
N ALA D 254 5.53 4.41 38.22
CA ALA D 254 4.41 3.54 38.53
C ALA D 254 3.86 3.85 39.91
N PHE D 255 2.56 3.66 40.07
CA PHE D 255 1.91 3.92 41.37
C PHE D 255 2.48 3.01 42.45
N LEU D 256 2.67 1.73 42.14
CA LEU D 256 3.16 0.79 43.13
C LEU D 256 4.61 1.10 43.51
N ASP D 257 5.41 1.56 42.55
CA ASP D 257 6.77 1.98 42.87
C ASP D 257 6.76 3.16 43.82
N LEU D 258 5.84 4.11 43.59
CA LEU D 258 5.70 5.23 44.51
C LEU D 258 5.32 4.75 45.91
N ILE D 259 4.41 3.78 45.99
CA ILE D 259 4.02 3.24 47.29
C ILE D 259 5.22 2.61 47.98
N GLN D 260 6.02 1.85 47.23
CA GLN D 260 7.16 1.17 47.84
C GLN D 260 8.19 2.17 48.34
N GLU D 261 8.48 3.20 47.55
CA GLU D 261 9.42 4.23 47.99
C GLU D 261 8.87 4.96 49.21
N GLY D 262 7.56 5.23 49.22
CA GLY D 262 6.95 5.86 50.38
C GLY D 262 7.09 5.02 51.63
N ASN D 263 6.91 3.70 51.51
CA ASN D 263 7.02 2.86 52.70
C ASN D 263 8.47 2.73 53.15
N LEU D 264 9.42 2.81 52.22
CA LEU D 264 10.82 2.90 52.63
C LEU D 264 11.08 4.17 53.43
N GLY D 265 10.56 5.29 52.94
CA GLY D 265 10.65 6.53 53.70
C GLY D 265 9.98 6.42 55.07
N LEU D 266 8.87 5.69 55.13
CA LEU D 266 8.20 5.48 56.41
C LEU D 266 9.04 4.63 57.35
N ILE D 267 9.75 3.64 56.82
CA ILE D 267 10.68 2.87 57.65
C ILE D 267 11.72 3.81 58.24
N ARG D 268 12.26 4.70 57.41
CA ARG D 268 13.22 5.67 57.93
C ARG D 268 12.58 6.54 59.02
N ALA D 269 11.35 7.00 58.78
CA ALA D 269 10.67 7.85 59.77
C ALA D 269 10.50 7.11 61.08
N VAL D 270 10.09 5.84 61.02
CA VAL D 270 9.95 5.04 62.23
C VAL D 270 11.29 4.96 62.95
N GLU D 271 12.37 4.73 62.19
CA GLU D 271 13.69 4.70 62.80
C GLU D 271 14.02 6.02 63.50
N LYS D 272 13.52 7.14 62.97
CA LYS D 272 13.81 8.44 63.55
C LYS D 272 12.73 8.99 64.47
N PHE D 273 11.58 8.33 64.57
CA PHE D 273 10.48 8.89 65.35
C PHE D 273 10.86 8.99 66.82
N ASP D 274 10.50 10.11 67.46
CA ASP D 274 10.77 10.34 68.87
C ASP D 274 9.44 10.55 69.58
N TYR D 275 9.12 9.65 70.52
CA TYR D 275 7.84 9.72 71.21
C TYR D 275 7.83 10.78 72.31
N THR D 276 9.01 11.21 72.76
CA THR D 276 9.08 12.16 73.87
C THR D 276 8.41 13.48 73.51
N LYS D 277 8.61 13.96 72.28
CA LYS D 277 8.01 15.23 71.88
C LYS D 277 6.49 15.20 71.95
N GLY D 278 5.89 14.02 71.96
CA GLY D 278 4.46 13.89 72.18
C GLY D 278 3.60 14.14 70.97
N TYR D 279 4.17 14.37 69.79
CA TYR D 279 3.38 14.65 68.60
C TYR D 279 2.93 13.34 67.95
N LYS D 280 1.83 13.43 67.21
CA LYS D 280 1.32 12.25 66.53
C LYS D 280 2.33 11.75 65.50
N PHE D 281 2.42 10.42 65.37
CA PHE D 281 3.42 9.83 64.49
C PHE D 281 3.23 10.29 63.04
N SER D 282 1.98 10.51 62.62
CA SER D 282 1.74 10.89 61.23
C SER D 282 2.41 12.20 60.87
N THR D 283 2.45 13.16 61.81
CA THR D 283 3.03 14.46 61.51
C THR D 283 4.50 14.32 61.11
N TYR D 284 5.26 13.49 61.83
CA TYR D 284 6.66 13.29 61.49
C TYR D 284 6.81 12.37 60.29
N ALA D 285 5.93 11.37 60.16
CA ALA D 285 6.06 10.41 59.07
C ALA D 285 5.77 11.03 57.71
N THR D 286 4.89 12.01 57.65
CA THR D 286 4.53 12.61 56.37
C THR D 286 5.74 13.27 55.71
N TRP D 287 6.54 13.99 56.50
CA TRP D 287 7.73 14.64 55.95
C TRP D 287 8.63 13.62 55.26
N TRP D 288 8.95 12.53 55.96
CA TRP D 288 9.87 11.54 55.41
C TRP D 288 9.26 10.82 54.22
N ILE D 289 7.97 10.51 54.27
CA ILE D 289 7.33 9.83 53.14
C ILE D 289 7.38 10.71 51.90
N ARG D 290 7.03 11.99 52.05
CA ARG D 290 7.07 12.90 50.92
C ARG D 290 8.49 13.04 50.39
N GLN D 291 9.47 13.16 51.29
CA GLN D 291 10.86 13.28 50.87
C GLN D 291 11.29 12.07 50.06
N ALA D 292 11.00 10.87 50.56
CA ALA D 292 11.42 9.66 49.87
C ALA D 292 10.75 9.56 48.50
N ILE D 293 9.46 9.88 48.42
CA ILE D 293 8.75 9.78 47.14
C ILE D 293 9.35 10.76 46.14
N THR D 294 9.57 12.01 46.55
CA THR D 294 10.10 13.01 45.63
C THR D 294 11.53 12.66 45.20
N ARG D 295 12.35 12.19 46.14
CA ARG D 295 13.72 11.83 45.79
C ARG D 295 13.75 10.66 44.83
N ALA D 296 12.91 9.65 45.06
CA ALA D 296 12.85 8.51 44.15
C ALA D 296 12.39 8.94 42.76
N MET D 297 11.39 9.82 42.70
CA MET D 297 10.96 10.34 41.40
C MET D 297 12.09 11.06 40.70
N ALA D 298 12.83 11.89 41.43
CA ALA D 298 13.94 12.62 40.84
C ALA D 298 14.99 11.66 40.30
N ASP D 299 15.29 10.60 41.05
CA ASP D 299 16.38 9.69 40.68
C ASP D 299 15.98 8.64 39.65
N GLN D 300 14.67 8.45 39.39
CA GLN D 300 14.25 7.31 38.58
C GLN D 300 13.14 7.62 37.59
N ALA D 301 12.78 8.89 37.39
CA ALA D 301 11.66 9.23 36.51
C ALA D 301 12.09 9.58 35.09
N ARG D 302 13.38 9.54 34.78
CA ARG D 302 13.86 9.91 33.45
C ARG D 302 14.87 8.89 32.96
N THR D 303 14.84 8.63 31.65
CA THR D 303 15.82 7.73 31.05
C THR D 303 17.23 8.28 31.21
N ILE D 304 17.39 9.58 30.96
CA ILE D 304 18.66 10.27 31.20
C ILE D 304 18.57 10.88 32.60
N ARG D 305 19.35 10.35 33.53
CA ARG D 305 19.27 10.77 34.92
C ARG D 305 19.89 12.14 35.11
N ILE D 306 19.14 13.04 35.72
CA ILE D 306 19.62 14.38 36.07
C ILE D 306 19.84 14.42 37.59
N PRO D 307 20.97 14.94 38.07
CA PRO D 307 21.16 15.02 39.52
C PRO D 307 20.08 15.86 40.18
N VAL D 308 19.93 15.65 41.49
CA VAL D 308 18.86 16.32 42.24
C VAL D 308 19.04 17.83 42.20
N HIS D 309 20.29 18.30 42.26
CA HIS D 309 20.53 19.74 42.30
C HIS D 309 20.09 20.42 41.01
N MET D 310 20.04 19.69 39.90
CA MET D 310 19.51 20.25 38.66
C MET D 310 17.99 20.09 38.59
N VAL D 311 17.47 19.00 39.15
CA VAL D 311 16.01 18.81 39.18
C VAL D 311 15.35 19.92 39.99
N GLU D 312 16.00 20.33 41.07
CA GLU D 312 15.47 21.43 41.88
C GLU D 312 15.37 22.71 41.06
N VAL D 313 16.43 23.00 40.29
CA VAL D 313 16.43 24.20 39.46
C VAL D 313 15.33 24.12 38.41
N ILE D 314 15.18 22.94 37.80
CA ILE D 314 14.15 22.78 36.77
C ILE D 314 12.76 22.99 37.36
N ASN D 315 12.52 22.42 38.54
CA ASN D 315 11.22 22.59 39.19
C ASN D 315 10.96 24.04 39.55
N LYS D 316 11.99 24.74 40.04
CA LYS D 316 11.86 26.16 40.34
C LYS D 316 11.50 26.94 39.08
N LEU D 317 12.19 26.65 37.99
CA LEU D 317 11.91 27.32 36.72
C LEU D 317 10.48 27.07 36.29
N GLY D 318 10.02 25.83 36.39
CA GLY D 318 8.65 25.52 36.01
C GLY D 318 7.64 26.26 36.85
N ARG D 319 7.84 26.29 38.17
CA ARG D 319 6.91 26.98 39.04
C ARG D 319 6.88 28.47 38.73
N ILE D 320 8.05 29.07 38.53
CA ILE D 320 8.09 30.51 38.22
C ILE D 320 7.39 30.79 36.91
N GLN D 321 7.61 29.94 35.90
CA GLN D 321 6.95 30.14 34.62
C GLN D 321 5.44 30.02 34.75
N ARG D 322 4.97 29.03 35.51
CA ARG D 322 3.53 28.88 35.71
C ARG D 322 2.94 30.10 36.41
N GLU D 323 3.64 30.62 37.42
CA GLU D 323 3.17 31.81 38.11
C GLU D 323 3.12 33.00 37.16
N LEU D 324 4.17 33.16 36.34
CA LEU D 324 4.23 34.30 35.43
C LEU D 324 3.13 34.24 34.38
N LEU D 325 2.83 33.05 33.87
CA LEU D 325 1.85 32.94 32.80
C LEU D 325 0.48 33.47 33.24
N GLN D 326 0.15 33.32 34.52
CA GLN D 326 -1.17 33.75 35.00
C GLN D 326 -1.29 35.27 34.97
N ASP D 327 -0.29 35.98 35.52
CA ASP D 327 -0.42 37.42 35.65
C ASP D 327 -0.02 38.17 34.38
N LEU D 328 1.04 37.72 33.70
CA LEU D 328 1.45 38.38 32.46
C LEU D 328 0.39 38.23 31.38
N GLY D 329 -0.20 37.04 31.26
CA GLY D 329 -1.17 36.73 30.22
C GLY D 329 -0.52 36.16 28.98
N ARG D 330 0.65 36.68 28.62
CA ARG D 330 1.40 36.18 27.47
C ARG D 330 2.34 35.06 27.91
N GLU D 331 3.23 34.65 27.02
CA GLU D 331 4.26 33.67 27.35
C GLU D 331 5.49 34.39 27.86
N PRO D 332 5.92 34.17 29.10
CA PRO D 332 7.10 34.88 29.61
C PRO D 332 8.33 34.60 28.75
N THR D 333 9.13 35.63 28.55
CA THR D 333 10.34 35.53 27.75
C THR D 333 11.50 35.03 28.62
N PRO D 334 12.54 34.47 27.99
CA PRO D 334 13.67 33.95 28.79
C PRO D 334 14.32 35.00 29.68
N GLU D 335 14.43 36.25 29.21
CA GLU D 335 15.13 37.27 29.98
C GLU D 335 14.40 37.58 31.29
N GLU D 336 13.07 37.67 31.25
CA GLU D 336 12.34 37.96 32.47
C GLU D 336 12.50 36.85 33.50
N LEU D 337 12.41 35.60 33.05
CA LEU D 337 12.65 34.47 33.95
C LEU D 337 14.06 34.50 34.51
N ALA D 338 15.04 34.81 33.67
CA ALA D 338 16.43 34.87 34.12
C ALA D 338 16.60 35.93 35.20
N LYS D 339 16.01 37.10 35.00
CA LYS D 339 16.06 38.14 36.03
C LYS D 339 15.36 37.69 37.30
N GLU D 340 14.20 37.06 37.18
CA GLU D 340 13.46 36.64 38.38
C GLU D 340 14.21 35.58 39.16
N MET D 341 15.02 34.76 38.48
CA MET D 341 15.78 33.71 39.13
C MET D 341 17.23 34.11 39.40
N ASP D 342 17.58 35.37 39.15
CA ASP D 342 18.91 35.89 39.44
C ASP D 342 19.99 35.04 38.75
N ILE D 343 19.76 34.79 37.46
CA ILE D 343 20.70 34.04 36.64
C ILE D 343 20.68 34.63 35.23
N THR D 344 21.69 34.27 34.45
CA THR D 344 21.77 34.77 33.08
C THR D 344 20.75 34.06 32.20
N PRO D 345 20.25 34.73 31.15
CA PRO D 345 19.32 34.04 30.24
C PRO D 345 19.91 32.80 29.59
N GLU D 346 21.21 32.81 29.31
CA GLU D 346 21.86 31.63 28.75
C GLU D 346 21.71 30.44 29.67
N LYS D 347 21.75 30.67 30.99
CA LYS D 347 21.52 29.59 31.94
C LYS D 347 20.11 29.06 31.83
N VAL D 348 19.13 29.94 31.64
CA VAL D 348 17.74 29.51 31.46
C VAL D 348 17.63 28.64 30.21
N LEU D 349 18.26 29.07 29.12
CA LEU D 349 18.23 28.29 27.89
C LEU D 349 18.88 26.93 28.09
N GLU D 350 20.00 26.89 28.81
CA GLU D 350 20.68 25.63 29.07
C GLU D 350 19.80 24.70 29.89
N ILE D 351 19.11 25.24 30.89
CA ILE D 351 18.20 24.44 31.71
C ILE D 351 17.07 23.88 30.84
N GLN D 352 16.51 24.71 29.96
CA GLN D 352 15.45 24.24 29.09
C GLN D 352 15.96 23.13 28.17
N GLN D 353 17.18 23.27 27.64
CA GLN D 353 17.76 22.21 26.83
C GLN D 353 17.90 20.92 27.65
N TYR D 354 18.34 21.03 28.90
CA TYR D 354 18.46 19.86 29.76
C TYR D 354 17.10 19.24 30.04
N ALA D 355 16.04 20.04 29.99
CA ALA D 355 14.69 19.53 30.29
C ALA D 355 14.14 18.63 29.21
N ARG D 356 14.80 18.52 28.05
CA ARG D 356 14.28 17.70 26.96
C ARG D 356 14.16 16.24 27.39
N GLU D 357 13.11 15.59 26.91
CA GLU D 357 12.85 14.18 27.20
C GLU D 357 13.06 13.35 25.94
N PRO D 358 13.84 12.26 25.99
CA PRO D 358 14.00 11.42 24.80
C PRO D 358 12.67 10.87 24.33
N ILE D 359 12.53 10.75 23.02
CA ILE D 359 11.31 10.22 22.41
C ILE D 359 11.51 8.75 22.09
N SER D 360 10.40 8.02 21.98
CA SER D 360 10.46 6.61 21.69
C SER D 360 10.87 6.38 20.24
N LEU D 361 11.75 5.40 20.03
CA LEU D 361 12.20 5.03 18.70
C LEU D 361 11.22 4.12 17.98
N ASP D 362 10.15 3.70 18.65
CA ASP D 362 9.10 2.86 18.06
C ASP D 362 7.81 3.66 18.07
N GLN D 363 7.63 4.51 17.06
CA GLN D 363 6.45 5.33 16.87
C GLN D 363 5.67 4.79 15.67
N THR D 364 4.62 5.51 15.27
CA THR D 364 3.78 5.12 14.15
C THR D 364 3.73 6.22 13.10
N ILE D 365 4.89 6.78 12.74
CA ILE D 365 4.95 7.73 11.64
C ILE D 365 4.56 7.01 10.36
N GLY D 366 3.42 7.41 9.79
CA GLY D 366 2.87 6.73 8.63
C GLY D 366 1.37 6.60 8.71
N ASP D 367 0.80 6.91 9.88
CA ASP D 367 -0.64 6.86 10.11
C ASP D 367 -1.21 5.45 9.99
N GLU D 368 -0.35 4.44 10.07
CA GLU D 368 -0.78 3.05 9.97
C GLU D 368 0.28 2.18 10.62
N GLY D 369 -0.11 0.94 10.94
CA GLY D 369 0.83 -0.02 11.48
C GLY D 369 1.77 -0.55 10.42
N ASP D 370 2.47 0.35 9.73
CA ASP D 370 3.36 -0.01 8.63
C ASP D 370 4.81 0.39 8.87
N SER D 371 5.06 1.60 9.35
CA SER D 371 6.41 2.09 9.54
C SER D 371 6.51 2.77 10.89
N GLN D 372 7.71 2.69 11.48
CA GLN D 372 8.01 3.33 12.76
C GLN D 372 9.06 4.40 12.55
N LEU D 373 9.46 5.05 13.65
CA LEU D 373 10.47 6.10 13.57
C LEU D 373 11.85 5.54 13.27
N GLY D 374 12.12 4.30 13.70
CA GLY D 374 13.42 3.71 13.47
C GLY D 374 13.71 3.42 12.01
N ASP D 375 12.69 3.40 11.17
CA ASP D 375 12.85 3.10 9.75
C ASP D 375 13.25 4.31 8.92
N PHE D 376 13.40 5.48 9.53
CA PHE D 376 13.79 6.69 8.83
C PHE D 376 15.11 7.27 9.29
N ILE D 377 15.69 6.76 10.38
CA ILE D 377 16.94 7.26 10.91
C ILE D 377 18.08 6.49 10.25
N GLU D 378 18.80 7.14 9.34
CA GLU D 378 19.91 6.50 8.65
C GLU D 378 21.11 6.37 9.57
N ASP D 379 21.84 5.27 9.43
CA ASP D 379 23.09 5.10 10.17
C ASP D 379 24.13 6.07 9.65
N SER D 380 24.75 6.82 10.56
CA SER D 380 25.78 7.79 10.20
C SER D 380 27.19 7.24 10.33
N GLU D 381 27.34 5.97 10.69
CA GLU D 381 28.64 5.34 10.79
C GLU D 381 28.86 4.22 9.79
N ALA D 382 27.86 3.87 8.98
CA ALA D 382 28.02 2.81 8.01
C ALA D 382 29.08 3.21 6.98
N VAL D 383 29.92 2.23 6.61
CA VAL D 383 31.00 2.51 5.67
C VAL D 383 30.40 2.90 4.33
N VAL D 384 30.81 4.07 3.82
CA VAL D 384 30.39 4.51 2.50
C VAL D 384 31.26 3.80 1.47
N ALA D 385 30.62 3.09 0.54
CA ALA D 385 31.36 2.24 -0.40
C ALA D 385 32.40 3.05 -1.18
N VAL D 386 31.93 4.03 -1.96
CA VAL D 386 32.83 4.74 -2.87
C VAL D 386 34.00 5.34 -2.10
N ASP D 387 33.72 6.01 -0.98
CA ASP D 387 34.79 6.55 -0.16
C ASP D 387 35.78 5.46 0.23
N ALA D 388 35.27 4.35 0.77
CA ALA D 388 36.16 3.26 1.18
C ALA D 388 37.02 2.78 0.03
N VAL D 389 36.54 2.95 -1.21
CA VAL D 389 37.36 2.60 -2.36
C VAL D 389 38.42 3.67 -2.59
N SER D 390 38.00 4.93 -2.67
CA SER D 390 38.93 6.00 -2.99
C SER D 390 40.14 5.97 -2.05
N PHE D 391 39.87 5.82 -0.75
CA PHE D 391 40.96 5.78 0.22
C PHE D 391 41.97 4.70 -0.14
N THR D 392 41.49 3.47 -0.38
CA THR D 392 42.43 2.40 -0.70
C THR D 392 43.13 2.64 -2.02
N LEU D 393 42.55 3.44 -2.91
CA LEU D 393 43.28 3.86 -4.10
C LEU D 393 44.32 4.90 -3.76
N LEU D 394 43.97 5.86 -2.89
CA LEU D 394 44.96 6.85 -2.46
C LEU D 394 46.12 6.17 -1.74
N GLN D 395 45.82 5.21 -0.87
CA GLN D 395 46.87 4.43 -0.22
C GLN D 395 47.64 3.57 -1.20
N ASP D 396 47.07 3.28 -2.37
CA ASP D 396 47.74 2.47 -3.37
C ASP D 396 48.57 3.32 -4.33
N GLN D 397 48.05 4.48 -4.72
CA GLN D 397 48.77 5.35 -5.65
C GLN D 397 49.83 6.19 -4.96
N LEU D 398 49.81 6.27 -3.63
CA LEU D 398 50.80 7.01 -2.85
C LEU D 398 51.93 6.12 -2.36
N GLN D 399 51.59 5.00 -1.72
CA GLN D 399 52.62 4.10 -1.21
C GLN D 399 53.48 3.53 -2.31
N SER D 400 52.94 3.44 -3.53
CA SER D 400 53.69 2.81 -4.63
C SER D 400 54.66 3.78 -5.30
N VAL D 401 54.15 4.85 -5.88
CA VAL D 401 54.95 5.65 -6.80
C VAL D 401 55.89 6.58 -6.04
N LEU D 402 55.33 7.57 -5.32
CA LEU D 402 56.18 8.60 -4.74
C LEU D 402 57.10 8.03 -3.68
N GLU D 403 56.65 6.99 -2.98
CA GLU D 403 57.50 6.35 -1.99
C GLU D 403 58.71 5.68 -2.65
N THR D 404 58.49 5.02 -3.79
CA THR D 404 59.55 4.23 -4.39
C THR D 404 60.58 5.10 -5.10
N LEU D 405 60.15 6.19 -5.73
CA LEU D 405 61.10 7.05 -6.44
C LEU D 405 62.00 7.84 -5.50
N SER D 406 61.73 7.82 -4.20
CA SER D 406 62.54 8.53 -3.22
C SER D 406 63.64 7.68 -2.62
N GLU D 407 63.78 6.42 -3.04
CA GLU D 407 64.84 5.52 -2.57
C GLU D 407 64.70 5.36 -1.06
N ARG D 408 65.75 5.60 -0.27
CA ARG D 408 65.66 5.44 1.18
C ARG D 408 65.13 6.67 1.87
N GLU D 409 65.07 7.81 1.18
CA GLU D 409 64.45 9.01 1.74
C GLU D 409 62.97 8.81 2.02
N ALA D 410 62.36 7.77 1.46
CA ALA D 410 60.98 7.45 1.80
C ALA D 410 60.83 7.06 3.26
N GLY D 411 61.82 6.34 3.79
CA GLY D 411 61.70 5.81 5.15
C GLY D 411 61.45 6.90 6.18
N VAL D 412 62.20 7.99 6.10
CA VAL D 412 62.03 9.07 7.07
C VAL D 412 60.63 9.66 6.97
N VAL D 413 60.12 9.79 5.74
CA VAL D 413 58.77 10.30 5.55
C VAL D 413 57.76 9.34 6.17
N ARG D 414 57.95 8.04 5.97
CA ARG D 414 57.01 7.06 6.50
C ARG D 414 56.95 7.12 8.01
N LEU D 415 58.10 7.22 8.68
CA LEU D 415 58.11 7.31 10.13
C LEU D 415 57.58 8.66 10.60
N ARG D 416 57.91 9.72 9.88
CA ARG D 416 57.46 11.06 10.26
C ARG D 416 55.95 11.12 10.41
N PHE D 417 55.23 10.63 9.39
CA PHE D 417 53.77 10.64 9.40
C PHE D 417 53.16 9.34 9.86
N GLY D 418 53.96 8.28 10.01
CA GLY D 418 53.45 7.02 10.53
C GLY D 418 52.56 6.25 9.58
N LEU D 419 52.68 6.48 8.28
CA LEU D 419 51.84 5.79 7.31
C LEU D 419 52.22 4.34 7.11
N THR D 420 53.26 3.84 7.78
CA THR D 420 53.65 2.44 7.67
C THR D 420 53.03 1.57 8.76
N ASP D 421 52.85 2.11 9.97
CA ASP D 421 52.22 1.36 11.05
C ASP D 421 51.26 2.22 11.87
N GLY D 422 50.88 3.40 11.39
CA GLY D 422 50.05 4.28 12.18
C GLY D 422 50.70 4.74 13.45
N GLN D 423 52.02 4.95 13.43
CA GLN D 423 52.79 5.35 14.60
C GLN D 423 53.67 6.54 14.25
N PRO D 424 53.12 7.76 14.29
CA PRO D 424 53.95 8.95 14.07
C PRO D 424 55.10 8.98 15.07
N ARG D 425 56.28 9.36 14.59
CA ARG D 425 57.49 9.33 15.39
C ARG D 425 58.16 10.70 15.38
N THR D 426 58.64 11.14 16.54
CA THR D 426 59.43 12.35 16.61
C THR D 426 60.82 12.12 16.02
N LEU D 427 61.54 13.22 15.81
CA LEU D 427 62.87 13.13 15.19
C LEU D 427 63.78 12.20 15.99
N ASP D 428 63.84 12.38 17.31
CA ASP D 428 64.75 11.59 18.12
C ASP D 428 64.46 10.10 18.02
N GLU D 429 63.20 9.73 17.78
CA GLU D 429 62.84 8.33 17.69
C GLU D 429 63.50 7.66 16.49
N ILE D 430 64.04 8.44 15.55
CA ILE D 430 64.86 7.86 14.49
C ILE D 430 66.31 7.80 14.94
N GLY D 431 66.78 8.83 15.65
CA GLY D 431 68.16 8.87 16.10
C GLY D 431 68.45 8.00 17.31
N GLN D 432 67.40 7.53 17.99
CA GLN D 432 67.62 6.69 19.17
C GLN D 432 68.29 5.38 18.80
N VAL D 433 68.14 4.92 17.57
CA VAL D 433 68.74 3.67 17.11
C VAL D 433 69.74 3.97 16.00
N TYR D 434 69.26 4.56 14.92
CA TYR D 434 70.13 4.88 13.78
C TYR D 434 71.01 6.08 14.11
N GLY D 435 72.14 6.17 13.42
CA GLY D 435 73.15 7.16 13.68
C GLY D 435 72.86 8.55 13.15
N VAL D 436 71.79 8.74 12.40
CA VAL D 436 71.46 10.07 11.90
C VAL D 436 71.23 11.01 13.06
N THR D 437 71.55 12.29 12.86
CA THR D 437 71.43 13.31 13.88
C THR D 437 70.14 14.10 13.68
N ARG D 438 69.85 14.97 14.66
CA ARG D 438 68.55 15.63 14.71
C ARG D 438 68.36 16.59 13.55
N GLU D 439 69.23 17.60 13.43
CA GLU D 439 69.02 18.64 12.43
C GLU D 439 69.11 18.07 11.01
N ARG D 440 69.92 17.03 10.81
CA ARG D 440 70.00 16.41 9.48
C ARG D 440 68.66 15.82 9.07
N ILE D 441 67.95 15.21 10.01
CA ILE D 441 66.64 14.64 9.71
C ILE D 441 65.69 15.74 9.26
N ARG D 442 65.69 16.88 9.96
CA ARG D 442 64.83 17.98 9.56
C ARG D 442 65.21 18.52 8.18
N GLN D 443 66.52 18.61 7.90
CA GLN D 443 66.96 19.06 6.58
C GLN D 443 66.46 18.10 5.49
N ILE D 444 66.57 16.79 5.73
CA ILE D 444 66.08 15.81 4.78
C ILE D 444 64.57 15.97 4.59
N GLU D 445 63.84 16.17 5.68
CA GLU D 445 62.40 16.36 5.59
C GLU D 445 62.06 17.57 4.75
N SER D 446 62.77 18.68 4.97
CA SER D 446 62.50 19.90 4.21
C SER D 446 62.79 19.70 2.73
N LYS D 447 63.92 19.05 2.41
CA LYS D 447 64.26 18.81 1.01
C LYS D 447 63.23 17.91 0.34
N THR D 448 62.81 16.85 1.02
CA THR D 448 61.80 15.95 0.47
C THR D 448 60.48 16.68 0.28
N MET D 449 60.10 17.51 1.25
CA MET D 449 58.86 18.27 1.15
C MET D 449 58.91 19.20 -0.06
N SER D 450 60.04 19.87 -0.27
CA SER D 450 60.17 20.79 -1.38
C SER D 450 60.11 20.07 -2.72
N LYS D 451 60.83 18.95 -2.85
CA LYS D 451 60.95 18.32 -4.16
C LYS D 451 59.75 17.42 -4.49
N LEU D 452 59.00 16.97 -3.48
CA LEU D 452 57.81 16.16 -3.77
C LEU D 452 56.61 17.00 -4.19
N ARG D 453 56.70 18.32 -4.07
CA ARG D 453 55.62 19.20 -4.50
C ARG D 453 55.77 19.63 -5.95
N HIS D 454 56.69 19.02 -6.69
CA HIS D 454 56.83 19.32 -8.11
C HIS D 454 55.55 18.92 -8.84
N PRO D 455 55.02 19.76 -9.73
CA PRO D 455 53.73 19.42 -10.36
C PRO D 455 53.73 18.08 -11.07
N SER D 456 54.85 17.72 -11.73
CA SER D 456 54.89 16.45 -12.45
C SER D 456 54.55 15.27 -11.55
N ARG D 457 54.89 15.36 -10.27
CA ARG D 457 54.54 14.32 -9.30
C ARG D 457 53.61 14.85 -8.20
N SER D 458 53.18 16.10 -8.29
CA SER D 458 52.26 16.69 -7.32
C SER D 458 50.89 16.95 -7.92
N GLN D 459 50.65 16.52 -9.16
CA GLN D 459 49.35 16.66 -9.80
C GLN D 459 48.49 15.41 -9.72
N VAL D 460 49.11 14.23 -9.71
CA VAL D 460 48.33 12.99 -9.59
C VAL D 460 47.68 12.88 -8.22
N LEU D 461 48.36 13.35 -7.17
CA LEU D 461 47.84 13.31 -5.82
C LEU D 461 47.06 14.56 -5.44
N ARG D 462 46.81 15.46 -6.41
CA ARG D 462 46.14 16.72 -6.14
C ARG D 462 44.62 16.59 -6.24
N ASP D 463 44.09 15.40 -6.50
CA ASP D 463 42.65 15.19 -6.64
C ASP D 463 42.04 14.47 -5.44
N TYR D 464 42.86 14.02 -4.49
CA TYR D 464 42.37 13.35 -3.29
C TYR D 464 42.30 14.26 -2.09
N LEU D 465 42.51 15.57 -2.28
CA LEU D 465 42.52 16.50 -1.15
C LEU D 465 41.17 16.52 -0.43
N ASP D 466 40.08 16.49 -1.19
CA ASP D 466 38.75 16.55 -0.61
C ASP D 466 38.48 15.33 0.28
N PHE F 6 28.84 -21.69 6.08
CA PHE F 6 28.97 -23.18 6.17
C PHE F 6 28.40 -23.68 7.50
N PHE F 7 27.08 -23.83 7.55
CA PHE F 7 26.38 -24.30 8.74
C PHE F 7 25.78 -25.67 8.46
N ASP F 8 25.87 -26.55 9.46
CA ASP F 8 25.30 -27.89 9.36
C ASP F 8 23.87 -27.94 9.90
N GLU F 9 23.65 -27.39 11.08
CA GLU F 9 22.33 -27.41 11.69
C GLU F 9 22.22 -26.28 12.70
N LEU F 10 20.99 -25.94 13.05
CA LEU F 10 20.69 -24.88 14.01
C LEU F 10 19.89 -25.49 15.15
N ARG F 11 20.46 -25.52 16.35
CA ARG F 11 19.84 -26.19 17.49
C ARG F 11 19.31 -25.15 18.46
N ILE F 12 18.05 -25.31 18.87
CA ILE F 12 17.41 -24.47 19.87
C ILE F 12 17.29 -25.27 21.16
N GLY F 13 17.38 -24.58 22.29
CA GLY F 13 17.26 -25.21 23.58
C GLY F 13 16.64 -24.31 24.62
N LEU F 14 16.78 -24.67 25.89
CA LEU F 14 16.24 -23.90 27.01
C LEU F 14 17.41 -23.36 27.82
N ALA F 15 17.64 -22.06 27.72
CA ALA F 15 18.80 -21.46 28.39
C ALA F 15 18.64 -21.53 29.90
N THR F 16 19.74 -21.90 30.57
CA THR F 16 19.79 -21.94 32.02
C THR F 16 20.53 -20.72 32.56
N ALA F 17 20.57 -20.62 33.89
CA ALA F 17 21.26 -19.49 34.52
C ALA F 17 22.75 -19.50 34.17
N ASP F 18 23.36 -20.68 34.16
CA ASP F 18 24.78 -20.77 33.84
C ASP F 18 25.06 -20.29 32.42
N ASP F 19 24.22 -20.70 31.46
CA ASP F 19 24.42 -20.26 30.08
C ASP F 19 24.28 -18.75 29.96
N ILE F 20 23.27 -18.17 30.62
CA ILE F 20 23.08 -16.73 30.57
C ILE F 20 24.27 -16.01 31.16
N ARG F 21 24.77 -16.49 32.29
CA ARG F 21 25.93 -15.86 32.91
C ARG F 21 27.16 -15.97 32.01
N ASN F 22 27.36 -17.12 31.37
CA ASN F 22 28.51 -17.29 30.49
C ASN F 22 28.41 -16.38 29.27
N TRP F 23 27.21 -16.16 28.75
CA TRP F 23 27.06 -15.27 27.60
C TRP F 23 27.53 -13.86 27.91
N SER F 24 27.45 -13.44 29.16
CA SER F 24 27.62 -12.04 29.51
C SER F 24 29.09 -11.69 29.72
N TYR F 25 29.39 -10.41 29.47
CA TYR F 25 30.71 -9.84 29.73
C TYR F 25 30.72 -8.95 30.96
N GLY F 26 29.63 -8.94 31.73
CA GLY F 26 29.54 -8.08 32.89
C GLY F 26 28.12 -7.88 33.36
N GLU F 27 27.91 -7.78 34.67
CA GLU F 27 26.59 -7.61 35.23
C GLU F 27 26.17 -6.15 35.20
N VAL F 28 24.94 -5.90 34.78
CA VAL F 28 24.37 -4.55 34.79
C VAL F 28 23.71 -4.34 36.14
N LYS F 29 24.13 -3.29 36.86
CA LYS F 29 23.63 -3.03 38.20
C LYS F 29 23.29 -1.57 38.41
N LYS F 30 22.96 -0.85 37.33
CA LYS F 30 22.55 0.53 37.42
C LYS F 30 21.59 0.81 36.27
N PRO F 31 20.52 1.58 36.50
CA PRO F 31 19.60 1.91 35.40
C PRO F 31 20.06 3.08 34.55
N GLU F 32 21.17 3.72 34.87
CA GLU F 32 21.63 4.87 34.11
C GLU F 32 22.04 4.45 32.70
N THR F 33 21.69 5.29 31.73
CA THR F 33 22.05 5.05 30.33
C THR F 33 23.15 6.00 29.88
N ILE F 34 22.93 7.31 29.97
CA ILE F 34 23.95 8.30 29.64
C ILE F 34 23.73 9.52 30.53
N ASN F 35 24.82 10.15 30.92
CA ASN F 35 24.74 11.37 31.73
C ASN F 35 24.19 12.53 30.92
N TYR F 36 23.57 13.49 31.62
CA TYR F 36 22.88 14.58 30.95
C TYR F 36 23.84 15.52 30.22
N ARG F 37 25.02 15.77 30.79
CA ARG F 37 26.03 16.62 30.16
C ARG F 37 27.27 15.78 29.89
N THR F 38 27.87 15.99 28.73
CA THR F 38 28.93 15.20 28.11
C THR F 38 28.37 13.96 27.42
N LEU F 39 27.07 13.71 27.51
CA LEU F 39 26.38 12.70 26.69
C LEU F 39 27.24 11.46 26.45
N LYS F 40 27.80 10.92 27.53
CA LYS F 40 28.61 9.72 27.42
C LYS F 40 28.02 8.60 28.28
N PRO F 41 28.26 7.34 27.92
CA PRO F 41 27.67 6.24 28.70
C PRO F 41 28.17 6.26 30.14
N GLU F 42 27.26 5.90 31.05
CA GLU F 42 27.59 5.86 32.48
C GLU F 42 28.13 4.50 32.87
N LYS F 43 29.03 4.50 33.85
CA LYS F 43 29.67 3.26 34.29
C LYS F 43 28.66 2.34 34.96
N ASP F 44 28.76 1.05 34.68
CA ASP F 44 28.03 -0.04 35.31
C ASP F 44 26.54 -0.06 34.94
N GLY F 45 26.06 0.90 34.16
CA GLY F 45 24.68 0.95 33.74
C GLY F 45 24.49 0.46 32.32
N LEU F 46 23.32 0.79 31.76
CA LEU F 46 23.08 0.47 30.36
C LEU F 46 24.01 1.29 29.47
N PHE F 47 24.44 0.68 28.37
CA PHE F 47 25.40 1.25 27.43
C PHE F 47 26.80 1.34 28.02
N CYS F 48 27.06 0.70 29.16
CA CYS F 48 28.39 0.76 29.76
C CYS F 48 29.45 0.25 28.78
N GLU F 49 30.55 0.99 28.69
CA GLU F 49 31.61 0.60 27.78
C GLU F 49 32.43 -0.58 28.30
N LYS F 50 32.60 -0.66 29.63
CA LYS F 50 33.36 -1.77 30.20
C LYS F 50 32.69 -3.11 29.93
N ILE F 51 31.37 -3.12 29.80
CA ILE F 51 30.64 -4.36 29.56
C ILE F 51 30.44 -4.62 28.07
N PHE F 52 29.91 -3.64 27.35
CA PHE F 52 29.54 -3.81 25.95
C PHE F 52 30.63 -3.39 24.98
N GLY F 53 31.78 -2.92 25.46
CA GLY F 53 32.88 -2.55 24.60
C GLY F 53 32.94 -1.07 24.30
N PRO F 54 34.02 -0.63 23.68
CA PRO F 54 34.23 0.80 23.47
C PRO F 54 33.29 1.37 22.41
N THR F 55 33.01 2.67 22.54
CA THR F 55 32.20 3.37 21.54
C THR F 55 33.00 3.68 20.29
N ARG F 56 34.29 3.97 20.42
CA ARG F 56 35.17 4.23 19.29
C ARG F 56 36.14 3.07 19.12
N ASP F 57 36.79 3.04 17.96
CA ASP F 57 37.73 1.96 17.65
C ASP F 57 39.03 2.18 18.41
N TRP F 58 39.37 1.22 19.27
CA TRP F 58 40.61 1.26 20.05
C TRP F 58 40.75 2.57 20.82
N GLU F 59 39.66 2.98 21.48
CA GLU F 59 39.66 4.15 22.35
C GLU F 59 38.93 3.79 23.65
N CYS F 60 39.68 3.70 24.74
CA CYS F 60 39.09 3.35 26.02
C CYS F 60 38.38 4.57 26.61
N TYR F 61 37.75 4.39 27.77
CA TYR F 61 36.97 5.45 28.38
C TYR F 61 37.84 6.65 28.74
N CYS F 62 38.97 6.40 29.42
CA CYS F 62 39.83 7.48 29.88
C CYS F 62 40.80 7.97 28.81
N GLY F 63 40.92 7.26 27.69
CA GLY F 63 41.77 7.70 26.60
C GLY F 63 43.23 7.35 26.74
N LYS F 64 43.61 6.55 27.74
CA LYS F 64 45.01 6.16 27.89
C LYS F 64 45.49 5.40 26.66
N TYR F 65 44.67 4.48 26.15
CA TYR F 65 44.97 3.73 24.94
C TYR F 65 44.07 4.23 23.83
N LYS F 66 44.67 4.72 22.74
CA LYS F 66 43.89 5.31 21.66
C LYS F 66 44.42 4.94 20.27
N ARG F 67 45.13 3.83 20.14
CA ARG F 67 45.68 3.43 18.85
C ARG F 67 45.58 1.92 18.69
N VAL F 68 45.63 1.47 17.43
CA VAL F 68 45.39 0.07 17.11
C VAL F 68 46.45 -0.83 17.70
N ARG F 69 47.65 -0.29 17.97
CA ARG F 69 48.76 -1.16 18.39
C ARG F 69 48.42 -1.92 19.66
N PHE F 70 47.53 -1.39 20.50
CA PHE F 70 47.18 -2.01 21.77
C PHE F 70 46.02 -3.00 21.65
N LYS F 71 45.68 -3.41 20.44
CA LYS F 71 44.51 -4.25 20.22
C LYS F 71 44.51 -5.45 21.17
N GLY F 72 43.42 -5.62 21.90
CA GLY F 72 43.26 -6.72 22.83
C GLY F 72 43.62 -6.43 24.27
N ILE F 73 44.20 -5.26 24.54
CA ILE F 73 44.63 -4.92 25.89
C ILE F 73 43.47 -4.29 26.65
N ILE F 74 43.33 -4.69 27.92
CA ILE F 74 42.32 -4.13 28.81
C ILE F 74 42.96 -3.00 29.59
N CYS F 75 42.38 -1.80 29.48
CA CYS F 75 42.93 -0.65 30.18
C CYS F 75 42.81 -0.85 31.68
N GLU F 76 43.91 -0.70 32.40
CA GLU F 76 43.93 -0.92 33.83
C GLU F 76 43.29 0.22 34.62
N ARG F 77 42.97 1.33 33.97
CA ARG F 77 42.39 2.48 34.66
C ARG F 77 40.87 2.56 34.51
N CYS F 78 40.32 2.06 33.40
CA CYS F 78 38.88 2.06 33.19
C CYS F 78 38.31 0.70 32.82
N GLY F 79 39.15 -0.27 32.45
CA GLY F 79 38.69 -1.60 32.16
C GLY F 79 38.12 -1.81 30.78
N VAL F 80 38.09 -0.78 29.94
CA VAL F 80 37.51 -0.89 28.61
C VAL F 80 38.52 -1.55 27.68
N GLU F 81 38.10 -2.61 27.00
CA GLU F 81 38.95 -3.25 26.01
C GLU F 81 39.05 -2.38 24.76
N VAL F 82 40.21 -2.40 24.12
CA VAL F 82 40.46 -1.62 22.91
C VAL F 82 40.26 -2.56 21.72
N THR F 83 39.14 -2.39 21.02
CA THR F 83 38.80 -3.22 19.88
C THR F 83 37.91 -2.41 18.95
N ARG F 84 37.34 -3.09 17.96
CA ARG F 84 36.40 -2.43 17.04
C ARG F 84 35.19 -1.93 17.80
N ALA F 85 34.69 -0.75 17.40
CA ALA F 85 33.50 -0.20 18.02
C ALA F 85 32.25 -1.01 17.70
N LYS F 86 32.31 -1.89 16.70
CA LYS F 86 31.15 -2.67 16.30
C LYS F 86 30.92 -3.89 17.18
N VAL F 87 31.79 -4.14 18.17
CA VAL F 87 31.54 -5.22 19.11
C VAL F 87 30.35 -4.91 20.02
N ARG F 88 29.92 -3.65 20.07
CA ARG F 88 28.82 -3.26 20.94
C ARG F 88 27.49 -3.88 20.51
N ARG F 89 27.41 -4.45 19.32
CA ARG F 89 26.21 -5.15 18.86
C ARG F 89 26.32 -6.65 19.00
N GLU F 90 27.34 -7.15 19.71
CA GLU F 90 27.50 -8.59 19.92
C GLU F 90 27.89 -8.94 21.34
N ARG F 91 28.04 -7.98 22.25
CA ARG F 91 28.39 -8.24 23.64
C ARG F 91 27.14 -8.19 24.49
N MET F 92 26.91 -9.24 25.28
CA MET F 92 25.71 -9.38 26.08
C MET F 92 26.00 -9.09 27.56
N GLY F 93 24.95 -8.69 28.28
CA GLY F 93 25.03 -8.52 29.71
C GLY F 93 23.86 -9.20 30.39
N HIS F 94 23.99 -9.37 31.71
CA HIS F 94 22.98 -10.04 32.49
C HIS F 94 22.69 -9.25 33.76
N ILE F 95 21.51 -9.50 34.33
CA ILE F 95 21.09 -8.93 35.60
C ILE F 95 20.90 -10.07 36.58
N GLU F 96 21.58 -10.01 37.72
CA GLU F 96 21.46 -11.02 38.77
C GLU F 96 20.37 -10.55 39.72
N LEU F 97 19.19 -11.17 39.63
CA LEU F 97 18.03 -10.75 40.40
C LEU F 97 17.89 -11.60 41.66
N ALA F 98 17.60 -10.93 42.78
CA ALA F 98 17.58 -11.62 44.06
C ALA F 98 16.50 -12.68 44.12
N ALA F 99 15.30 -12.37 43.64
CA ALA F 99 14.17 -13.30 43.72
C ALA F 99 14.02 -14.05 42.40
N PRO F 100 13.91 -15.37 42.42
CA PRO F 100 13.65 -16.09 41.15
C PRO F 100 12.32 -15.69 40.54
N VAL F 101 12.27 -15.74 39.22
CA VAL F 101 11.05 -15.46 38.46
C VAL F 101 10.84 -16.56 37.44
N THR F 102 9.60 -16.72 37.01
CA THR F 102 9.22 -17.74 36.04
C THR F 102 9.01 -17.09 34.68
N HIS F 103 9.59 -17.71 33.64
CA HIS F 103 9.39 -17.23 32.28
C HIS F 103 7.91 -17.25 31.93
N ILE F 104 7.43 -16.15 31.35
CA ILE F 104 6.00 -16.02 31.07
C ILE F 104 5.57 -17.02 30.02
N TRP F 105 6.46 -17.34 29.07
CA TRP F 105 6.08 -18.24 27.98
C TRP F 105 5.60 -19.59 28.51
N TYR F 106 6.32 -20.17 29.46
CA TYR F 106 5.97 -21.49 29.96
C TYR F 106 4.89 -21.41 31.05
N PHE F 107 4.81 -20.28 31.76
CA PHE F 107 3.79 -20.13 32.78
C PHE F 107 2.40 -20.25 32.17
N LYS F 108 2.04 -19.34 31.26
CA LYS F 108 0.76 -19.36 30.58
C LYS F 108 0.97 -19.16 29.09
N GLY F 109 0.61 -20.17 28.30
CA GLY F 109 0.75 -20.10 26.87
C GLY F 109 -0.37 -20.77 26.10
N VAL F 110 -1.40 -21.23 26.81
CA VAL F 110 -2.54 -21.88 26.17
C VAL F 110 -2.03 -23.00 25.27
N PRO F 111 -1.62 -24.16 25.80
CA PRO F 111 -1.69 -24.56 27.21
C PRO F 111 -0.54 -24.05 28.07
N SER F 112 -0.71 -24.16 29.39
CA SER F 112 0.35 -23.81 30.32
C SER F 112 1.30 -24.99 30.48
N ARG F 113 2.56 -24.80 30.07
CA ARG F 113 3.54 -25.89 30.15
C ARG F 113 3.82 -26.29 31.60
N LEU F 114 3.95 -25.30 32.49
CA LEU F 114 4.13 -25.63 33.90
C LEU F 114 2.90 -26.33 34.46
N GLY F 115 1.72 -25.88 34.06
CA GLY F 115 0.50 -26.52 34.52
C GLY F 115 0.44 -27.99 34.16
N TYR F 116 0.80 -28.33 32.91
CA TYR F 116 0.81 -29.72 32.49
C TYR F 116 1.94 -30.49 33.16
N LEU F 117 3.10 -29.86 33.35
CA LEU F 117 4.23 -30.56 33.97
C LEU F 117 3.91 -30.95 35.41
N LEU F 118 3.37 -30.01 36.18
CA LEU F 118 3.08 -30.25 37.59
C LEU F 118 1.63 -30.66 37.84
N ASP F 119 0.73 -30.43 36.88
CA ASP F 119 -0.67 -30.79 37.00
C ASP F 119 -1.43 -29.85 37.94
N LEU F 120 -0.99 -28.60 37.99
CA LEU F 120 -1.73 -27.56 38.69
C LEU F 120 -2.51 -26.72 37.67
N ALA F 121 -3.75 -26.41 38.01
CA ALA F 121 -4.56 -25.61 37.09
C ALA F 121 -3.94 -24.22 36.94
N PRO F 122 -4.04 -23.61 35.75
CA PRO F 122 -3.46 -22.27 35.58
C PRO F 122 -3.99 -21.25 36.58
N LYS F 123 -5.28 -21.33 36.92
CA LYS F 123 -5.82 -20.41 37.92
C LYS F 123 -5.17 -20.61 39.28
N ASP F 124 -4.92 -21.86 39.67
CA ASP F 124 -4.22 -22.13 40.93
C ASP F 124 -2.74 -21.79 40.82
N LEU F 125 -2.11 -22.15 39.70
CA LEU F 125 -0.70 -21.83 39.52
C LEU F 125 -0.47 -20.32 39.49
N GLU F 126 -1.45 -19.57 38.98
CA GLU F 126 -1.31 -18.12 38.94
C GLU F 126 -1.20 -17.54 40.34
N LYS F 127 -2.00 -18.05 41.27
CA LYS F 127 -2.00 -17.50 42.63
C LYS F 127 -0.67 -17.76 43.34
N ILE F 128 -0.05 -18.90 43.07
CA ILE F 128 1.23 -19.21 43.71
C ILE F 128 2.31 -18.23 43.25
N ILE F 129 2.39 -18.01 41.94
CA ILE F 129 3.47 -17.20 41.39
C ILE F 129 3.36 -15.75 41.88
N TYR F 130 2.14 -15.21 41.88
CA TYR F 130 1.91 -13.83 42.30
C TYR F 130 1.50 -13.71 43.76
N PHE F 131 2.00 -14.62 44.62
CA PHE F 131 1.94 -14.45 46.07
C PHE F 131 0.50 -14.24 46.55
N ALA F 132 -0.41 -15.07 46.07
CA ALA F 132 -1.81 -15.01 46.50
C ALA F 132 -2.23 -16.19 47.36
N ALA F 133 -1.52 -17.31 47.30
CA ALA F 133 -1.85 -18.46 48.12
C ALA F 133 -0.60 -19.34 48.28
N TYR F 134 -0.49 -19.98 49.44
CA TYR F 134 0.65 -20.82 49.73
C TYR F 134 0.49 -22.19 49.07
N VAL F 135 1.63 -22.83 48.81
CA VAL F 135 1.66 -24.19 48.28
C VAL F 135 2.63 -25.01 49.13
N ILE F 136 2.25 -26.25 49.41
CA ILE F 136 3.08 -27.16 50.20
C ILE F 136 4.10 -27.81 49.27
N THR F 137 5.37 -27.70 49.65
CA THR F 137 6.46 -28.25 48.84
C THR F 137 6.83 -29.67 49.27
N SER F 138 6.75 -29.96 50.57
CA SER F 138 7.12 -31.28 51.07
C SER F 138 6.38 -31.54 52.37
N VAL F 139 5.97 -32.79 52.58
CA VAL F 139 5.33 -33.23 53.81
C VAL F 139 6.05 -34.46 54.31
N ASP F 140 6.32 -34.49 55.61
CA ASP F 140 7.02 -35.60 56.25
C ASP F 140 5.98 -36.61 56.73
N ASP F 141 5.76 -37.64 55.91
CA ASP F 141 4.76 -38.65 56.26
C ASP F 141 5.26 -39.58 57.37
N GLU F 142 6.53 -39.98 57.31
CA GLU F 142 7.06 -40.91 58.30
C GLU F 142 7.02 -40.30 59.70
N MET F 143 7.44 -39.04 59.82
CA MET F 143 7.42 -38.38 61.13
C MET F 143 6.00 -38.22 61.63
N ARG F 144 5.05 -37.90 60.75
CA ARG F 144 3.67 -37.72 61.16
C ARG F 144 3.09 -39.03 61.71
N HIS F 145 3.37 -40.14 61.05
CA HIS F 145 2.82 -41.42 61.50
C HIS F 145 3.35 -41.81 62.86
N ASN F 146 4.64 -41.60 63.11
CA ASN F 146 5.24 -41.97 64.39
C ASN F 146 4.75 -41.11 65.54
N GLU F 147 4.11 -39.97 65.26
CA GLU F 147 3.68 -39.05 66.30
C GLU F 147 2.27 -38.53 66.00
N LEU F 148 1.38 -39.42 65.59
CA LEU F 148 0.03 -39.03 65.23
C LEU F 148 -0.92 -39.05 66.44
N SER F 149 -0.84 -40.11 67.25
CA SER F 149 -1.74 -40.22 68.40
C SER F 149 -1.50 -39.09 69.40
N THR F 150 -0.23 -38.72 69.61
CA THR F 150 0.06 -37.62 70.52
C THR F 150 -0.61 -36.34 70.07
N LEU F 151 -0.60 -36.07 68.77
CA LEU F 151 -1.29 -34.89 68.25
C LEU F 151 -2.80 -35.00 68.46
N GLU F 152 -3.35 -36.20 68.32
CA GLU F 152 -4.77 -36.39 68.59
C GLU F 152 -5.10 -36.04 70.04
N ALA F 153 -4.27 -36.50 70.98
CA ALA F 153 -4.51 -36.19 72.38
C ALA F 153 -4.35 -34.69 72.65
N GLU F 154 -3.33 -34.07 72.06
CA GLU F 154 -3.11 -32.64 72.24
C GLU F 154 -4.23 -31.81 71.63
N MET F 155 -4.92 -32.34 70.62
CA MET F 155 -6.07 -31.64 70.06
C MET F 155 -7.32 -31.87 70.91
N ALA F 156 -7.47 -33.08 71.43
CA ALA F 156 -8.63 -33.39 72.27
C ALA F 156 -8.60 -32.58 73.55
N VAL F 157 -7.43 -32.37 74.13
CA VAL F 157 -7.34 -31.57 75.35
C VAL F 157 -7.81 -30.15 75.08
N GLU F 158 -7.40 -29.57 73.95
CA GLU F 158 -7.84 -28.22 73.60
C GLU F 158 -9.34 -28.18 73.36
N LYS F 159 -9.89 -29.19 72.69
CA LYS F 159 -11.33 -29.23 72.47
C LYS F 159 -12.08 -29.30 73.81
N LYS F 160 -11.58 -30.12 74.74
CA LYS F 160 -12.22 -30.21 76.05
C LYS F 160 -12.11 -28.89 76.81
N ALA F 161 -10.97 -28.21 76.69
CA ALA F 161 -10.85 -26.90 77.32
C ALA F 161 -11.86 -25.92 76.76
N VAL F 162 -12.05 -25.92 75.44
CA VAL F 162 -13.05 -25.05 74.84
C VAL F 162 -14.44 -25.39 75.35
N GLU F 163 -14.76 -26.69 75.42
CA GLU F 163 -16.06 -27.11 75.93
C GLU F 163 -16.27 -26.63 77.36
N ASP F 164 -15.25 -26.80 78.22
CA ASP F 164 -15.38 -26.39 79.61
C ASP F 164 -15.56 -24.89 79.73
N GLN F 165 -14.81 -24.12 78.93
CA GLN F 165 -14.98 -22.67 78.96
C GLN F 165 -16.38 -22.27 78.53
N ARG F 166 -16.89 -22.89 77.47
CA ARG F 166 -18.25 -22.57 77.02
C ARG F 166 -19.28 -22.91 78.09
N ASP F 167 -19.12 -24.07 78.75
CA ASP F 167 -20.06 -24.44 79.80
C ASP F 167 -20.01 -23.46 80.96
N ALA F 168 -18.80 -23.04 81.35
CA ALA F 168 -18.67 -22.07 82.43
C ALA F 168 -19.31 -20.74 82.06
N ASP F 169 -19.12 -20.29 80.83
CA ASP F 169 -19.74 -19.04 80.38
C ASP F 169 -21.25 -19.16 80.40
N LEU F 170 -21.79 -20.29 79.93
CA LEU F 170 -23.23 -20.48 79.96
C LEU F 170 -23.75 -20.47 81.39
N GLU F 171 -23.05 -21.14 82.30
CA GLU F 171 -23.48 -21.16 83.70
C GLU F 171 -23.48 -19.76 84.29
N ALA F 172 -22.41 -18.98 84.03
CA ALA F 172 -22.34 -17.63 84.57
C ALA F 172 -23.46 -16.76 84.02
N ARG F 173 -23.73 -16.86 82.71
CA ARG F 173 -24.77 -16.02 82.13
C ARG F 173 -26.15 -16.43 82.63
N ALA F 174 -26.37 -17.74 82.84
CA ALA F 174 -27.63 -18.18 83.42
C ALA F 174 -27.80 -17.67 84.83
N GLN F 175 -26.72 -17.69 85.62
CA GLN F 175 -26.77 -17.14 86.97
C GLN F 175 -27.12 -15.65 86.93
N LYS F 176 -26.52 -14.92 85.99
CA LYS F 176 -26.89 -13.50 85.84
C LYS F 176 -28.36 -13.36 85.46
N LEU F 177 -28.85 -14.22 84.56
CA LEU F 177 -30.24 -14.17 84.17
C LEU F 177 -31.17 -14.34 85.37
N GLU F 178 -30.88 -15.33 86.21
CA GLU F 178 -31.70 -15.54 87.40
C GLU F 178 -31.55 -14.41 88.41
N ALA F 179 -30.43 -13.68 88.38
CA ALA F 179 -30.25 -12.57 89.29
C ALA F 179 -31.04 -11.33 88.86
N ASP F 180 -31.21 -11.14 87.56
CA ASP F 180 -31.93 -9.97 87.05
C ASP F 180 -33.44 -10.11 87.15
N LEU F 181 -33.95 -11.30 87.47
CA LEU F 181 -35.38 -11.51 87.63
C LEU F 181 -35.85 -11.29 89.07
N ALA F 182 -34.94 -10.99 90.00
CA ALA F 182 -35.32 -10.76 91.38
C ALA F 182 -35.76 -9.33 91.64
N GLU F 183 -35.03 -8.34 91.11
CA GLU F 183 -35.36 -6.95 91.31
C GLU F 183 -36.39 -6.43 90.30
N LEU F 184 -36.70 -7.20 89.26
CA LEU F 184 -37.69 -6.81 88.26
C LEU F 184 -39.02 -7.52 88.45
N GLU F 185 -39.08 -8.56 89.29
CA GLU F 185 -40.34 -9.22 89.59
C GLU F 185 -40.96 -8.73 90.88
N ALA F 186 -40.19 -8.10 91.76
CA ALA F 186 -40.77 -7.53 92.98
C ALA F 186 -41.77 -6.43 92.63
N GLU F 187 -41.44 -5.59 91.65
CA GLU F 187 -42.35 -4.55 91.18
C GLU F 187 -43.35 -5.18 90.20
N GLY F 188 -44.63 -4.92 90.42
CA GLY F 188 -45.67 -5.50 89.60
C GLY F 188 -45.79 -4.83 88.24
N ALA F 189 -44.77 -4.99 87.40
CA ALA F 189 -44.80 -4.41 86.06
C ALA F 189 -45.50 -5.36 85.11
N LYS F 190 -45.53 -5.01 83.82
CA LYS F 190 -46.19 -5.82 82.81
C LYS F 190 -45.21 -6.84 82.23
N SER F 191 -45.70 -7.63 81.28
CA SER F 191 -44.88 -8.66 80.66
C SER F 191 -43.73 -8.07 79.84
N ASP F 192 -43.85 -6.82 79.40
CA ASP F 192 -42.77 -6.20 78.64
C ASP F 192 -41.50 -6.10 79.46
N VAL F 193 -41.63 -5.72 80.73
CA VAL F 193 -40.46 -5.60 81.59
C VAL F 193 -39.77 -6.94 81.75
N ARG F 194 -40.55 -8.01 81.89
CA ARG F 194 -39.98 -9.35 81.98
C ARG F 194 -39.53 -9.88 80.63
N ARG F 195 -40.22 -9.50 79.56
CA ARG F 195 -39.90 -10.05 78.24
C ARG F 195 -38.53 -9.60 77.75
N LYS F 196 -38.16 -8.35 78.02
CA LYS F 196 -36.88 -7.84 77.55
C LYS F 196 -35.72 -8.63 78.14
N VAL F 197 -35.78 -8.92 79.45
CA VAL F 197 -34.73 -9.69 80.10
C VAL F 197 -34.66 -11.10 79.52
N ARG F 198 -35.83 -11.72 79.32
CA ARG F 198 -35.86 -13.06 78.75
C ARG F 198 -35.22 -13.08 77.36
N ASP F 199 -35.57 -12.11 76.51
CA ASP F 199 -35.00 -12.07 75.17
C ASP F 199 -33.50 -11.84 75.21
N SER F 200 -33.04 -10.92 76.05
CA SER F 200 -31.61 -10.65 76.15
C SER F 200 -30.85 -11.89 76.61
N GLY F 201 -31.39 -12.58 77.62
CA GLY F 201 -30.74 -13.79 78.10
C GLY F 201 -30.70 -14.87 77.05
N GLU F 202 -31.82 -15.07 76.33
CA GLU F 202 -31.85 -16.09 75.28
C GLU F 202 -30.82 -15.77 74.20
N ARG F 203 -30.75 -14.51 73.76
CA ARG F 203 -29.78 -14.15 72.74
C ARG F 203 -28.35 -14.33 73.24
N GLU F 204 -28.10 -14.02 74.51
CA GLU F 204 -26.77 -14.22 75.07
C GLU F 204 -26.40 -15.70 75.08
N MET F 205 -27.35 -16.56 75.48
CA MET F 205 -27.09 -18.00 75.42
C MET F 205 -26.78 -18.43 74.00
N ARG F 206 -27.57 -17.97 73.03
CA ARG F 206 -27.37 -18.40 71.65
C ARG F 206 -26.00 -17.95 71.15
N GLN F 207 -25.59 -16.72 71.46
CA GLN F 207 -24.29 -16.23 71.01
C GLN F 207 -23.16 -17.00 71.69
N LEU F 208 -23.26 -17.23 73.00
CA LEU F 208 -22.22 -17.97 73.70
C LEU F 208 -22.08 -19.38 73.13
N ARG F 209 -23.20 -19.99 72.74
CA ARG F 209 -23.15 -21.33 72.18
C ARG F 209 -22.57 -21.32 70.76
N ASP F 210 -23.02 -20.38 69.91
CA ASP F 210 -22.62 -20.44 68.51
C ASP F 210 -21.18 -20.00 68.31
N ARG F 211 -20.67 -19.09 69.15
CA ARG F 211 -19.25 -18.74 69.06
C ARG F 211 -18.38 -19.96 69.37
N ALA F 212 -18.74 -20.71 70.42
CA ALA F 212 -17.99 -21.93 70.74
C ALA F 212 -18.12 -22.95 69.64
N GLN F 213 -19.32 -23.06 69.04
CA GLN F 213 -19.49 -24.00 67.93
C GLN F 213 -18.61 -23.62 66.75
N ARG F 214 -18.53 -22.32 66.45
CA ARG F 214 -17.66 -21.87 65.37
C ARG F 214 -16.19 -22.17 65.68
N GLU F 215 -15.76 -21.94 66.92
CA GLU F 215 -14.39 -22.26 67.29
C GLU F 215 -14.12 -23.75 67.13
N LEU F 216 -15.06 -24.60 67.55
CA LEU F 216 -14.89 -26.04 67.40
C LEU F 216 -14.82 -26.43 65.92
N ASP F 217 -15.67 -25.82 65.09
CA ASP F 217 -15.63 -26.11 63.67
C ASP F 217 -14.30 -25.71 63.05
N ARG F 218 -13.78 -24.55 63.44
CA ARG F 218 -12.47 -24.11 62.94
C ARG F 218 -11.37 -25.07 63.38
N LEU F 219 -11.43 -25.52 64.64
CA LEU F 219 -10.44 -26.48 65.12
C LEU F 219 -10.50 -27.79 64.35
N ASP F 220 -11.71 -28.28 64.09
CA ASP F 220 -11.86 -29.51 63.30
C ASP F 220 -11.32 -29.31 61.89
N GLU F 221 -11.58 -28.14 61.30
CA GLU F 221 -11.04 -27.86 59.97
C GLU F 221 -9.52 -27.88 59.99
N ILE F 222 -8.92 -27.28 61.02
CA ILE F 222 -7.46 -27.27 61.11
C ILE F 222 -6.93 -28.70 61.20
N TRP F 223 -7.55 -29.52 62.05
CA TRP F 223 -7.08 -30.89 62.20
C TRP F 223 -7.23 -31.67 60.90
N ASN F 224 -8.38 -31.54 60.23
CA ASN F 224 -8.61 -32.26 58.98
C ASN F 224 -7.64 -31.82 57.89
N THR F 225 -7.35 -30.51 57.82
CA THR F 225 -6.38 -30.03 56.84
C THR F 225 -5.00 -30.57 57.13
N PHE F 226 -4.61 -30.62 58.41
CA PHE F 226 -3.29 -31.15 58.76
C PHE F 226 -3.17 -32.63 58.41
N THR F 227 -4.17 -33.43 58.79
CA THR F 227 -4.05 -34.87 58.60
C THR F 227 -4.04 -35.26 57.13
N LYS F 228 -4.72 -34.49 56.28
CA LYS F 228 -4.76 -34.75 54.84
C LYS F 228 -3.67 -34.00 54.08
N LEU F 229 -2.79 -33.28 54.78
CA LEU F 229 -1.80 -32.46 54.10
C LEU F 229 -0.95 -33.28 53.16
N ALA F 230 -0.76 -32.78 51.95
CA ALA F 230 0.04 -33.43 50.92
C ALA F 230 0.78 -32.38 50.12
N PRO F 231 1.87 -32.75 49.46
CA PRO F 231 2.60 -31.78 48.65
C PRO F 231 1.79 -31.34 47.44
N LYS F 232 2.14 -30.16 46.93
CA LYS F 232 1.42 -29.50 45.84
C LYS F 232 -0.02 -29.18 46.22
N GLN F 233 -0.28 -28.97 47.51
CA GLN F 233 -1.61 -28.61 48.00
C GLN F 233 -1.68 -27.11 48.22
N LEU F 234 -2.72 -26.49 47.68
CA LEU F 234 -2.86 -25.04 47.72
C LEU F 234 -3.68 -24.64 48.95
N ILE F 235 -3.10 -23.82 49.81
CA ILE F 235 -3.79 -23.26 50.96
C ILE F 235 -4.05 -21.78 50.66
N VAL F 236 -5.31 -21.41 50.51
CA VAL F 236 -5.65 -20.06 50.12
C VAL F 236 -5.89 -19.15 51.33
N ASP F 237 -6.16 -19.72 52.50
CA ASP F 237 -6.43 -18.93 53.70
C ASP F 237 -5.11 -18.69 54.44
N GLU F 238 -4.79 -17.41 54.65
CA GLU F 238 -3.55 -17.07 55.36
C GLU F 238 -3.63 -17.48 56.82
N VAL F 239 -4.78 -17.26 57.47
CA VAL F 239 -4.92 -17.59 58.88
C VAL F 239 -4.75 -19.09 59.10
N LEU F 240 -5.36 -19.90 58.23
CA LEU F 240 -5.22 -21.34 58.36
C LEU F 240 -3.78 -21.77 58.18
N TYR F 241 -3.07 -21.17 57.23
CA TYR F 241 -1.68 -21.53 57.02
C TYR F 241 -0.82 -21.14 58.22
N ARG F 242 -1.09 -19.97 58.81
CA ARG F 242 -0.37 -19.60 60.03
C ARG F 242 -0.65 -20.58 61.16
N GLU F 243 -1.90 -20.99 61.31
CA GLU F 243 -2.24 -21.97 62.35
C GLU F 243 -1.47 -23.26 62.13
N LEU F 244 -1.46 -23.75 60.89
CA LEU F 244 -0.74 -24.99 60.60
C LEU F 244 0.75 -24.82 60.86
N GLN F 245 1.32 -23.68 60.46
CA GLN F 245 2.76 -23.48 60.66
C GLN F 245 3.12 -23.47 62.14
N ASP F 246 2.32 -22.80 62.97
CA ASP F 246 2.66 -22.74 64.39
C ASP F 246 2.41 -24.08 65.07
N ARG F 247 1.35 -24.79 64.69
CA ARG F 247 1.03 -26.05 65.35
C ARG F 247 2.02 -27.15 64.97
N TYR F 248 2.32 -27.28 63.68
CA TYR F 248 3.12 -28.38 63.14
C TYR F 248 4.18 -27.85 62.18
N GLY F 249 4.92 -26.84 62.63
CA GLY F 249 5.87 -26.19 61.73
C GLY F 249 6.90 -27.14 61.16
N GLU F 250 7.36 -28.10 61.97
CA GLU F 250 8.40 -29.03 61.54
C GLU F 250 7.85 -30.26 60.83
N TYR F 251 6.53 -30.36 60.65
CA TYR F 251 5.92 -31.50 59.99
C TYR F 251 5.67 -31.27 58.50
N PHE F 252 5.94 -30.08 57.99
CA PHE F 252 5.71 -29.78 56.58
C PHE F 252 6.43 -28.50 56.22
N THR F 253 6.43 -28.18 54.93
CA THR F 253 7.05 -26.97 54.41
C THR F 253 6.16 -26.39 53.32
N GLY F 254 5.96 -25.08 53.36
CA GLY F 254 5.18 -24.40 52.35
C GLY F 254 5.83 -23.07 51.97
N ALA F 255 5.39 -22.53 50.85
CA ALA F 255 5.97 -21.29 50.35
C ALA F 255 5.08 -20.71 49.24
N MET F 256 5.44 -19.50 48.82
CA MET F 256 4.79 -18.82 47.71
C MET F 256 5.84 -18.31 46.74
N GLY F 257 5.40 -17.94 45.55
CA GLY F 257 6.25 -17.32 44.56
C GLY F 257 6.93 -18.34 43.66
N ALA F 258 7.81 -17.82 42.81
CA ALA F 258 8.55 -18.68 41.90
C ALA F 258 9.48 -19.62 42.65
N GLU F 259 9.87 -19.26 43.87
CA GLU F 259 10.75 -20.14 44.65
C GLU F 259 10.05 -21.45 44.98
N SER F 260 8.77 -21.39 45.32
CA SER F 260 8.02 -22.61 45.63
C SER F 260 7.94 -23.51 44.40
N ILE F 261 7.68 -22.94 43.23
CA ILE F 261 7.63 -23.74 42.01
C ILE F 261 9.00 -24.31 41.69
N LYS F 262 10.06 -23.54 41.95
CA LYS F 262 11.41 -24.04 41.74
C LYS F 262 11.67 -25.26 42.61
N LYS F 263 11.28 -25.18 43.89
CA LYS F 263 11.45 -26.32 44.78
C LYS F 263 10.62 -27.52 44.31
N LEU F 264 9.38 -27.26 43.88
CA LEU F 264 8.52 -28.34 43.40
C LEU F 264 9.15 -29.05 42.22
N ILE F 265 9.67 -28.29 41.25
CA ILE F 265 10.34 -28.89 40.11
C ILE F 265 11.58 -29.63 40.54
N GLU F 266 12.32 -29.09 41.52
CA GLU F 266 13.54 -29.72 41.97
C GLU F 266 13.25 -31.11 42.57
N ASN F 267 12.19 -31.20 43.37
CA ASN F 267 11.81 -32.47 43.99
C ASN F 267 10.65 -33.15 43.25
N PHE F 268 10.61 -33.02 41.93
CA PHE F 268 9.57 -33.63 41.11
C PHE F 268 10.22 -34.63 40.15
N ASP F 269 9.92 -35.91 40.34
CA ASP F 269 10.50 -36.96 39.50
C ASP F 269 9.67 -37.13 38.24
N ILE F 270 10.35 -37.24 37.10
CA ILE F 270 9.67 -37.26 35.82
C ILE F 270 9.41 -38.68 35.31
N ASP F 271 10.29 -39.64 35.64
CA ASP F 271 10.10 -41.01 35.18
C ASP F 271 8.81 -41.60 35.73
N ALA F 272 8.58 -41.45 37.03
CA ALA F 272 7.38 -42.00 37.65
C ALA F 272 6.13 -41.35 37.07
N GLU F 273 6.16 -40.04 36.86
CA GLU F 273 5.02 -39.35 36.28
C GLU F 273 4.74 -39.85 34.87
N ALA F 274 5.79 -40.03 34.06
CA ALA F 274 5.59 -40.54 32.71
C ALA F 274 4.99 -41.93 32.73
N GLU F 275 5.51 -42.80 33.60
CA GLU F 275 4.97 -44.15 33.70
C GLU F 275 3.49 -44.11 34.09
N SER F 276 3.16 -43.33 35.10
CA SER F 276 1.76 -43.25 35.53
C SER F 276 0.87 -42.72 34.42
N LEU F 277 1.34 -41.70 33.69
CA LEU F 277 0.57 -41.17 32.58
C LEU F 277 0.34 -42.23 31.51
N ARG F 278 1.37 -43.00 31.18
CA ARG F 278 1.22 -44.04 30.17
C ARG F 278 0.20 -45.09 30.61
N GLU F 279 0.29 -45.52 31.86
CA GLU F 279 -0.66 -46.50 32.37
C GLU F 279 -2.08 -45.95 32.40
N VAL F 280 -2.24 -44.65 32.68
CA VAL F 280 -3.58 -44.06 32.63
C VAL F 280 -4.09 -44.01 31.19
N ILE F 281 -3.19 -43.71 30.24
CA ILE F 281 -3.60 -43.67 28.83
C ILE F 281 -4.07 -45.04 28.36
N ARG F 282 -3.32 -46.09 28.68
CA ARG F 282 -3.72 -47.42 28.20
C ARG F 282 -4.95 -47.94 28.93
N SER F 283 -5.20 -47.47 30.15
CA SER F 283 -6.32 -47.97 30.96
C SER F 283 -7.55 -47.08 30.82
N GLY F 284 -7.41 -45.79 31.08
CA GLY F 284 -8.57 -44.91 31.11
C GLY F 284 -9.20 -44.78 29.74
N LYS F 285 -10.48 -44.41 29.73
CA LYS F 285 -11.25 -44.22 28.51
C LYS F 285 -11.78 -42.79 28.39
N GLY F 286 -12.32 -42.23 29.46
CA GLY F 286 -12.96 -40.93 29.40
C GLY F 286 -12.00 -39.77 29.27
N GLN F 287 -12.38 -38.61 29.80
CA GLN F 287 -11.54 -37.43 29.70
C GLN F 287 -10.20 -37.61 30.39
N LYS F 288 -10.08 -38.59 31.29
CA LYS F 288 -8.80 -38.87 31.91
C LYS F 288 -7.75 -39.24 30.87
N LYS F 289 -8.14 -40.01 29.85
CA LYS F 289 -7.21 -40.42 28.82
C LYS F 289 -6.68 -39.22 28.04
N LEU F 290 -7.58 -38.29 27.68
CA LEU F 290 -7.15 -37.11 26.94
C LEU F 290 -6.19 -36.25 27.76
N ARG F 291 -6.52 -36.05 29.05
CA ARG F 291 -5.65 -35.28 29.93
C ARG F 291 -4.29 -35.95 30.05
N ALA F 292 -4.28 -37.28 30.19
CA ALA F 292 -3.02 -38.00 30.30
C ALA F 292 -2.20 -37.86 29.03
N LEU F 293 -2.84 -37.96 27.86
CA LEU F 293 -2.12 -37.79 26.60
C LEU F 293 -1.51 -36.41 26.50
N LYS F 294 -2.29 -35.37 26.79
CA LYS F 294 -1.78 -34.01 26.70
C LYS F 294 -0.64 -33.78 27.68
N ARG F 295 -0.77 -34.28 28.91
CA ARG F 295 0.29 -34.12 29.89
C ARG F 295 1.55 -34.86 29.46
N LEU F 296 1.39 -36.07 28.91
CA LEU F 296 2.54 -36.84 28.45
C LEU F 296 3.25 -36.13 27.31
N LYS F 297 2.49 -35.45 26.44
CA LYS F 297 3.12 -34.69 25.36
C LYS F 297 4.21 -33.77 25.90
N VAL F 298 3.97 -33.15 27.06
CA VAL F 298 4.96 -32.24 27.63
C VAL F 298 5.98 -33.00 28.48
N VAL F 299 5.53 -34.00 29.24
CA VAL F 299 6.42 -34.69 30.17
C VAL F 299 7.51 -35.45 29.41
N ALA F 300 7.14 -36.08 28.28
CA ALA F 300 8.11 -36.90 27.55
C ALA F 300 9.25 -36.05 26.99
N ALA F 301 9.02 -34.76 26.74
CA ALA F 301 10.08 -33.92 26.20
C ALA F 301 11.26 -33.84 27.14
N PHE F 302 11.00 -33.66 28.43
CA PHE F 302 12.08 -33.61 29.42
C PHE F 302 12.60 -35.01 29.74
N GLN F 303 11.73 -36.02 29.74
CA GLN F 303 12.18 -37.38 30.03
C GLN F 303 13.18 -37.86 29.00
N GLN F 304 12.82 -37.76 27.72
CA GLN F 304 13.64 -38.29 26.63
C GLN F 304 14.55 -37.22 26.05
N SER F 305 15.34 -36.58 26.91
CA SER F 305 16.31 -35.57 26.49
C SER F 305 17.32 -35.39 27.61
N GLY F 306 18.31 -34.52 27.38
CA GLY F 306 19.33 -34.26 28.37
C GLY F 306 19.15 -32.92 29.07
N ASN F 307 17.94 -32.36 28.99
CA ASN F 307 17.63 -31.07 29.57
C ASN F 307 16.62 -31.23 30.70
N SER F 308 16.77 -30.39 31.74
CA SER F 308 15.89 -30.41 32.89
C SER F 308 14.90 -29.25 32.83
N PRO F 309 13.73 -29.39 33.45
CA PRO F 309 12.74 -28.30 33.42
C PRO F 309 13.08 -27.12 34.31
N MET F 310 14.24 -27.13 34.97
CA MET F 310 14.62 -26.00 35.82
C MET F 310 14.76 -24.71 35.03
N GLY F 311 14.91 -24.78 33.71
CA GLY F 311 15.05 -23.59 32.90
C GLY F 311 13.83 -22.68 32.92
N MET F 312 12.69 -23.19 33.37
CA MET F 312 11.48 -22.36 33.43
C MET F 312 11.53 -21.33 34.56
N VAL F 313 12.48 -21.45 35.48
CA VAL F 313 12.67 -20.48 36.55
C VAL F 313 14.03 -19.82 36.34
N LEU F 314 14.04 -18.48 36.33
CA LEU F 314 15.22 -17.72 35.95
C LEU F 314 15.91 -17.15 37.18
N ASP F 315 17.23 -17.31 37.25
CA ASP F 315 18.05 -16.68 38.26
C ASP F 315 18.92 -15.55 37.73
N ALA F 316 18.94 -15.34 36.42
CA ALA F 316 19.70 -14.24 35.83
C ALA F 316 19.14 -13.97 34.45
N VAL F 317 18.51 -12.81 34.27
CA VAL F 317 17.95 -12.43 32.98
C VAL F 317 19.05 -11.82 32.12
N PRO F 318 19.14 -12.16 30.83
CA PRO F 318 20.17 -11.57 29.98
C PRO F 318 19.77 -10.18 29.49
N VAL F 319 20.76 -9.47 28.95
CA VAL F 319 20.57 -8.11 28.44
C VAL F 319 21.06 -8.07 27.00
N ILE F 320 20.24 -7.51 26.12
CA ILE F 320 20.56 -7.42 24.69
C ILE F 320 21.64 -6.36 24.50
N PRO F 321 22.52 -6.49 23.51
CA PRO F 321 23.55 -5.47 23.32
C PRO F 321 22.94 -4.12 23.03
N PRO F 322 23.58 -3.03 23.45
CA PRO F 322 22.97 -1.71 23.30
C PRO F 322 22.68 -1.31 21.86
N GLU F 323 23.51 -1.77 20.91
CA GLU F 323 23.32 -1.36 19.52
C GLU F 323 21.95 -1.79 19.00
N LEU F 324 21.46 -2.95 19.44
CA LEU F 324 20.11 -3.38 19.05
C LEU F 324 19.02 -2.59 19.75
N ARG F 325 19.37 -1.78 20.74
CA ARG F 325 18.44 -0.87 21.40
C ARG F 325 19.09 0.52 21.46
N PRO F 326 19.35 1.12 20.32
CA PRO F 326 20.25 2.28 20.28
C PRO F 326 19.64 3.52 20.91
N MET F 327 20.53 4.38 21.40
CA MET F 327 20.19 5.71 21.89
C MET F 327 20.83 6.72 20.93
N VAL F 328 20.11 7.02 19.87
CA VAL F 328 20.65 7.83 18.77
C VAL F 328 20.35 9.30 19.04
N GLN F 329 21.36 10.14 18.87
CA GLN F 329 21.22 11.59 19.01
C GLN F 329 20.63 12.13 17.72
N LEU F 330 19.33 12.42 17.73
CA LEU F 330 18.68 12.95 16.54
C LEU F 330 19.20 14.35 16.21
N ASP F 331 18.92 14.79 15.00
CA ASP F 331 19.32 16.13 14.59
C ASP F 331 18.71 17.17 15.51
N GLY F 332 19.49 18.19 15.84
CA GLY F 332 19.05 19.22 16.75
C GLY F 332 19.24 18.91 18.22
N GLY F 333 19.91 17.81 18.55
CA GLY F 333 20.18 17.45 19.92
C GLY F 333 19.14 16.56 20.57
N ARG F 334 18.02 16.31 19.91
CA ARG F 334 17.02 15.40 20.46
C ARG F 334 17.55 13.98 20.47
N PHE F 335 17.04 13.17 21.41
CA PHE F 335 17.42 11.78 21.56
C PHE F 335 16.22 10.89 21.31
N ALA F 336 16.40 9.85 20.50
CA ALA F 336 15.41 8.82 20.26
C ALA F 336 15.93 7.51 20.81
N THR F 337 15.11 6.85 21.64
CA THR F 337 15.51 5.63 22.31
C THR F 337 14.43 4.56 22.11
N SER F 338 14.87 3.35 21.78
CA SER F 338 13.95 2.23 21.74
C SER F 338 13.38 2.00 23.13
N ASP F 339 12.06 1.83 23.21
CA ASP F 339 11.41 1.65 24.50
C ASP F 339 11.83 0.37 25.20
N LEU F 340 12.47 -0.56 24.48
CA LEU F 340 12.95 -1.79 25.11
C LEU F 340 13.84 -1.46 26.30
N ASN F 341 14.85 -0.61 26.09
CA ASN F 341 15.75 -0.27 27.19
C ASN F 341 15.03 0.42 28.33
N ASP F 342 13.84 0.97 28.09
CA ASP F 342 13.03 1.48 29.19
C ASP F 342 12.59 0.34 30.09
N LEU F 343 12.01 -0.70 29.50
CA LEU F 343 11.56 -1.85 30.29
C LEU F 343 12.69 -2.37 31.17
N TYR F 344 13.85 -2.61 30.55
CA TYR F 344 15.00 -3.09 31.31
C TYR F 344 15.23 -2.23 32.54
N ARG F 345 15.24 -0.91 32.35
CA ARG F 345 15.51 -0.01 33.47
C ARG F 345 14.60 -0.33 34.64
N ARG F 346 13.29 -0.43 34.38
CA ARG F 346 12.34 -0.71 35.44
C ARG F 346 12.76 -1.95 36.21
N VAL F 347 13.01 -3.05 35.48
CA VAL F 347 13.45 -4.28 36.13
C VAL F 347 14.57 -3.96 37.12
N ILE F 348 15.65 -3.35 36.61
CA ILE F 348 16.81 -3.09 37.46
C ILE F 348 16.37 -2.31 38.70
N ASN F 349 15.60 -1.25 38.49
CA ASN F 349 15.14 -0.45 39.62
C ASN F 349 14.51 -1.35 40.67
N ARG F 350 13.50 -2.12 40.26
CA ARG F 350 12.83 -2.98 41.22
C ARG F 350 13.81 -3.97 41.83
N ASN F 351 14.65 -4.58 40.99
CA ASN F 351 15.60 -5.55 41.51
C ASN F 351 16.53 -4.92 42.53
N ASN F 352 16.79 -3.62 42.40
CA ASN F 352 17.60 -2.95 43.41
C ASN F 352 16.80 -2.77 44.69
N ARG F 353 15.56 -2.31 44.57
CA ARG F 353 14.75 -2.01 45.74
C ARG F 353 14.60 -3.24 46.63
N LEU F 354 14.30 -4.38 46.01
CA LEU F 354 14.22 -5.63 46.76
C LEU F 354 15.51 -5.87 47.55
N LYS F 355 16.66 -5.73 46.88
CA LYS F 355 17.93 -5.95 47.57
C LYS F 355 18.04 -5.08 48.81
N ARG F 356 17.48 -3.87 48.76
CA ARG F 356 17.49 -3.00 49.93
C ARG F 356 16.53 -3.53 50.99
N LEU F 357 15.31 -3.88 50.59
CA LEU F 357 14.30 -4.26 51.56
C LEU F 357 14.73 -5.50 52.34
N ILE F 358 15.30 -6.49 51.64
CA ILE F 358 15.81 -7.67 52.33
C ILE F 358 16.97 -7.31 53.24
N ASP F 359 17.79 -6.34 52.84
CA ASP F 359 18.98 -6.01 53.62
C ASP F 359 18.60 -5.52 55.01
N LEU F 360 17.63 -4.62 55.11
CA LEU F 360 17.24 -4.04 56.38
C LEU F 360 16.10 -4.79 57.05
N GLY F 361 15.67 -5.92 56.50
CA GLY F 361 14.64 -6.72 57.15
C GLY F 361 13.28 -6.07 57.19
N ALA F 362 12.72 -5.78 56.03
CA ALA F 362 11.38 -5.20 55.97
C ALA F 362 10.33 -6.26 56.31
N PRO F 363 9.12 -5.85 56.71
CA PRO F 363 8.08 -6.82 56.99
C PRO F 363 7.72 -7.63 55.76
N GLU F 364 7.28 -8.87 55.99
CA GLU F 364 7.09 -9.82 54.90
C GLU F 364 6.14 -9.27 53.83
N ILE F 365 5.19 -8.43 54.22
CA ILE F 365 4.22 -7.92 53.25
C ILE F 365 4.92 -7.10 52.18
N ILE F 366 5.82 -6.20 52.59
CA ILE F 366 6.50 -5.33 51.63
C ILE F 366 7.43 -6.15 50.74
N VAL F 367 8.13 -7.12 51.32
CA VAL F 367 9.03 -7.95 50.53
C VAL F 367 8.25 -8.75 49.50
N ASN F 368 7.11 -9.30 49.90
CA ASN F 368 6.28 -10.05 48.95
C ASN F 368 5.76 -9.14 47.85
N ASN F 369 5.35 -7.92 48.21
CA ASN F 369 4.88 -6.98 47.20
C ASN F 369 5.99 -6.66 46.20
N GLU F 370 7.20 -6.45 46.70
CA GLU F 370 8.33 -6.16 45.81
C GLU F 370 8.63 -7.35 44.91
N LYS F 371 8.57 -8.57 45.44
CA LYS F 371 8.80 -9.74 44.62
C LYS F 371 7.76 -9.85 43.51
N ARG F 372 6.49 -9.59 43.85
CA ARG F 372 5.43 -9.61 42.85
C ARG F 372 5.68 -8.56 41.78
N MET F 373 6.10 -7.36 42.19
CA MET F 373 6.38 -6.31 41.21
C MET F 373 7.52 -6.72 40.29
N LEU F 374 8.57 -7.33 40.85
CA LEU F 374 9.68 -7.79 40.01
C LEU F 374 9.21 -8.84 39.01
N GLN F 375 8.36 -9.78 39.47
CA GLN F 375 7.81 -10.78 38.56
C GLN F 375 7.05 -10.12 37.42
N GLU F 376 6.19 -9.15 37.74
CA GLU F 376 5.39 -8.50 36.71
C GLU F 376 6.28 -7.73 35.75
N SER F 377 7.31 -7.07 36.26
CA SER F 377 8.21 -6.32 35.40
C SER F 377 8.94 -7.23 34.43
N VAL F 378 9.44 -8.37 34.92
CA VAL F 378 10.10 -9.32 34.03
C VAL F 378 9.13 -9.85 32.99
N ASP F 379 7.91 -10.18 33.43
CA ASP F 379 6.90 -10.69 32.50
C ASP F 379 6.64 -9.68 31.38
N ALA F 380 6.45 -8.41 31.75
CA ALA F 380 6.19 -7.38 30.74
C ALA F 380 7.41 -7.18 29.84
N LEU F 381 8.61 -7.33 30.39
CA LEU F 381 9.81 -7.23 29.56
C LEU F 381 9.82 -8.31 28.50
N PHE F 382 9.52 -9.55 28.87
CA PHE F 382 9.51 -10.64 27.90
C PHE F 382 8.29 -10.55 26.98
N ASP F 383 7.11 -10.29 27.54
CA ASP F 383 5.88 -10.23 26.76
C ASP F 383 4.95 -9.22 27.42
N ASN F 384 4.92 -8.01 26.88
CA ASN F 384 4.08 -6.95 27.44
C ASN F 384 2.62 -7.17 27.06
N GLY F 385 1.73 -7.03 28.04
CA GLY F 385 0.31 -7.12 27.80
C GLY F 385 -0.26 -8.52 27.76
N ARG F 386 0.55 -9.55 27.97
CA ARG F 386 0.05 -10.91 27.92
C ARG F 386 -0.89 -11.20 29.09
N ARG F 387 -0.40 -11.04 30.32
CA ARG F 387 -1.22 -11.34 31.49
C ARG F 387 -2.18 -10.21 31.82
N GLY F 388 -1.63 -9.03 32.13
CA GLY F 388 -2.45 -7.91 32.56
C GLY F 388 -2.49 -6.79 31.55
N ARG F 389 -2.89 -5.60 32.00
CA ARG F 389 -2.95 -4.46 31.10
C ARG F 389 -1.55 -4.10 30.64
N PRO F 390 -1.33 -3.83 29.35
CA PRO F 390 0.03 -3.56 28.88
C PRO F 390 0.61 -2.31 29.49
N VAL F 391 1.93 -2.31 29.65
CA VAL F 391 2.64 -1.14 30.15
C VAL F 391 2.72 -0.08 29.07
N THR F 392 2.41 1.16 29.42
CA THR F 392 2.37 2.27 28.48
C THR F 392 3.28 3.39 28.96
N GLY F 393 3.88 4.11 28.02
CA GLY F 393 4.71 5.25 28.34
C GLY F 393 3.97 6.55 28.06
N PRO F 394 4.53 7.39 27.19
CA PRO F 394 3.81 8.62 26.83
C PRO F 394 2.54 8.30 26.06
N GLY F 395 1.55 9.18 26.18
CA GLY F 395 0.27 8.92 25.56
C GLY F 395 -0.36 7.66 26.15
N ASN F 396 -0.78 6.76 25.27
CA ASN F 396 -1.39 5.50 25.70
C ASN F 396 -0.91 4.30 24.88
N ARG F 397 0.10 4.47 24.04
CA ARG F 397 0.57 3.39 23.20
C ARG F 397 1.36 2.39 24.04
N PRO F 398 1.06 1.09 23.95
CA PRO F 398 1.81 0.12 24.75
C PRO F 398 3.26 0.01 24.28
N LEU F 399 4.15 -0.31 25.22
CA LEU F 399 5.55 -0.46 24.90
C LEU F 399 5.77 -1.71 24.05
N LYS F 400 6.83 -1.69 23.25
CA LYS F 400 7.19 -2.81 22.40
C LYS F 400 8.14 -3.72 23.17
N SER F 401 7.70 -4.94 23.45
CA SER F 401 8.48 -5.89 24.23
C SER F 401 9.39 -6.71 23.32
N LEU F 402 10.12 -7.65 23.90
CA LEU F 402 11.01 -8.49 23.12
C LEU F 402 10.22 -9.37 22.15
N SER F 403 9.17 -10.03 22.64
CA SER F 403 8.38 -10.89 21.77
C SER F 403 7.80 -10.12 20.60
N ASP F 404 7.37 -8.88 20.84
CA ASP F 404 6.80 -8.07 19.78
C ASP F 404 7.80 -7.81 18.66
N LEU F 405 9.10 -7.86 18.97
CA LEU F 405 10.10 -7.52 17.97
C LEU F 405 10.18 -8.54 16.84
N LEU F 406 9.63 -9.75 17.05
CA LEU F 406 9.66 -10.79 16.02
C LEU F 406 8.37 -11.59 15.98
N LYS F 407 7.26 -11.00 16.39
CA LYS F 407 6.01 -11.75 16.56
C LYS F 407 5.21 -11.90 15.28
N GLY F 408 4.76 -10.79 14.69
CA GLY F 408 3.73 -10.82 13.67
C GLY F 408 4.21 -10.41 12.29
N LYS F 409 3.31 -9.74 11.56
CA LYS F 409 3.63 -9.30 10.20
C LYS F 409 4.85 -8.41 10.18
N GLN F 410 4.93 -7.45 11.10
CA GLN F 410 6.15 -6.69 11.29
C GLN F 410 7.17 -7.53 12.06
N GLY F 411 8.26 -6.90 12.44
CA GLY F 411 9.30 -7.57 13.22
C GLY F 411 10.50 -7.92 12.35
N ARG F 412 10.96 -9.17 12.47
CA ARG F 412 12.15 -9.62 11.75
C ARG F 412 11.87 -10.75 10.78
N PHE F 413 11.06 -11.74 11.15
CA PHE F 413 10.88 -12.90 10.30
C PHE F 413 10.27 -12.52 8.96
N ARG F 414 9.15 -11.79 8.98
CA ARG F 414 8.42 -11.47 7.77
C ARG F 414 8.71 -10.07 7.24
N GLN F 415 9.61 -9.32 7.85
CA GLN F 415 9.84 -7.93 7.46
C GLN F 415 11.30 -7.70 7.13
N ASN F 416 12.19 -8.50 7.72
CA ASN F 416 13.63 -8.30 7.55
C ASN F 416 14.38 -9.57 7.15
N LEU F 417 13.75 -10.73 7.20
CA LEU F 417 14.38 -11.99 6.79
C LEU F 417 13.78 -12.52 5.49
N LEU F 418 12.45 -12.63 5.41
CA LEU F 418 11.78 -13.07 4.19
C LEU F 418 11.39 -11.84 3.38
N GLY F 419 12.37 -11.31 2.66
CA GLY F 419 12.16 -10.13 1.86
C GLY F 419 12.73 -8.89 2.51
N LYS F 420 13.47 -8.08 1.76
CA LYS F 420 14.13 -6.91 2.30
C LYS F 420 14.42 -5.94 1.16
N ARG F 421 14.68 -4.69 1.53
CA ARG F 421 15.02 -3.67 0.54
C ARG F 421 16.46 -3.89 0.05
N VAL F 422 16.68 -3.58 -1.23
CA VAL F 422 17.91 -3.93 -1.92
C VAL F 422 18.45 -2.72 -2.66
N ASP F 423 19.77 -2.70 -2.87
CA ASP F 423 20.41 -1.66 -3.63
C ASP F 423 20.23 -1.90 -5.14
N TYR F 424 20.76 -0.98 -5.94
CA TYR F 424 20.76 -1.10 -7.39
C TYR F 424 19.35 -1.37 -7.92
N SER F 425 18.39 -0.61 -7.40
CA SER F 425 17.00 -0.77 -7.78
C SER F 425 16.34 0.59 -7.93
N GLY F 426 15.34 0.65 -8.80
CA GLY F 426 14.59 1.88 -9.02
C GLY F 426 13.14 1.55 -9.32
N ARG F 427 12.35 2.58 -9.55
CA ARG F 427 10.94 2.42 -9.83
C ARG F 427 10.43 3.64 -10.60
N SER F 428 9.47 3.42 -11.49
CA SER F 428 8.93 4.52 -12.28
C SER F 428 7.65 4.08 -12.98
N VAL F 429 6.92 5.08 -13.49
CA VAL F 429 5.69 4.82 -14.22
C VAL F 429 6.03 4.15 -15.55
N ILE F 430 5.09 3.35 -16.06
CA ILE F 430 5.27 2.60 -17.30
C ILE F 430 4.35 3.17 -18.37
N VAL F 431 4.85 3.18 -19.61
CA VAL F 431 4.06 3.56 -20.78
C VAL F 431 4.29 2.51 -21.86
N VAL F 432 3.38 2.50 -22.85
CA VAL F 432 3.42 1.47 -23.88
C VAL F 432 4.45 1.84 -24.93
N GLY F 433 5.36 0.91 -25.20
CA GLY F 433 6.26 1.02 -26.33
C GLY F 433 5.88 0.02 -27.41
N PRO F 434 5.21 0.48 -28.47
CA PRO F 434 4.82 -0.45 -29.54
C PRO F 434 5.93 -0.79 -30.52
N GLN F 435 6.99 0.02 -30.59
CA GLN F 435 8.10 -0.27 -31.49
C GLN F 435 9.10 -1.23 -30.88
N LEU F 436 9.00 -1.54 -29.59
CA LEU F 436 9.96 -2.41 -28.95
C LEU F 436 9.77 -3.86 -29.40
N LYS F 437 10.86 -4.61 -29.35
CA LYS F 437 10.80 -6.05 -29.54
C LYS F 437 10.36 -6.72 -28.24
N LEU F 438 10.02 -8.00 -28.34
CA LEU F 438 9.48 -8.70 -27.18
C LEU F 438 10.50 -8.78 -26.05
N HIS F 439 11.80 -8.64 -26.36
CA HIS F 439 12.86 -8.79 -25.38
C HIS F 439 13.52 -7.46 -25.01
N GLN F 440 12.91 -6.33 -25.37
CA GLN F 440 13.50 -5.02 -25.13
C GLN F 440 12.58 -4.17 -24.26
N CYS F 441 13.18 -3.31 -23.45
CA CYS F 441 12.45 -2.35 -22.62
C CYS F 441 13.16 -1.00 -22.69
N GLY F 442 12.37 0.07 -22.57
CA GLY F 442 12.90 1.41 -22.57
C GLY F 442 13.20 1.93 -21.18
N LEU F 443 14.45 2.26 -20.91
CA LEU F 443 14.88 2.70 -19.58
C LEU F 443 15.17 4.19 -19.61
N PRO F 444 14.64 4.99 -18.69
CA PRO F 444 14.96 6.43 -18.69
C PRO F 444 16.45 6.66 -18.52
N LYS F 445 16.95 7.74 -19.13
CA LYS F 445 18.38 8.03 -19.09
C LYS F 445 18.88 8.20 -17.66
N LEU F 446 18.15 8.97 -16.85
CA LEU F 446 18.59 9.22 -15.48
C LEU F 446 18.58 7.96 -14.64
N MET F 447 17.53 7.14 -14.78
CA MET F 447 17.47 5.89 -14.03
C MET F 447 18.63 4.98 -14.40
N ALA F 448 18.91 4.85 -15.70
CA ALA F 448 20.01 3.99 -16.13
C ALA F 448 21.34 4.52 -15.60
N LEU F 449 21.53 5.84 -15.66
CA LEU F 449 22.77 6.42 -15.13
C LEU F 449 22.93 6.11 -13.66
N GLU F 450 21.86 6.29 -12.88
CA GLU F 450 21.95 6.02 -11.44
C GLU F 450 22.24 4.54 -11.18
N LEU F 451 21.56 3.65 -11.91
CA LEU F 451 21.77 2.22 -11.69
C LEU F 451 23.19 1.81 -12.02
N PHE F 452 23.73 2.29 -13.13
CA PHE F 452 25.03 1.84 -13.61
C PHE F 452 26.18 2.77 -13.19
N LYS F 453 25.93 3.73 -12.30
CA LYS F 453 26.98 4.63 -11.81
C LYS F 453 28.33 3.98 -11.61
N PRO F 454 28.49 2.86 -10.90
CA PRO F 454 29.83 2.28 -10.75
C PRO F 454 30.45 1.83 -12.07
N PHE F 455 29.66 1.16 -12.93
CA PHE F 455 30.18 0.75 -14.22
C PHE F 455 30.55 1.96 -15.07
N VAL F 456 29.72 3.00 -15.04
CA VAL F 456 30.01 4.21 -15.80
C VAL F 456 31.28 4.87 -15.29
N MET F 457 31.48 4.89 -13.98
CA MET F 457 32.70 5.46 -13.42
C MET F 457 33.92 4.67 -13.86
N LYS F 458 33.83 3.34 -13.84
CA LYS F 458 34.94 2.52 -14.30
C LYS F 458 35.27 2.81 -15.77
N ARG F 459 34.25 2.85 -16.62
CA ARG F 459 34.49 3.09 -18.04
C ARG F 459 34.92 4.53 -18.32
N LEU F 460 34.61 5.47 -17.43
CA LEU F 460 35.12 6.82 -17.57
C LEU F 460 36.59 6.90 -17.18
N VAL F 461 36.97 6.25 -16.08
CA VAL F 461 38.35 6.33 -15.63
C VAL F 461 39.29 5.58 -16.57
N ASP F 462 38.86 4.41 -17.07
CA ASP F 462 39.75 3.63 -17.93
C ASP F 462 39.88 4.22 -19.32
N LEU F 463 38.93 5.06 -19.75
CA LEU F 463 38.98 5.71 -21.04
C LEU F 463 39.64 7.09 -20.99
N ASN F 464 40.18 7.47 -19.83
CA ASN F 464 40.91 8.72 -19.66
C ASN F 464 40.00 9.95 -19.75
N HIS F 465 38.72 9.78 -19.47
CA HIS F 465 37.84 10.93 -19.29
C HIS F 465 37.98 11.54 -17.89
N ALA F 466 38.22 10.70 -16.89
CA ALA F 466 38.49 11.13 -15.53
C ALA F 466 39.80 10.51 -15.07
N GLN F 467 40.54 11.25 -14.24
CA GLN F 467 41.85 10.80 -13.80
C GLN F 467 41.78 9.79 -12.66
N ASN F 468 40.70 9.80 -11.87
CA ASN F 468 40.56 8.88 -10.76
C ASN F 468 39.07 8.65 -10.49
N ILE F 469 38.78 7.85 -9.47
CA ILE F 469 37.40 7.51 -9.17
C ILE F 469 36.64 8.72 -8.65
N LYS F 470 37.30 9.57 -7.87
CA LYS F 470 36.63 10.77 -7.37
C LYS F 470 36.23 11.68 -8.53
N SER F 471 37.13 11.87 -9.49
CA SER F 471 36.81 12.70 -10.65
C SER F 471 35.67 12.10 -11.45
N ALA F 472 35.67 10.78 -11.63
CA ALA F 472 34.58 10.13 -12.37
C ALA F 472 33.25 10.31 -11.66
N LYS F 473 33.23 10.15 -10.33
CA LYS F 473 32.00 10.36 -9.57
C LYS F 473 31.52 11.80 -9.69
N ARG F 474 32.45 12.76 -9.58
CA ARG F 474 32.08 14.16 -9.71
C ARG F 474 31.50 14.45 -11.08
N MET F 475 32.09 13.86 -12.13
CA MET F 475 31.59 14.04 -13.48
C MET F 475 30.19 13.43 -13.63
N VAL F 476 29.97 12.26 -13.05
CA VAL F 476 28.66 11.61 -13.17
C VAL F 476 27.59 12.40 -12.44
N GLU F 477 27.92 12.93 -11.26
CA GLU F 477 26.92 13.69 -10.50
C GLU F 477 26.45 14.91 -11.28
N ARG F 478 27.37 15.63 -11.91
CA ARG F 478 26.98 16.80 -12.70
C ARG F 478 26.47 16.42 -14.09
N GLN F 479 26.60 15.16 -14.49
CA GLN F 479 26.03 14.66 -15.74
C GLN F 479 26.58 15.44 -16.94
N ARG F 480 27.90 15.49 -17.04
CA ARG F 480 28.53 16.13 -18.17
C ARG F 480 28.38 15.26 -19.42
N PRO F 481 28.52 15.86 -20.61
CA PRO F 481 28.15 15.13 -21.84
C PRO F 481 28.89 13.83 -22.03
N GLN F 482 30.13 13.72 -21.55
CA GLN F 482 30.90 12.50 -21.75
C GLN F 482 30.24 11.30 -21.08
N VAL F 483 29.42 11.54 -20.05
CA VAL F 483 28.81 10.44 -19.31
C VAL F 483 27.86 9.65 -20.21
N TRP F 484 27.04 10.34 -21.00
CA TRP F 484 26.01 9.68 -21.79
C TRP F 484 26.60 8.81 -22.89
N ASP F 485 27.77 9.17 -23.42
CA ASP F 485 28.41 8.34 -24.43
C ASP F 485 28.81 6.99 -23.84
N VAL F 486 29.36 7.00 -22.63
CA VAL F 486 29.78 5.77 -21.98
C VAL F 486 28.58 4.98 -21.49
N LEU F 487 27.49 5.66 -21.11
CA LEU F 487 26.34 4.97 -20.55
C LEU F 487 25.77 3.98 -21.55
N GLU F 488 25.63 4.38 -22.81
CA GLU F 488 25.08 3.47 -23.81
C GLU F 488 25.97 2.28 -24.06
N GLU F 489 27.30 2.46 -23.98
CA GLU F 489 28.21 1.34 -24.14
C GLU F 489 28.12 0.38 -22.95
N VAL F 490 27.93 0.92 -21.75
CA VAL F 490 27.91 0.07 -20.55
C VAL F 490 26.66 -0.81 -20.54
N ILE F 491 25.50 -0.23 -20.81
CA ILE F 491 24.25 -0.96 -20.67
C ILE F 491 24.09 -2.06 -21.71
N ALA F 492 24.91 -2.04 -22.76
CA ALA F 492 24.74 -3.00 -23.84
C ALA F 492 24.83 -4.44 -23.31
N GLU F 493 23.86 -5.26 -23.69
CA GLU F 493 23.84 -6.67 -23.33
C GLU F 493 23.91 -6.87 -21.82
N HIS F 494 23.19 -6.03 -21.07
CA HIS F 494 23.10 -6.12 -19.62
C HIS F 494 21.63 -6.16 -19.23
N PRO F 495 21.04 -7.35 -19.06
CA PRO F 495 19.61 -7.42 -18.80
C PRO F 495 19.24 -6.84 -17.44
N VAL F 496 18.00 -6.36 -17.34
CA VAL F 496 17.46 -5.82 -16.10
C VAL F 496 16.11 -6.49 -15.83
N LEU F 497 15.81 -6.71 -14.56
CA LEU F 497 14.59 -7.39 -14.16
C LEU F 497 13.51 -6.35 -13.87
N LEU F 498 12.37 -6.48 -14.54
CA LEU F 498 11.19 -5.65 -14.30
C LEU F 498 10.18 -6.44 -13.46
N ASN F 499 9.63 -5.77 -12.45
CA ASN F 499 8.64 -6.36 -11.55
C ASN F 499 7.49 -5.38 -11.35
N ARG F 500 6.29 -5.92 -11.21
CA ARG F 500 5.10 -5.12 -10.88
C ARG F 500 4.39 -5.78 -9.71
N ALA F 501 4.24 -5.04 -8.62
CA ALA F 501 3.54 -5.56 -7.46
C ALA F 501 2.04 -5.50 -7.68
N PRO F 502 1.26 -6.48 -7.18
CA PRO F 502 1.72 -7.68 -6.48
C PRO F 502 2.22 -8.78 -7.43
N THR F 503 3.25 -9.51 -7.03
CA THR F 503 3.78 -10.62 -7.83
C THR F 503 2.95 -11.88 -7.56
N LEU F 504 1.85 -11.99 -8.31
CA LEU F 504 0.91 -13.07 -8.07
C LEU F 504 1.45 -14.42 -8.51
N HIS F 505 2.28 -14.46 -9.56
CA HIS F 505 2.81 -15.71 -10.07
C HIS F 505 4.20 -15.47 -10.65
N ARG F 506 4.73 -16.51 -11.29
CA ARG F 506 6.12 -16.50 -11.71
C ARG F 506 6.41 -15.39 -12.71
N LEU F 507 5.50 -15.18 -13.67
CA LEU F 507 5.73 -14.21 -14.74
C LEU F 507 5.57 -12.77 -14.27
N GLY F 508 5.44 -12.51 -12.98
CA GLY F 508 5.42 -11.15 -12.48
C GLY F 508 6.77 -10.48 -12.47
N ILE F 509 7.85 -11.24 -12.67
CA ILE F 509 9.21 -10.71 -12.78
C ILE F 509 9.81 -11.22 -14.08
N GLN F 510 10.31 -10.32 -14.92
CA GLN F 510 10.84 -10.74 -16.21
C GLN F 510 12.05 -9.91 -16.59
N ALA F 511 13.00 -10.54 -17.26
CA ALA F 511 14.24 -9.89 -17.67
C ALA F 511 14.09 -9.31 -19.07
N PHE F 512 14.56 -8.08 -19.25
CA PHE F 512 14.51 -7.39 -20.53
C PHE F 512 15.89 -6.79 -20.82
N GLU F 513 16.15 -6.56 -22.11
CA GLU F 513 17.38 -5.88 -22.52
C GLU F 513 17.10 -4.38 -22.57
N PRO F 514 17.75 -3.58 -21.73
CA PRO F 514 17.40 -2.16 -21.67
C PRO F 514 17.94 -1.37 -22.86
N GLN F 515 17.30 -0.24 -23.12
CA GLN F 515 17.78 0.73 -24.10
C GLN F 515 17.33 2.12 -23.65
N LEU F 516 18.24 3.09 -23.74
CA LEU F 516 17.96 4.42 -23.23
C LEU F 516 16.84 5.08 -24.02
N VAL F 517 15.97 5.79 -23.30
CA VAL F 517 14.88 6.54 -23.90
C VAL F 517 14.80 7.90 -23.22
N GLU F 518 14.51 8.94 -24.01
CA GLU F 518 14.26 10.25 -23.44
C GLU F 518 12.99 10.23 -22.59
N GLY F 519 12.96 11.06 -21.56
CA GLY F 519 11.84 11.10 -20.66
C GLY F 519 12.11 10.36 -19.36
N LYS F 520 11.05 10.19 -18.59
CA LYS F 520 11.12 9.63 -17.25
C LYS F 520 10.24 8.40 -17.05
N ALA F 521 9.56 7.93 -18.08
CA ALA F 521 8.66 6.79 -17.98
C ALA F 521 9.27 5.57 -18.66
N ILE F 522 9.14 4.42 -18.00
CA ILE F 522 9.62 3.17 -18.56
C ILE F 522 8.70 2.74 -19.70
N GLN F 523 9.28 2.28 -20.79
CA GLN F 523 8.51 1.79 -21.94
C GLN F 523 8.43 0.27 -21.85
N LEU F 524 7.21 -0.26 -21.84
CA LEU F 524 6.95 -1.68 -21.68
C LEU F 524 6.32 -2.24 -22.94
N HIS F 525 6.75 -3.44 -23.32
CA HIS F 525 6.22 -4.07 -24.52
C HIS F 525 4.74 -4.42 -24.31
N PRO F 526 3.87 -4.14 -25.29
CA PRO F 526 2.44 -4.41 -25.09
C PRO F 526 2.10 -5.87 -24.85
N LEU F 527 2.88 -6.81 -25.39
CA LEU F 527 2.50 -8.21 -25.28
C LEU F 527 2.64 -8.76 -23.87
N VAL F 528 3.54 -8.18 -23.06
CA VAL F 528 3.75 -8.69 -21.70
C VAL F 528 2.74 -8.16 -20.70
N CYS F 529 1.89 -7.21 -21.10
CA CYS F 529 0.92 -6.64 -20.17
C CYS F 529 0.01 -7.72 -19.59
N GLU F 530 -0.28 -8.77 -20.36
CA GLU F 530 -1.10 -9.85 -19.83
C GLU F 530 -0.41 -10.56 -18.68
N ALA F 531 0.90 -10.80 -18.81
CA ALA F 531 1.63 -11.50 -17.76
C ALA F 531 1.74 -10.64 -16.51
N PHE F 532 2.10 -9.37 -16.67
CA PHE F 532 2.23 -8.47 -15.53
C PHE F 532 0.88 -7.98 -14.99
N ASN F 533 -0.21 -8.23 -15.71
CA ASN F 533 -1.52 -7.69 -15.35
C ASN F 533 -1.49 -6.17 -15.30
N ALA F 534 -0.67 -5.57 -16.14
CA ALA F 534 -0.44 -4.13 -16.12
C ALA F 534 -1.32 -3.42 -17.13
N ASP F 535 -1.67 -2.18 -16.81
CA ASP F 535 -2.32 -1.29 -17.74
C ASP F 535 -1.74 0.10 -17.55
N PHE F 536 -1.79 0.90 -18.61
CA PHE F 536 -1.11 2.20 -18.63
C PHE F 536 -2.04 3.33 -18.20
N ASP F 537 -2.55 3.22 -16.98
CA ASP F 537 -3.40 4.25 -16.37
C ASP F 537 -2.74 4.85 -15.12
N GLY F 538 -1.44 4.67 -14.96
CA GLY F 538 -0.73 5.20 -13.82
C GLY F 538 0.06 4.16 -13.05
N ASP F 539 0.15 2.95 -13.59
CA ASP F 539 0.87 1.89 -12.89
C ASP F 539 2.36 2.17 -12.88
N GLN F 540 3.06 1.58 -11.93
CA GLN F 540 4.50 1.74 -11.79
C GLN F 540 5.17 0.37 -11.70
N MET F 541 6.40 0.30 -12.20
CA MET F 541 7.20 -0.91 -12.19
C MET F 541 8.55 -0.63 -11.55
N ALA F 542 9.12 -1.67 -10.95
CA ALA F 542 10.43 -1.62 -10.31
C ALA F 542 11.46 -2.33 -11.17
N VAL F 543 12.66 -1.76 -11.20
CA VAL F 543 13.78 -2.24 -12.01
C VAL F 543 14.88 -2.69 -11.07
N HIS F 544 15.42 -3.89 -11.31
CA HIS F 544 16.53 -4.44 -10.55
C HIS F 544 17.67 -4.80 -11.50
N LEU F 545 18.90 -4.58 -11.05
CA LEU F 545 20.07 -4.82 -11.87
C LEU F 545 20.83 -6.04 -11.38
N PRO F 546 20.87 -7.15 -12.12
CA PRO F 546 21.77 -8.25 -11.75
C PRO F 546 23.22 -7.82 -11.84
N LEU F 547 24.02 -8.29 -10.88
CA LEU F 547 25.43 -7.92 -10.78
C LEU F 547 26.35 -9.08 -11.14
N SER F 548 26.18 -10.21 -10.45
CA SER F 548 27.09 -11.34 -10.64
C SER F 548 26.88 -11.98 -12.00
N ALA F 549 27.89 -12.72 -12.45
CA ALA F 549 27.79 -13.43 -13.73
C ALA F 549 26.69 -14.48 -13.68
N GLU F 550 26.56 -15.19 -12.55
CA GLU F 550 25.50 -16.18 -12.42
C GLU F 550 24.13 -15.53 -12.53
N ALA F 551 23.95 -14.38 -11.87
CA ALA F 551 22.67 -13.68 -11.94
C ALA F 551 22.38 -13.23 -13.37
N GLN F 552 23.39 -12.71 -14.07
CA GLN F 552 23.19 -12.29 -15.44
C GLN F 552 22.82 -13.47 -16.34
N ALA F 553 23.48 -14.61 -16.15
CA ALA F 553 23.14 -15.80 -16.93
C ALA F 553 21.71 -16.26 -16.65
N GLU F 554 21.31 -16.24 -15.37
CA GLU F 554 19.94 -16.63 -15.02
C GLU F 554 18.93 -15.69 -15.66
N ALA F 555 19.18 -14.38 -15.60
CA ALA F 555 18.26 -13.42 -16.20
C ALA F 555 18.21 -13.58 -17.71
N ARG F 556 19.36 -13.86 -18.33
CA ARG F 556 19.44 -13.93 -19.78
C ARG F 556 18.82 -15.20 -20.33
N ILE F 557 18.69 -16.24 -19.51
CA ILE F 557 18.22 -17.54 -19.98
C ILE F 557 16.91 -17.91 -19.32
N LEU F 558 16.93 -18.05 -17.99
CA LEU F 558 15.74 -18.52 -17.28
C LEU F 558 14.61 -17.50 -17.36
N MET F 559 14.90 -16.24 -17.05
CA MET F 559 13.86 -15.23 -16.86
C MET F 559 13.65 -14.33 -18.07
N LEU F 560 14.30 -14.59 -19.19
CA LEU F 560 14.13 -13.74 -20.36
C LEU F 560 12.67 -13.73 -20.78
N SER F 561 12.17 -12.54 -21.14
CA SER F 561 10.75 -12.39 -21.44
C SER F 561 10.34 -13.22 -22.65
N SER F 562 11.17 -13.24 -23.68
CA SER F 562 10.82 -13.95 -24.91
C SER F 562 10.84 -15.47 -24.76
N ASN F 563 11.38 -15.99 -23.65
CA ASN F 563 11.42 -17.42 -23.40
C ASN F 563 10.29 -17.91 -22.52
N ASN F 564 9.34 -17.04 -22.17
CA ASN F 564 8.27 -17.36 -21.23
C ASN F 564 6.91 -17.03 -21.84
N ILE F 565 6.69 -17.50 -23.06
CA ILE F 565 5.45 -17.18 -23.77
C ILE F 565 4.25 -17.84 -23.10
N LEU F 566 4.38 -19.12 -22.73
CA LEU F 566 3.24 -19.89 -22.26
C LEU F 566 3.05 -19.75 -20.75
N SER F 567 1.82 -19.90 -20.31
CA SER F 567 1.49 -19.81 -18.89
C SER F 567 1.88 -21.11 -18.18
N PRO F 568 2.66 -21.04 -17.10
CA PRO F 568 3.01 -22.29 -16.39
C PRO F 568 1.83 -22.99 -15.76
N ALA F 569 0.71 -22.29 -15.56
CA ALA F 569 -0.46 -22.89 -14.91
C ALA F 569 -1.20 -23.81 -15.88
N SER F 570 -1.70 -23.25 -16.98
CA SER F 570 -2.49 -24.01 -17.94
C SER F 570 -1.75 -24.30 -19.24
N GLY F 571 -0.61 -23.67 -19.48
CA GLY F 571 0.12 -23.88 -20.71
C GLY F 571 -0.38 -23.10 -21.89
N LYS F 572 -1.41 -22.27 -21.71
CA LYS F 572 -1.91 -21.45 -22.81
C LYS F 572 -0.97 -20.27 -23.04
N PRO F 573 -0.83 -19.81 -24.28
CA PRO F 573 0.04 -18.65 -24.54
C PRO F 573 -0.50 -17.40 -23.87
N LEU F 574 0.43 -16.55 -23.42
CA LEU F 574 0.08 -15.27 -22.81
C LEU F 574 0.58 -14.09 -23.63
N ALA F 575 1.83 -14.15 -24.11
CA ALA F 575 2.38 -13.10 -24.97
C ALA F 575 1.85 -13.27 -26.40
N MET F 576 0.55 -13.05 -26.53
CA MET F 576 -0.15 -13.20 -27.80
C MET F 576 -1.04 -11.98 -28.02
N PRO F 577 -1.46 -11.73 -29.26
CA PRO F 577 -2.24 -10.53 -29.55
C PRO F 577 -3.51 -10.44 -28.71
N ARG F 578 -3.85 -9.23 -28.30
CA ARG F 578 -5.05 -8.97 -27.52
C ARG F 578 -5.49 -7.53 -27.76
N LEU F 579 -6.76 -7.27 -27.47
CA LEU F 579 -7.36 -5.94 -27.59
C LEU F 579 -7.12 -5.42 -29.01
N ASP F 580 -6.56 -4.22 -29.17
CA ASP F 580 -6.50 -3.60 -30.49
C ASP F 580 -5.92 -4.53 -31.54
N MET F 581 -4.81 -5.19 -31.22
CA MET F 581 -4.18 -6.08 -32.20
C MET F 581 -5.19 -7.06 -32.78
N VAL F 582 -5.94 -7.75 -31.92
CA VAL F 582 -6.94 -8.68 -32.43
C VAL F 582 -7.92 -7.96 -33.34
N THR F 583 -8.45 -6.82 -32.90
CA THR F 583 -9.42 -6.09 -33.71
C THR F 583 -8.84 -5.76 -35.07
N GLY F 584 -7.52 -5.60 -35.15
CA GLY F 584 -6.90 -5.43 -36.45
C GLY F 584 -6.93 -6.71 -37.27
N LEU F 585 -6.34 -7.79 -36.74
CA LEU F 585 -6.21 -9.01 -37.52
C LEU F 585 -7.57 -9.54 -37.94
N TYR F 586 -8.55 -9.53 -37.03
CA TYR F 586 -9.93 -9.84 -37.38
C TYR F 586 -10.32 -9.09 -38.65
N TYR F 587 -10.27 -7.76 -38.59
CA TYR F 587 -10.65 -6.96 -39.75
C TYR F 587 -9.84 -7.35 -40.97
N LEU F 588 -8.58 -7.73 -40.78
CA LEU F 588 -7.73 -8.07 -41.92
C LEU F 588 -8.23 -9.32 -42.63
N THR F 589 -8.71 -10.31 -41.87
CA THR F 589 -9.00 -11.63 -42.43
C THR F 589 -10.48 -11.90 -42.63
N THR F 590 -11.37 -11.00 -42.22
CA THR F 590 -12.79 -11.19 -42.46
C THR F 590 -13.09 -11.04 -43.94
N LEU F 591 -14.02 -11.87 -44.43
CA LEU F 591 -14.44 -11.85 -45.83
C LEU F 591 -15.82 -11.23 -45.93
N VAL F 592 -15.97 -10.27 -46.84
CA VAL F 592 -17.22 -9.54 -47.02
C VAL F 592 -17.66 -9.70 -48.47
N GLU F 593 -18.93 -10.06 -48.67
CA GLU F 593 -19.47 -10.24 -50.00
C GLU F 593 -19.79 -8.90 -50.66
N GLY F 594 -19.81 -8.91 -51.98
CA GLY F 594 -20.12 -7.69 -52.72
C GLY F 594 -19.08 -6.61 -52.55
N ALA F 595 -17.81 -6.99 -52.45
CA ALA F 595 -16.74 -6.04 -52.28
C ALA F 595 -16.15 -5.64 -53.64
N THR F 596 -15.45 -4.52 -53.65
CA THR F 596 -14.83 -4.02 -54.87
C THR F 596 -13.79 -5.03 -55.37
N GLY F 597 -13.84 -5.33 -56.67
CA GLY F 597 -12.92 -6.29 -57.24
C GLY F 597 -13.25 -7.72 -56.93
N GLU F 598 -14.48 -8.00 -56.50
CA GLU F 598 -14.84 -9.37 -56.14
C GLU F 598 -14.75 -10.29 -57.35
N TYR F 599 -14.33 -11.53 -57.09
CA TYR F 599 -14.23 -12.52 -58.16
C TYR F 599 -15.60 -12.76 -58.80
N GLN F 600 -15.60 -12.88 -60.13
CA GLN F 600 -16.80 -13.18 -60.89
C GLN F 600 -16.50 -14.33 -61.84
N ALA F 601 -17.39 -15.31 -61.89
CA ALA F 601 -17.17 -16.49 -62.71
C ALA F 601 -17.19 -16.13 -64.19
N ALA F 602 -16.45 -16.90 -64.98
CA ALA F 602 -16.40 -16.67 -66.42
C ALA F 602 -17.76 -16.90 -67.05
N THR F 603 -18.05 -16.13 -68.09
CA THR F 603 -19.31 -16.23 -68.83
C THR F 603 -18.99 -16.49 -70.30
N LYS F 604 -20.05 -16.53 -71.12
CA LYS F 604 -19.87 -16.69 -72.56
C LYS F 604 -19.32 -15.43 -73.22
N ASP F 605 -19.22 -14.32 -72.50
CA ASP F 605 -18.70 -13.07 -73.04
C ASP F 605 -17.29 -12.74 -72.58
N ALA F 606 -16.94 -13.04 -71.34
CA ALA F 606 -15.63 -12.67 -70.80
C ALA F 606 -15.17 -13.76 -69.84
N PRO F 607 -13.85 -13.90 -69.61
CA PRO F 607 -13.36 -14.89 -68.66
C PRO F 607 -13.45 -14.41 -67.22
N GLU F 608 -12.90 -15.18 -66.29
CA GLU F 608 -12.94 -14.79 -64.88
C GLU F 608 -12.29 -13.43 -64.69
N GLN F 609 -12.90 -12.61 -63.82
CA GLN F 609 -12.48 -11.22 -63.65
C GLN F 609 -11.45 -11.10 -62.52
N GLY F 610 -11.84 -11.49 -61.31
CA GLY F 610 -11.02 -11.24 -60.13
C GLY F 610 -9.90 -12.23 -59.94
N VAL F 611 -9.00 -12.34 -60.92
CA VAL F 611 -7.84 -13.22 -60.86
C VAL F 611 -6.59 -12.35 -60.99
N TYR F 612 -5.64 -12.54 -60.08
CA TYR F 612 -4.41 -11.76 -60.07
C TYR F 612 -3.21 -12.69 -60.19
N SER F 613 -2.19 -12.23 -60.93
CA SER F 613 -1.04 -13.09 -61.23
C SER F 613 -0.19 -13.31 -59.99
N SER F 614 -0.13 -12.33 -59.10
CA SER F 614 0.70 -12.44 -57.90
C SER F 614 0.17 -11.47 -56.85
N PRO F 615 0.55 -11.65 -55.58
CA PRO F 615 0.09 -10.72 -54.54
C PRO F 615 0.49 -9.28 -54.80
N ALA F 616 1.61 -9.05 -55.50
CA ALA F 616 2.01 -7.69 -55.81
C ALA F 616 0.98 -7.00 -56.71
N GLU F 617 0.43 -7.73 -57.68
CA GLU F 617 -0.62 -7.18 -58.52
C GLU F 617 -1.85 -6.84 -57.69
N ALA F 618 -2.19 -7.70 -56.72
CA ALA F 618 -3.32 -7.41 -55.85
C ALA F 618 -3.08 -6.14 -55.03
N ILE F 619 -1.85 -5.96 -54.55
CA ILE F 619 -1.52 -4.75 -53.81
C ILE F 619 -1.64 -3.53 -54.71
N MET F 620 -1.15 -3.63 -55.94
CA MET F 620 -1.27 -2.52 -56.89
C MET F 620 -2.74 -2.18 -57.11
N ALA F 621 -3.59 -3.18 -57.28
CA ALA F 621 -5.01 -2.93 -57.47
C ALA F 621 -5.62 -2.27 -56.24
N MET F 622 -5.22 -2.73 -55.05
CA MET F 622 -5.75 -2.14 -53.82
C MET F 622 -5.34 -0.68 -53.70
N ASP F 623 -4.13 -0.34 -54.13
CA ASP F 623 -3.65 1.04 -54.03
C ASP F 623 -4.38 2.00 -54.95
N ARG F 624 -5.20 1.50 -55.88
CA ARG F 624 -5.93 2.35 -56.80
C ARG F 624 -7.44 2.30 -56.56
N GLY F 625 -7.87 1.70 -55.45
CA GLY F 625 -9.29 1.60 -55.19
C GLY F 625 -10.03 0.62 -56.07
N ALA F 626 -9.32 -0.32 -56.68
CA ALA F 626 -9.94 -1.32 -57.55
C ALA F 626 -10.14 -2.66 -56.88
N LEU F 627 -9.43 -2.93 -55.77
CA LEU F 627 -9.55 -4.20 -55.06
C LEU F 627 -9.63 -3.91 -53.57
N SER F 628 -10.74 -4.31 -52.95
CA SER F 628 -10.86 -4.22 -51.50
C SER F 628 -9.99 -5.30 -50.85
N VAL F 629 -9.36 -4.95 -49.74
CA VAL F 629 -8.46 -5.88 -49.07
C VAL F 629 -9.21 -7.12 -48.61
N ARG F 630 -10.51 -6.99 -48.35
CA ARG F 630 -11.34 -8.08 -47.87
C ARG F 630 -12.24 -8.66 -48.95
N ALA F 631 -11.91 -8.46 -50.22
CA ALA F 631 -12.69 -9.01 -51.32
C ALA F 631 -12.13 -10.37 -51.74
N LYS F 632 -13.04 -11.33 -51.93
CA LYS F 632 -12.64 -12.65 -52.37
C LYS F 632 -12.08 -12.59 -53.79
N ILE F 633 -10.97 -13.27 -54.01
CA ILE F 633 -10.26 -13.26 -55.29
C ILE F 633 -9.55 -14.59 -55.49
N LYS F 634 -9.04 -14.79 -56.69
CA LYS F 634 -8.13 -15.90 -57.00
C LYS F 634 -6.74 -15.33 -57.25
N VAL F 635 -5.75 -15.86 -56.53
CA VAL F 635 -4.40 -15.33 -56.61
C VAL F 635 -3.42 -16.50 -56.70
N ARG F 636 -2.41 -16.34 -57.56
CA ARG F 636 -1.38 -17.36 -57.72
C ARG F 636 -0.27 -17.10 -56.71
N LEU F 637 -0.08 -18.04 -55.79
CA LEU F 637 0.94 -17.94 -54.75
C LEU F 637 2.09 -18.90 -55.07
N THR F 638 3.30 -18.47 -54.74
CA THR F 638 4.50 -19.28 -54.96
C THR F 638 5.36 -19.43 -53.70
N GLU F 639 5.35 -18.47 -52.79
CA GLU F 639 6.18 -18.52 -51.58
C GLU F 639 5.42 -18.98 -50.35
N LEU F 640 4.13 -19.32 -50.49
CA LEU F 640 3.32 -19.78 -49.37
C LEU F 640 2.94 -21.23 -49.59
N ARG F 641 3.20 -22.06 -48.58
CA ARG F 641 2.87 -23.48 -48.68
C ARG F 641 1.35 -23.66 -48.65
N PRO F 642 0.79 -24.47 -49.55
CA PRO F 642 -0.67 -24.68 -49.53
C PRO F 642 -1.08 -25.54 -48.36
N PRO F 643 -2.38 -25.60 -48.05
CA PRO F 643 -2.83 -26.46 -46.95
C PRO F 643 -2.57 -27.92 -47.26
N THR F 644 -2.67 -28.76 -46.22
CA THR F 644 -2.23 -30.15 -46.32
C THR F 644 -2.97 -30.89 -47.43
N ASP F 645 -4.30 -30.80 -47.43
CA ASP F 645 -5.07 -31.58 -48.41
C ASP F 645 -4.85 -31.07 -49.83
N LEU F 646 -4.80 -29.75 -50.01
CA LEU F 646 -4.50 -29.22 -51.33
C LEU F 646 -3.10 -29.62 -51.78
N GLU F 647 -2.14 -29.60 -50.85
CA GLU F 647 -0.78 -30.01 -51.20
C GLU F 647 -0.76 -31.47 -51.65
N ALA F 648 -1.48 -32.34 -50.94
CA ALA F 648 -1.54 -33.75 -51.34
C ALA F 648 -2.20 -33.90 -52.70
N GLN F 649 -3.27 -33.14 -52.96
CA GLN F 649 -4.00 -33.26 -54.21
C GLN F 649 -3.23 -32.67 -55.39
N LEU F 650 -2.33 -31.73 -55.16
CA LEU F 650 -1.63 -31.02 -56.22
C LEU F 650 -0.19 -31.49 -56.42
N PHE F 651 0.58 -31.61 -55.35
CA PHE F 651 2.00 -31.97 -55.44
C PHE F 651 2.20 -33.31 -54.75
N GLU F 652 2.31 -34.37 -55.56
CA GLU F 652 2.53 -35.71 -54.99
C GLU F 652 3.94 -35.85 -54.42
N ASN F 653 4.90 -35.10 -54.94
CA ASN F 653 6.28 -35.18 -54.51
C ASN F 653 6.62 -34.19 -53.39
N GLY F 654 5.64 -33.42 -52.92
CA GLY F 654 5.88 -32.46 -51.87
C GLY F 654 6.13 -31.06 -52.39
N TRP F 655 5.40 -30.09 -51.85
CA TRP F 655 5.57 -28.70 -52.28
C TRP F 655 6.95 -28.19 -51.92
N LYS F 656 7.52 -27.39 -52.81
CA LYS F 656 8.81 -26.75 -52.59
C LYS F 656 8.70 -25.27 -52.92
N PRO F 657 9.54 -24.43 -52.32
CA PRO F 657 9.48 -23.00 -52.63
C PRO F 657 9.66 -22.76 -54.13
N GLY F 658 8.87 -21.83 -54.66
CA GLY F 658 8.87 -21.51 -56.06
C GLY F 658 7.76 -22.17 -56.86
N ASP F 659 7.15 -23.23 -56.33
CA ASP F 659 6.03 -23.87 -57.01
C ASP F 659 4.80 -22.99 -56.91
N ALA F 660 4.11 -22.80 -58.03
CA ALA F 660 2.95 -21.92 -58.10
C ALA F 660 1.67 -22.71 -57.92
N TRP F 661 0.70 -22.10 -57.25
CA TRP F 661 -0.62 -22.71 -57.09
C TRP F 661 -1.64 -21.60 -56.89
N THR F 662 -2.84 -21.79 -57.44
CA THR F 662 -3.89 -20.79 -57.37
C THR F 662 -4.72 -21.01 -56.10
N ALA F 663 -4.98 -19.93 -55.37
CA ALA F 663 -5.72 -19.97 -54.12
C ALA F 663 -6.90 -19.02 -54.19
N GLU F 664 -8.05 -19.48 -53.71
CA GLU F 664 -9.25 -18.66 -53.61
C GLU F 664 -9.31 -18.09 -52.19
N THR F 665 -9.05 -16.80 -52.05
CA THR F 665 -8.99 -16.16 -50.74
C THR F 665 -8.95 -14.66 -50.96
N THR F 666 -8.89 -13.93 -49.85
CA THR F 666 -8.81 -12.47 -49.86
C THR F 666 -7.36 -12.02 -49.73
N LEU F 667 -7.11 -10.78 -50.15
CA LEU F 667 -5.76 -10.23 -50.05
C LEU F 667 -5.33 -10.11 -48.59
N GLY F 668 -6.26 -9.79 -47.70
CA GLY F 668 -5.92 -9.67 -46.29
C GLY F 668 -5.42 -10.99 -45.70
N ARG F 669 -6.07 -12.10 -46.04
CA ARG F 669 -5.62 -13.40 -45.56
C ARG F 669 -4.24 -13.73 -46.12
N VAL F 670 -4.00 -13.39 -47.38
CA VAL F 670 -2.69 -13.63 -47.98
C VAL F 670 -1.62 -12.84 -47.21
N MET F 671 -1.90 -11.57 -46.91
CA MET F 671 -0.94 -10.78 -46.16
C MET F 671 -0.73 -11.35 -44.76
N PHE F 672 -1.80 -11.83 -44.13
CA PHE F 672 -1.67 -12.42 -42.80
C PHE F 672 -0.77 -13.64 -42.82
N ASN F 673 -0.95 -14.51 -43.83
CA ASN F 673 -0.17 -15.75 -43.88
C ASN F 673 1.31 -15.48 -44.11
N GLU F 674 1.68 -14.29 -44.58
CA GLU F 674 3.09 -13.94 -44.71
C GLU F 674 3.74 -13.64 -43.36
N LEU F 675 2.95 -13.38 -42.32
CA LEU F 675 3.50 -13.16 -40.99
C LEU F 675 3.94 -14.47 -40.34
N LEU F 676 3.27 -15.56 -40.67
CA LEU F 676 3.57 -16.86 -40.10
C LEU F 676 4.86 -17.42 -40.71
N PRO F 677 5.49 -18.39 -40.05
CA PRO F 677 6.75 -18.94 -40.57
C PRO F 677 6.57 -19.55 -41.95
N LYS F 678 7.71 -19.74 -42.63
CA LYS F 678 7.69 -20.15 -44.03
C LYS F 678 7.01 -21.50 -44.22
N SER F 679 7.32 -22.47 -43.36
CA SER F 679 6.84 -23.83 -43.55
C SER F 679 5.41 -24.03 -43.10
N TYR F 680 4.80 -23.05 -42.45
CA TYR F 680 3.43 -23.21 -41.95
C TYR F 680 2.46 -23.29 -43.13
N PRO F 681 1.53 -24.24 -43.15
CA PRO F 681 0.56 -24.30 -44.25
C PRO F 681 -0.38 -23.11 -44.23
N PHE F 682 -0.91 -22.78 -45.41
CA PHE F 682 -1.86 -21.69 -45.53
C PHE F 682 -3.10 -21.96 -44.69
N VAL F 683 -3.63 -20.91 -44.07
CA VAL F 683 -4.74 -21.05 -43.15
C VAL F 683 -6.06 -20.79 -43.87
N ASN F 684 -6.22 -19.57 -44.39
CA ASN F 684 -7.44 -19.17 -45.10
C ASN F 684 -8.66 -19.29 -44.19
N GLU F 685 -8.64 -18.51 -43.12
CA GLU F 685 -9.71 -18.54 -42.14
C GLU F 685 -9.76 -17.20 -41.41
N GLN F 686 -10.96 -16.82 -40.98
CA GLN F 686 -11.12 -15.59 -40.22
C GLN F 686 -10.44 -15.73 -38.86
N MET F 687 -9.78 -14.66 -38.43
CA MET F 687 -8.92 -14.71 -37.24
C MET F 687 -9.70 -14.24 -36.02
N HIS F 688 -10.43 -15.18 -35.43
CA HIS F 688 -10.99 -14.98 -34.11
C HIS F 688 -9.90 -15.14 -33.05
N LYS F 689 -10.21 -14.68 -31.83
CA LYS F 689 -9.26 -14.81 -30.74
C LYS F 689 -8.82 -16.26 -30.55
N LYS F 690 -9.79 -17.18 -30.48
CA LYS F 690 -9.45 -18.58 -30.24
C LYS F 690 -8.68 -19.17 -31.42
N VAL F 691 -8.96 -18.71 -32.64
CA VAL F 691 -8.20 -19.18 -33.79
C VAL F 691 -6.73 -18.79 -33.66
N GLN F 692 -6.48 -17.54 -33.27
CA GLN F 692 -5.11 -17.09 -33.07
C GLN F 692 -4.43 -17.86 -31.95
N ALA F 693 -5.17 -18.11 -30.86
CA ALA F 693 -4.60 -18.90 -29.76
C ALA F 693 -4.23 -20.30 -30.24
N ARG F 694 -5.09 -20.93 -31.04
CA ARG F 694 -4.80 -22.24 -31.57
C ARG F 694 -3.56 -22.21 -32.45
N ILE F 695 -3.43 -21.20 -33.31
CA ILE F 695 -2.28 -21.11 -34.19
C ILE F 695 -1.00 -20.94 -33.37
N ILE F 696 -1.04 -20.08 -32.36
CA ILE F 696 0.15 -19.87 -31.52
C ILE F 696 0.52 -21.14 -30.78
N ASN F 697 -0.48 -21.86 -30.26
CA ASN F 697 -0.20 -23.12 -29.58
C ASN F 697 0.43 -24.13 -30.53
N ASP F 698 -0.08 -24.21 -31.76
CA ASP F 698 0.52 -25.10 -32.74
C ASP F 698 1.96 -24.71 -33.03
N LEU F 699 2.24 -23.41 -33.17
CA LEU F 699 3.61 -22.97 -33.41
C LEU F 699 4.52 -23.35 -32.25
N ALA F 700 4.06 -23.15 -31.02
CA ALA F 700 4.91 -23.44 -29.87
C ALA F 700 5.27 -24.92 -29.82
N GLU F 701 4.32 -25.80 -30.11
CA GLU F 701 4.59 -27.24 -30.04
C GLU F 701 5.63 -27.68 -31.07
N ARG F 702 5.53 -27.15 -32.29
CA ARG F 702 6.26 -27.69 -33.44
C ARG F 702 7.41 -26.82 -33.91
N PHE F 703 7.63 -25.66 -33.30
CA PHE F 703 8.69 -24.76 -33.75
C PHE F 703 9.53 -24.30 -32.57
N PRO F 704 10.78 -23.89 -32.81
CA PRO F 704 11.62 -23.41 -31.72
C PRO F 704 11.07 -22.13 -31.09
N MET F 705 11.52 -21.87 -29.87
CA MET F 705 10.96 -20.76 -29.10
C MET F 705 11.21 -19.41 -29.76
N ILE F 706 12.33 -19.26 -30.47
CA ILE F 706 12.64 -17.97 -31.09
C ILE F 706 11.64 -17.65 -32.18
N VAL F 707 11.23 -18.65 -32.96
CA VAL F 707 10.30 -18.40 -34.06
C VAL F 707 8.98 -17.87 -33.53
N VAL F 708 8.50 -18.41 -32.41
CA VAL F 708 7.25 -17.93 -31.83
C VAL F 708 7.41 -16.48 -31.39
N ALA F 709 8.54 -16.15 -30.79
CA ALA F 709 8.77 -14.78 -30.34
C ALA F 709 8.78 -13.80 -31.50
N GLN F 710 9.36 -14.20 -32.64
CA GLN F 710 9.36 -13.33 -33.81
C GLN F 710 7.96 -13.23 -34.43
N THR F 711 7.24 -14.34 -34.49
CA THR F 711 5.92 -14.35 -35.10
C THR F 711 4.95 -13.49 -34.30
N VAL F 712 5.04 -13.52 -32.97
CA VAL F 712 4.13 -12.70 -32.16
C VAL F 712 4.40 -11.22 -32.39
N ASP F 713 5.67 -10.83 -32.56
CA ASP F 713 5.97 -9.43 -32.86
C ASP F 713 5.42 -9.03 -34.22
N LYS F 714 5.58 -9.89 -35.23
CA LYS F 714 5.02 -9.58 -36.54
C LYS F 714 3.51 -9.43 -36.47
N LEU F 715 2.84 -10.33 -35.74
CA LEU F 715 1.40 -10.24 -35.58
C LEU F 715 1.00 -8.96 -34.85
N LYS F 716 1.77 -8.57 -33.83
CA LYS F 716 1.51 -7.32 -33.13
C LYS F 716 1.55 -6.14 -34.08
N ASP F 717 2.61 -6.07 -34.91
CA ASP F 717 2.74 -4.97 -35.84
C ASP F 717 1.55 -4.92 -36.80
N ALA F 718 1.23 -6.06 -37.42
CA ALA F 718 0.13 -6.08 -38.37
C ALA F 718 -1.19 -5.73 -37.69
N GLY F 719 -1.41 -6.25 -36.48
CA GLY F 719 -2.66 -5.98 -35.80
C GLY F 719 -2.84 -4.51 -35.47
N PHE F 720 -1.78 -3.87 -34.97
CA PHE F 720 -1.88 -2.44 -34.70
C PHE F 720 -2.12 -1.66 -35.99
N TYR F 721 -1.39 -2.00 -37.06
CA TYR F 721 -1.53 -1.26 -38.31
C TYR F 721 -2.96 -1.35 -38.83
N TRP F 722 -3.55 -2.53 -38.81
CA TRP F 722 -4.88 -2.70 -39.37
C TRP F 722 -5.99 -2.35 -38.39
N ALA F 723 -5.69 -2.28 -37.09
CA ALA F 723 -6.67 -1.75 -36.14
C ALA F 723 -6.80 -0.25 -36.29
N THR F 724 -5.69 0.43 -36.57
CA THR F 724 -5.77 1.87 -36.82
C THR F 724 -6.72 2.18 -37.97
N ARG F 725 -6.74 1.34 -39.00
CA ARG F 725 -7.51 1.57 -40.21
C ARG F 725 -8.77 0.71 -40.30
N SER F 726 -9.18 0.07 -39.19
CA SER F 726 -10.35 -0.80 -39.22
C SER F 726 -11.67 -0.04 -39.18
N GLY F 727 -11.63 1.26 -38.91
CA GLY F 727 -12.85 2.04 -38.84
C GLY F 727 -13.63 1.90 -37.56
N VAL F 728 -13.07 1.23 -36.56
CA VAL F 728 -13.77 1.01 -35.30
C VAL F 728 -13.74 2.32 -34.49
N THR F 729 -14.91 2.79 -34.10
CA THR F 729 -15.04 4.02 -33.33
C THR F 729 -16.38 3.99 -32.60
N VAL F 730 -16.52 4.87 -31.62
CA VAL F 730 -17.73 4.97 -30.81
C VAL F 730 -18.38 6.32 -31.07
N SER F 731 -19.69 6.29 -31.31
CA SER F 731 -20.49 7.50 -31.46
C SER F 731 -21.88 7.23 -30.91
N MET F 732 -22.58 8.30 -30.54
CA MET F 732 -23.93 8.15 -30.02
C MET F 732 -24.85 7.51 -31.04
N ALA F 733 -24.61 7.74 -32.33
CA ALA F 733 -25.42 7.11 -33.37
C ALA F 733 -25.10 5.62 -33.49
N ASP F 734 -23.83 5.24 -33.30
CA ASP F 734 -23.46 3.84 -33.46
C ASP F 734 -24.12 2.95 -32.42
N VAL F 735 -24.55 3.52 -31.29
CA VAL F 735 -25.22 2.74 -30.26
C VAL F 735 -26.69 2.61 -30.63
N LEU F 736 -27.02 1.59 -31.41
CA LEU F 736 -28.39 1.43 -31.91
C LEU F 736 -29.28 0.80 -30.84
N VAL F 737 -30.56 1.15 -30.87
CA VAL F 737 -31.53 0.64 -29.92
C VAL F 737 -32.48 -0.30 -30.66
N PRO F 738 -33.00 -1.35 -30.03
CA PRO F 738 -33.92 -2.25 -30.73
C PRO F 738 -35.31 -1.63 -30.82
N PRO F 739 -35.92 -1.62 -32.01
CA PRO F 739 -37.26 -1.03 -32.12
C PRO F 739 -38.34 -1.80 -31.38
N GLN F 740 -38.12 -3.09 -31.10
CA GLN F 740 -39.11 -3.92 -30.42
C GLN F 740 -39.05 -3.81 -28.91
N LYS F 741 -38.13 -3.01 -28.37
CA LYS F 741 -37.98 -2.90 -26.93
C LYS F 741 -39.25 -2.36 -26.28
N GLN F 742 -39.85 -1.33 -26.89
CA GLN F 742 -41.00 -0.69 -26.28
C GLN F 742 -42.18 -1.65 -26.15
N GLU F 743 -42.44 -2.43 -27.20
CA GLU F 743 -43.57 -3.37 -27.15
C GLU F 743 -43.36 -4.43 -26.08
N ILE F 744 -42.15 -4.98 -25.99
CA ILE F 744 -41.86 -5.99 -24.98
C ILE F 744 -42.05 -5.40 -23.59
N LEU F 745 -41.52 -4.19 -23.37
CA LEU F 745 -41.64 -3.56 -22.06
C LEU F 745 -43.10 -3.30 -21.70
N GLU F 746 -43.90 -2.83 -22.66
CA GLU F 746 -45.31 -2.59 -22.38
C GLU F 746 -46.05 -3.89 -22.06
N ARG F 747 -45.77 -4.96 -22.81
CA ARG F 747 -46.42 -6.24 -22.54
C ARG F 747 -46.07 -6.74 -21.15
N HIS F 748 -44.79 -6.67 -20.78
CA HIS F 748 -44.39 -7.16 -19.45
C HIS F 748 -44.89 -6.23 -18.35
N GLU F 749 -45.04 -4.94 -18.64
CA GLU F 749 -45.67 -4.05 -17.67
C GLU F 749 -47.13 -4.42 -17.45
N ALA F 750 -47.83 -4.80 -18.51
CA ALA F 750 -49.20 -5.27 -18.36
C ALA F 750 -49.24 -6.54 -17.51
N GLU F 751 -48.31 -7.47 -17.76
CA GLU F 751 -48.26 -8.68 -16.95
C GLU F 751 -47.99 -8.35 -15.48
N ALA F 752 -47.06 -7.42 -15.23
CA ALA F 752 -46.75 -7.04 -13.85
C ALA F 752 -47.95 -6.38 -13.18
N ASP F 753 -48.70 -5.56 -13.92
CA ASP F 753 -49.90 -4.95 -13.37
C ASP F 753 -50.94 -6.01 -13.03
N ALA F 754 -51.07 -7.03 -13.88
CA ALA F 754 -51.96 -8.14 -13.57
C ALA F 754 -51.53 -8.85 -12.29
N ILE F 755 -50.22 -9.08 -12.14
CA ILE F 755 -49.72 -9.73 -10.93
C ILE F 755 -50.02 -8.85 -9.71
N GLU F 756 -49.84 -7.54 -9.84
CA GLU F 756 -50.12 -6.64 -8.72
C GLU F 756 -51.59 -6.69 -8.33
N ARG F 757 -52.48 -6.65 -9.33
CA ARG F 757 -53.91 -6.72 -9.04
C ARG F 757 -54.27 -8.05 -8.39
N LYS F 758 -53.62 -9.14 -8.81
CA LYS F 758 -53.81 -10.42 -8.12
C LYS F 758 -53.35 -10.33 -6.67
N TYR F 759 -52.20 -9.69 -6.44
CA TYR F 759 -51.68 -9.56 -5.08
C TYR F 759 -52.64 -8.79 -4.19
N GLN F 760 -53.20 -7.71 -4.70
CA GLN F 760 -54.12 -6.92 -3.89
C GLN F 760 -55.30 -7.76 -3.40
N ARG F 761 -55.72 -8.76 -4.19
CA ARG F 761 -56.75 -9.67 -3.73
C ARG F 761 -56.27 -10.48 -2.52
N GLY F 762 -55.02 -10.91 -2.54
CA GLY F 762 -54.46 -11.72 -1.48
C GLY F 762 -54.17 -13.16 -1.85
N ALA F 763 -54.21 -13.51 -3.15
CA ALA F 763 -53.97 -14.89 -3.56
C ALA F 763 -52.51 -15.29 -3.37
N LEU F 764 -51.59 -14.36 -3.56
CA LEU F 764 -50.17 -14.63 -3.45
C LEU F 764 -49.56 -13.83 -2.31
N ASN F 765 -48.47 -14.36 -1.76
CA ASN F 765 -47.74 -13.70 -0.69
C ASN F 765 -46.74 -12.70 -1.26
N HIS F 766 -46.11 -11.95 -0.36
CA HIS F 766 -45.09 -10.99 -0.79
C HIS F 766 -43.93 -11.71 -1.49
N THR F 767 -43.47 -12.82 -0.92
CA THR F 767 -42.39 -13.57 -1.55
C THR F 767 -42.82 -14.14 -2.89
N GLU F 768 -44.05 -14.65 -2.98
CA GLU F 768 -44.55 -15.17 -4.25
C GLU F 768 -44.63 -14.05 -5.30
N ARG F 769 -45.12 -12.88 -4.90
CA ARG F 769 -45.19 -11.76 -5.83
C ARG F 769 -43.80 -11.37 -6.31
N ASN F 770 -42.84 -11.32 -5.39
CA ASN F 770 -41.47 -10.97 -5.77
C ASN F 770 -40.90 -12.00 -6.74
N GLU F 771 -41.13 -13.29 -6.47
CA GLU F 771 -40.62 -14.34 -7.36
C GLU F 771 -41.23 -14.23 -8.75
N SER F 772 -42.55 -14.02 -8.82
CA SER F 772 -43.21 -13.90 -10.11
C SER F 772 -42.70 -12.69 -10.88
N LEU F 773 -42.54 -11.55 -10.19
CA LEU F 773 -42.01 -10.36 -10.86
C LEU F 773 -40.59 -10.59 -11.35
N VAL F 774 -39.77 -11.27 -10.55
CA VAL F 774 -38.40 -11.56 -10.96
C VAL F 774 -38.40 -12.42 -12.21
N LYS F 775 -39.25 -13.44 -12.26
CA LYS F 775 -39.31 -14.30 -13.44
C LYS F 775 -39.74 -13.50 -14.66
N ILE F 776 -40.78 -12.67 -14.51
CA ILE F 776 -41.28 -11.89 -15.64
C ILE F 776 -40.20 -10.96 -16.16
N TRP F 777 -39.49 -10.29 -15.26
CA TRP F 777 -38.49 -9.33 -15.71
C TRP F 777 -37.24 -10.01 -16.25
N GLN F 778 -36.91 -11.20 -15.75
CA GLN F 778 -35.85 -11.98 -16.38
C GLN F 778 -36.22 -12.33 -17.82
N ASP F 779 -37.46 -12.76 -18.03
CA ASP F 779 -37.91 -13.05 -19.40
C ASP F 779 -37.83 -11.81 -20.28
N ALA F 780 -38.26 -10.66 -19.73
CA ALA F 780 -38.20 -9.42 -20.50
C ALA F 780 -36.78 -9.05 -20.87
N THR F 781 -35.85 -9.19 -19.92
CA THR F 781 -34.45 -8.88 -20.21
C THR F 781 -33.91 -9.80 -21.29
N GLU F 782 -34.24 -11.10 -21.20
CA GLU F 782 -33.76 -12.03 -22.21
C GLU F 782 -34.31 -11.69 -23.59
N GLU F 783 -35.61 -11.36 -23.68
CA GLU F 783 -36.17 -11.00 -24.97
C GLU F 783 -35.55 -9.73 -25.52
N VAL F 784 -35.32 -8.73 -24.66
CA VAL F 784 -34.70 -7.49 -25.11
C VAL F 784 -33.29 -7.77 -25.62
N GLY F 785 -32.55 -8.63 -24.92
CA GLY F 785 -31.21 -8.99 -25.39
C GLY F 785 -31.23 -9.70 -26.73
N LYS F 786 -32.17 -10.62 -26.91
CA LYS F 786 -32.30 -11.31 -28.19
C LYS F 786 -32.61 -10.33 -29.30
N ALA F 787 -33.54 -9.41 -29.06
CA ALA F 787 -33.88 -8.41 -30.08
C ALA F 787 -32.68 -7.53 -30.39
N LEU F 788 -31.93 -7.13 -29.37
CA LEU F 788 -30.73 -6.31 -29.59
C LEU F 788 -29.72 -7.07 -30.45
N GLU F 789 -29.48 -8.34 -30.14
CA GLU F 789 -28.52 -9.12 -30.91
C GLU F 789 -28.96 -9.26 -32.36
N GLU F 790 -30.27 -9.51 -32.57
CA GLU F 790 -30.77 -9.67 -33.93
C GLU F 790 -30.69 -8.36 -34.72
N PHE F 791 -31.03 -7.24 -34.09
CA PHE F 791 -31.19 -5.99 -34.82
C PHE F 791 -29.85 -5.42 -35.26
N TYR F 792 -28.82 -5.54 -34.43
CA TYR F 792 -27.55 -4.90 -34.73
C TYR F 792 -26.97 -5.45 -36.03
N PRO F 793 -26.39 -4.62 -36.88
CA PRO F 793 -25.77 -5.13 -38.11
C PRO F 793 -24.43 -5.80 -37.82
N ALA F 794 -23.92 -6.52 -38.82
CA ALA F 794 -22.70 -7.28 -38.66
C ALA F 794 -21.51 -6.36 -38.37
N ASP F 795 -21.42 -5.24 -39.09
CA ASP F 795 -20.23 -4.39 -39.06
C ASP F 795 -20.36 -3.24 -38.06
N ASN F 796 -21.26 -3.32 -37.11
CA ASN F 796 -21.36 -2.31 -36.08
C ASN F 796 -20.11 -2.35 -35.21
N PRO F 797 -19.44 -1.22 -34.96
CA PRO F 797 -18.20 -1.27 -34.18
C PRO F 797 -18.38 -1.89 -32.80
N ILE F 798 -19.49 -1.60 -32.12
CA ILE F 798 -19.71 -2.16 -30.78
C ILE F 798 -19.80 -3.67 -30.84
N ILE F 799 -20.56 -4.20 -31.80
CA ILE F 799 -20.65 -5.64 -31.97
C ILE F 799 -19.35 -6.20 -32.54
N THR F 800 -18.68 -5.42 -33.39
CA THR F 800 -17.44 -5.90 -33.99
C THR F 800 -16.39 -6.17 -32.92
N ILE F 801 -16.28 -5.27 -31.93
CA ILE F 801 -15.30 -5.45 -30.88
C ILE F 801 -15.58 -6.72 -30.07
N VAL F 802 -16.84 -6.94 -29.71
CA VAL F 802 -17.18 -8.08 -28.87
C VAL F 802 -17.01 -9.39 -29.65
N LYS F 803 -17.55 -9.44 -30.87
CA LYS F 803 -17.52 -10.69 -31.63
C LYS F 803 -16.09 -11.11 -31.95
N SER F 804 -15.24 -10.15 -32.30
CA SER F 804 -13.85 -10.47 -32.61
C SER F 804 -13.12 -11.09 -31.43
N GLY F 805 -13.65 -10.93 -30.22
CA GLY F 805 -13.01 -11.44 -29.03
C GLY F 805 -11.95 -10.54 -28.44
N ALA F 806 -11.81 -9.31 -28.95
CA ALA F 806 -10.80 -8.41 -28.43
C ALA F 806 -11.04 -8.11 -26.95
N THR F 807 -12.27 -7.74 -26.60
CA THR F 807 -12.61 -7.43 -25.22
C THR F 807 -14.12 -7.29 -25.10
N GLY F 808 -14.60 -7.31 -23.87
CA GLY F 808 -16.01 -7.12 -23.59
C GLY F 808 -16.83 -8.39 -23.78
N ASN F 809 -18.12 -8.26 -23.51
CA ASN F 809 -19.06 -9.36 -23.67
C ASN F 809 -20.42 -8.80 -24.05
N LEU F 810 -21.31 -9.69 -24.48
CA LEU F 810 -22.61 -9.25 -25.00
C LEU F 810 -23.50 -8.67 -23.90
N THR F 811 -23.32 -9.09 -22.66
CA THR F 811 -24.12 -8.54 -21.57
C THR F 811 -23.85 -7.04 -21.40
N GLN F 812 -22.59 -6.63 -21.53
CA GLN F 812 -22.26 -5.22 -21.45
C GLN F 812 -22.97 -4.44 -22.55
N THR F 813 -23.00 -4.98 -23.77
CA THR F 813 -23.71 -4.33 -24.86
C THR F 813 -25.20 -4.24 -24.56
N ARG F 814 -25.78 -5.31 -24.02
CA ARG F 814 -27.21 -5.33 -23.72
C ARG F 814 -27.55 -4.26 -22.70
N THR F 815 -26.74 -4.14 -21.64
CA THR F 815 -27.01 -3.11 -20.63
C THR F 815 -26.70 -1.71 -21.14
N LEU F 816 -25.77 -1.58 -22.10
CA LEU F 816 -25.48 -0.27 -22.67
C LEU F 816 -26.64 0.23 -23.52
N ALA F 817 -27.15 -0.62 -24.41
CA ALA F 817 -28.17 -0.22 -25.37
C ALA F 817 -29.56 -0.73 -25.02
N GLY F 818 -29.69 -2.01 -24.67
CA GLY F 818 -31.01 -2.59 -24.48
C GLY F 818 -31.69 -2.17 -23.19
N MET F 819 -31.15 -2.60 -22.05
CA MET F 819 -31.76 -2.28 -20.75
C MET F 819 -30.84 -2.80 -19.65
N LYS F 820 -30.83 -2.08 -18.52
CA LYS F 820 -30.01 -2.49 -17.40
C LYS F 820 -30.48 -3.81 -16.82
N GLY F 821 -31.79 -3.98 -16.67
CA GLY F 821 -32.34 -5.20 -16.11
C GLY F 821 -32.66 -5.09 -14.64
N LEU F 822 -32.40 -6.15 -13.89
CA LEU F 822 -32.65 -6.18 -12.45
C LEU F 822 -31.36 -5.91 -11.69
N VAL F 823 -31.50 -5.31 -10.51
CA VAL F 823 -30.37 -5.02 -9.63
C VAL F 823 -30.70 -5.55 -8.24
N THR F 824 -29.65 -5.79 -7.46
CA THR F 824 -29.77 -6.38 -6.14
C THR F 824 -29.70 -5.32 -5.05
N ASN F 825 -30.41 -5.58 -3.97
CA ASN F 825 -30.45 -4.70 -2.80
C ASN F 825 -29.31 -5.05 -1.85
N PRO F 826 -29.11 -4.25 -0.79
CA PRO F 826 -28.03 -4.58 0.16
C PRO F 826 -28.15 -5.98 0.75
N LYS F 827 -29.38 -6.45 1.01
CA LYS F 827 -29.56 -7.78 1.57
C LYS F 827 -29.13 -8.88 0.59
N GLY F 828 -29.05 -8.57 -0.70
CA GLY F 828 -28.66 -9.54 -1.70
C GLY F 828 -29.80 -10.07 -2.55
N GLU F 829 -31.05 -9.83 -2.15
CA GLU F 829 -32.18 -10.29 -2.91
C GLU F 829 -32.43 -9.38 -4.12
N PHE F 830 -33.01 -9.95 -5.17
CA PHE F 830 -33.34 -9.18 -6.35
C PHE F 830 -34.47 -8.21 -6.06
N ILE F 831 -34.30 -6.97 -6.52
CA ILE F 831 -35.35 -5.95 -6.39
C ILE F 831 -36.35 -6.17 -7.54
N PRO F 832 -37.67 -6.33 -7.25
CA PRO F 832 -38.65 -6.54 -8.32
C PRO F 832 -39.11 -5.24 -8.98
N ARG F 833 -38.16 -4.37 -9.29
CA ARG F 833 -38.43 -3.10 -9.97
C ARG F 833 -37.25 -2.82 -10.89
N PRO F 834 -37.23 -3.40 -12.08
CA PRO F 834 -36.03 -3.32 -12.92
C PRO F 834 -35.80 -1.91 -13.45
N ILE F 835 -34.54 -1.65 -13.79
CA ILE F 835 -34.13 -0.41 -14.44
C ILE F 835 -34.32 -0.59 -15.95
N LYS F 836 -35.53 -0.27 -16.44
CA LYS F 836 -35.82 -0.46 -17.85
C LYS F 836 -34.91 0.40 -18.72
N SER F 837 -34.75 1.67 -18.36
CA SER F 837 -33.98 2.59 -19.18
C SER F 837 -32.52 2.18 -19.22
N SER F 838 -31.98 2.06 -20.43
CA SER F 838 -30.55 1.77 -20.59
C SER F 838 -29.73 3.03 -20.37
N PHE F 839 -28.44 2.83 -20.10
CA PHE F 839 -27.55 3.97 -19.89
C PHE F 839 -27.43 4.84 -21.14
N ARG F 840 -27.63 4.27 -22.33
CA ARG F 840 -27.60 5.06 -23.55
C ARG F 840 -28.76 6.05 -23.59
N GLU F 841 -29.87 5.70 -22.94
CA GLU F 841 -30.97 6.65 -22.76
C GLU F 841 -30.73 7.54 -21.55
N GLY F 842 -30.33 6.95 -20.43
CA GLY F 842 -30.12 7.69 -19.21
C GLY F 842 -31.06 7.27 -18.10
N LEU F 843 -30.51 6.77 -17.00
CA LEU F 843 -31.32 6.33 -15.87
C LEU F 843 -31.93 7.53 -15.15
N THR F 844 -33.12 7.33 -14.60
CA THR F 844 -33.71 8.33 -13.73
C THR F 844 -33.03 8.29 -12.35
N VAL F 845 -33.45 9.22 -11.48
CA VAL F 845 -32.78 9.37 -10.20
C VAL F 845 -32.91 8.10 -9.37
N LEU F 846 -34.14 7.57 -9.27
CA LEU F 846 -34.38 6.43 -8.39
C LEU F 846 -33.73 5.16 -8.90
N GLU F 847 -33.67 4.96 -10.22
CA GLU F 847 -32.97 3.80 -10.77
C GLU F 847 -31.47 3.89 -10.47
N TYR F 848 -30.90 5.08 -10.63
CA TYR F 848 -29.48 5.26 -10.31
C TYR F 848 -29.21 4.99 -8.84
N PHE F 849 -30.09 5.46 -7.95
CA PHE F 849 -29.88 5.26 -6.53
C PHE F 849 -29.85 3.78 -6.18
N ILE F 850 -30.78 2.99 -6.74
CA ILE F 850 -30.82 1.57 -6.44
C ILE F 850 -29.63 0.84 -7.07
N ASN F 851 -29.21 1.26 -8.27
CA ASN F 851 -28.06 0.61 -8.89
C ASN F 851 -26.79 0.85 -8.07
N THR F 852 -26.71 2.01 -7.40
CA THR F 852 -25.55 2.31 -6.57
C THR F 852 -25.33 1.24 -5.51
N HIS F 853 -26.41 0.62 -5.01
CA HIS F 853 -26.27 -0.41 -4.00
C HIS F 853 -25.44 -1.57 -4.51
N GLY F 854 -25.81 -2.12 -5.66
CA GLY F 854 -25.05 -3.22 -6.24
C GLY F 854 -23.64 -2.80 -6.60
N ALA F 855 -23.48 -1.59 -7.13
CA ALA F 855 -22.14 -1.12 -7.47
C ALA F 855 -21.23 -1.10 -6.24
N ARG F 856 -21.73 -0.53 -5.15
CA ARG F 856 -20.95 -0.46 -3.92
C ARG F 856 -20.65 -1.85 -3.38
N LYS F 857 -21.64 -2.73 -3.41
CA LYS F 857 -21.41 -4.10 -2.93
C LYS F 857 -20.31 -4.78 -3.72
N GLY F 858 -20.34 -4.65 -5.04
CA GLY F 858 -19.31 -5.26 -5.86
C GLY F 858 -17.93 -4.69 -5.57
N LEU F 859 -17.84 -3.37 -5.46
CA LEU F 859 -16.54 -2.74 -5.18
C LEU F 859 -16.00 -3.21 -3.83
N ALA F 860 -16.85 -3.24 -2.81
CA ALA F 860 -16.42 -3.66 -1.49
C ALA F 860 -15.96 -5.12 -1.50
N ASP F 861 -16.69 -5.98 -2.22
CA ASP F 861 -16.28 -7.38 -2.33
C ASP F 861 -14.91 -7.50 -2.97
N THR F 862 -14.70 -6.79 -4.08
CA THR F 862 -13.41 -6.83 -4.75
C THR F 862 -12.31 -6.33 -3.83
N ALA F 863 -12.62 -5.37 -2.98
CA ALA F 863 -11.60 -4.81 -2.08
C ALA F 863 -10.98 -5.88 -1.20
N LEU F 864 -11.78 -6.83 -0.70
CA LEU F 864 -11.30 -7.85 0.22
C LEU F 864 -10.90 -9.15 -0.47
N ARG F 865 -11.37 -9.37 -1.70
CA ARG F 865 -10.94 -10.54 -2.45
C ARG F 865 -9.42 -10.63 -2.51
N THR F 866 -8.76 -9.48 -2.73
CA THR F 866 -7.31 -9.47 -2.87
C THR F 866 -6.63 -9.96 -1.59
N ALA F 867 -7.04 -9.44 -0.45
CA ALA F 867 -6.44 -9.82 0.82
C ALA F 867 -6.65 -11.31 1.10
N ASP F 868 -7.88 -11.79 0.90
CA ASP F 868 -8.16 -13.19 1.17
C ASP F 868 -7.34 -14.09 0.25
N SER F 869 -7.25 -13.74 -1.04
CA SER F 869 -6.48 -14.54 -1.98
C SER F 869 -5.00 -14.54 -1.61
N GLY F 870 -4.48 -13.38 -1.18
CA GLY F 870 -3.08 -13.33 -0.80
C GLY F 870 -2.78 -14.22 0.40
N TYR F 871 -3.65 -14.18 1.40
CA TYR F 871 -3.47 -15.05 2.57
C TYR F 871 -3.51 -16.52 2.16
N LEU F 872 -4.48 -16.89 1.34
CA LEU F 872 -4.59 -18.27 0.88
C LEU F 872 -3.34 -18.70 0.11
N THR F 873 -2.85 -17.82 -0.76
CA THR F 873 -1.65 -18.13 -1.53
C THR F 873 -0.44 -18.31 -0.62
N ARG F 874 -0.33 -17.48 0.42
CA ARG F 874 0.77 -17.63 1.35
C ARG F 874 0.74 -18.99 2.02
N ARG F 875 -0.44 -19.39 2.51
CA ARG F 875 -0.53 -20.71 3.16
C ARG F 875 -0.23 -21.83 2.18
N LEU F 876 -0.74 -21.73 0.94
CA LEU F 876 -0.49 -22.76 -0.05
C LEU F 876 0.99 -22.87 -0.38
N VAL F 877 1.67 -21.73 -0.53
CA VAL F 877 3.10 -21.74 -0.81
C VAL F 877 3.85 -22.38 0.34
N ASP F 878 3.48 -22.04 1.57
CA ASP F 878 4.20 -22.55 2.73
C ASP F 878 4.04 -24.06 2.86
N VAL F 879 2.84 -24.59 2.63
CA VAL F 879 2.62 -26.02 2.84
C VAL F 879 3.35 -26.83 1.77
N SER F 880 3.37 -26.35 0.53
CA SER F 880 3.84 -27.14 -0.60
C SER F 880 5.30 -26.88 -0.96
N GLN F 881 6.03 -26.13 -0.14
CA GLN F 881 7.40 -25.77 -0.50
C GLN F 881 8.35 -26.95 -0.54
N ASP F 882 7.96 -28.12 -0.01
CA ASP F 882 8.84 -29.27 0.07
C ASP F 882 8.84 -30.14 -1.18
N VAL F 883 7.94 -29.89 -2.12
CA VAL F 883 7.80 -30.73 -3.31
C VAL F 883 8.77 -30.21 -4.37
N ILE F 884 9.84 -30.97 -4.60
CA ILE F 884 10.85 -30.63 -5.60
C ILE F 884 11.22 -31.90 -6.35
N VAL F 885 11.38 -31.79 -7.66
CA VAL F 885 11.77 -32.94 -8.48
C VAL F 885 13.22 -33.30 -8.15
N ARG F 886 13.42 -34.50 -7.62
CA ARG F 886 14.73 -34.93 -7.15
C ARG F 886 15.39 -35.98 -8.02
N GLU F 887 14.64 -36.74 -8.80
CA GLU F 887 15.20 -37.79 -9.64
C GLU F 887 14.36 -37.93 -10.90
N HIS F 888 14.81 -38.81 -11.81
CA HIS F 888 14.14 -38.99 -13.08
C HIS F 888 12.86 -39.79 -12.93
N ASP F 889 12.95 -40.99 -12.34
CA ASP F 889 11.79 -41.84 -12.16
C ASP F 889 11.99 -42.72 -10.94
N CYS F 890 10.90 -42.96 -10.22
CA CYS F 890 10.90 -43.85 -9.07
C CYS F 890 10.68 -45.31 -9.44
N GLU F 891 10.40 -45.60 -10.71
CA GLU F 891 10.17 -46.96 -11.18
C GLU F 891 9.00 -47.60 -10.43
N THR F 892 7.83 -46.99 -10.57
CA THR F 892 6.61 -47.45 -9.92
C THR F 892 5.55 -47.74 -10.96
N GLU F 893 4.81 -48.83 -10.75
CA GLU F 893 3.72 -49.22 -11.62
C GLU F 893 2.38 -48.65 -11.18
N ARG F 894 2.34 -47.90 -10.09
CA ARG F 894 1.10 -47.37 -9.56
C ARG F 894 0.71 -46.08 -10.29
N GLY F 895 -0.55 -45.71 -10.12
CA GLY F 895 -1.06 -44.52 -10.77
C GLY F 895 -2.50 -44.27 -10.38
N ILE F 896 -3.15 -43.39 -11.15
CA ILE F 896 -4.54 -43.04 -10.94
C ILE F 896 -5.29 -43.20 -12.25
N ASN F 897 -6.58 -43.52 -12.14
CA ASN F 897 -7.42 -43.72 -13.31
C ASN F 897 -8.08 -42.41 -13.71
N VAL F 898 -8.03 -42.08 -15.00
CA VAL F 898 -8.68 -40.90 -15.55
C VAL F 898 -9.54 -41.35 -16.73
N THR F 899 -10.79 -40.90 -16.75
CA THR F 899 -11.71 -41.24 -17.82
C THR F 899 -11.54 -40.27 -18.98
N LEU F 900 -11.64 -40.79 -20.19
CA LEU F 900 -11.51 -40.00 -21.41
C LEU F 900 -12.83 -39.78 -22.13
N ALA F 901 -13.69 -40.80 -22.18
CA ALA F 901 -14.94 -40.70 -22.92
C ALA F 901 -15.96 -41.65 -22.31
N GLU F 902 -17.22 -41.43 -22.66
CA GLU F 902 -18.32 -42.26 -22.21
C GLU F 902 -19.23 -42.58 -23.38
N ARG F 903 -19.74 -43.80 -23.44
CA ARG F 903 -20.63 -44.25 -24.50
C ARG F 903 -22.04 -44.41 -23.98
N GLY F 904 -23.00 -43.84 -24.71
CA GLY F 904 -24.40 -43.94 -24.35
C GLY F 904 -25.21 -44.62 -25.43
N PRO F 905 -26.52 -44.36 -25.46
CA PRO F 905 -27.36 -45.00 -26.50
C PRO F 905 -26.97 -44.59 -27.91
N ASP F 906 -26.31 -43.46 -28.10
CA ASP F 906 -25.89 -43.05 -29.42
C ASP F 906 -24.88 -44.01 -30.04
N GLY F 907 -24.23 -44.84 -29.21
CA GLY F 907 -23.26 -45.80 -29.71
C GLY F 907 -21.84 -45.27 -29.68
N THR F 908 -21.59 -44.17 -30.39
CA THR F 908 -20.24 -43.60 -30.43
C THR F 908 -19.91 -42.95 -29.10
N LEU F 909 -18.72 -43.27 -28.58
CA LEU F 909 -18.29 -42.71 -27.31
C LEU F 909 -17.93 -41.24 -27.47
N ILE F 910 -18.46 -40.41 -26.57
CA ILE F 910 -18.26 -38.96 -26.59
C ILE F 910 -17.15 -38.61 -25.61
N ARG F 911 -16.29 -37.69 -26.03
CA ARG F 911 -15.12 -37.30 -25.24
C ARG F 911 -15.53 -36.52 -24.00
N ASP F 912 -14.78 -36.73 -22.92
CA ASP F 912 -15.01 -36.00 -21.68
C ASP F 912 -14.66 -34.53 -21.86
N ALA F 913 -15.51 -33.65 -21.31
CA ALA F 913 -15.28 -32.22 -21.44
C ALA F 913 -13.99 -31.80 -20.74
N HIS F 914 -13.76 -32.32 -19.52
CA HIS F 914 -12.58 -31.95 -18.73
C HIS F 914 -11.49 -32.99 -18.94
N VAL F 915 -10.88 -32.93 -20.13
CA VAL F 915 -9.79 -33.82 -20.48
C VAL F 915 -8.47 -33.08 -20.65
N GLU F 916 -8.49 -31.78 -20.97
CA GLU F 916 -7.26 -31.03 -21.11
C GLU F 916 -6.53 -30.91 -19.79
N THR F 917 -7.27 -30.77 -18.69
CA THR F 917 -6.69 -30.61 -17.36
C THR F 917 -6.49 -31.92 -16.63
N SER F 918 -6.90 -33.05 -17.21
CA SER F 918 -6.80 -34.35 -16.55
C SER F 918 -5.89 -35.32 -17.28
N ALA F 919 -6.11 -35.52 -18.58
CA ALA F 919 -5.34 -36.52 -19.32
C ALA F 919 -4.13 -35.94 -20.03
N PHE F 920 -4.21 -34.70 -20.51
CA PHE F 920 -3.09 -34.09 -21.21
C PHE F 920 -1.94 -33.83 -20.25
N ALA F 921 -0.72 -33.82 -20.79
CA ALA F 921 0.48 -33.54 -20.02
C ALA F 921 0.65 -34.53 -18.88
N ARG F 922 0.52 -35.81 -19.19
CA ARG F 922 0.64 -36.88 -18.20
C ARG F 922 1.33 -38.07 -18.84
N THR F 923 1.68 -39.05 -18.00
CA THR F 923 2.36 -40.26 -18.41
C THR F 923 1.50 -41.46 -18.10
N LEU F 924 1.57 -42.48 -18.96
CA LEU F 924 0.81 -43.71 -18.77
C LEU F 924 1.54 -44.63 -17.81
N ALA F 925 0.84 -45.07 -16.77
CA ALA F 925 1.42 -46.03 -15.83
C ALA F 925 1.45 -47.44 -16.42
N THR F 926 0.43 -47.81 -17.19
CA THR F 926 0.31 -49.14 -17.74
C THR F 926 -0.09 -49.04 -19.22
N ASP F 927 0.25 -50.08 -19.96
CA ASP F 927 -0.08 -50.12 -21.39
C ASP F 927 -1.60 -50.20 -21.58
N ALA F 928 -2.10 -49.44 -22.55
CA ALA F 928 -3.50 -49.46 -22.90
C ALA F 928 -3.77 -50.58 -23.89
N VAL F 929 -4.74 -51.45 -23.56
CA VAL F 929 -5.08 -52.61 -24.37
C VAL F 929 -6.56 -52.54 -24.72
N ASP F 930 -6.88 -52.74 -25.99
CA ASP F 930 -8.25 -52.71 -26.45
C ASP F 930 -8.96 -54.01 -26.07
N ALA F 931 -10.17 -54.21 -26.58
CA ALA F 931 -10.95 -55.39 -26.21
C ALA F 931 -10.22 -56.67 -26.58
N ASN F 932 -9.70 -56.74 -27.81
CA ASN F 932 -9.01 -57.94 -28.24
C ASN F 932 -7.73 -58.16 -27.42
N GLY F 933 -6.97 -57.10 -27.18
CA GLY F 933 -5.76 -57.20 -26.39
C GLY F 933 -4.58 -56.48 -27.01
N ASN F 934 -4.77 -55.89 -28.19
CA ASN F 934 -3.70 -55.16 -28.85
C ASN F 934 -3.33 -53.92 -28.05
N VAL F 935 -2.03 -53.60 -28.02
CA VAL F 935 -1.53 -52.43 -27.31
C VAL F 935 -1.55 -51.24 -28.25
N ILE F 936 -2.13 -50.13 -27.80
CA ILE F 936 -2.19 -48.92 -28.60
C ILE F 936 -1.00 -48.03 -28.25
N ILE F 937 -0.86 -47.69 -26.98
CA ILE F 937 0.24 -46.85 -26.50
C ILE F 937 0.90 -47.57 -25.34
N GLU F 938 2.24 -47.68 -25.40
CA GLU F 938 2.99 -48.33 -24.34
C GLU F 938 3.12 -47.41 -23.13
N ARG F 939 3.54 -47.98 -22.01
CA ARG F 939 3.72 -47.20 -20.79
C ARG F 939 4.88 -46.22 -20.95
N GLY F 940 4.81 -45.13 -20.20
CA GLY F 940 5.82 -44.10 -20.27
C GLY F 940 5.69 -43.16 -21.45
N HIS F 941 4.49 -43.05 -22.02
CA HIS F 941 4.25 -42.21 -23.19
C HIS F 941 3.49 -40.95 -22.79
N ASP F 942 3.95 -39.81 -23.31
CA ASP F 942 3.26 -38.55 -23.08
C ASP F 942 1.89 -38.56 -23.74
N LEU F 943 0.87 -38.13 -23.00
CA LEU F 943 -0.49 -38.06 -23.53
C LEU F 943 -0.74 -36.65 -24.07
N GLY F 944 -0.76 -36.55 -25.39
CA GLY F 944 -1.13 -35.33 -26.09
C GLY F 944 -2.52 -35.40 -26.65
N ASP F 945 -2.74 -34.68 -27.75
CA ASP F 945 -4.01 -34.74 -28.45
C ASP F 945 -4.06 -35.99 -29.33
N PRO F 946 -3.01 -36.27 -30.12
CA PRO F 946 -3.05 -37.49 -30.94
C PRO F 946 -3.20 -38.76 -30.12
N ALA F 947 -2.61 -38.81 -28.93
CA ALA F 947 -2.74 -40.00 -28.11
C ALA F 947 -4.20 -40.25 -27.72
N ILE F 948 -4.90 -39.20 -27.29
CA ILE F 948 -6.30 -39.35 -26.92
C ILE F 948 -7.14 -39.68 -28.15
N ASP F 949 -6.82 -39.07 -29.30
CA ASP F 949 -7.55 -39.39 -30.51
C ASP F 949 -7.41 -40.86 -30.86
N ALA F 950 -6.19 -41.41 -30.76
CA ALA F 950 -5.99 -42.83 -31.04
C ALA F 950 -6.69 -43.70 -30.02
N LEU F 951 -6.62 -43.34 -28.74
CA LEU F 951 -7.25 -44.16 -27.70
C LEU F 951 -8.75 -44.21 -27.88
N LEU F 952 -9.38 -43.08 -28.19
CA LEU F 952 -10.83 -43.07 -28.41
C LEU F 952 -11.21 -43.94 -29.59
N ALA F 953 -10.42 -43.89 -30.67
CA ALA F 953 -10.72 -44.71 -31.84
C ALA F 953 -10.69 -46.19 -31.49
N ALA F 954 -9.70 -46.62 -30.71
CA ALA F 954 -9.58 -48.02 -30.32
C ALA F 954 -10.68 -48.45 -29.34
N GLY F 955 -11.42 -47.51 -28.77
CA GLY F 955 -12.47 -47.84 -27.82
C GLY F 955 -12.07 -47.73 -26.36
N ILE F 956 -10.90 -47.18 -26.06
CA ILE F 956 -10.46 -47.03 -24.68
C ILE F 956 -11.13 -45.81 -24.07
N THR F 957 -11.71 -45.98 -22.88
CA THR F 957 -12.40 -44.91 -22.18
C THR F 957 -11.70 -44.45 -20.91
N THR F 958 -10.96 -45.34 -20.24
CA THR F 958 -10.24 -45.00 -19.02
C THR F 958 -8.78 -45.40 -19.18
N VAL F 959 -7.89 -44.57 -18.63
CA VAL F 959 -6.45 -44.81 -18.72
C VAL F 959 -5.83 -44.57 -17.36
N LYS F 960 -4.87 -45.43 -17.00
CA LYS F 960 -4.10 -45.27 -15.77
C LYS F 960 -2.85 -44.46 -16.07
N VAL F 961 -2.65 -43.39 -15.30
CA VAL F 961 -1.56 -42.45 -15.53
C VAL F 961 -0.78 -42.26 -14.23
N ARG F 962 0.54 -42.12 -14.36
CA ARG F 962 1.37 -41.83 -13.21
C ARG F 962 1.03 -40.46 -12.64
N SER F 963 1.07 -40.34 -11.32
CA SER F 963 0.68 -39.11 -10.65
C SER F 963 1.58 -38.87 -9.45
N VAL F 964 1.66 -37.60 -9.04
CA VAL F 964 2.42 -37.25 -7.84
C VAL F 964 1.81 -37.89 -6.60
N LEU F 965 0.49 -38.10 -6.61
CA LEU F 965 -0.17 -38.69 -5.45
C LEU F 965 0.35 -40.10 -5.17
N THR F 966 0.82 -40.80 -6.19
CA THR F 966 1.29 -42.17 -6.04
C THR F 966 2.80 -42.30 -6.13
N CYS F 967 3.53 -41.20 -6.29
CA CYS F 967 4.98 -41.28 -6.39
C CYS F 967 5.58 -41.88 -5.14
N THR F 968 6.52 -42.80 -5.31
CA THR F 968 7.20 -43.47 -4.21
C THR F 968 8.62 -42.97 -3.98
N SER F 969 8.98 -41.82 -4.56
CA SER F 969 10.32 -41.30 -4.38
C SER F 969 10.59 -41.01 -2.92
N ALA F 970 11.80 -41.34 -2.45
CA ALA F 970 12.14 -41.14 -1.05
C ALA F 970 12.08 -39.67 -0.67
N THR F 971 12.61 -38.79 -1.51
CA THR F 971 12.60 -37.36 -1.27
C THR F 971 11.99 -36.65 -2.47
N GLY F 972 11.11 -35.68 -2.20
CA GLY F 972 10.47 -34.96 -3.27
C GLY F 972 9.66 -35.88 -4.16
N VAL F 973 9.71 -35.62 -5.47
CA VAL F 973 9.01 -36.40 -6.47
C VAL F 973 9.96 -36.66 -7.63
N CYS F 974 9.47 -37.37 -8.64
CA CYS F 974 10.25 -37.73 -9.82
C CYS F 974 9.61 -37.11 -11.06
N ALA F 975 10.43 -36.93 -12.09
CA ALA F 975 9.96 -36.23 -13.29
C ALA F 975 8.80 -36.96 -13.95
N MET F 976 8.91 -38.29 -14.09
CA MET F 976 7.89 -39.03 -14.84
C MET F 976 6.53 -38.94 -14.15
N CYS F 977 6.48 -39.08 -12.82
CA CYS F 977 5.22 -39.01 -12.12
C CYS F 977 4.56 -37.65 -12.27
N TYR F 978 5.35 -36.58 -12.16
CA TYR F 978 4.79 -35.24 -12.29
C TYR F 978 4.21 -35.00 -13.68
N GLY F 979 4.92 -35.45 -14.72
CA GLY F 979 4.52 -35.22 -16.08
C GLY F 979 5.43 -34.24 -16.78
N ARG F 980 4.90 -33.46 -17.72
CA ARG F 980 5.67 -32.47 -18.44
C ARG F 980 5.35 -31.08 -17.92
N SER F 981 6.36 -30.21 -17.90
CA SER F 981 6.15 -28.83 -17.48
C SER F 981 5.24 -28.13 -18.48
N MET F 982 4.18 -27.49 -17.96
CA MET F 982 3.25 -26.81 -18.83
C MET F 982 3.91 -25.65 -19.58
N ALA F 983 4.77 -24.91 -18.90
CA ALA F 983 5.40 -23.74 -19.51
C ALA F 983 6.26 -24.13 -20.70
N THR F 984 7.17 -25.09 -20.51
CA THR F 984 8.09 -25.47 -21.57
C THR F 984 7.53 -26.54 -22.51
N GLY F 985 6.46 -27.22 -22.11
CA GLY F 985 5.91 -28.27 -22.95
C GLY F 985 6.77 -29.51 -23.08
N LYS F 986 7.78 -29.66 -22.21
CA LYS F 986 8.66 -30.82 -22.22
C LYS F 986 8.66 -31.44 -20.84
N LEU F 987 9.29 -32.62 -20.73
CA LEU F 987 9.39 -33.30 -19.45
C LEU F 987 10.05 -32.40 -18.42
N VAL F 988 9.46 -32.33 -17.23
CA VAL F 988 10.01 -31.48 -16.19
C VAL F 988 11.44 -31.90 -15.88
N ASP F 989 12.29 -30.93 -15.59
CA ASP F 989 13.70 -31.17 -15.35
C ASP F 989 13.99 -31.24 -13.86
N ILE F 990 15.06 -31.96 -13.52
CA ILE F 990 15.40 -32.18 -12.12
C ILE F 990 15.78 -30.85 -11.48
N GLY F 991 15.26 -30.62 -10.28
CA GLY F 991 15.55 -29.42 -9.52
C GLY F 991 14.48 -28.35 -9.56
N GLU F 992 13.40 -28.56 -10.29
CA GLU F 992 12.34 -27.56 -10.35
C GLU F 992 11.46 -27.66 -9.11
N ALA F 993 11.12 -26.50 -8.53
CA ALA F 993 10.25 -26.43 -7.36
C ALA F 993 8.80 -26.40 -7.84
N VAL F 994 8.28 -27.60 -8.11
CA VAL F 994 6.91 -27.70 -8.62
C VAL F 994 5.90 -27.25 -7.56
N GLY F 995 6.26 -27.34 -6.29
CA GLY F 995 5.32 -26.95 -5.24
C GLY F 995 4.99 -25.47 -5.29
N ILE F 996 6.02 -24.63 -5.42
CA ILE F 996 5.79 -23.19 -5.50
C ILE F 996 4.98 -22.85 -6.75
N VAL F 997 5.29 -23.53 -7.87
CA VAL F 997 4.56 -23.29 -9.10
C VAL F 997 3.09 -23.63 -8.92
N ALA F 998 2.81 -24.77 -8.28
CA ALA F 998 1.42 -25.18 -8.05
C ALA F 998 0.70 -24.18 -7.15
N ALA F 999 1.36 -23.75 -6.08
CA ALA F 999 0.74 -22.79 -5.17
C ALA F 999 0.42 -21.49 -5.88
N GLN F 1000 1.36 -20.99 -6.68
CA GLN F 1000 1.14 -19.75 -7.42
C GLN F 1000 0.02 -19.91 -8.45
N SER F 1001 -0.02 -21.06 -9.12
CA SER F 1001 -1.07 -21.30 -10.10
C SER F 1001 -2.44 -21.31 -9.44
N ILE F 1002 -2.54 -21.95 -8.27
CA ILE F 1002 -3.81 -21.97 -7.54
C ILE F 1002 -4.20 -20.56 -7.10
N GLY F 1003 -3.22 -19.80 -6.59
CA GLY F 1003 -3.53 -18.52 -5.98
C GLY F 1003 -3.77 -17.39 -6.96
N GLU F 1004 -3.16 -17.44 -8.15
CA GLU F 1004 -3.25 -16.30 -9.07
C GLU F 1004 -4.69 -15.98 -9.46
N PRO F 1005 -5.52 -16.93 -9.86
CA PRO F 1005 -6.91 -16.61 -10.21
C PRO F 1005 -7.84 -16.43 -9.01
N GLY F 1006 -7.31 -16.37 -7.79
CA GLY F 1006 -8.16 -16.21 -6.64
C GLY F 1006 -8.89 -14.87 -6.61
N THR F 1007 -8.24 -13.83 -7.13
CA THR F 1007 -8.81 -12.49 -7.08
C THR F 1007 -10.09 -12.34 -7.87
N GLN F 1008 -10.40 -13.27 -8.77
CA GLN F 1008 -11.58 -13.19 -9.62
C GLN F 1008 -12.60 -14.28 -9.29
N LEU F 1009 -12.67 -14.70 -8.04
CA LEU F 1009 -13.64 -15.68 -7.58
C LEU F 1009 -14.64 -15.00 -6.64
N THR F 1010 -15.92 -15.21 -6.90
CA THR F 1010 -16.98 -14.59 -6.10
C THR F 1010 -16.82 -14.94 -4.64
N MET F 1011 -17.26 -14.04 -3.77
CA MET F 1011 -17.38 -14.32 -2.35
C MET F 1011 -18.84 -14.41 -1.95
N VAL F 1026 -22.26 -21.35 -0.43
CA VAL F 1026 -21.04 -20.66 -0.83
C VAL F 1026 -20.26 -21.51 -1.81
N GLY F 1027 -19.86 -20.89 -2.93
CA GLY F 1027 -19.16 -21.60 -3.99
C GLY F 1027 -17.99 -20.83 -4.55
N GLY F 1028 -17.29 -20.08 -3.71
CA GLY F 1028 -16.17 -19.27 -4.17
C GLY F 1028 -14.90 -19.44 -3.36
N LEU F 1029 -14.20 -18.34 -3.14
CA LEU F 1029 -12.96 -18.37 -2.36
C LEU F 1029 -13.16 -18.91 -0.95
N PRO F 1030 -14.22 -18.55 -0.22
CA PRO F 1030 -14.48 -19.23 1.06
C PRO F 1030 -14.64 -20.73 0.92
N ARG F 1031 -15.27 -21.20 -0.16
CA ARG F 1031 -15.39 -22.63 -0.40
C ARG F 1031 -14.01 -23.26 -0.61
N VAL F 1032 -13.15 -22.57 -1.37
CA VAL F 1032 -11.80 -23.08 -1.60
C VAL F 1032 -11.04 -23.17 -0.29
N GLN F 1033 -11.17 -22.14 0.56
CA GLN F 1033 -10.49 -22.15 1.85
C GLN F 1033 -11.00 -23.30 2.72
N GLU F 1034 -12.31 -23.52 2.72
CA GLU F 1034 -12.86 -24.64 3.49
C GLU F 1034 -12.32 -25.96 2.99
N LEU F 1035 -12.27 -26.14 1.67
CA LEU F 1035 -11.78 -27.39 1.11
C LEU F 1035 -10.31 -27.64 1.47
N PHE F 1036 -9.48 -26.59 1.35
CA PHE F 1036 -8.06 -26.78 1.59
C PHE F 1036 -7.75 -26.87 3.08
N GLU F 1037 -8.51 -26.18 3.92
CA GLU F 1037 -8.31 -26.28 5.36
C GLU F 1037 -8.78 -27.61 5.94
N ALA F 1038 -9.50 -28.42 5.17
CA ALA F 1038 -9.96 -29.73 5.62
C ALA F 1038 -10.79 -29.62 6.89
N ARG F 1039 -11.60 -28.58 6.98
CA ARG F 1039 -12.49 -28.37 8.12
C ARG F 1039 -13.90 -28.84 7.77
N VAL F 1040 -14.72 -28.98 8.81
CA VAL F 1040 -16.09 -29.45 8.66
C VAL F 1040 -16.87 -28.44 7.84
N PRO F 1041 -17.55 -28.85 6.76
CA PRO F 1041 -18.28 -27.87 5.94
C PRO F 1041 -19.45 -27.28 6.71
N ARG F 1042 -19.86 -26.08 6.28
CA ARG F 1042 -21.00 -25.42 6.89
C ARG F 1042 -22.27 -26.23 6.67
N ASN F 1043 -22.63 -26.46 5.41
CA ASN F 1043 -23.79 -27.28 5.07
C ASN F 1043 -23.40 -28.75 4.96
N LYS F 1044 -23.04 -29.32 6.10
CA LYS F 1044 -22.57 -30.69 6.15
C LYS F 1044 -23.65 -31.64 5.65
N ALA F 1045 -23.25 -32.60 4.82
CA ALA F 1045 -24.15 -33.62 4.29
C ALA F 1045 -23.74 -34.99 4.82
N PRO F 1046 -24.57 -35.68 5.59
CA PRO F 1046 -24.18 -37.01 6.07
C PRO F 1046 -23.93 -37.97 4.91
N ILE F 1047 -23.03 -38.92 5.13
CA ILE F 1047 -22.63 -39.89 4.13
C ILE F 1047 -23.02 -41.28 4.63
N ALA F 1048 -23.63 -42.07 3.74
CA ALA F 1048 -24.09 -43.41 4.11
C ALA F 1048 -22.92 -44.27 4.57
N ASP F 1049 -22.92 -44.65 5.85
CA ASP F 1049 -21.84 -45.50 6.35
C ASP F 1049 -21.84 -46.86 5.68
N VAL F 1050 -23.02 -47.44 5.50
CA VAL F 1050 -23.15 -48.77 4.90
C VAL F 1050 -24.46 -48.81 4.11
N ALA F 1051 -24.45 -49.59 3.03
CA ALA F 1051 -25.66 -49.76 2.25
C ALA F 1051 -26.79 -50.33 3.11
N GLY F 1052 -28.01 -50.18 2.62
CA GLY F 1052 -29.19 -50.61 3.33
C GLY F 1052 -30.37 -49.76 2.93
N ARG F 1053 -31.47 -49.91 3.67
CA ARG F 1053 -32.71 -49.20 3.36
C ARG F 1053 -32.88 -48.02 4.31
N VAL F 1054 -33.42 -46.92 3.80
CA VAL F 1054 -33.48 -45.67 4.54
C VAL F 1054 -34.88 -45.47 5.10
N ARG F 1055 -34.96 -44.67 6.17
CA ARG F 1055 -36.21 -44.32 6.82
C ARG F 1055 -36.02 -42.93 7.42
N LEU F 1056 -37.12 -42.22 7.61
CA LEU F 1056 -37.02 -40.84 8.09
C LEU F 1056 -38.25 -40.49 8.92
N GLU F 1057 -38.08 -39.46 9.76
CA GLU F 1057 -39.13 -38.99 10.66
C GLU F 1057 -39.00 -37.48 10.77
N GLU F 1058 -39.90 -36.75 10.12
CA GLU F 1058 -39.91 -35.30 10.23
C GLU F 1058 -40.15 -34.89 11.69
N SER F 1059 -39.37 -33.92 12.16
CA SER F 1059 -39.40 -33.51 13.55
C SER F 1059 -39.44 -32.00 13.63
N ASP F 1060 -39.48 -31.50 14.86
CA ASP F 1060 -39.54 -30.05 15.09
C ASP F 1060 -38.25 -29.38 14.65
N LYS F 1061 -38.32 -28.65 13.54
CA LYS F 1061 -37.19 -27.91 12.97
C LYS F 1061 -36.07 -28.83 12.49
N PHE F 1062 -36.28 -30.14 12.48
CA PHE F 1062 -35.23 -31.09 12.13
C PHE F 1062 -35.80 -32.25 11.35
N PHE F 1063 -34.91 -32.91 10.60
CA PHE F 1063 -35.15 -34.26 10.11
C PHE F 1063 -34.38 -35.25 10.98
N LYS F 1064 -34.73 -36.52 10.82
CA LYS F 1064 -33.94 -37.63 11.34
C LYS F 1064 -33.98 -38.76 10.32
N ILE F 1065 -32.83 -39.34 10.04
CA ILE F 1065 -32.69 -40.38 9.02
C ILE F 1065 -32.04 -41.60 9.66
N THR F 1066 -32.61 -42.77 9.40
CA THR F 1066 -32.09 -44.03 9.91
C THR F 1066 -31.81 -44.95 8.73
N ILE F 1067 -30.61 -45.56 8.72
CA ILE F 1067 -30.22 -46.50 7.68
C ILE F 1067 -30.12 -47.87 8.33
N VAL F 1068 -30.86 -48.84 7.78
CA VAL F 1068 -30.85 -50.22 8.25
C VAL F 1068 -30.05 -51.04 7.26
N PRO F 1069 -28.90 -51.61 7.65
CA PRO F 1069 -28.08 -52.33 6.68
C PRO F 1069 -28.80 -53.55 6.14
N ASP F 1070 -28.63 -53.78 4.82
CA ASP F 1070 -29.13 -55.01 4.23
C ASP F 1070 -28.39 -56.22 4.79
N ASP F 1071 -27.08 -56.11 4.96
CA ASP F 1071 -26.26 -57.14 5.60
C ASP F 1071 -25.87 -56.63 6.98
N GLY F 1072 -26.31 -57.33 8.02
CA GLY F 1072 -26.13 -56.90 9.39
C GLY F 1072 -27.43 -56.39 9.98
N GLY F 1073 -27.34 -55.95 11.23
CA GLY F 1073 -28.50 -55.47 11.95
C GLY F 1073 -28.30 -54.17 12.67
N GLU F 1074 -27.08 -53.63 12.65
CA GLU F 1074 -26.76 -52.40 13.38
C GLU F 1074 -27.12 -51.21 12.50
N GLU F 1075 -28.39 -50.82 12.53
CA GLU F 1075 -28.82 -49.60 11.86
C GLU F 1075 -28.22 -48.39 12.57
N VAL F 1076 -27.94 -47.34 11.80
CA VAL F 1076 -27.33 -46.14 12.34
C VAL F 1076 -28.16 -44.92 11.94
N VAL F 1077 -28.10 -43.89 12.77
CA VAL F 1077 -29.02 -42.76 12.70
C VAL F 1077 -28.23 -41.46 12.60
N TYR F 1078 -28.70 -40.57 11.73
CA TYR F 1078 -28.21 -39.20 11.62
C TYR F 1078 -29.36 -38.29 12.04
N ASP F 1079 -29.08 -37.38 12.99
CA ASP F 1079 -30.13 -36.59 13.63
C ASP F 1079 -29.91 -35.09 13.57
N LYS F 1080 -28.73 -34.62 13.17
CA LYS F 1080 -28.45 -33.18 13.11
C LYS F 1080 -28.96 -32.53 11.83
N LEU F 1081 -29.93 -33.14 11.15
CA LEU F 1081 -30.42 -32.62 9.88
C LEU F 1081 -31.38 -31.46 10.13
N SER F 1082 -31.03 -30.28 9.63
CA SER F 1082 -31.92 -29.13 9.73
C SER F 1082 -33.06 -29.25 8.73
N LYS F 1083 -34.22 -28.69 9.08
CA LYS F 1083 -35.38 -28.79 8.21
C LYS F 1083 -35.20 -28.02 6.92
N ARG F 1084 -34.39 -26.97 6.93
CA ARG F 1084 -34.35 -26.04 5.80
C ARG F 1084 -33.61 -26.61 4.60
N GLN F 1085 -32.76 -27.62 4.80
CA GLN F 1085 -31.87 -28.10 3.75
C GLN F 1085 -32.55 -29.17 2.91
N ARG F 1086 -32.31 -29.12 1.60
CA ARG F 1086 -32.88 -30.10 0.68
C ARG F 1086 -32.26 -31.47 0.90
N LEU F 1087 -33.02 -32.52 0.58
CA LEU F 1087 -32.59 -33.89 0.84
C LEU F 1087 -31.59 -34.40 -0.20
N ARG F 1088 -32.01 -34.52 -1.46
CA ARG F 1088 -31.14 -35.07 -2.48
C ARG F 1088 -31.88 -35.05 -3.82
N VAL F 1089 -31.11 -35.21 -4.90
CA VAL F 1089 -31.66 -35.33 -6.24
C VAL F 1089 -30.90 -36.42 -6.98
N ILE F 1090 -31.54 -37.58 -7.14
CA ILE F 1090 -30.90 -38.71 -7.82
C ILE F 1090 -31.24 -38.73 -9.30
N THR F 1091 -32.52 -38.79 -9.63
CA THR F 1091 -32.99 -38.79 -11.02
C THR F 1091 -32.34 -39.92 -11.81
N HIS F 1092 -32.64 -41.15 -11.39
CA HIS F 1092 -32.10 -42.33 -12.08
C HIS F 1092 -32.66 -42.40 -13.49
N GLU F 1093 -31.85 -42.97 -14.40
CA GLU F 1093 -32.24 -43.01 -15.81
C GLU F 1093 -33.56 -43.73 -16.00
N ASP F 1094 -33.68 -44.94 -15.45
CA ASP F 1094 -34.90 -45.74 -15.60
C ASP F 1094 -35.87 -45.49 -14.46
N GLY F 1095 -35.43 -45.72 -13.22
CA GLY F 1095 -36.32 -45.53 -12.08
C GLY F 1095 -36.79 -44.10 -11.93
N THR F 1096 -35.89 -43.14 -12.17
CA THR F 1096 -36.19 -41.73 -11.99
C THR F 1096 -36.70 -41.47 -10.58
N GLU F 1097 -35.94 -41.97 -9.60
CA GLU F 1097 -36.35 -41.83 -8.20
C GLU F 1097 -36.42 -40.37 -7.78
N GLY F 1098 -35.46 -39.57 -8.21
CA GLY F 1098 -35.43 -38.16 -7.83
C GLY F 1098 -35.08 -37.97 -6.38
N VAL F 1099 -36.05 -37.48 -5.60
CA VAL F 1099 -35.84 -37.28 -4.17
C VAL F 1099 -36.05 -38.61 -3.46
N LEU F 1100 -35.07 -38.99 -2.63
CA LEU F 1100 -35.17 -40.26 -1.91
C LEU F 1100 -36.26 -40.20 -0.85
N SER F 1101 -36.67 -41.39 -0.40
CA SER F 1101 -37.72 -41.50 0.60
C SER F 1101 -37.54 -42.80 1.37
N ASP F 1102 -38.43 -43.02 2.32
CA ASP F 1102 -38.39 -44.25 3.13
C ASP F 1102 -38.49 -45.47 2.22
N GLY F 1103 -37.65 -46.47 2.51
CA GLY F 1103 -37.62 -47.71 1.76
C GLY F 1103 -36.61 -47.74 0.62
N ASP F 1104 -35.95 -46.62 0.34
CA ASP F 1104 -34.97 -46.57 -0.74
C ASP F 1104 -33.65 -47.21 -0.29
N HIS F 1105 -32.94 -47.80 -1.25
CA HIS F 1105 -31.68 -48.49 -0.98
C HIS F 1105 -30.52 -47.62 -1.43
N VAL F 1106 -29.55 -47.43 -0.54
CA VAL F 1106 -28.39 -46.59 -0.81
C VAL F 1106 -27.15 -47.47 -0.91
N GLU F 1107 -26.04 -46.84 -1.31
CA GLU F 1107 -24.77 -47.51 -1.44
C GLU F 1107 -23.74 -46.85 -0.52
N VAL F 1108 -22.69 -47.59 -0.20
CA VAL F 1108 -21.62 -47.10 0.66
C VAL F 1108 -21.07 -45.81 0.07
N GLY F 1109 -21.13 -44.72 0.83
CA GLY F 1109 -20.62 -43.44 0.38
C GLY F 1109 -21.61 -42.56 -0.34
N ASP F 1110 -22.89 -42.91 -0.34
CA ASP F 1110 -23.91 -42.13 -1.02
C ASP F 1110 -24.41 -41.03 -0.10
N GLN F 1111 -24.34 -39.79 -0.55
CA GLN F 1111 -24.77 -38.66 0.26
C GLN F 1111 -26.26 -38.76 0.55
N LEU F 1112 -26.65 -38.39 1.76
CA LEU F 1112 -28.05 -38.39 2.19
C LEU F 1112 -28.70 -37.02 2.14
N MET F 1113 -27.95 -35.96 2.41
CA MET F 1113 -28.43 -34.59 2.28
C MET F 1113 -27.76 -33.92 1.08
N GLU F 1114 -28.35 -32.81 0.64
CA GLU F 1114 -27.86 -32.06 -0.51
C GLU F 1114 -27.01 -30.90 0.01
N GLY F 1115 -25.76 -31.22 0.32
CA GLY F 1115 -24.82 -30.23 0.82
C GLY F 1115 -23.40 -30.52 0.38
N ALA F 1116 -22.46 -30.43 1.33
CA ALA F 1116 -21.05 -30.73 1.08
C ALA F 1116 -20.62 -31.88 1.98
N ALA F 1117 -20.07 -32.92 1.38
CA ALA F 1117 -19.59 -34.06 2.15
C ALA F 1117 -18.38 -33.66 2.99
N ASP F 1118 -18.25 -34.30 4.14
CA ASP F 1118 -17.13 -34.05 5.05
C ASP F 1118 -15.91 -34.85 4.62
N PRO F 1119 -14.79 -34.21 4.29
CA PRO F 1119 -13.63 -34.98 3.82
C PRO F 1119 -13.16 -36.04 4.80
N HIS F 1120 -13.21 -35.76 6.11
CA HIS F 1120 -12.78 -36.75 7.09
C HIS F 1120 -13.68 -37.98 7.05
N GLU F 1121 -14.99 -37.77 6.90
CA GLU F 1121 -15.91 -38.90 6.80
C GLU F 1121 -15.57 -39.77 5.60
N VAL F 1122 -15.31 -39.14 4.45
CA VAL F 1122 -14.95 -39.89 3.26
C VAL F 1122 -13.66 -40.67 3.47
N LEU F 1123 -12.66 -40.01 4.06
CA LEU F 1123 -11.39 -40.69 4.31
C LEU F 1123 -11.58 -41.90 5.22
N ARG F 1124 -12.37 -41.75 6.28
CA ARG F 1124 -12.55 -42.85 7.22
C ARG F 1124 -13.35 -43.98 6.60
N VAL F 1125 -14.37 -43.67 5.80
CA VAL F 1125 -15.31 -44.70 5.38
C VAL F 1125 -14.84 -45.39 4.10
N GLN F 1126 -14.50 -44.61 3.06
CA GLN F 1126 -14.21 -45.19 1.75
C GLN F 1126 -12.73 -45.43 1.52
N GLY F 1127 -11.87 -44.44 1.78
CA GLY F 1127 -10.44 -44.65 1.71
C GLY F 1127 -9.65 -43.43 1.24
N PRO F 1128 -8.32 -43.50 1.40
CA PRO F 1128 -7.48 -42.36 0.98
C PRO F 1128 -7.56 -42.05 -0.50
N ARG F 1129 -7.75 -43.05 -1.36
CA ARG F 1129 -7.80 -42.78 -2.79
C ARG F 1129 -9.01 -41.94 -3.15
N GLU F 1130 -10.14 -42.16 -2.47
CA GLU F 1130 -11.34 -41.42 -2.82
C GLU F 1130 -11.29 -39.98 -2.33
N VAL F 1131 -10.77 -39.75 -1.12
CA VAL F 1131 -10.83 -38.41 -0.54
C VAL F 1131 -10.07 -37.43 -1.42
N GLN F 1132 -8.93 -37.86 -1.98
CA GLN F 1132 -8.20 -36.98 -2.89
C GLN F 1132 -9.00 -36.73 -4.17
N ILE F 1133 -9.69 -37.75 -4.68
CA ILE F 1133 -10.59 -37.53 -5.82
C ILE F 1133 -11.63 -36.49 -5.48
N HIS F 1134 -12.25 -36.62 -4.30
CA HIS F 1134 -13.30 -35.69 -3.92
C HIS F 1134 -12.76 -34.27 -3.80
N LEU F 1135 -11.60 -34.11 -3.16
CA LEU F 1135 -11.02 -32.78 -2.99
C LEU F 1135 -10.67 -32.16 -4.34
N VAL F 1136 -10.05 -32.94 -5.22
CA VAL F 1136 -9.67 -32.42 -6.53
C VAL F 1136 -10.90 -32.01 -7.31
N LYS F 1137 -11.93 -32.87 -7.30
CA LYS F 1137 -13.15 -32.58 -8.03
C LYS F 1137 -13.81 -31.31 -7.51
N GLU F 1138 -13.91 -31.17 -6.19
CA GLU F 1138 -14.54 -29.98 -5.61
C GLU F 1138 -13.77 -28.71 -5.97
N VAL F 1139 -12.45 -28.75 -5.82
CA VAL F 1139 -11.65 -27.56 -6.11
C VAL F 1139 -11.77 -27.19 -7.58
N GLN F 1140 -11.68 -28.20 -8.46
CA GLN F 1140 -11.77 -27.93 -9.89
C GLN F 1140 -13.14 -27.38 -10.26
N GLU F 1141 -14.19 -27.92 -9.64
CA GLU F 1141 -15.54 -27.40 -9.92
C GLU F 1141 -15.65 -25.94 -9.53
N VAL F 1142 -15.16 -25.59 -8.33
CA VAL F 1142 -15.22 -24.21 -7.89
C VAL F 1142 -14.44 -23.31 -8.84
N TYR F 1143 -13.25 -23.75 -9.25
CA TYR F 1143 -12.41 -22.91 -10.09
C TYR F 1143 -13.00 -22.74 -11.48
N ARG F 1144 -13.54 -23.82 -12.07
CA ARG F 1144 -14.08 -23.74 -13.42
C ARG F 1144 -15.47 -23.14 -13.48
N ALA F 1145 -16.16 -23.00 -12.36
CA ALA F 1145 -17.41 -22.27 -12.36
C ALA F 1145 -17.21 -20.84 -12.86
N GLN F 1146 -16.02 -20.28 -12.63
CA GLN F 1146 -15.68 -18.95 -13.11
C GLN F 1146 -14.95 -18.95 -14.44
N GLY F 1147 -14.65 -20.13 -14.99
CA GLY F 1147 -13.96 -20.21 -16.27
C GLY F 1147 -12.46 -20.04 -16.15
N VAL F 1148 -11.83 -20.83 -15.28
CA VAL F 1148 -10.40 -20.81 -15.06
C VAL F 1148 -9.86 -22.21 -15.27
N SER F 1149 -8.79 -22.32 -16.06
CA SER F 1149 -8.19 -23.61 -16.39
C SER F 1149 -6.92 -23.80 -15.55
N ILE F 1150 -6.95 -24.77 -14.65
CA ILE F 1150 -5.79 -25.18 -13.87
C ILE F 1150 -5.66 -26.69 -13.98
N HIS F 1151 -4.48 -27.16 -14.37
CA HIS F 1151 -4.26 -28.59 -14.49
C HIS F 1151 -4.39 -29.25 -13.14
N ASP F 1152 -4.92 -30.48 -13.13
CA ASP F 1152 -5.16 -31.19 -11.88
C ASP F 1152 -3.87 -31.51 -11.14
N LYS F 1153 -2.71 -31.44 -11.81
CA LYS F 1153 -1.46 -31.83 -11.17
C LYS F 1153 -1.13 -30.91 -9.99
N HIS F 1154 -1.40 -29.61 -10.12
CA HIS F 1154 -1.14 -28.69 -9.01
C HIS F 1154 -2.02 -29.03 -7.82
N ILE F 1155 -3.32 -29.22 -8.06
CA ILE F 1155 -4.25 -29.50 -6.97
C ILE F 1155 -3.89 -30.83 -6.30
N GLU F 1156 -3.47 -31.82 -7.10
CA GLU F 1156 -3.13 -33.11 -6.51
C GLU F 1156 -1.79 -33.05 -5.79
N VAL F 1157 -0.89 -32.14 -6.18
CA VAL F 1157 0.31 -31.91 -5.38
C VAL F 1157 -0.08 -31.35 -4.01
N ILE F 1158 -0.99 -30.37 -4.00
CA ILE F 1158 -1.44 -29.81 -2.73
C ILE F 1158 -2.10 -30.91 -1.88
N VAL F 1159 -2.93 -31.74 -2.50
CA VAL F 1159 -3.58 -32.83 -1.77
C VAL F 1159 -2.55 -33.83 -1.25
N ARG F 1160 -1.53 -34.14 -2.05
CA ARG F 1160 -0.47 -35.04 -1.61
C ARG F 1160 0.21 -34.50 -0.36
N GLN F 1161 0.49 -33.20 -0.33
CA GLN F 1161 1.02 -32.60 0.90
C GLN F 1161 0.01 -32.69 2.03
N MET F 1162 -1.28 -32.56 1.72
CA MET F 1162 -2.30 -32.63 2.76
C MET F 1162 -2.38 -34.03 3.38
N LEU F 1163 -2.04 -35.07 2.62
CA LEU F 1163 -2.13 -36.46 3.07
C LEU F 1163 -0.71 -37.03 3.19
N ARG F 1164 -0.10 -36.86 4.37
CA ARG F 1164 1.24 -37.38 4.59
C ARG F 1164 1.47 -38.03 5.94
N ARG F 1165 0.57 -37.88 6.91
CA ARG F 1165 0.79 -38.39 8.26
C ARG F 1165 -0.39 -39.25 8.70
N VAL F 1166 -0.15 -40.04 9.75
CA VAL F 1166 -1.13 -40.98 10.28
C VAL F 1166 -1.22 -40.80 11.79
N THR F 1167 -2.43 -40.90 12.33
CA THR F 1167 -2.63 -40.83 13.78
C THR F 1167 -2.37 -42.22 14.38
N ILE F 1168 -1.49 -42.29 15.36
CA ILE F 1168 -1.12 -43.56 15.97
C ILE F 1168 -2.16 -43.91 17.02
N ILE F 1169 -2.78 -45.08 16.90
CA ILE F 1169 -3.79 -45.50 17.85
C ILE F 1169 -3.15 -46.10 19.09
N ASP F 1170 -2.27 -47.09 18.90
CA ASP F 1170 -1.56 -47.72 19.99
C ASP F 1170 -0.11 -47.91 19.60
N SER F 1171 0.80 -47.65 20.54
CA SER F 1171 2.23 -47.72 20.30
C SER F 1171 2.77 -49.02 20.87
N GLY F 1172 3.46 -49.80 20.03
CA GLY F 1172 4.08 -51.02 20.48
C GLY F 1172 5.44 -50.76 21.09
N SER F 1173 6.47 -51.48 20.62
CA SER F 1173 7.83 -51.27 21.05
C SER F 1173 8.50 -50.09 20.35
N THR F 1174 7.72 -49.24 19.68
CA THR F 1174 8.26 -48.14 18.91
C THR F 1174 8.52 -46.93 19.79
N GLU F 1175 9.18 -45.94 19.21
CA GLU F 1175 9.48 -44.69 19.90
C GLU F 1175 8.31 -43.73 19.92
N PHE F 1176 7.29 -43.97 19.10
CA PHE F 1176 6.23 -42.99 18.90
C PHE F 1176 5.35 -42.88 20.14
N LEU F 1177 4.97 -41.65 20.50
CA LEU F 1177 3.96 -41.44 21.52
C LEU F 1177 2.58 -41.68 20.94
N PRO F 1178 1.64 -42.23 21.71
CA PRO F 1178 0.29 -42.42 21.17
C PRO F 1178 -0.41 -41.09 20.92
N GLY F 1179 -1.21 -41.06 19.86
CA GLY F 1179 -1.96 -39.87 19.51
C GLY F 1179 -1.20 -38.82 18.73
N SER F 1180 0.09 -39.03 18.48
CA SER F 1180 0.88 -38.04 17.76
C SER F 1180 0.88 -38.35 16.27
N LEU F 1181 0.98 -37.28 15.47
CA LEU F 1181 0.98 -37.40 14.02
C LEU F 1181 2.39 -37.74 13.55
N THR F 1182 2.55 -38.90 12.93
CA THR F 1182 3.84 -39.37 12.45
C THR F 1182 3.76 -39.62 10.95
N GLU F 1183 4.83 -39.25 10.24
CA GLU F 1183 4.87 -39.41 8.80
C GLU F 1183 4.79 -40.89 8.42
N ARG F 1184 4.12 -41.17 7.29
CA ARG F 1184 3.97 -42.55 6.85
C ARG F 1184 5.34 -43.20 6.62
N ALA F 1185 6.28 -42.46 6.04
CA ALA F 1185 7.60 -43.03 5.80
C ALA F 1185 8.27 -43.43 7.11
N GLU F 1186 8.32 -42.51 8.08
CA GLU F 1186 8.92 -42.83 9.37
C GLU F 1186 8.13 -43.93 10.09
N PHE F 1187 6.80 -43.88 10.03
CA PHE F 1187 5.99 -44.91 10.66
C PHE F 1187 6.34 -46.29 10.13
N GLU F 1188 6.34 -46.45 8.80
CA GLU F 1188 6.62 -47.75 8.21
C GLU F 1188 8.06 -48.17 8.47
N ALA F 1189 9.01 -47.24 8.39
CA ALA F 1189 10.40 -47.58 8.64
C ALA F 1189 10.58 -48.10 10.07
N GLU F 1190 9.99 -47.40 11.04
CA GLU F 1190 10.10 -47.82 12.43
C GLU F 1190 9.44 -49.16 12.65
N ASN F 1191 8.26 -49.38 12.04
CA ASN F 1191 7.58 -50.66 12.22
C ASN F 1191 8.41 -51.79 11.66
N ARG F 1192 8.97 -51.63 10.46
CA ARG F 1192 9.76 -52.70 9.85
C ARG F 1192 11.10 -52.88 10.55
N ARG F 1193 11.62 -51.84 11.20
CA ARG F 1193 12.85 -51.99 11.97
C ARG F 1193 12.61 -52.71 13.29
N VAL F 1194 11.47 -52.46 13.93
CA VAL F 1194 11.21 -53.07 15.23
C VAL F 1194 10.66 -54.48 15.07
N VAL F 1195 9.99 -54.79 13.96
CA VAL F 1195 9.42 -56.12 13.80
C VAL F 1195 10.49 -57.20 13.79
N ALA F 1196 11.73 -56.86 13.42
CA ALA F 1196 12.78 -57.87 13.33
C ALA F 1196 13.06 -58.51 14.69
N GLU F 1197 13.30 -57.68 15.71
CA GLU F 1197 13.56 -58.18 17.05
C GLU F 1197 12.45 -57.88 18.04
N GLY F 1198 11.70 -56.81 17.85
CA GLY F 1198 10.62 -56.47 18.76
C GLY F 1198 9.34 -57.22 18.45
N GLY F 1199 8.94 -57.25 17.19
CA GLY F 1199 7.73 -57.95 16.80
C GLY F 1199 6.47 -57.38 17.38
N GLU F 1200 6.37 -56.05 17.46
CA GLU F 1200 5.17 -55.39 17.96
C GLU F 1200 5.08 -54.01 17.32
N PRO F 1201 4.57 -53.94 16.10
CA PRO F 1201 4.46 -52.65 15.42
C PRO F 1201 3.27 -51.84 15.93
N ALA F 1202 3.41 -50.52 15.79
CA ALA F 1202 2.34 -49.61 16.18
C ALA F 1202 1.23 -49.59 15.13
N ALA F 1203 0.04 -49.18 15.56
CA ALA F 1203 -1.13 -49.13 14.69
C ALA F 1203 -1.40 -47.68 14.30
N GLY F 1204 -1.58 -47.44 13.00
CA GLY F 1204 -1.80 -46.09 12.50
C GLY F 1204 -2.99 -45.97 11.58
N ARG F 1205 -3.79 -44.91 11.78
CA ARG F 1205 -4.96 -44.62 10.97
C ARG F 1205 -4.69 -43.42 10.07
N PRO F 1206 -4.98 -43.48 8.77
CA PRO F 1206 -4.79 -42.29 7.93
C PRO F 1206 -5.66 -41.14 8.42
N VAL F 1207 -5.12 -39.93 8.29
CA VAL F 1207 -5.78 -38.72 8.78
C VAL F 1207 -5.61 -37.61 7.75
N LEU F 1208 -6.66 -36.80 7.59
CA LEU F 1208 -6.60 -35.61 6.77
C LEU F 1208 -6.36 -34.40 7.67
N MET F 1209 -5.47 -33.51 7.22
CA MET F 1209 -5.17 -32.29 7.97
C MET F 1209 -5.11 -31.12 6.99
N GLY F 1210 -5.41 -29.93 7.51
CA GLY F 1210 -5.45 -28.74 6.68
C GLY F 1210 -4.07 -28.24 6.32
N ILE F 1211 -4.05 -27.26 5.42
CA ILE F 1211 -2.78 -26.69 4.96
C ILE F 1211 -2.07 -26.00 6.12
N THR F 1212 -2.82 -25.30 6.97
CA THR F 1212 -2.20 -24.59 8.09
C THR F 1212 -1.52 -25.56 9.04
N LYS F 1213 -2.24 -26.58 9.49
CA LYS F 1213 -1.65 -27.55 10.41
C LYS F 1213 -0.54 -28.36 9.76
N ALA F 1214 -0.72 -28.74 8.48
CA ALA F 1214 0.30 -29.51 7.80
C ALA F 1214 1.60 -28.72 7.68
N SER F 1215 1.50 -27.45 7.30
CA SER F 1215 2.69 -26.62 7.16
C SER F 1215 3.31 -26.34 8.53
N LEU F 1216 2.48 -26.10 9.54
CA LEU F 1216 2.98 -25.79 10.87
C LEU F 1216 3.57 -26.99 11.58
N ALA F 1217 3.37 -28.20 11.05
CA ALA F 1217 3.93 -29.41 11.64
C ALA F 1217 5.28 -29.79 11.03
N THR F 1218 5.83 -28.95 10.15
CA THR F 1218 7.11 -29.26 9.53
C THR F 1218 8.18 -29.49 10.59
N ASP F 1219 9.22 -30.24 10.22
CA ASP F 1219 10.31 -30.54 11.13
C ASP F 1219 11.29 -29.39 11.31
N SER F 1220 11.18 -28.35 10.50
CA SER F 1220 12.05 -27.17 10.62
C SER F 1220 11.37 -26.16 11.53
N TRP F 1221 11.99 -25.85 12.67
CA TRP F 1221 11.41 -24.87 13.58
C TRP F 1221 11.58 -23.45 13.05
N LEU F 1222 12.62 -23.23 12.24
CA LEU F 1222 12.80 -21.90 11.64
C LEU F 1222 11.62 -21.54 10.75
N SER F 1223 11.27 -22.43 9.81
CA SER F 1223 10.17 -22.15 8.91
C SER F 1223 8.84 -22.09 9.64
N ALA F 1224 8.62 -22.98 10.61
CA ALA F 1224 7.38 -22.95 11.38
C ALA F 1224 7.24 -21.62 12.13
N ALA F 1225 8.32 -21.16 12.75
CA ALA F 1225 8.29 -19.87 13.43
C ALA F 1225 8.06 -18.73 12.45
N SER F 1226 8.65 -18.82 11.26
CA SER F 1226 8.45 -17.77 10.27
C SER F 1226 7.02 -17.73 9.76
N PHE F 1227 6.32 -18.86 9.75
CA PHE F 1227 4.99 -18.92 9.16
C PHE F 1227 3.95 -18.25 10.06
N GLN F 1228 3.72 -18.82 11.25
CA GLN F 1228 2.67 -18.34 12.14
C GLN F 1228 2.98 -18.82 13.54
N GLU F 1229 2.29 -18.21 14.51
CA GLU F 1229 2.40 -18.61 15.92
C GLU F 1229 3.84 -18.71 16.38
N THR F 1230 4.62 -17.65 16.14
CA THR F 1230 6.04 -17.67 16.48
C THR F 1230 6.27 -18.05 17.94
N THR F 1231 5.49 -17.46 18.85
CA THR F 1231 5.70 -17.71 20.28
C THR F 1231 5.50 -19.19 20.61
N ARG F 1232 4.38 -19.76 20.19
CA ARG F 1232 4.09 -21.15 20.50
C ARG F 1232 5.12 -22.09 19.86
N VAL F 1233 5.47 -21.82 18.61
CA VAL F 1233 6.43 -22.66 17.91
C VAL F 1233 7.77 -22.64 18.63
N LEU F 1234 8.23 -21.44 19.01
CA LEU F 1234 9.51 -21.33 19.69
C LEU F 1234 9.47 -22.00 21.06
N THR F 1235 8.35 -21.85 21.78
CA THR F 1235 8.23 -22.50 23.08
C THR F 1235 8.32 -24.02 22.94
N ASP F 1236 7.54 -24.58 22.02
CA ASP F 1236 7.55 -26.03 21.83
C ASP F 1236 8.93 -26.52 21.40
N ALA F 1237 9.58 -25.79 20.49
CA ALA F 1237 10.92 -26.17 20.04
C ALA F 1237 11.91 -26.12 21.20
N ALA F 1238 11.78 -25.11 22.07
CA ALA F 1238 12.69 -24.99 23.20
C ALA F 1238 12.53 -26.15 24.16
N ILE F 1239 11.30 -26.44 24.58
CA ILE F 1239 11.09 -27.54 25.53
C ILE F 1239 11.47 -28.87 24.90
N ASN F 1240 11.18 -29.04 23.61
CA ASN F 1240 11.55 -30.28 22.92
C ASN F 1240 13.03 -30.34 22.60
N CYS F 1241 13.70 -29.20 22.48
CA CYS F 1241 15.12 -29.14 22.15
C CYS F 1241 15.41 -29.89 20.86
N ARG F 1242 14.80 -29.41 19.78
CA ARG F 1242 14.87 -30.06 18.47
C ARG F 1242 15.68 -29.19 17.52
N SER F 1243 16.70 -29.79 16.90
CA SER F 1243 17.55 -29.07 15.97
C SER F 1243 16.98 -29.11 14.56
N ASP F 1244 17.34 -28.12 13.76
CA ASP F 1244 16.86 -27.96 12.40
C ASP F 1244 18.00 -28.18 11.43
N LYS F 1245 17.80 -29.10 10.48
CA LYS F 1245 18.70 -29.24 9.35
C LYS F 1245 18.31 -28.25 8.26
N LEU F 1246 19.28 -27.46 7.82
CA LEU F 1246 18.98 -26.28 7.00
C LEU F 1246 18.85 -26.68 5.52
N ASN F 1247 17.73 -27.35 5.23
CA ASN F 1247 17.35 -27.62 3.85
C ASN F 1247 15.81 -27.66 3.79
N GLY F 1248 15.21 -26.51 3.52
CA GLY F 1248 13.76 -26.43 3.43
C GLY F 1248 13.26 -25.43 2.42
N LEU F 1249 14.17 -24.83 1.64
CA LEU F 1249 13.80 -23.85 0.62
C LEU F 1249 13.27 -22.55 1.22
N LYS F 1250 13.15 -22.50 2.54
CA LYS F 1250 12.70 -21.30 3.25
C LYS F 1250 13.64 -20.85 4.35
N GLU F 1251 14.35 -21.77 5.01
CA GLU F 1251 15.40 -21.40 5.95
C GLU F 1251 16.71 -21.12 5.25
N ASN F 1252 16.91 -21.63 4.04
CA ASN F 1252 18.12 -21.33 3.28
C ASN F 1252 18.19 -19.85 2.95
N VAL F 1253 17.06 -19.25 2.56
CA VAL F 1253 17.04 -17.82 2.28
C VAL F 1253 17.32 -17.03 3.55
N ILE F 1254 16.79 -17.50 4.68
CA ILE F 1254 17.03 -16.83 5.95
C ILE F 1254 18.52 -16.85 6.28
N ILE F 1255 19.15 -18.01 6.12
CA ILE F 1255 20.58 -18.14 6.39
C ILE F 1255 21.42 -17.37 5.37
N GLY F 1256 20.86 -17.09 4.20
CA GLY F 1256 21.62 -16.52 3.11
C GLY F 1256 22.28 -17.52 2.19
N LYS F 1257 22.12 -18.81 2.45
CA LYS F 1257 22.66 -19.84 1.59
C LYS F 1257 21.73 -20.07 0.41
N LEU F 1258 22.30 -20.26 -0.78
CA LEU F 1258 21.49 -20.42 -1.98
C LEU F 1258 20.60 -21.64 -1.87
N ILE F 1259 19.37 -21.51 -2.36
CA ILE F 1259 18.32 -22.52 -2.17
C ILE F 1259 18.72 -23.82 -2.85
N PRO F 1260 18.22 -24.99 -2.37
CA PRO F 1260 18.51 -26.27 -3.01
C PRO F 1260 17.52 -26.63 -4.12
N ALA F 1261 17.31 -25.69 -5.04
CA ALA F 1261 16.42 -25.91 -6.17
C ALA F 1261 16.96 -25.17 -7.38
N GLY F 1262 16.55 -25.62 -8.56
CA GLY F 1262 17.04 -24.99 -9.78
C GLY F 1262 18.55 -25.07 -9.88
N THR F 1263 19.17 -23.92 -10.14
CA THR F 1263 20.63 -23.87 -10.29
C THR F 1263 21.35 -24.14 -8.97
N GLY F 1264 20.66 -24.15 -7.84
CA GLY F 1264 21.29 -24.28 -6.55
C GLY F 1264 21.61 -25.69 -6.11
N ILE F 1265 21.07 -26.71 -6.79
CA ILE F 1265 21.36 -28.08 -6.38
C ILE F 1265 22.80 -28.44 -6.72
N SER F 1266 23.30 -29.49 -6.05
CA SER F 1266 24.71 -29.84 -6.18
C SER F 1266 25.07 -30.22 -7.60
N ARG F 1267 24.17 -30.94 -8.29
CA ARG F 1267 24.47 -31.41 -9.63
C ARG F 1267 24.88 -30.27 -10.56
N TYR F 1268 24.05 -29.23 -10.63
CA TYR F 1268 24.38 -28.10 -11.49
C TYR F 1268 25.41 -27.17 -10.85
N ARG F 1269 25.38 -27.05 -9.53
CA ARG F 1269 26.27 -26.10 -8.85
C ARG F 1269 27.73 -26.50 -9.00
N ASN F 1270 28.03 -27.80 -9.01
CA ASN F 1270 29.41 -28.29 -9.06
C ASN F 1270 29.82 -28.71 -10.47
N ILE F 1271 29.34 -27.99 -11.49
CA ILE F 1271 29.74 -28.28 -12.86
C ILE F 1271 31.18 -27.85 -13.08
N GLN F 1272 31.92 -28.64 -13.85
CA GLN F 1272 33.30 -28.34 -14.20
C GLN F 1272 33.37 -28.00 -15.69
N VAL F 1273 34.20 -27.02 -16.03
CA VAL F 1273 34.30 -26.52 -17.40
C VAL F 1273 35.78 -26.38 -17.77
N GLN F 1274 36.14 -26.85 -18.96
CA GLN F 1274 37.48 -26.66 -19.49
C GLN F 1274 37.43 -26.82 -20.99
N PRO F 1275 38.20 -26.04 -21.75
CA PRO F 1275 38.12 -26.14 -23.21
C PRO F 1275 38.63 -27.47 -23.73
N THR F 1276 38.09 -27.88 -24.87
CA THR F 1276 38.54 -29.11 -25.51
C THR F 1276 39.93 -28.94 -26.09
N GLU F 1277 40.62 -30.07 -26.28
CA GLU F 1277 41.97 -30.03 -26.84
C GLU F 1277 41.96 -29.46 -28.25
N GLU F 1278 40.95 -29.83 -29.05
CA GLU F 1278 40.89 -29.33 -30.43
C GLU F 1278 40.82 -27.80 -30.44
N ALA F 1279 39.96 -27.23 -29.61
CA ALA F 1279 39.86 -25.77 -29.55
C ALA F 1279 41.05 -25.15 -28.84
N ARG F 1280 41.62 -25.85 -27.86
CA ARG F 1280 42.79 -25.32 -27.16
C ARG F 1280 43.97 -25.16 -28.12
N ALA F 1281 44.17 -26.14 -29.01
CA ALA F 1281 45.30 -26.07 -29.93
C ALA F 1281 45.18 -24.85 -30.85
N ALA F 1282 43.98 -24.58 -31.35
CA ALA F 1282 43.79 -23.44 -32.25
C ALA F 1282 44.14 -22.13 -31.54
N ALA F 1283 43.70 -21.98 -30.30
CA ALA F 1283 43.96 -20.77 -29.53
C ALA F 1283 43.42 -19.55 -30.26
N SER G 24 15.18 -23.84 -36.99
CA SER G 24 15.23 -24.18 -38.44
C SER G 24 15.50 -22.94 -39.28
N ALA G 25 14.44 -22.25 -39.69
CA ALA G 25 14.54 -21.03 -40.50
C ALA G 25 13.94 -19.88 -39.71
N TYR G 26 14.75 -18.86 -39.44
CA TYR G 26 14.33 -17.73 -38.63
C TYR G 26 15.14 -16.50 -39.04
N ASP G 27 14.61 -15.33 -38.71
CA ASP G 27 15.30 -14.08 -38.98
C ASP G 27 16.51 -13.94 -38.08
N THR G 28 17.46 -13.10 -38.51
CA THR G 28 18.70 -12.94 -37.76
C THR G 28 18.39 -12.47 -36.34
N PRO G 29 18.84 -13.20 -35.31
CA PRO G 29 18.56 -12.76 -33.94
C PRO G 29 19.25 -11.43 -33.62
N LEU G 30 18.62 -10.67 -32.74
CA LEU G 30 19.11 -9.36 -32.33
C LEU G 30 19.35 -9.33 -30.83
N GLY G 31 20.26 -8.45 -30.41
CA GLY G 31 20.50 -8.27 -28.99
C GLY G 31 20.99 -9.55 -28.34
N ILE G 32 20.49 -9.81 -27.13
CA ILE G 32 20.93 -10.98 -26.37
C ILE G 32 20.22 -12.26 -26.78
N THR G 33 19.24 -12.18 -27.68
CA THR G 33 18.62 -13.39 -28.19
C THR G 33 19.60 -14.21 -29.02
N ASN G 34 20.67 -13.58 -29.50
CA ASN G 34 21.73 -14.27 -30.25
C ASN G 34 22.80 -14.77 -29.29
N PRO G 35 23.19 -16.05 -29.34
CA PRO G 35 22.70 -17.11 -30.23
C PRO G 35 21.36 -17.68 -29.79
N PRO G 36 20.65 -18.36 -30.70
CA PRO G 36 19.33 -18.88 -30.36
C PRO G 36 19.38 -19.83 -29.17
N ILE G 37 18.36 -19.75 -28.32
CA ILE G 37 18.34 -20.53 -27.09
C ILE G 37 18.20 -22.02 -27.39
N ASP G 38 17.51 -22.37 -28.48
CA ASP G 38 17.31 -23.79 -28.81
C ASP G 38 18.64 -24.48 -29.07
N GLU G 39 19.52 -23.84 -29.86
CA GLU G 39 20.83 -24.43 -30.14
C GLU G 39 21.63 -24.61 -28.85
N LEU G 40 21.59 -23.60 -27.97
CA LEU G 40 22.31 -23.71 -26.70
C LEU G 40 21.78 -24.87 -25.87
N LEU G 41 20.45 -24.95 -25.73
CA LEU G 41 19.87 -26.02 -24.93
C LEU G 41 20.14 -27.39 -25.54
N SER G 42 20.36 -27.45 -26.85
CA SER G 42 20.72 -28.72 -27.48
C SER G 42 22.05 -29.25 -26.96
N ARG G 43 22.88 -28.39 -26.36
CA ARG G 43 24.20 -28.76 -25.87
C ARG G 43 24.28 -28.82 -24.36
N ALA G 44 23.14 -28.95 -23.68
CA ALA G 44 23.13 -28.98 -22.22
C ALA G 44 21.99 -29.87 -21.75
N SER G 45 22.14 -30.41 -20.54
CA SER G 45 21.12 -31.28 -19.97
C SER G 45 19.81 -30.52 -19.75
N SER G 46 19.89 -29.31 -19.22
CA SER G 46 18.70 -28.51 -18.94
C SER G 46 19.12 -27.04 -18.86
N LYS G 47 18.14 -26.19 -18.56
CA LYS G 47 18.41 -24.75 -18.49
C LYS G 47 19.40 -24.43 -17.37
N TYR G 48 19.26 -25.08 -16.21
CA TYR G 48 20.14 -24.78 -15.10
C TYR G 48 21.59 -25.15 -15.41
N ALA G 49 21.78 -26.30 -16.05
CA ALA G 49 23.14 -26.71 -16.43
C ALA G 49 23.75 -25.70 -17.39
N LEU G 50 22.98 -25.25 -18.38
CA LEU G 50 23.50 -24.25 -19.31
C LEU G 50 23.83 -22.95 -18.59
N VAL G 51 22.99 -22.55 -17.64
CA VAL G 51 23.24 -21.30 -16.91
C VAL G 51 24.56 -21.39 -16.17
N ILE G 52 24.76 -22.47 -15.40
CA ILE G 52 25.98 -22.59 -14.62
C ILE G 52 27.20 -22.76 -15.54
N TYR G 53 27.03 -23.47 -16.66
CA TYR G 53 28.10 -23.65 -17.62
C TYR G 53 28.57 -22.30 -18.16
N ALA G 54 27.63 -21.48 -18.64
CA ALA G 54 27.98 -20.17 -19.16
C ALA G 54 28.58 -19.29 -18.07
N ALA G 55 28.03 -19.36 -16.86
CA ALA G 55 28.56 -18.53 -15.77
C ALA G 55 30.01 -18.88 -15.46
N LYS G 56 30.32 -20.18 -15.38
CA LYS G 56 31.69 -20.60 -15.11
C LYS G 56 32.62 -20.15 -16.23
N ARG G 57 32.21 -20.33 -17.48
CA ARG G 57 33.07 -19.92 -18.59
C ARG G 57 33.30 -18.42 -18.57
N ALA G 58 32.25 -17.63 -18.29
CA ALA G 58 32.39 -16.18 -18.25
C ALA G 58 33.32 -15.76 -17.12
N ARG G 59 33.21 -16.39 -15.95
CA ARG G 59 34.11 -16.07 -14.85
C ARG G 59 35.55 -16.38 -15.23
N GLN G 60 35.78 -17.52 -15.90
CA GLN G 60 37.12 -17.85 -16.35
C GLN G 60 37.65 -16.80 -17.33
N ILE G 61 36.81 -16.37 -18.26
CA ILE G 61 37.24 -15.38 -19.25
C ILE G 61 37.58 -14.06 -18.57
N ASN G 62 36.75 -13.62 -17.62
CA ASN G 62 37.04 -12.37 -16.92
C ASN G 62 38.34 -12.49 -16.11
N ASP G 63 38.55 -13.63 -15.45
CA ASP G 63 39.77 -13.82 -14.68
C ASP G 63 40.99 -13.78 -15.59
N TYR G 64 40.88 -14.37 -16.78
CA TYR G 64 41.96 -14.28 -17.76
C TYR G 64 42.19 -12.83 -18.15
N TYR G 65 41.12 -12.08 -18.40
CA TYR G 65 41.26 -10.67 -18.73
C TYR G 65 42.03 -9.91 -17.65
N ASN G 66 41.72 -10.19 -16.39
CA ASN G 66 42.42 -9.57 -15.27
C ASN G 66 43.53 -10.46 -14.71
N GLN G 67 44.07 -11.36 -15.52
CA GLN G 67 45.15 -12.26 -15.09
C GLN G 67 44.79 -12.97 -13.79
N VAL G 76 42.39 -19.60 -19.45
CA VAL G 76 42.36 -19.59 -20.91
C VAL G 76 41.57 -18.40 -21.40
N GLY G 77 42.06 -17.74 -22.46
CA GLY G 77 41.41 -16.58 -23.00
C GLY G 77 40.26 -16.95 -23.90
N PRO G 78 39.54 -15.91 -24.36
CA PRO G 78 38.40 -16.15 -25.25
C PRO G 78 38.84 -16.80 -26.56
N LEU G 79 38.19 -17.93 -26.88
CA LEU G 79 38.54 -18.66 -28.09
C LEU G 79 38.01 -17.93 -29.34
N VAL G 80 36.71 -17.70 -29.39
CA VAL G 80 36.13 -16.95 -30.50
C VAL G 80 36.60 -15.51 -30.42
N GLU G 81 36.86 -14.92 -31.59
CA GLU G 81 37.37 -13.54 -31.65
C GLU G 81 36.34 -12.60 -31.03
N PRO G 82 36.61 -12.01 -29.87
CA PRO G 82 35.61 -11.14 -29.25
C PRO G 82 35.39 -9.87 -30.04
N GLY G 83 34.19 -9.32 -29.90
CA GLY G 83 33.85 -8.08 -30.56
C GLY G 83 34.62 -6.91 -29.99
N LEU G 84 34.18 -5.71 -30.37
CA LEU G 84 34.88 -4.50 -29.93
C LEU G 84 34.90 -4.41 -28.41
N GLN G 85 33.74 -4.52 -27.77
CA GLN G 85 33.64 -4.53 -26.31
C GLN G 85 32.65 -5.57 -25.85
N GLU G 86 32.69 -6.75 -26.46
CA GLU G 86 31.79 -7.83 -26.06
C GLU G 86 32.04 -8.22 -24.61
N LYS G 87 30.96 -8.40 -23.86
CA LYS G 87 31.06 -8.78 -22.46
C LYS G 87 31.46 -10.25 -22.33
N PRO G 88 32.07 -10.63 -21.22
CA PRO G 88 32.49 -12.04 -21.08
C PRO G 88 31.36 -13.04 -21.23
N LEU G 89 30.16 -12.70 -20.74
CA LEU G 89 29.05 -13.64 -20.81
C LEU G 89 28.68 -13.94 -22.26
N SER G 90 28.60 -12.91 -23.11
CA SER G 90 28.27 -13.14 -24.51
C SER G 90 29.33 -13.98 -25.20
N ILE G 91 30.60 -13.73 -24.90
CA ILE G 91 31.67 -14.53 -25.48
C ILE G 91 31.54 -15.98 -25.05
N ALA G 92 31.25 -16.21 -23.77
CA ALA G 92 31.08 -17.58 -23.28
C ALA G 92 29.91 -18.27 -23.97
N LEU G 93 28.80 -17.56 -24.15
CA LEU G 93 27.66 -18.15 -24.84
C LEU G 93 28.02 -18.49 -26.29
N ARG G 94 28.74 -17.60 -26.97
CA ARG G 94 29.14 -17.88 -28.34
C ARG G 94 30.07 -19.09 -28.40
N GLU G 95 31.00 -19.21 -27.45
CA GLU G 95 31.88 -20.36 -27.42
C GLU G 95 31.10 -21.65 -27.20
N ILE G 96 30.13 -21.63 -26.29
CA ILE G 96 29.30 -22.81 -26.08
C ILE G 96 28.53 -23.15 -27.35
N HIS G 97 28.00 -22.14 -28.03
CA HIS G 97 27.26 -22.38 -29.26
C HIS G 97 28.15 -23.01 -30.32
N GLY G 98 29.39 -22.55 -30.42
CA GLY G 98 30.31 -23.09 -31.41
C GLY G 98 30.83 -24.47 -31.10
N ASP G 99 30.56 -24.98 -29.90
CA ASP G 99 31.01 -26.31 -29.48
C ASP G 99 32.51 -26.35 -29.23
N LEU G 100 33.09 -25.22 -28.84
CA LEU G 100 34.51 -25.12 -28.56
C LEU G 100 34.87 -25.52 -27.14
N LEU G 101 33.89 -25.87 -26.31
CA LEU G 101 34.09 -26.16 -24.90
C LEU G 101 33.39 -27.47 -24.54
N GLU G 102 33.59 -27.90 -23.30
CA GLU G 102 32.93 -29.08 -22.78
C GLU G 102 32.79 -28.93 -21.27
N HIS G 103 31.89 -29.73 -20.70
CA HIS G 103 31.61 -29.63 -19.27
C HIS G 103 31.22 -31.00 -18.73
N THR G 104 31.12 -31.08 -17.41
CA THR G 104 30.67 -32.28 -16.71
C THR G 104 29.69 -31.85 -15.62
N GLU G 105 29.09 -32.84 -14.96
CA GLU G 105 28.13 -32.60 -13.88
C GLU G 105 28.59 -33.37 -12.65
N GLY G 106 29.13 -32.64 -11.66
CA GLY G 106 29.59 -33.29 -10.45
C GLY G 106 28.43 -33.64 -9.54
N GLU G 107 28.53 -34.81 -8.92
CA GLU G 107 27.48 -35.30 -8.03
C GLU G 107 27.88 -36.63 -7.40
N LEU H 6 15.83 13.93 7.59
CA LEU H 6 15.76 13.26 8.91
C LEU H 6 16.85 12.19 9.03
N ARG H 7 17.83 12.44 9.90
CA ARG H 7 18.93 11.51 10.11
C ARG H 7 19.38 11.58 11.56
N GLY H 8 20.04 10.52 12.01
CA GLY H 8 20.57 10.44 13.36
C GLY H 8 22.02 9.98 13.36
N SER H 9 22.56 9.87 14.56
CA SER H 9 23.94 9.46 14.73
C SER H 9 24.08 8.68 16.04
N ARG H 10 25.10 7.85 16.11
CA ARG H 10 25.40 7.05 17.29
C ARG H 10 26.54 7.69 18.08
N LEU H 11 26.67 7.28 19.33
CA LEU H 11 27.71 7.79 20.21
C LEU H 11 29.09 7.59 19.58
N TYR H 16 38.88 3.76 10.20
CA TYR H 16 39.35 2.74 9.26
C TYR H 16 40.87 2.75 9.17
N GLU H 17 41.51 1.90 9.98
CA GLU H 17 42.96 1.81 10.05
C GLU H 17 43.40 0.42 9.60
N THR H 18 44.61 0.36 9.03
CA THR H 18 45.15 -0.89 8.53
C THR H 18 45.27 -1.92 9.64
N ASP H 19 44.48 -2.99 9.57
CA ASP H 19 44.58 -4.06 10.55
C ASP H 19 45.88 -4.83 10.35
N ARG H 20 46.49 -5.25 11.46
CA ARG H 20 47.72 -6.01 11.41
C ARG H 20 47.74 -6.99 12.58
N ASN H 21 48.07 -8.24 12.29
CA ASN H 21 48.15 -9.29 13.30
C ASN H 21 49.57 -9.66 13.68
N HIS H 22 50.54 -9.46 12.78
CA HIS H 22 51.91 -9.86 13.07
C HIS H 22 52.49 -9.06 14.22
N ASP H 23 52.29 -7.75 14.22
CA ASP H 23 52.87 -6.85 15.21
C ASP H 23 51.77 -6.31 16.11
N LEU H 24 51.97 -6.43 17.43
CA LEU H 24 51.02 -5.92 18.41
C LEU H 24 51.79 -5.51 19.65
N ALA H 25 51.18 -4.62 20.43
CA ALA H 25 51.80 -4.18 21.67
C ALA H 25 51.90 -5.36 22.63
N PRO H 26 53.05 -5.56 23.28
CA PRO H 26 53.18 -6.71 24.19
C PRO H 26 52.27 -6.59 25.39
N ARG H 27 51.85 -7.73 25.91
CA ARG H 27 50.89 -7.78 27.01
C ARG H 27 51.28 -8.87 27.98
N GLN H 28 50.79 -8.75 29.21
CA GLN H 28 50.98 -9.74 30.26
C GLN H 28 49.62 -10.09 30.86
N VAL H 29 49.44 -11.35 31.21
CA VAL H 29 48.15 -11.86 31.68
C VAL H 29 48.19 -11.95 33.20
N ALA H 30 47.14 -11.45 33.84
CA ALA H 30 47.00 -11.53 35.29
C ALA H 30 46.14 -12.74 35.65
N ARG H 31 45.75 -12.84 36.91
CA ARG H 31 44.93 -13.95 37.39
C ARG H 31 44.23 -13.52 38.67
N TYR H 32 42.91 -13.65 38.69
CA TYR H 32 42.10 -13.21 39.82
C TYR H 32 41.17 -14.32 40.27
N ARG H 33 40.99 -14.44 41.59
CA ARG H 33 40.00 -15.32 42.20
C ARG H 33 38.94 -14.47 42.87
N THR H 34 37.69 -14.87 42.71
CA THR H 34 36.58 -14.22 43.38
C THR H 34 36.23 -14.98 44.66
N ASP H 35 35.20 -14.50 45.37
CA ASP H 35 34.80 -15.14 46.61
C ASP H 35 34.30 -16.57 46.37
N ASN H 36 33.73 -16.83 45.19
CA ASN H 36 33.18 -18.14 44.86
C ASN H 36 34.20 -19.07 44.24
N GLY H 37 35.46 -18.67 44.14
CA GLY H 37 36.48 -19.51 43.54
C GLY H 37 36.49 -19.50 42.03
N GLU H 38 35.88 -18.50 41.41
CA GLU H 38 35.88 -18.40 39.96
C GLU H 38 37.14 -17.68 39.49
N GLU H 39 37.86 -18.30 38.56
CA GLU H 39 39.11 -17.76 38.05
C GLU H 39 38.85 -16.88 36.85
N PHE H 40 39.53 -15.73 36.80
CA PHE H 40 39.45 -14.82 35.66
C PHE H 40 40.86 -14.37 35.27
N ASP H 41 41.03 -14.08 33.99
CA ASP H 41 42.30 -13.61 33.45
C ASP H 41 42.08 -12.30 32.72
N VAL H 42 43.02 -11.36 32.92
CA VAL H 42 42.94 -10.04 32.29
C VAL H 42 44.27 -9.76 31.61
N PRO H 43 44.30 -9.48 30.30
CA PRO H 43 45.56 -9.06 29.66
C PRO H 43 45.81 -7.58 29.85
N PHE H 44 46.87 -7.24 30.56
CA PHE H 44 47.31 -5.87 30.75
C PHE H 44 48.57 -5.62 29.94
N ALA H 45 48.86 -4.33 29.71
CA ALA H 45 50.07 -3.94 29.02
C ALA H 45 51.29 -4.16 29.92
N ASP H 46 52.48 -4.08 29.31
CA ASP H 46 53.71 -4.25 30.07
C ASP H 46 53.94 -3.13 31.08
N ASP H 47 53.19 -2.03 30.99
CA ASP H 47 53.32 -0.97 31.98
C ASP H 47 52.96 -1.45 33.38
N ALA H 48 52.25 -2.57 33.50
CA ALA H 48 51.90 -3.15 34.78
C ALA H 48 50.93 -2.24 35.55
N GLU H 49 51.32 -1.81 36.75
CA GLU H 49 50.43 -1.03 37.61
C GLU H 49 49.12 -1.79 37.84
N ILE H 50 49.22 -3.09 38.08
CA ILE H 50 48.06 -3.96 38.23
C ILE H 50 47.36 -3.61 39.54
N PRO H 51 46.05 -3.32 39.52
CA PRO H 51 45.35 -3.05 40.78
C PRO H 51 45.19 -4.31 41.61
N GLY H 52 45.07 -4.11 42.93
CA GLY H 52 44.94 -5.25 43.83
C GLY H 52 43.58 -5.93 43.74
N THR H 53 42.55 -5.19 43.34
CA THR H 53 41.20 -5.74 43.21
C THR H 53 40.64 -5.34 41.85
N TRP H 54 39.85 -6.25 41.27
CA TRP H 54 39.28 -6.04 39.94
C TRP H 54 37.80 -6.41 39.95
N LEU H 55 37.07 -5.88 38.99
CA LEU H 55 35.66 -6.23 38.82
C LEU H 55 35.54 -7.27 37.71
N CYS H 56 35.01 -8.44 38.06
CA CYS H 56 34.91 -9.55 37.13
C CYS H 56 33.55 -9.54 36.41
N ARG H 57 33.43 -10.43 35.43
CA ARG H 57 32.24 -10.47 34.60
C ARG H 57 30.99 -10.82 35.41
N ASN H 58 31.16 -11.52 36.53
CA ASN H 58 30.02 -11.94 37.34
C ASN H 58 29.59 -10.87 38.34
N GLY H 59 30.24 -9.71 38.36
CA GLY H 59 29.83 -8.65 39.24
C GLY H 59 30.34 -8.77 40.67
N LEU H 60 31.42 -9.50 40.89
CA LEU H 60 32.01 -9.66 42.21
C LEU H 60 33.47 -9.26 42.17
N GLU H 61 33.94 -8.69 43.28
CA GLU H 61 35.33 -8.26 43.36
C GLU H 61 36.26 -9.48 43.39
N GLY H 62 37.32 -9.41 42.61
CA GLY H 62 38.32 -10.47 42.54
C GLY H 62 39.68 -9.96 42.98
N THR H 63 40.43 -10.81 43.67
CA THR H 63 41.74 -10.49 44.19
C THR H 63 42.81 -11.34 43.50
N LEU H 64 44.05 -10.83 43.54
CA LEU H 64 45.14 -11.46 42.80
C LEU H 64 45.38 -12.89 43.28
N ILE H 65 45.68 -13.77 42.33
CA ILE H 65 46.00 -15.15 42.68
C ILE H 65 47.30 -15.22 43.46
N GLU H 66 48.26 -14.37 43.11
CA GLU H 66 49.57 -14.44 43.73
C GLU H 66 49.52 -14.15 45.23
N GLY H 67 48.53 -13.38 45.67
CA GLY H 67 48.38 -13.07 47.08
C GLY H 67 49.36 -12.02 47.56
N ASP H 68 49.25 -10.81 47.01
CA ASP H 68 50.14 -9.71 47.38
C ASP H 68 49.32 -8.43 47.51
N VAL H 69 49.84 -7.51 48.33
CA VAL H 69 49.23 -6.20 48.52
C VAL H 69 47.84 -6.33 49.12
N PRO H 70 47.68 -6.90 50.33
CA PRO H 70 46.38 -6.81 51.00
C PRO H 70 46.00 -5.36 51.26
N GLU H 71 44.92 -4.90 50.64
CA GLU H 71 44.57 -3.49 50.72
C GLU H 71 44.14 -3.13 52.14
N PRO H 72 44.37 -1.87 52.56
CA PRO H 72 44.04 -1.49 53.94
C PRO H 72 42.56 -1.63 54.27
N LYS H 73 41.67 -1.57 53.29
CA LYS H 73 40.23 -1.66 53.51
C LYS H 73 39.76 -0.53 54.44
N LYS H 74 39.92 0.70 53.93
CA LYS H 74 39.62 1.89 54.71
C LYS H 74 38.13 2.25 54.72
N VAL H 75 37.26 1.38 54.19
CA VAL H 75 35.84 1.69 54.16
C VAL H 75 35.30 1.76 55.58
N LYS H 76 34.28 2.60 55.78
CA LYS H 76 33.64 2.78 57.08
C LYS H 76 32.27 2.14 57.07
N PRO H 77 31.81 1.56 58.18
CA PRO H 77 30.49 0.90 58.18
C PRO H 77 29.37 1.94 58.14
N PRO H 78 28.22 1.58 57.58
CA PRO H 78 27.12 2.55 57.49
C PRO H 78 26.47 2.82 58.83
N ARG H 79 25.78 3.95 58.89
CA ARG H 79 25.07 4.33 60.11
C ARG H 79 23.91 3.36 60.34
N THR H 80 23.77 2.92 61.59
CA THR H 80 22.74 1.94 61.96
C THR H 80 21.62 2.60 62.74
N HIS H 81 20.63 1.78 63.10
CA HIS H 81 19.52 2.27 63.92
C HIS H 81 20.01 2.73 65.29
N TRP H 82 20.98 2.00 65.86
CA TRP H 82 21.48 2.33 67.18
C TRP H 82 22.13 3.72 67.21
N ASP H 83 22.95 4.01 66.20
CA ASP H 83 23.58 5.34 66.13
C ASP H 83 22.52 6.42 66.05
N MET H 84 21.48 6.20 65.25
CA MET H 84 20.40 7.17 65.14
C MET H 84 19.65 7.32 66.45
N LEU H 85 19.53 6.23 67.22
CA LEU H 85 18.91 6.30 68.55
C LEU H 85 19.73 7.17 69.49
N LEU H 86 21.06 6.99 69.47
CA LEU H 86 21.91 7.72 70.40
C LEU H 86 21.77 9.22 70.23
N GLU H 87 21.59 9.70 69.00
CA GLU H 87 21.54 11.13 68.74
C GLU H 87 20.33 11.80 69.35
N ARG H 88 19.33 11.04 69.81
CA ARG H 88 18.17 11.61 70.47
C ARG H 88 17.95 11.10 71.89
N ARG H 89 18.69 10.09 72.34
CA ARG H 89 18.58 9.57 73.70
C ARG H 89 19.98 9.39 74.28
N SER H 90 20.07 9.54 75.60
CA SER H 90 21.29 9.27 76.33
C SER H 90 21.17 7.94 77.06
N VAL H 91 22.31 7.42 77.50
CA VAL H 91 22.35 6.07 78.05
C VAL H 91 21.47 5.95 79.29
N GLU H 92 21.36 7.03 80.08
CA GLU H 92 20.62 6.95 81.34
C GLU H 92 19.14 6.64 81.10
N GLU H 93 18.52 7.35 80.16
CA GLU H 93 17.09 7.14 79.91
C GLU H 93 16.84 5.75 79.34
N LEU H 94 17.72 5.30 78.44
CA LEU H 94 17.58 3.95 77.89
C LEU H 94 17.72 2.90 78.97
N GLU H 95 18.67 3.09 79.89
CA GLU H 95 18.82 2.16 81.00
C GLU H 95 17.60 2.15 81.89
N GLU H 96 17.03 3.33 82.17
CA GLU H 96 15.81 3.39 82.97
C GLU H 96 14.67 2.65 82.27
N LEU H 97 14.53 2.84 80.96
CA LEU H 97 13.47 2.15 80.22
C LEU H 97 13.69 0.64 80.24
N LEU H 98 14.93 0.20 80.07
CA LEU H 98 15.22 -1.23 80.09
C LEU H 98 14.90 -1.81 81.46
N LYS H 99 15.26 -1.11 82.54
CA LYS H 99 14.94 -1.59 83.88
C LYS H 99 13.43 -1.66 84.07
N GLU H 100 12.70 -0.65 83.60
CA GLU H 100 11.24 -0.67 83.74
C GLU H 100 10.63 -1.84 83.00
N ARG H 101 11.10 -2.11 81.77
CA ARG H 101 10.54 -3.21 81.00
C ARG H 101 10.92 -4.56 81.59
N LEU H 102 12.13 -4.68 82.15
CA LEU H 102 12.58 -5.96 82.67
C LEU H 102 11.72 -6.44 83.82
N ASP H 103 11.10 -5.53 84.56
CA ASP H 103 10.29 -5.93 85.72
C ASP H 103 9.13 -6.81 85.29
N LEU H 104 8.47 -6.47 84.18
CA LEU H 104 7.34 -7.24 83.69
C LEU H 104 7.81 -8.54 83.05
#